data_2IUE
#
_entry.id   2IUE
#
_cell.length_a   1.000
_cell.length_b   1.000
_cell.length_c   1.000
_cell.angle_alpha   90.00
_cell.angle_beta   90.00
_cell.angle_gamma   90.00
#
_symmetry.space_group_name_H-M   'P 1'
#
_entity_poly.entity_id   1
_entity_poly.type   'polypeptide(L)'
_entity_poly.pdbx_seq_one_letter_code
;DNSVDLYFLMGLSGSAQGHLSNVQTLGSDLLKALNEISRSGRIGFGSIVNMTFQHILKLTADSSQFQRELRKQLVSGKLA
TPKGQLDAVVQVAICLGEIGWRNGTRFLVLVTDNDFHLAKDKTLGTRQNTSDGRCHLDDGMYRSRGEPDYQSVVQLASKL
AENNIQPIFVVPSRMVKTYEKLTTFIPKLTIGELSDDSSNVAQLIRNAYSKL
;
_entity_poly.pdbx_strand_id   A
#
# COMPACT_ATOMS: atom_id res chain seq x y z
N ASP A 1 7.10 10.25 -20.48
CA ASP A 1 8.42 9.54 -20.40
C ASP A 1 9.22 9.77 -19.09
N ASN A 2 8.72 10.57 -18.12
CA ASN A 2 9.45 10.89 -16.89
C ASN A 2 9.52 9.72 -15.88
N SER A 3 10.49 9.74 -14.95
CA SER A 3 10.64 8.71 -13.92
C SER A 3 9.44 8.61 -12.97
N VAL A 4 8.95 7.38 -12.73
CA VAL A 4 7.85 7.07 -11.81
C VAL A 4 8.29 5.95 -10.86
N ASP A 5 7.86 6.04 -9.62
CA ASP A 5 8.09 5.05 -8.56
C ASP A 5 6.72 4.55 -8.08
N LEU A 6 6.43 3.28 -8.33
CA LEU A 6 5.17 2.67 -7.85
C LEU A 6 5.45 1.73 -6.67
N TYR A 7 4.78 1.93 -5.54
CA TYR A 7 4.89 1.02 -4.41
C TYR A 7 3.56 0.31 -4.15
N PHE A 8 3.60 -0.97 -4.48
CA PHE A 8 2.51 -1.94 -4.33
C PHE A 8 2.42 -2.55 -2.92
N LEU A 9 1.51 -2.04 -2.08
CA LEU A 9 1.13 -2.65 -0.80
C LEU A 9 -0.06 -3.58 -1.01
N MET A 10 0.03 -4.83 -0.53
CA MET A 10 -1.17 -5.71 -0.49
C MET A 10 -1.36 -6.55 0.79
N GLY A 11 -2.63 -6.93 1.01
CA GLY A 11 -3.11 -7.66 2.18
C GLY A 11 -2.92 -9.18 2.07
N LEU A 12 -2.37 -9.79 3.13
CA LEU A 12 -2.10 -11.23 3.28
C LEU A 12 -3.08 -11.91 4.26
N SER A 13 -4.30 -11.40 4.37
CA SER A 13 -5.32 -11.96 5.24
C SER A 13 -5.93 -13.26 4.69
N GLY A 14 -6.56 -14.08 5.56
CA GLY A 14 -7.29 -15.28 5.11
C GLY A 14 -8.43 -14.92 4.16
N SER A 15 -9.06 -13.76 4.38
CA SER A 15 -10.07 -13.17 3.50
C SER A 15 -9.52 -12.75 2.12
N ALA A 16 -8.21 -12.45 2.02
CA ALA A 16 -7.53 -12.20 0.75
C ALA A 16 -7.27 -13.49 -0.06
N GLN A 17 -7.50 -14.69 0.47
CA GLN A 17 -7.47 -15.92 -0.34
C GLN A 17 -8.68 -15.91 -1.29
N GLY A 18 -8.50 -16.31 -2.56
CA GLY A 18 -9.49 -16.15 -3.64
C GLY A 18 -9.35 -14.80 -4.33
N HIS A 19 -9.11 -13.74 -3.55
CA HIS A 19 -8.72 -12.41 -4.04
C HIS A 19 -7.21 -12.36 -4.36
N LEU A 20 -6.44 -13.40 -3.95
CA LEU A 20 -4.99 -13.48 -4.16
C LEU A 20 -4.68 -13.39 -5.65
N SER A 21 -5.29 -14.22 -6.49
CA SER A 21 -5.18 -14.14 -7.96
C SER A 21 -5.41 -12.72 -8.49
N ASN A 22 -6.47 -12.05 -8.00
CA ASN A 22 -6.82 -10.67 -8.40
C ASN A 22 -5.73 -9.67 -7.97
N VAL A 23 -5.08 -9.88 -6.83
CA VAL A 23 -3.92 -9.08 -6.38
C VAL A 23 -2.56 -9.63 -6.85
N GLN A 24 -2.53 -10.71 -7.65
CA GLN A 24 -1.32 -11.17 -8.33
C GLN A 24 -1.31 -10.54 -9.74
N THR A 25 -2.42 -10.69 -10.49
CA THR A 25 -2.61 -10.11 -11.82
C THR A 25 -2.52 -8.59 -11.75
N LEU A 26 -3.17 -7.97 -10.75
CA LEU A 26 -3.02 -6.58 -10.39
C LEU A 26 -1.74 -6.51 -9.56
N GLY A 27 -0.70 -6.45 -10.33
CA GLY A 27 0.67 -6.15 -9.93
C GLY A 27 1.60 -6.46 -11.07
N SER A 28 1.43 -7.62 -11.68
CA SER A 28 2.17 -8.04 -12.86
C SER A 28 1.71 -7.29 -14.12
N ASP A 29 0.40 -7.12 -14.31
CA ASP A 29 -0.16 -6.29 -15.39
C ASP A 29 -0.05 -4.79 -15.11
N LEU A 30 0.09 -4.37 -13.83
CA LEU A 30 0.42 -2.98 -13.51
C LEU A 30 1.85 -2.76 -14.01
N LEU A 31 2.81 -3.52 -13.47
CA LEU A 31 4.23 -3.40 -13.81
C LEU A 31 4.48 -3.36 -15.32
N LYS A 32 4.02 -4.34 -16.09
CA LYS A 32 4.39 -4.42 -17.51
C LYS A 32 3.66 -3.38 -18.38
N ALA A 33 2.44 -2.94 -18.01
CA ALA A 33 1.78 -1.81 -18.66
C ALA A 33 2.56 -0.51 -18.44
N LEU A 34 3.07 -0.28 -17.22
CA LEU A 34 3.83 0.93 -16.91
C LEU A 34 5.25 0.91 -17.50
N ASN A 35 5.89 -0.25 -17.65
CA ASN A 35 7.18 -0.39 -18.35
C ASN A 35 7.09 -0.03 -19.86
N GLU A 36 5.88 -0.08 -20.43
CA GLU A 36 5.63 0.28 -21.83
C GLU A 36 5.52 1.80 -21.96
N ILE A 37 4.69 2.43 -21.11
CA ILE A 37 4.52 3.89 -21.07
C ILE A 37 5.74 4.64 -20.48
N SER A 38 6.50 4.02 -19.59
CA SER A 38 7.69 4.62 -18.96
C SER A 38 8.95 3.74 -19.04
N ARG A 39 10.05 4.35 -19.50
CA ARG A 39 11.40 3.75 -19.44
C ARG A 39 11.97 3.66 -18.01
N SER A 40 11.46 4.48 -17.08
CA SER A 40 11.90 4.52 -15.68
C SER A 40 10.66 4.43 -14.76
N GLY A 41 10.29 3.19 -14.44
CA GLY A 41 9.09 2.77 -13.72
C GLY A 41 9.54 1.80 -12.64
N ARG A 42 10.02 2.35 -11.52
CA ARG A 42 10.63 1.60 -10.43
C ARG A 42 9.50 1.01 -9.63
N ILE A 43 9.52 -0.29 -9.38
CA ILE A 43 8.43 -0.97 -8.66
C ILE A 43 8.95 -1.70 -7.43
N GLY A 44 8.27 -1.46 -6.31
CA GLY A 44 8.53 -2.03 -4.98
C GLY A 44 7.29 -2.73 -4.45
N PHE A 45 7.49 -3.59 -3.46
CA PHE A 45 6.46 -4.51 -2.99
C PHE A 45 6.46 -4.70 -1.46
N GLY A 46 5.27 -4.64 -0.84
CA GLY A 46 5.12 -4.80 0.61
C GLY A 46 3.88 -5.60 0.97
N SER A 47 4.01 -6.39 2.03
CA SER A 47 2.97 -7.27 2.53
C SER A 47 2.51 -6.82 3.91
N ILE A 48 1.21 -6.93 4.20
CA ILE A 48 0.64 -6.54 5.51
C ILE A 48 -0.63 -7.37 5.76
N VAL A 49 -1.01 -7.57 7.03
CA VAL A 49 -2.28 -8.24 7.43
C VAL A 49 -2.71 -7.71 8.81
N ASN A 50 -1.88 -7.94 9.84
CA ASN A 50 -1.92 -7.36 11.21
C ASN A 50 -0.80 -7.95 12.11
N MET A 51 -0.22 -9.12 11.76
CA MET A 51 1.02 -9.66 12.40
C MET A 51 2.10 -8.56 12.42
N THR A 52 2.18 -7.81 11.30
CA THR A 52 2.89 -6.56 11.02
C THR A 52 3.02 -6.29 9.51
N PHE A 53 3.69 -5.20 9.15
CA PHE A 53 4.12 -4.85 7.80
C PHE A 53 5.47 -5.54 7.52
N GLN A 54 5.57 -6.22 6.39
CA GLN A 54 6.80 -6.80 5.89
C GLN A 54 7.14 -6.16 4.55
N HIS A 55 8.23 -5.39 4.53
CA HIS A 55 8.82 -4.89 3.30
C HIS A 55 9.53 -6.07 2.60
N ILE A 56 9.16 -6.38 1.35
CA ILE A 56 9.71 -7.54 0.62
C ILE A 56 10.73 -7.09 -0.43
N LEU A 57 10.35 -6.16 -1.32
CA LEU A 57 11.22 -5.74 -2.43
C LEU A 57 11.29 -4.22 -2.53
N LYS A 58 12.52 -3.67 -2.41
CA LYS A 58 12.84 -2.27 -2.69
C LYS A 58 12.46 -1.88 -4.14
N LEU A 59 12.10 -0.62 -4.38
CA LEU A 59 11.84 -0.05 -5.71
C LEU A 59 12.97 -0.40 -6.70
N THR A 60 12.67 -1.29 -7.66
CA THR A 60 13.63 -1.85 -8.64
C THR A 60 13.12 -1.74 -10.08
N ALA A 61 14.02 -1.85 -11.05
CA ALA A 61 13.75 -1.81 -12.49
C ALA A 61 13.60 -3.22 -13.13
N ASP A 62 13.81 -4.29 -12.36
CA ASP A 62 13.74 -5.69 -12.75
C ASP A 62 12.31 -6.18 -12.52
N SER A 63 11.70 -6.23 -13.68
CA SER A 63 10.32 -6.52 -14.05
C SER A 63 9.98 -7.97 -13.73
N SER A 64 10.81 -8.89 -14.24
CA SER A 64 10.71 -10.31 -13.98
C SER A 64 10.95 -10.67 -12.51
N GLN A 65 11.59 -9.77 -11.72
CA GLN A 65 11.86 -10.14 -10.31
C GLN A 65 10.65 -9.85 -9.41
N PHE A 66 10.03 -8.67 -9.51
CA PHE A 66 8.80 -8.35 -8.78
C PHE A 66 7.67 -9.34 -9.09
N GLN A 67 7.60 -9.85 -10.33
CA GLN A 67 6.48 -10.69 -10.79
C GLN A 67 6.51 -12.06 -10.12
N ARG A 68 7.71 -12.57 -9.86
CA ARG A 68 7.96 -13.83 -9.16
C ARG A 68 7.80 -13.64 -7.66
N GLU A 69 8.11 -12.43 -7.16
CA GLU A 69 8.09 -12.14 -5.72
C GLU A 69 6.67 -11.87 -5.27
N LEU A 70 5.86 -11.28 -6.15
CA LEU A 70 4.42 -11.14 -5.90
C LEU A 70 3.74 -12.49 -6.05
N ARG A 71 4.01 -13.25 -7.14
CA ARG A 71 3.25 -14.52 -7.33
C ARG A 71 3.64 -15.61 -6.32
N LYS A 72 4.86 -15.56 -5.76
CA LYS A 72 5.30 -16.40 -4.63
C LYS A 72 4.43 -16.25 -3.37
N GLN A 73 3.82 -15.09 -3.12
CA GLN A 73 3.15 -14.81 -1.85
C GLN A 73 1.97 -15.76 -1.57
N LEU A 74 1.74 -15.99 -0.28
CA LEU A 74 0.58 -16.70 0.25
C LEU A 74 0.11 -16.01 1.54
N VAL A 75 -1.19 -16.11 1.79
CA VAL A 75 -1.88 -15.49 2.94
C VAL A 75 -1.59 -16.21 4.27
N SER A 76 -1.99 -15.59 5.37
CA SER A 76 -2.02 -16.18 6.72
C SER A 76 -3.44 -16.00 7.32
N GLY A 77 -3.60 -15.69 8.62
CA GLY A 77 -4.91 -15.59 9.29
C GLY A 77 -5.01 -14.55 10.41
N LYS A 78 -6.24 -14.13 10.71
CA LYS A 78 -6.60 -13.23 11.83
C LYS A 78 -8.12 -13.34 12.17
N LEU A 79 -8.47 -13.16 13.46
CA LEU A 79 -9.86 -13.16 13.95
C LEU A 79 -10.67 -11.96 13.44
N ALA A 80 -10.18 -10.74 13.68
CA ALA A 80 -10.86 -9.49 13.29
C ALA A 80 -10.86 -9.30 11.76
N THR A 81 -12.02 -8.88 11.21
CA THR A 81 -12.14 -8.51 9.79
C THR A 81 -11.44 -7.19 9.43
N PRO A 82 -11.46 -6.10 10.24
CA PRO A 82 -10.59 -4.95 9.96
C PRO A 82 -9.11 -5.31 10.13
N LYS A 83 -8.28 -4.77 9.22
CA LYS A 83 -6.83 -5.02 9.11
C LYS A 83 -6.00 -3.80 9.56
N GLY A 84 -4.66 -3.90 9.48
CA GLY A 84 -3.73 -2.85 9.95
C GLY A 84 -2.98 -2.09 8.85
N GLN A 85 -3.46 -2.12 7.61
CA GLN A 85 -2.72 -1.62 6.42
C GLN A 85 -2.28 -0.17 6.47
N LEU A 86 -2.98 0.70 7.18
CA LEU A 86 -2.61 2.12 7.19
C LEU A 86 -1.26 2.34 7.90
N ASP A 87 -0.86 1.49 8.86
CA ASP A 87 0.49 1.54 9.45
C ASP A 87 1.56 1.18 8.42
N ALA A 88 1.27 0.26 7.49
CA ALA A 88 2.17 0.02 6.35
C ALA A 88 2.19 1.28 5.48
N VAL A 89 1.03 1.87 5.15
CA VAL A 89 0.97 3.15 4.41
C VAL A 89 1.80 4.26 5.11
N VAL A 90 1.79 4.33 6.44
CA VAL A 90 2.66 5.22 7.23
C VAL A 90 4.13 4.89 6.99
N GLN A 91 4.56 3.68 7.33
CA GLN A 91 5.98 3.31 7.28
C GLN A 91 6.50 3.38 5.84
N VAL A 92 5.76 2.87 4.85
CA VAL A 92 6.12 2.98 3.43
C VAL A 92 6.33 4.45 3.00
N ALA A 93 5.51 5.39 3.48
CA ALA A 93 5.71 6.81 3.18
C ALA A 93 7.00 7.38 3.81
N ILE A 94 7.36 6.97 5.03
CA ILE A 94 8.48 7.54 5.80
C ILE A 94 9.84 6.89 5.47
N CYS A 95 9.86 5.57 5.23
CA CYS A 95 11.04 4.72 5.10
C CYS A 95 11.72 4.87 3.74
N LEU A 96 12.08 6.11 3.38
CA LEU A 96 12.67 6.55 2.11
C LEU A 96 13.86 5.67 1.72
N GLY A 97 14.69 5.36 2.72
CA GLY A 97 15.93 4.58 2.55
C GLY A 97 15.73 3.07 2.41
N GLU A 98 14.57 2.55 2.83
CA GLU A 98 14.22 1.12 2.71
C GLU A 98 13.38 0.87 1.46
N ILE A 99 12.34 1.69 1.24
CA ILE A 99 11.47 1.60 0.06
C ILE A 99 12.23 1.94 -1.23
N GLY A 100 13.16 2.91 -1.16
CA GLY A 100 14.02 3.33 -2.28
C GLY A 100 13.48 4.53 -3.07
N TRP A 101 12.58 5.32 -2.49
CA TRP A 101 11.92 6.47 -3.11
C TRP A 101 12.94 7.47 -3.69
N ARG A 102 12.87 7.75 -5.01
CA ARG A 102 13.70 8.76 -5.71
C ARG A 102 12.87 10.00 -6.11
N ASN A 103 13.49 10.96 -6.82
CA ASN A 103 12.95 12.31 -7.10
C ASN A 103 11.81 12.43 -8.16
N GLY A 104 11.18 11.34 -8.63
CA GLY A 104 10.08 11.41 -9.59
C GLY A 104 8.75 11.65 -8.88
N THR A 105 7.78 10.80 -9.24
CA THR A 105 6.42 10.74 -8.68
C THR A 105 6.28 9.41 -7.96
N ARG A 106 5.52 9.36 -6.86
CA ARG A 106 5.55 8.21 -5.96
C ARG A 106 4.14 7.72 -5.68
N PHE A 107 3.81 6.49 -6.06
CA PHE A 107 2.44 5.99 -6.04
C PHE A 107 2.24 4.75 -5.20
N LEU A 108 1.64 4.97 -4.02
CA LEU A 108 1.39 3.91 -3.05
C LEU A 108 0.04 3.25 -3.35
N VAL A 109 0.08 2.16 -4.10
CA VAL A 109 -1.12 1.37 -4.41
C VAL A 109 -1.43 0.56 -3.16
N LEU A 110 -2.57 0.77 -2.49
CA LEU A 110 -2.92 -0.06 -1.33
C LEU A 110 -4.01 -1.01 -1.77
N VAL A 111 -3.76 -2.32 -1.63
CA VAL A 111 -4.77 -3.35 -1.84
C VAL A 111 -5.23 -4.00 -0.53
N THR A 112 -6.55 -4.07 -0.35
CA THR A 112 -7.24 -4.77 0.75
C THR A 112 -8.50 -5.47 0.24
N ASP A 113 -9.13 -6.27 1.11
CA ASP A 113 -10.46 -6.88 0.94
C ASP A 113 -11.46 -6.40 2.03
N ASN A 114 -10.96 -5.78 3.10
CA ASN A 114 -11.70 -5.47 4.32
C ASN A 114 -11.50 -4.02 4.81
N ASP A 115 -12.25 -3.66 5.85
CA ASP A 115 -12.08 -2.44 6.64
C ASP A 115 -10.68 -2.41 7.31
N PHE A 116 -10.42 -1.40 8.15
CA PHE A 116 -9.16 -1.30 8.87
C PHE A 116 -9.30 -0.65 10.26
N HIS A 117 -8.31 -0.91 11.12
CA HIS A 117 -8.17 -0.33 12.45
C HIS A 117 -7.61 1.11 12.38
N LEU A 118 -8.40 2.08 12.83
CA LEU A 118 -8.00 3.49 12.96
C LEU A 118 -7.26 3.69 14.30
N ALA A 119 -6.85 4.93 14.58
CA ALA A 119 -6.34 5.30 15.91
C ALA A 119 -7.35 4.99 17.02
N LYS A 120 -6.87 4.90 18.25
CA LYS A 120 -7.59 4.48 19.48
C LYS A 120 -8.29 3.09 19.46
N ASP A 121 -8.46 2.42 18.32
CA ASP A 121 -8.91 1.01 18.24
C ASP A 121 -7.92 0.06 18.94
N LYS A 122 -6.64 0.43 18.97
CA LYS A 122 -5.54 -0.36 19.53
C LYS A 122 -5.61 -0.70 21.02
N THR A 123 -6.32 0.12 21.83
CA THR A 123 -6.22 0.05 23.30
C THR A 123 -6.82 -1.21 23.94
N LEU A 124 -7.69 -1.93 23.23
CA LEU A 124 -8.15 -3.27 23.65
C LEU A 124 -7.03 -4.33 23.61
N GLY A 125 -5.94 -4.06 22.86
CA GLY A 125 -4.69 -4.83 22.85
C GLY A 125 -3.58 -4.26 23.75
N THR A 126 -3.92 -3.30 24.63
CA THR A 126 -3.05 -2.61 25.61
C THR A 126 -1.80 -1.95 24.97
N ARG A 127 -2.05 -1.10 23.96
CA ARG A 127 -1.04 -0.35 23.17
C ARG A 127 -1.24 1.17 23.37
N GLN A 128 -0.95 1.72 24.56
CA GLN A 128 -1.32 3.11 24.91
C GLN A 128 -0.64 4.16 24.01
N ASN A 129 0.64 3.99 23.65
CA ASN A 129 1.41 5.00 22.93
C ASN A 129 0.82 5.35 21.54
N THR A 130 0.82 6.63 21.17
CA THR A 130 0.45 7.10 19.82
C THR A 130 1.63 6.95 18.86
N SER A 131 1.35 6.70 17.59
CA SER A 131 2.34 6.74 16.52
C SER A 131 3.08 8.10 16.47
N ASP A 132 4.40 8.06 16.39
CA ASP A 132 5.28 9.25 16.34
C ASP A 132 5.55 9.75 14.90
N GLY A 133 5.19 8.98 13.87
CA GLY A 133 5.35 9.35 12.47
C GLY A 133 6.79 9.31 11.95
N ARG A 134 7.70 8.54 12.58
CA ARG A 134 9.04 8.25 12.05
C ARG A 134 9.24 6.76 11.67
N CYS A 135 10.36 6.46 11.00
CA CYS A 135 10.73 5.12 10.51
C CYS A 135 11.11 4.17 11.66
N HIS A 136 10.57 2.94 11.61
CA HIS A 136 10.83 1.84 12.56
C HIS A 136 10.99 0.47 11.87
N LEU A 137 11.68 0.45 10.72
CA LEU A 137 11.99 -0.74 9.93
C LEU A 137 13.42 -1.22 10.26
N ASP A 138 13.59 -2.49 10.65
CA ASP A 138 14.90 -3.10 10.96
C ASP A 138 15.22 -4.26 10.00
N ASP A 139 14.74 -5.47 10.30
CA ASP A 139 14.95 -6.71 9.51
C ASP A 139 13.90 -6.90 8.39
N GLY A 140 13.24 -5.81 7.99
CA GLY A 140 12.13 -5.79 7.01
C GLY A 140 10.75 -5.83 7.67
N MET A 141 10.66 -6.11 8.98
CA MET A 141 9.43 -6.00 9.76
C MET A 141 9.28 -4.62 10.41
N TYR A 142 8.05 -4.12 10.50
CA TYR A 142 7.72 -2.93 11.29
C TYR A 142 7.68 -3.31 12.79
N ARG A 143 8.85 -3.32 13.43
CA ARG A 143 9.05 -3.72 14.84
C ARG A 143 8.19 -2.92 15.82
N SER A 144 7.90 -1.65 15.53
CA SER A 144 7.09 -0.82 16.45
C SER A 144 5.60 -1.16 16.48
N ARG A 145 5.05 -2.02 15.60
CA ARG A 145 3.63 -2.41 15.69
C ARG A 145 3.21 -2.98 17.06
N GLY A 146 4.16 -3.61 17.76
CA GLY A 146 3.96 -4.14 19.12
C GLY A 146 3.78 -3.06 20.21
N GLU A 147 4.19 -1.82 19.95
CA GLU A 147 4.27 -0.74 20.97
C GLU A 147 3.35 0.47 20.61
N PRO A 148 3.70 1.44 19.72
CA PRO A 148 2.76 2.46 19.26
C PRO A 148 1.61 1.90 18.41
N ASP A 149 0.59 2.75 18.25
CA ASP A 149 -0.70 2.45 17.63
C ASP A 149 -0.85 2.72 16.12
N TYR A 150 -2.05 2.44 15.61
CA TYR A 150 -2.45 2.86 14.28
C TYR A 150 -2.55 4.39 14.32
N GLN A 151 -1.88 5.06 13.39
CA GLN A 151 -1.89 6.50 13.18
C GLN A 151 -3.29 7.16 13.10
N SER A 152 -3.36 8.47 13.30
CA SER A 152 -4.58 9.25 13.03
C SER A 152 -4.72 9.63 11.54
N VAL A 153 -5.95 9.92 11.07
CA VAL A 153 -6.21 10.22 9.64
C VAL A 153 -5.44 11.47 9.16
N VAL A 154 -5.25 12.46 10.03
CA VAL A 154 -4.49 13.68 9.72
C VAL A 154 -2.97 13.44 9.78
N GLN A 155 -2.50 12.43 10.53
CA GLN A 155 -1.10 12.02 10.52
C GLN A 155 -0.71 11.41 9.16
N LEU A 156 -1.62 10.69 8.48
CA LEU A 156 -1.41 10.29 7.09
C LEU A 156 -1.28 11.53 6.20
N ALA A 157 -2.28 12.41 6.23
CA ALA A 157 -2.38 13.57 5.35
C ALA A 157 -1.11 14.44 5.38
N SER A 158 -0.53 14.65 6.57
CA SER A 158 0.75 15.32 6.76
C SER A 158 1.91 14.57 6.07
N LYS A 159 2.24 13.34 6.48
CA LYS A 159 3.47 12.69 6.00
C LYS A 159 3.38 12.19 4.56
N LEU A 160 2.19 11.90 4.03
CA LEU A 160 1.97 11.64 2.59
C LEU A 160 2.31 12.88 1.76
N ALA A 161 1.91 14.08 2.22
CA ALA A 161 2.19 15.35 1.53
C ALA A 161 3.64 15.82 1.68
N GLU A 162 4.27 15.61 2.85
CA GLU A 162 5.66 16.01 3.14
C GLU A 162 6.65 15.16 2.32
N ASN A 163 6.47 13.83 2.37
CA ASN A 163 7.29 12.89 1.62
C ASN A 163 6.88 12.84 0.13
N ASN A 164 5.69 13.37 -0.22
CA ASN A 164 5.21 13.58 -1.60
C ASN A 164 4.95 12.23 -2.29
N ILE A 165 4.06 11.44 -1.70
CA ILE A 165 3.50 10.17 -2.23
C ILE A 165 2.01 10.40 -2.53
N GLN A 166 1.46 9.87 -3.64
CA GLN A 166 0.01 9.84 -3.84
C GLN A 166 -0.51 8.40 -3.68
N PRO A 167 -1.19 8.04 -2.58
CA PRO A 167 -1.83 6.74 -2.43
C PRO A 167 -3.11 6.58 -3.25
N ILE A 168 -3.39 5.32 -3.61
CA ILE A 168 -4.54 4.92 -4.43
C ILE A 168 -5.22 3.74 -3.71
N PHE A 169 -6.41 3.96 -3.15
CA PHE A 169 -7.08 2.91 -2.37
C PHE A 169 -7.76 1.89 -3.27
N VAL A 170 -6.98 0.95 -3.77
CA VAL A 170 -7.47 -0.19 -4.57
C VAL A 170 -8.16 -1.26 -3.69
N VAL A 171 -9.50 -1.35 -3.70
CA VAL A 171 -10.27 -2.18 -2.73
C VAL A 171 -11.49 -2.87 -3.39
N PRO A 172 -12.19 -3.85 -2.78
CA PRO A 172 -13.24 -4.61 -3.48
C PRO A 172 -14.58 -3.86 -3.42
N SER A 173 -15.43 -4.08 -4.42
CA SER A 173 -16.66 -3.29 -4.64
C SER A 173 -17.54 -3.12 -3.38
N ARG A 174 -17.75 -4.19 -2.59
CA ARG A 174 -18.56 -4.12 -1.35
C ARG A 174 -18.05 -3.08 -0.33
N MET A 175 -16.73 -2.82 -0.35
CA MET A 175 -15.98 -2.02 0.63
C MET A 175 -15.46 -0.68 0.05
N VAL A 176 -15.59 -0.47 -1.28
CA VAL A 176 -15.13 0.77 -1.96
C VAL A 176 -15.73 2.01 -1.33
N LYS A 177 -17.04 1.97 -1.02
CA LYS A 177 -17.80 3.15 -0.58
C LYS A 177 -17.44 3.64 0.82
N THR A 178 -16.59 2.92 1.55
CA THR A 178 -16.04 3.30 2.88
C THR A 178 -14.80 4.14 2.72
N TYR A 179 -13.87 3.67 1.90
CA TYR A 179 -12.56 4.26 1.70
C TYR A 179 -12.67 5.53 0.86
N GLU A 180 -13.70 5.67 0.02
CA GLU A 180 -13.93 6.97 -0.63
C GLU A 180 -14.31 8.08 0.36
N LYS A 181 -14.71 7.78 1.62
CA LYS A 181 -14.81 8.89 2.63
C LYS A 181 -13.49 9.13 3.37
N LEU A 182 -12.58 8.15 3.44
CA LEU A 182 -11.21 8.35 3.92
C LEU A 182 -10.38 9.11 2.87
N THR A 183 -10.85 9.09 1.61
CA THR A 183 -10.38 9.90 0.47
C THR A 183 -10.95 11.31 0.48
N THR A 184 -12.03 11.56 1.24
CA THR A 184 -12.51 12.94 1.51
C THR A 184 -11.84 13.49 2.77
N PHE A 185 -11.44 12.62 3.70
CA PHE A 185 -10.68 13.05 4.89
C PHE A 185 -9.18 13.25 4.59
N ILE A 186 -8.61 12.47 3.67
CA ILE A 186 -7.21 12.63 3.21
C ILE A 186 -7.25 13.13 1.73
N PRO A 187 -7.04 14.44 1.48
CA PRO A 187 -7.14 15.00 0.13
C PRO A 187 -5.99 14.54 -0.77
N LYS A 188 -6.29 14.46 -2.08
CA LYS A 188 -5.39 14.15 -3.23
C LYS A 188 -5.24 12.64 -3.49
N LEU A 189 -5.71 11.80 -2.57
CA LEU A 189 -5.78 10.34 -2.76
C LEU A 189 -6.89 10.00 -3.75
N THR A 190 -6.91 8.76 -4.25
CA THR A 190 -8.01 8.23 -5.02
C THR A 190 -8.53 6.93 -4.39
N ILE A 191 -8.91 6.00 -5.24
CA ILE A 191 -9.66 4.79 -4.97
C ILE A 191 -9.84 4.01 -6.29
N GLY A 192 -9.48 2.73 -6.28
CA GLY A 192 -9.75 1.78 -7.38
C GLY A 192 -10.63 0.64 -6.88
N GLU A 193 -11.37 0.00 -7.77
CA GLU A 193 -12.15 -1.18 -7.47
C GLU A 193 -11.45 -2.43 -8.04
N LEU A 194 -10.67 -3.05 -7.16
CA LEU A 194 -10.06 -4.38 -7.36
C LEU A 194 -11.13 -5.39 -7.80
N SER A 195 -10.81 -6.18 -8.81
CA SER A 195 -11.62 -7.32 -9.27
C SER A 195 -10.75 -8.26 -10.15
N ASP A 196 -11.38 -9.13 -10.94
CA ASP A 196 -10.71 -9.96 -11.94
C ASP A 196 -10.07 -9.14 -13.09
N ASP A 197 -10.47 -7.87 -13.24
CA ASP A 197 -9.86 -6.88 -14.16
C ASP A 197 -9.08 -5.78 -13.42
N SER A 198 -8.06 -5.26 -14.10
CA SER A 198 -7.17 -4.18 -13.63
C SER A 198 -7.42 -2.84 -14.32
N SER A 199 -8.29 -2.78 -15.33
CA SER A 199 -8.48 -1.63 -16.22
C SER A 199 -8.92 -0.38 -15.45
N ASN A 200 -9.75 -0.55 -14.42
CA ASN A 200 -10.12 0.50 -13.48
C ASN A 200 -8.86 1.09 -12.80
N VAL A 201 -8.01 0.24 -12.19
CA VAL A 201 -6.83 0.68 -11.41
C VAL A 201 -5.78 1.35 -12.30
N ALA A 202 -5.48 0.76 -13.46
CA ALA A 202 -4.46 1.28 -14.38
C ALA A 202 -4.86 2.62 -15.00
N GLN A 203 -6.15 2.90 -15.16
CA GLN A 203 -6.65 4.17 -15.72
C GLN A 203 -6.43 5.36 -14.76
N LEU A 204 -6.05 5.11 -13.52
CA LEU A 204 -5.84 6.13 -12.48
C LEU A 204 -4.35 6.39 -12.32
N ILE A 205 -3.58 5.30 -12.38
CA ILE A 205 -2.11 5.33 -12.47
C ILE A 205 -1.74 6.07 -13.76
N ARG A 206 -2.36 5.66 -14.87
CA ARG A 206 -2.11 6.30 -16.17
C ARG A 206 -2.83 7.65 -16.32
N ASN A 207 -3.93 7.91 -15.58
CA ASN A 207 -4.46 9.30 -15.55
C ASN A 207 -3.48 10.26 -14.85
N ALA A 208 -2.86 9.83 -13.75
CA ALA A 208 -1.86 10.60 -13.02
C ALA A 208 -0.54 10.74 -13.80
N TYR A 209 -0.24 9.78 -14.69
CA TYR A 209 0.96 9.80 -15.54
C TYR A 209 0.93 10.95 -16.57
N SER A 210 -0.23 11.21 -17.16
CA SER A 210 -0.40 12.26 -18.19
C SER A 210 -0.44 13.70 -17.60
N LYS A 211 -0.65 13.84 -16.29
CA LYS A 211 -0.59 15.12 -15.58
C LYS A 211 0.87 15.67 -15.45
N LEU A 212 1.88 14.82 -15.62
CA LEU A 212 3.30 15.09 -15.32
C LEU A 212 4.01 15.91 -16.41
N ASP A 1 9.64 11.87 -20.85
CA ASP A 1 9.31 10.69 -20.00
C ASP A 1 9.79 10.91 -18.55
N ASN A 2 8.87 11.20 -17.63
CA ASN A 2 9.16 11.28 -16.20
C ASN A 2 9.05 9.88 -15.55
N SER A 3 9.86 9.59 -14.53
CA SER A 3 9.86 8.28 -13.87
C SER A 3 8.66 8.10 -12.92
N VAL A 4 8.09 6.88 -12.83
CA VAL A 4 6.95 6.59 -11.93
C VAL A 4 7.23 5.38 -11.05
N ASP A 5 7.44 5.64 -9.76
CA ASP A 5 7.68 4.60 -8.76
C ASP A 5 6.31 4.14 -8.24
N LEU A 6 5.93 2.88 -8.48
CA LEU A 6 4.75 2.27 -7.86
C LEU A 6 5.18 1.35 -6.71
N TYR A 7 4.62 1.60 -5.52
CA TYR A 7 4.74 0.68 -4.39
C TYR A 7 3.36 0.16 -3.98
N PHE A 8 3.18 -1.13 -4.28
CA PHE A 8 1.95 -1.93 -4.09
C PHE A 8 1.87 -2.53 -2.67
N LEU A 9 0.85 -2.13 -1.88
CA LEU A 9 0.53 -2.71 -0.57
C LEU A 9 -0.63 -3.71 -0.70
N MET A 10 -0.40 -4.94 -0.25
CA MET A 10 -1.42 -6.01 -0.30
C MET A 10 -1.93 -6.51 1.06
N GLY A 11 -3.25 -6.68 1.21
CA GLY A 11 -3.85 -7.37 2.35
C GLY A 11 -3.66 -8.88 2.24
N LEU A 12 -3.20 -9.53 3.32
CA LEU A 12 -2.76 -10.93 3.36
C LEU A 12 -3.63 -11.86 4.23
N SER A 13 -4.84 -11.43 4.60
CA SER A 13 -5.79 -12.24 5.40
C SER A 13 -6.47 -13.35 4.57
N GLY A 14 -7.27 -14.23 5.19
CA GLY A 14 -7.80 -15.46 4.57
C GLY A 14 -8.58 -15.25 3.26
N SER A 15 -9.21 -14.10 3.11
CA SER A 15 -9.88 -13.64 1.88
C SER A 15 -8.94 -13.41 0.68
N ALA A 16 -7.65 -13.12 0.92
CA ALA A 16 -6.64 -12.86 -0.10
C ALA A 16 -6.19 -14.11 -0.89
N GLN A 17 -6.58 -15.31 -0.44
CA GLN A 17 -6.38 -16.52 -1.23
C GLN A 17 -7.36 -16.46 -2.42
N GLY A 18 -6.81 -16.39 -3.63
CA GLY A 18 -7.55 -16.11 -4.88
C GLY A 18 -7.18 -14.73 -5.44
N HIS A 19 -7.00 -13.72 -4.59
CA HIS A 19 -6.43 -12.42 -5.01
C HIS A 19 -4.97 -12.60 -5.45
N LEU A 20 -4.20 -13.38 -4.69
CA LEU A 20 -2.78 -13.65 -4.96
C LEU A 20 -2.53 -14.31 -6.33
N SER A 21 -3.47 -15.14 -6.81
CA SER A 21 -3.40 -15.73 -8.15
C SER A 21 -3.47 -14.66 -9.27
N ASN A 22 -4.37 -13.68 -9.16
CA ASN A 22 -4.57 -12.69 -10.23
C ASN A 22 -3.55 -11.52 -10.21
N VAL A 23 -2.81 -11.31 -9.12
CA VAL A 23 -1.76 -10.25 -9.00
C VAL A 23 -0.35 -10.75 -9.36
N GLN A 24 -0.14 -12.00 -9.76
CA GLN A 24 1.22 -12.53 -10.02
C GLN A 24 1.62 -12.16 -11.46
N THR A 25 0.64 -12.16 -12.38
CA THR A 25 0.76 -11.60 -13.74
C THR A 25 0.79 -10.06 -13.67
N LEU A 26 0.40 -9.49 -12.52
CA LEU A 26 0.55 -8.09 -12.21
C LEU A 26 1.99 -7.89 -11.76
N GLY A 27 2.67 -7.50 -12.79
CA GLY A 27 4.04 -6.94 -12.80
C GLY A 27 4.47 -6.61 -14.22
N SER A 28 4.25 -7.55 -15.12
CA SER A 28 4.63 -7.50 -16.52
C SER A 28 3.51 -6.93 -17.40
N ASP A 29 2.24 -7.20 -17.07
CA ASP A 29 1.11 -6.50 -17.71
C ASP A 29 1.17 -5.00 -17.40
N LEU A 30 1.52 -4.65 -16.14
CA LEU A 30 1.67 -3.26 -15.75
C LEU A 30 2.86 -2.62 -16.48
N LEU A 31 4.04 -3.26 -16.48
CA LEU A 31 5.21 -2.70 -17.16
C LEU A 31 4.88 -2.38 -18.61
N LYS A 32 4.21 -3.27 -19.36
CA LYS A 32 4.03 -3.07 -20.80
C LYS A 32 3.16 -1.83 -21.09
N ALA A 33 2.13 -1.58 -20.28
CA ALA A 33 1.33 -0.36 -20.38
C ALA A 33 2.08 0.90 -19.91
N LEU A 34 2.90 0.83 -18.85
CA LEU A 34 3.67 2.00 -18.39
C LEU A 34 4.95 2.25 -19.20
N ASN A 35 5.48 1.28 -19.96
CA ASN A 35 6.80 1.34 -20.62
C ASN A 35 6.85 2.30 -21.83
N GLU A 36 5.72 2.47 -22.50
CA GLU A 36 5.56 3.47 -23.58
C GLU A 36 5.25 4.85 -22.99
N ILE A 37 4.53 4.90 -21.86
CA ILE A 37 4.37 6.14 -21.10
C ILE A 37 5.70 6.63 -20.49
N SER A 38 6.60 5.73 -20.07
CA SER A 38 7.89 6.12 -19.48
C SER A 38 9.00 5.04 -19.47
N ARG A 39 10.27 5.51 -19.58
CA ARG A 39 11.48 4.66 -19.63
C ARG A 39 11.74 3.92 -18.31
N SER A 40 11.67 4.62 -17.18
CA SER A 40 11.84 4.04 -15.83
C SER A 40 10.52 4.10 -15.02
N GLY A 41 10.08 2.94 -14.54
CA GLY A 41 8.83 2.70 -13.83
C GLY A 41 9.12 1.64 -12.80
N ARG A 42 9.51 2.08 -11.61
CA ARG A 42 10.05 1.22 -10.55
C ARG A 42 8.90 0.51 -9.84
N ILE A 43 9.16 -0.71 -9.42
CA ILE A 43 8.17 -1.64 -8.88
C ILE A 43 8.66 -2.15 -7.51
N GLY A 44 7.77 -2.12 -6.51
CA GLY A 44 8.02 -2.52 -5.13
C GLY A 44 6.74 -3.03 -4.44
N PHE A 45 6.89 -3.84 -3.39
CA PHE A 45 5.82 -4.59 -2.76
C PHE A 45 5.93 -4.70 -1.24
N GLY A 46 4.81 -4.52 -0.53
CA GLY A 46 4.68 -4.75 0.91
C GLY A 46 3.36 -5.43 1.24
N SER A 47 3.32 -6.14 2.35
CA SER A 47 2.18 -6.95 2.76
C SER A 47 1.66 -6.57 4.16
N ILE A 48 0.34 -6.67 4.42
CA ILE A 48 -0.23 -6.47 5.77
C ILE A 48 -1.44 -7.34 6.13
N VAL A 49 -1.57 -7.58 7.42
CA VAL A 49 -2.71 -8.18 8.15
C VAL A 49 -2.73 -7.39 9.47
N ASN A 50 -2.71 -8.03 10.64
CA ASN A 50 -2.46 -7.36 11.94
C ASN A 50 -1.26 -8.05 12.65
N MET A 51 -0.69 -9.09 12.01
CA MET A 51 0.59 -9.73 12.38
C MET A 51 1.73 -8.70 12.33
N THR A 52 1.69 -7.82 11.32
CA THR A 52 2.45 -6.59 11.03
C THR A 52 2.65 -6.36 9.53
N PHE A 53 3.27 -5.22 9.20
CA PHE A 53 3.78 -4.87 7.88
C PHE A 53 5.12 -5.55 7.65
N GLN A 54 5.26 -6.22 6.50
CA GLN A 54 6.55 -6.73 6.04
C GLN A 54 6.84 -6.14 4.65
N HIS A 55 8.04 -5.59 4.54
CA HIS A 55 8.64 -5.04 3.32
C HIS A 55 9.48 -6.11 2.59
N ILE A 56 8.87 -6.84 1.65
CA ILE A 56 9.53 -7.92 0.91
C ILE A 56 10.44 -7.35 -0.19
N LEU A 57 9.90 -6.59 -1.17
CA LEU A 57 10.64 -6.13 -2.36
C LEU A 57 10.67 -4.60 -2.47
N LYS A 58 11.87 -4.01 -2.55
CA LYS A 58 12.06 -2.57 -2.77
C LYS A 58 12.07 -2.14 -4.24
N LEU A 59 11.84 -0.84 -4.45
CA LEU A 59 11.63 -0.20 -5.75
C LEU A 59 12.81 -0.48 -6.71
N THR A 60 12.55 -1.30 -7.73
CA THR A 60 13.53 -1.75 -8.74
C THR A 60 12.88 -1.87 -10.13
N ALA A 61 13.71 -2.09 -11.14
CA ALA A 61 13.32 -2.18 -12.56
C ALA A 61 12.96 -3.60 -13.03
N ASP A 62 13.13 -4.61 -12.17
CA ASP A 62 12.86 -6.03 -12.41
C ASP A 62 11.46 -6.37 -11.89
N SER A 63 10.51 -5.93 -12.67
CA SER A 63 9.06 -6.16 -12.57
C SER A 63 8.70 -7.62 -12.86
N SER A 64 9.61 -8.34 -13.54
CA SER A 64 9.55 -9.79 -13.70
C SER A 64 10.02 -10.50 -12.41
N GLN A 65 10.68 -9.78 -11.47
CA GLN A 65 11.03 -10.38 -10.16
C GLN A 65 9.94 -10.13 -9.10
N PHE A 66 9.18 -9.05 -9.24
CA PHE A 66 7.95 -8.79 -8.46
C PHE A 66 6.90 -9.89 -8.70
N GLN A 67 6.95 -10.59 -9.82
CA GLN A 67 6.08 -11.75 -10.13
C GLN A 67 6.51 -12.93 -9.25
N ARG A 68 7.81 -13.15 -9.14
CA ARG A 68 8.41 -14.28 -8.44
C ARG A 68 8.17 -14.11 -6.94
N GLU A 69 8.28 -12.88 -6.46
CA GLU A 69 8.18 -12.61 -5.01
C GLU A 69 6.71 -12.40 -4.61
N LEU A 70 5.83 -12.09 -5.57
CA LEU A 70 4.39 -12.15 -5.30
C LEU A 70 3.98 -13.63 -5.29
N ARG A 71 4.62 -14.49 -6.09
CA ARG A 71 4.30 -15.93 -6.11
C ARG A 71 4.77 -16.65 -4.83
N LYS A 72 5.93 -16.26 -4.28
CA LYS A 72 6.48 -16.78 -3.01
C LYS A 72 5.74 -16.29 -1.75
N GLN A 73 4.94 -15.23 -1.87
CA GLN A 73 4.08 -14.74 -0.80
C GLN A 73 2.99 -15.77 -0.44
N LEU A 74 2.53 -15.82 0.81
CA LEU A 74 1.40 -16.64 1.23
C LEU A 74 0.49 -15.91 2.25
N VAL A 75 -0.68 -16.50 2.49
CA VAL A 75 -1.81 -15.92 3.25
C VAL A 75 -1.79 -16.34 4.73
N SER A 76 -2.24 -15.43 5.61
CA SER A 76 -2.47 -15.67 7.05
C SER A 76 -3.96 -15.42 7.44
N GLY A 77 -4.30 -15.50 8.74
CA GLY A 77 -5.67 -15.31 9.25
C GLY A 77 -5.73 -14.70 10.65
N LYS A 78 -6.87 -14.07 10.97
CA LYS A 78 -7.13 -13.41 12.27
C LYS A 78 -8.63 -13.24 12.61
N LEU A 79 -8.91 -12.88 13.87
CA LEU A 79 -10.25 -12.86 14.48
C LEU A 79 -11.10 -11.64 14.04
N ALA A 80 -10.64 -10.42 14.36
CA ALA A 80 -11.34 -9.18 14.03
C ALA A 80 -11.42 -8.97 12.49
N THR A 81 -12.44 -8.26 11.99
CA THR A 81 -12.57 -7.95 10.55
C THR A 81 -11.76 -6.72 10.06
N PRO A 82 -11.67 -5.57 10.77
CA PRO A 82 -10.80 -4.46 10.36
C PRO A 82 -9.31 -4.81 10.45
N LYS A 83 -8.52 -4.24 9.55
CA LYS A 83 -7.10 -4.56 9.31
C LYS A 83 -6.12 -3.54 9.92
N GLY A 84 -4.91 -3.97 10.28
CA GLY A 84 -3.77 -3.12 10.73
C GLY A 84 -3.06 -2.47 9.54
N GLN A 85 -3.82 -1.73 8.73
CA GLN A 85 -3.42 -1.20 7.42
C GLN A 85 -2.66 0.13 7.52
N LEU A 86 -3.05 1.00 8.45
CA LEU A 86 -2.54 2.37 8.49
C LEU A 86 -1.04 2.39 8.81
N ASP A 87 -0.60 1.48 9.68
CA ASP A 87 0.81 1.18 9.96
C ASP A 87 1.61 0.95 8.67
N ALA A 88 1.04 0.23 7.71
CA ALA A 88 1.72 -0.03 6.43
C ALA A 88 1.84 1.24 5.59
N VAL A 89 0.71 1.95 5.37
CA VAL A 89 0.75 3.17 4.52
C VAL A 89 1.70 4.20 5.10
N VAL A 90 1.83 4.28 6.43
CA VAL A 90 2.83 5.16 7.04
C VAL A 90 4.24 4.60 6.94
N GLN A 91 4.53 3.35 7.34
CA GLN A 91 5.91 2.85 7.28
C GLN A 91 6.46 2.99 5.86
N VAL A 92 5.70 2.58 4.86
CA VAL A 92 6.09 2.73 3.44
C VAL A 92 6.31 4.20 3.05
N ALA A 93 5.53 5.15 3.58
CA ALA A 93 5.75 6.57 3.31
C ALA A 93 7.07 7.09 3.92
N ILE A 94 7.38 6.73 5.18
CA ILE A 94 8.53 7.31 5.91
C ILE A 94 9.89 6.71 5.51
N CYS A 95 10.05 5.39 5.31
CA CYS A 95 11.36 4.77 5.04
C CYS A 95 11.77 4.83 3.56
N LEU A 96 11.99 6.07 3.12
CA LEU A 96 12.60 6.47 1.85
C LEU A 96 13.81 5.61 1.49
N GLY A 97 14.62 5.32 2.52
CA GLY A 97 15.92 4.64 2.38
C GLY A 97 15.84 3.13 2.14
N GLU A 98 14.80 2.46 2.66
CA GLU A 98 14.59 1.01 2.45
C GLU A 98 13.50 0.69 1.45
N ILE A 99 12.41 1.45 1.33
CA ILE A 99 11.44 1.30 0.22
C ILE A 99 12.10 1.62 -1.12
N GLY A 100 13.03 2.58 -1.10
CA GLY A 100 13.89 2.95 -2.23
C GLY A 100 13.34 4.08 -3.09
N TRP A 101 12.39 4.89 -2.59
CA TRP A 101 11.75 5.99 -3.32
C TRP A 101 12.77 7.00 -3.90
N ARG A 102 12.45 7.60 -5.06
CA ARG A 102 13.21 8.71 -5.68
C ARG A 102 12.34 9.77 -6.38
N ASN A 103 12.98 10.86 -6.80
CA ASN A 103 12.46 12.16 -7.29
C ASN A 103 11.51 12.24 -8.53
N GLY A 104 10.76 11.19 -8.89
CA GLY A 104 9.70 11.26 -9.91
C GLY A 104 8.38 11.69 -9.25
N THR A 105 7.39 10.80 -9.35
CA THR A 105 6.11 10.83 -8.61
C THR A 105 5.94 9.43 -8.02
N ARG A 106 5.29 9.32 -6.85
CA ARG A 106 5.32 8.10 -6.04
C ARG A 106 3.91 7.56 -5.77
N PHE A 107 3.64 6.30 -6.13
CA PHE A 107 2.30 5.72 -6.10
C PHE A 107 2.13 4.57 -5.13
N LEU A 108 1.47 4.89 -4.01
CA LEU A 108 1.17 3.95 -2.94
C LEU A 108 -0.18 3.26 -3.21
N VAL A 109 -0.19 2.17 -3.98
CA VAL A 109 -1.46 1.45 -4.22
C VAL A 109 -1.75 0.65 -2.97
N LEU A 110 -2.97 0.61 -2.46
CA LEU A 110 -3.30 -0.32 -1.38
C LEU A 110 -4.52 -1.16 -1.71
N VAL A 111 -4.35 -2.49 -1.63
CA VAL A 111 -5.39 -3.50 -1.77
C VAL A 111 -5.92 -3.93 -0.40
N THR A 112 -7.25 -3.90 -0.23
CA THR A 112 -7.93 -4.50 0.93
C THR A 112 -9.38 -4.83 0.61
N ASP A 113 -10.00 -5.74 1.36
CA ASP A 113 -11.41 -6.16 1.19
C ASP A 113 -12.31 -5.91 2.43
N ASN A 114 -11.74 -5.34 3.50
CA ASN A 114 -12.46 -5.01 4.74
C ASN A 114 -11.97 -3.67 5.33
N ASP A 115 -12.55 -3.30 6.48
CA ASP A 115 -12.32 -2.03 7.17
C ASP A 115 -10.90 -1.96 7.79
N PHE A 116 -10.64 -0.97 8.65
CA PHE A 116 -9.32 -0.64 9.14
C PHE A 116 -9.36 -0.14 10.59
N HIS A 117 -8.30 -0.47 11.35
CA HIS A 117 -8.10 0.13 12.67
C HIS A 117 -7.48 1.53 12.52
N LEU A 118 -8.07 2.53 13.19
CA LEU A 118 -7.58 3.91 13.25
C LEU A 118 -7.08 4.26 14.66
N ALA A 119 -6.50 5.46 14.80
CA ALA A 119 -5.91 5.90 16.07
C ALA A 119 -6.89 5.75 17.25
N LYS A 120 -6.38 5.12 18.31
CA LYS A 120 -7.02 4.82 19.60
C LYS A 120 -7.65 3.41 19.62
N ASP A 121 -7.78 2.71 18.48
CA ASP A 121 -8.27 1.32 18.46
C ASP A 121 -7.29 0.33 19.11
N LYS A 122 -5.99 0.64 19.18
CA LYS A 122 -4.98 -0.22 19.83
C LYS A 122 -5.04 -0.20 21.37
N THR A 123 -5.79 0.71 22.02
CA THR A 123 -5.88 0.77 23.50
C THR A 123 -6.69 -0.39 24.10
N LEU A 124 -7.59 -1.04 23.34
CA LEU A 124 -8.23 -2.29 23.79
C LEU A 124 -7.17 -3.41 23.88
N GLY A 125 -6.23 -3.43 22.93
CA GLY A 125 -5.02 -4.25 22.95
C GLY A 125 -3.97 -3.77 23.96
N THR A 126 -4.31 -2.77 24.78
CA THR A 126 -3.53 -2.25 25.94
C THR A 126 -2.26 -1.52 25.48
N ARG A 127 -2.35 -0.77 24.36
CA ARG A 127 -1.32 0.16 23.90
C ARG A 127 -1.86 1.59 23.78
N GLN A 128 -1.29 2.51 24.56
CA GLN A 128 -1.71 3.91 24.66
C GLN A 128 -0.77 4.88 23.92
N ASN A 129 0.52 4.53 23.76
CA ASN A 129 1.49 5.39 23.07
C ASN A 129 1.06 5.63 21.61
N THR A 130 0.76 6.88 21.23
CA THR A 130 0.47 7.23 19.83
C THR A 130 1.73 7.05 18.98
N SER A 131 1.57 6.88 17.66
CA SER A 131 2.73 6.81 16.78
C SER A 131 3.48 8.17 16.72
N ASP A 132 4.81 8.10 16.62
CA ASP A 132 5.71 9.24 16.45
C ASP A 132 5.82 9.71 14.99
N GLY A 133 5.29 8.93 14.03
CA GLY A 133 5.42 9.19 12.60
C GLY A 133 6.85 8.99 12.08
N ARG A 134 7.63 8.13 12.74
CA ARG A 134 8.96 7.66 12.31
C ARG A 134 8.86 6.24 11.74
N CYS A 135 9.95 5.72 11.18
CA CYS A 135 10.04 4.30 10.79
C CYS A 135 10.64 3.44 11.90
N HIS A 136 10.20 2.19 11.96
CA HIS A 136 10.57 1.17 12.95
C HIS A 136 10.89 -0.19 12.29
N LEU A 137 11.45 -0.19 11.08
CA LEU A 137 11.91 -1.40 10.37
C LEU A 137 13.43 -1.59 10.50
N ASP A 138 13.90 -2.83 10.25
CA ASP A 138 15.31 -3.23 10.15
C ASP A 138 15.43 -4.68 9.64
N ASP A 139 14.61 -5.59 10.18
CA ASP A 139 14.44 -6.97 9.69
C ASP A 139 13.48 -7.06 8.48
N GLY A 140 13.02 -5.91 7.96
CA GLY A 140 11.94 -5.78 6.97
C GLY A 140 10.55 -5.83 7.60
N MET A 141 10.44 -6.20 8.88
CA MET A 141 9.21 -6.15 9.68
C MET A 141 9.08 -4.81 10.41
N TYR A 142 7.85 -4.29 10.52
CA TYR A 142 7.53 -3.15 11.37
C TYR A 142 7.55 -3.59 12.85
N ARG A 143 8.69 -3.38 13.52
CA ARG A 143 8.96 -3.87 14.89
C ARG A 143 8.03 -3.26 15.94
N SER A 144 7.63 -2.00 15.76
CA SER A 144 6.85 -1.26 16.76
C SER A 144 5.33 -1.58 16.71
N ARG A 145 4.90 -2.53 15.86
CA ARG A 145 3.55 -3.12 15.82
C ARG A 145 2.87 -3.35 17.20
N GLY A 146 3.70 -3.72 18.19
CA GLY A 146 3.33 -4.15 19.55
C GLY A 146 3.83 -3.17 20.62
N GLU A 147 3.94 -1.88 20.27
CA GLU A 147 4.19 -0.77 21.20
C GLU A 147 3.32 0.46 20.79
N PRO A 148 3.63 1.30 19.78
CA PRO A 148 2.70 2.31 19.25
C PRO A 148 1.31 1.81 18.80
N ASP A 149 0.34 2.71 18.93
CA ASP A 149 -1.03 2.67 18.39
C ASP A 149 -1.00 3.05 16.89
N TYR A 150 -2.06 2.72 16.15
CA TYR A 150 -2.28 3.21 14.78
C TYR A 150 -2.24 4.75 14.77
N GLN A 151 -1.64 5.38 13.75
CA GLN A 151 -1.60 6.85 13.70
C GLN A 151 -2.90 7.45 13.13
N SER A 152 -3.18 8.72 13.46
CA SER A 152 -4.44 9.36 13.10
C SER A 152 -4.44 9.89 11.66
N VAL A 153 -5.62 10.03 11.05
CA VAL A 153 -5.79 10.35 9.63
C VAL A 153 -5.12 11.69 9.25
N VAL A 154 -5.06 12.64 10.20
CA VAL A 154 -4.30 13.92 10.06
C VAL A 154 -2.78 13.72 9.99
N GLN A 155 -2.22 12.77 10.75
CA GLN A 155 -0.77 12.49 10.74
C GLN A 155 -0.37 11.80 9.44
N LEU A 156 -1.26 10.97 8.87
CA LEU A 156 -1.03 10.32 7.59
C LEU A 156 -0.93 11.37 6.48
N ALA A 157 -1.87 12.32 6.45
CA ALA A 157 -1.89 13.44 5.52
C ALA A 157 -0.58 14.24 5.53
N SER A 158 -0.04 14.55 6.71
CA SER A 158 1.24 15.25 6.87
C SER A 158 2.41 14.49 6.25
N LYS A 159 2.58 13.21 6.60
CA LYS A 159 3.68 12.38 6.08
C LYS A 159 3.56 12.17 4.56
N LEU A 160 2.35 11.87 4.06
CA LEU A 160 2.08 11.74 2.63
C LEU A 160 2.41 13.02 1.85
N ALA A 161 2.13 14.20 2.40
CA ALA A 161 2.46 15.50 1.78
C ALA A 161 3.96 15.85 1.84
N GLU A 162 4.65 15.49 2.92
CA GLU A 162 6.09 15.74 3.10
C GLU A 162 6.94 14.84 2.19
N ASN A 163 6.58 13.55 2.08
CA ASN A 163 7.18 12.61 1.12
C ASN A 163 6.58 12.77 -0.30
N ASN A 164 5.50 13.55 -0.45
CA ASN A 164 4.70 13.76 -1.67
C ASN A 164 4.43 12.46 -2.44
N ILE A 165 3.90 11.48 -1.71
CA ILE A 165 3.44 10.16 -2.20
C ILE A 165 1.91 10.18 -2.34
N GLN A 166 1.34 9.70 -3.46
CA GLN A 166 -0.12 9.65 -3.61
C GLN A 166 -0.68 8.22 -3.44
N PRO A 167 -1.38 7.94 -2.32
CA PRO A 167 -2.15 6.72 -2.14
C PRO A 167 -3.37 6.56 -3.03
N ILE A 168 -3.57 5.31 -3.48
CA ILE A 168 -4.69 4.90 -4.33
C ILE A 168 -5.46 3.78 -3.61
N PHE A 169 -6.60 4.08 -2.96
CA PHE A 169 -7.34 3.06 -2.21
C PHE A 169 -8.09 2.08 -3.13
N VAL A 170 -7.40 1.15 -3.78
CA VAL A 170 -8.05 0.09 -4.58
C VAL A 170 -8.69 -1.02 -3.71
N VAL A 171 -10.02 -1.07 -3.68
CA VAL A 171 -10.78 -1.93 -2.75
C VAL A 171 -12.08 -2.49 -3.39
N PRO A 172 -12.48 -3.75 -3.13
CA PRO A 172 -13.78 -4.29 -3.50
C PRO A 172 -14.99 -3.46 -3.07
N SER A 173 -16.06 -3.58 -3.88
CA SER A 173 -17.28 -2.76 -3.83
C SER A 173 -17.86 -2.58 -2.42
N ARG A 174 -17.94 -3.69 -1.64
CA ARG A 174 -18.45 -3.71 -0.26
C ARG A 174 -17.98 -2.54 0.61
N MET A 175 -16.70 -2.16 0.42
CA MET A 175 -15.95 -1.23 1.24
C MET A 175 -15.63 0.10 0.52
N VAL A 176 -16.05 0.30 -0.73
CA VAL A 176 -15.69 1.51 -1.51
C VAL A 176 -16.25 2.77 -0.84
N LYS A 177 -17.47 2.73 -0.29
CA LYS A 177 -18.14 3.92 0.26
C LYS A 177 -17.41 4.51 1.49
N THR A 178 -16.69 3.67 2.25
CA THR A 178 -15.95 4.12 3.44
C THR A 178 -14.57 4.67 3.07
N TYR A 179 -13.89 4.05 2.11
CA TYR A 179 -12.62 4.53 1.58
C TYR A 179 -12.82 5.80 0.76
N GLU A 180 -13.99 5.97 0.11
CA GLU A 180 -14.38 7.24 -0.50
C GLU A 180 -14.46 8.36 0.57
N LYS A 181 -14.85 8.04 1.81
CA LYS A 181 -14.97 9.07 2.86
C LYS A 181 -13.64 9.30 3.60
N LEU A 182 -12.68 8.36 3.53
CA LEU A 182 -11.29 8.54 4.00
C LEU A 182 -10.54 9.47 3.02
N THR A 183 -11.00 9.50 1.78
CA THR A 183 -10.55 10.38 0.69
C THR A 183 -11.09 11.80 0.86
N THR A 184 -12.04 11.98 1.80
CA THR A 184 -12.52 13.29 2.25
C THR A 184 -11.66 13.77 3.42
N PHE A 185 -11.16 12.84 4.25
CA PHE A 185 -10.26 13.23 5.36
C PHE A 185 -8.83 13.55 4.88
N ILE A 186 -8.36 12.92 3.80
CA ILE A 186 -7.02 13.22 3.22
C ILE A 186 -7.15 13.72 1.76
N PRO A 187 -6.89 15.02 1.50
CA PRO A 187 -6.87 15.59 0.15
C PRO A 187 -5.91 14.89 -0.82
N LYS A 188 -6.32 14.80 -2.09
CA LYS A 188 -5.57 14.37 -3.28
C LYS A 188 -5.44 12.83 -3.41
N LEU A 189 -5.85 12.08 -2.38
CA LEU A 189 -5.95 10.62 -2.47
C LEU A 189 -7.14 10.22 -3.34
N THR A 190 -7.10 9.03 -3.97
CA THR A 190 -8.20 8.52 -4.75
C THR A 190 -8.73 7.23 -4.12
N ILE A 191 -9.21 6.37 -4.98
CA ILE A 191 -10.04 5.20 -4.66
C ILE A 191 -10.32 4.45 -5.98
N GLY A 192 -10.13 3.14 -5.97
CA GLY A 192 -10.48 2.24 -7.08
C GLY A 192 -11.41 1.13 -6.59
N GLU A 193 -12.26 0.64 -7.49
CA GLU A 193 -13.06 -0.55 -7.24
C GLU A 193 -12.29 -1.74 -7.83
N LEU A 194 -11.38 -2.28 -7.03
CA LEU A 194 -10.71 -3.55 -7.32
C LEU A 194 -11.80 -4.64 -7.42
N SER A 195 -11.73 -5.49 -8.43
CA SER A 195 -12.72 -6.53 -8.69
C SER A 195 -12.10 -7.72 -9.46
N ASP A 196 -12.87 -8.42 -10.29
CA ASP A 196 -12.42 -9.52 -11.15
C ASP A 196 -11.69 -9.05 -12.44
N ASP A 197 -11.28 -7.77 -12.49
CA ASP A 197 -10.46 -7.17 -13.56
C ASP A 197 -9.29 -6.35 -12.98
N SER A 198 -8.18 -6.32 -13.72
CA SER A 198 -6.95 -5.59 -13.43
C SER A 198 -6.93 -4.18 -14.05
N SER A 199 -7.84 -3.87 -14.98
CA SER A 199 -7.89 -2.58 -15.68
C SER A 199 -8.01 -1.39 -14.72
N ASN A 200 -8.74 -1.57 -13.61
CA ASN A 200 -9.02 -0.50 -12.65
C ASN A 200 -7.75 0.01 -11.90
N VAL A 201 -6.72 -0.83 -11.71
CA VAL A 201 -5.44 -0.38 -11.10
C VAL A 201 -4.56 0.37 -12.12
N ALA A 202 -4.42 -0.16 -13.34
CA ALA A 202 -3.56 0.42 -14.38
C ALA A 202 -4.17 1.67 -15.04
N GLN A 203 -5.48 1.77 -15.22
CA GLN A 203 -6.13 2.95 -15.82
C GLN A 203 -6.34 4.11 -14.83
N LEU A 204 -5.77 3.97 -13.63
CA LEU A 204 -5.76 4.97 -12.55
C LEU A 204 -4.34 5.51 -12.45
N ILE A 205 -3.33 4.63 -12.58
CA ILE A 205 -1.91 5.06 -12.67
C ILE A 205 -1.65 5.67 -14.05
N ARG A 206 -2.30 5.14 -15.10
CA ARG A 206 -2.30 5.80 -16.41
C ARG A 206 -3.04 7.15 -16.34
N ASN A 207 -4.11 7.26 -15.54
CA ASN A 207 -4.72 8.58 -15.27
C ASN A 207 -3.84 9.50 -14.39
N ALA A 208 -2.88 8.94 -13.64
CA ALA A 208 -1.98 9.71 -12.79
C ALA A 208 -0.88 10.41 -13.60
N TYR A 209 -0.44 9.80 -14.70
CA TYR A 209 0.60 10.38 -15.54
C TYR A 209 0.17 11.70 -16.21
N SER A 210 -1.11 11.80 -16.56
CA SER A 210 -1.68 13.03 -17.15
C SER A 210 -2.08 14.12 -16.13
N LYS A 211 -2.32 13.78 -14.84
CA LYS A 211 -2.77 14.74 -13.80
C LYS A 211 -2.12 14.59 -12.41
N LEU A 212 -2.58 13.60 -11.62
CA LEU A 212 -2.32 13.37 -10.18
C LEU A 212 -0.90 13.79 -9.69
N ASP A 1 7.95 10.36 -21.10
CA ASP A 1 8.80 9.39 -20.35
C ASP A 1 9.38 10.05 -19.08
N ASN A 2 8.56 10.17 -18.03
CA ASN A 2 8.96 10.70 -16.72
C ASN A 2 9.32 9.56 -15.75
N SER A 3 10.30 9.76 -14.86
CA SER A 3 10.65 8.72 -13.88
C SER A 3 9.54 8.54 -12.82
N VAL A 4 9.00 7.32 -12.66
CA VAL A 4 7.87 7.07 -11.74
C VAL A 4 8.16 5.90 -10.80
N ASP A 5 8.17 6.18 -9.50
CA ASP A 5 8.29 5.18 -8.46
C ASP A 5 6.89 4.67 -8.11
N LEU A 6 6.72 3.34 -8.13
CA LEU A 6 5.48 2.76 -7.59
C LEU A 6 5.74 1.73 -6.48
N TYR A 7 4.96 1.80 -5.40
CA TYR A 7 4.97 0.79 -4.34
C TYR A 7 3.60 0.14 -4.26
N PHE A 8 3.59 -1.13 -4.60
CA PHE A 8 2.45 -2.03 -4.51
C PHE A 8 2.39 -2.70 -3.12
N LEU A 9 1.47 -2.23 -2.28
CA LEU A 9 1.20 -2.80 -0.94
C LEU A 9 -0.08 -3.65 -0.97
N MET A 10 0.00 -4.93 -0.62
CA MET A 10 -1.22 -5.76 -0.42
C MET A 10 -1.46 -6.29 1.00
N GLY A 11 -2.73 -6.60 1.27
CA GLY A 11 -3.22 -7.33 2.44
C GLY A 11 -3.13 -8.85 2.21
N LEU A 12 -2.60 -9.60 3.17
CA LEU A 12 -2.28 -11.03 3.07
C LEU A 12 -3.15 -11.95 3.98
N SER A 13 -4.35 -11.54 4.39
CA SER A 13 -5.15 -12.34 5.34
C SER A 13 -5.90 -13.53 4.70
N GLY A 14 -6.50 -14.39 5.54
CA GLY A 14 -7.29 -15.55 5.09
C GLY A 14 -8.55 -15.15 4.30
N SER A 15 -9.07 -13.94 4.48
CA SER A 15 -10.13 -13.39 3.63
C SER A 15 -9.61 -13.10 2.21
N ALA A 16 -8.37 -12.61 2.09
CA ALA A 16 -7.70 -12.28 0.81
C ALA A 16 -7.28 -13.52 0.00
N GLN A 17 -7.62 -14.74 0.43
CA GLN A 17 -7.22 -16.00 -0.22
C GLN A 17 -7.86 -16.17 -1.61
N GLY A 18 -9.15 -15.85 -1.75
CA GLY A 18 -9.84 -15.81 -3.06
C GLY A 18 -9.40 -14.61 -3.88
N HIS A 19 -9.06 -13.50 -3.21
CA HIS A 19 -8.58 -12.26 -3.84
C HIS A 19 -7.11 -12.35 -4.30
N LEU A 20 -6.32 -13.35 -3.89
CA LEU A 20 -4.88 -13.40 -4.21
C LEU A 20 -4.63 -13.39 -5.72
N SER A 21 -5.38 -14.17 -6.50
CA SER A 21 -5.30 -14.15 -7.98
C SER A 21 -5.58 -12.74 -8.55
N ASN A 22 -6.61 -12.09 -8.02
CA ASN A 22 -7.02 -10.72 -8.37
C ASN A 22 -5.89 -9.72 -8.03
N VAL A 23 -5.33 -9.79 -6.81
CA VAL A 23 -4.18 -8.96 -6.39
C VAL A 23 -2.95 -9.21 -7.28
N GLN A 24 -2.66 -10.49 -7.57
CA GLN A 24 -1.47 -10.94 -8.29
C GLN A 24 -1.49 -10.38 -9.71
N THR A 25 -2.60 -10.60 -10.43
CA THR A 25 -2.69 -10.20 -11.82
C THR A 25 -2.67 -8.68 -11.96
N LEU A 26 -3.25 -7.90 -11.03
CA LEU A 26 -3.17 -6.44 -11.04
C LEU A 26 -1.74 -5.91 -10.94
N GLY A 27 -0.84 -6.61 -10.27
CA GLY A 27 0.48 -6.08 -9.91
C GLY A 27 1.48 -6.39 -11.00
N SER A 28 1.36 -7.60 -11.52
CA SER A 28 2.06 -8.06 -12.71
C SER A 28 1.55 -7.27 -13.92
N ASP A 29 0.25 -6.94 -13.95
CA ASP A 29 -0.31 -6.11 -15.02
C ASP A 29 0.10 -4.64 -14.86
N LEU A 30 0.22 -4.15 -13.60
CA LEU A 30 0.60 -2.76 -13.35
C LEU A 30 1.99 -2.52 -13.92
N LEU A 31 2.96 -3.33 -13.50
CA LEU A 31 4.36 -3.15 -13.85
C LEU A 31 4.58 -3.18 -15.37
N LYS A 32 4.11 -4.24 -16.06
CA LYS A 32 4.37 -4.37 -17.51
C LYS A 32 3.58 -3.36 -18.37
N ALA A 33 2.42 -2.88 -17.91
CA ALA A 33 1.70 -1.79 -18.58
C ALA A 33 2.44 -0.44 -18.43
N LEU A 34 2.95 -0.15 -17.22
CA LEU A 34 3.67 1.09 -16.94
C LEU A 34 5.09 1.11 -17.55
N ASN A 35 5.75 -0.04 -17.75
CA ASN A 35 7.12 -0.12 -18.30
C ASN A 35 7.24 0.46 -19.72
N GLU A 36 6.16 0.39 -20.49
CA GLU A 36 6.17 0.83 -21.89
C GLU A 36 5.73 2.30 -22.02
N ILE A 37 4.84 2.77 -21.13
CA ILE A 37 4.52 4.20 -21.01
C ILE A 37 5.67 4.97 -20.35
N SER A 38 6.44 4.34 -19.45
CA SER A 38 7.66 4.90 -18.84
C SER A 38 8.74 3.84 -18.65
N ARG A 39 9.90 4.03 -19.28
CA ARG A 39 11.03 3.10 -19.20
C ARG A 39 11.62 3.04 -17.79
N SER A 40 11.86 4.20 -17.18
CA SER A 40 12.31 4.30 -15.78
C SER A 40 11.09 4.40 -14.83
N GLY A 41 10.50 3.23 -14.55
CA GLY A 41 9.28 3.05 -13.76
C GLY A 41 9.51 1.84 -12.87
N ARG A 42 10.09 2.11 -11.69
CA ARG A 42 10.61 1.08 -10.79
C ARG A 42 9.59 0.80 -9.70
N ILE A 43 9.42 -0.49 -9.39
CA ILE A 43 8.34 -0.96 -8.52
C ILE A 43 8.90 -1.59 -7.25
N GLY A 44 8.19 -1.43 -6.14
CA GLY A 44 8.45 -2.10 -4.87
C GLY A 44 7.21 -2.83 -4.38
N PHE A 45 7.40 -3.71 -3.40
CA PHE A 45 6.39 -4.66 -2.96
C PHE A 45 6.36 -4.84 -1.44
N GLY A 46 5.17 -4.70 -0.85
CA GLY A 46 4.97 -4.81 0.60
C GLY A 46 3.75 -5.65 0.95
N SER A 47 3.87 -6.34 2.07
CA SER A 47 2.84 -7.18 2.66
C SER A 47 2.38 -6.61 4.01
N ILE A 48 1.10 -6.80 4.35
CA ILE A 48 0.54 -6.49 5.67
C ILE A 48 -0.65 -7.41 5.94
N VAL A 49 -0.94 -7.70 7.22
CA VAL A 49 -2.19 -8.37 7.64
C VAL A 49 -2.72 -7.68 8.91
N ASN A 50 -1.98 -7.91 9.99
CA ASN A 50 -2.14 -7.43 11.38
C ASN A 50 -1.05 -8.10 12.26
N MET A 51 -0.42 -9.19 11.76
CA MET A 51 0.81 -9.81 12.30
C MET A 51 1.89 -8.74 12.31
N THR A 52 2.23 -8.20 11.12
CA THR A 52 3.07 -7.00 10.88
C THR A 52 3.14 -6.56 9.41
N PHE A 53 3.70 -5.37 9.19
CA PHE A 53 4.06 -4.87 7.85
C PHE A 53 5.44 -5.43 7.50
N GLN A 54 5.52 -6.19 6.40
CA GLN A 54 6.78 -6.73 5.91
C GLN A 54 7.11 -6.14 4.53
N HIS A 55 8.22 -5.42 4.51
CA HIS A 55 8.88 -4.91 3.31
C HIS A 55 9.60 -6.07 2.58
N ILE A 56 9.10 -6.47 1.40
CA ILE A 56 9.60 -7.64 0.67
C ILE A 56 10.64 -7.21 -0.37
N LEU A 57 10.25 -6.38 -1.34
CA LEU A 57 11.14 -5.90 -2.42
C LEU A 57 11.16 -4.37 -2.45
N LYS A 58 12.35 -3.78 -2.37
CA LYS A 58 12.54 -2.34 -2.60
C LYS A 58 12.29 -1.94 -4.07
N LEU A 59 12.17 -0.63 -4.35
CA LEU A 59 11.92 -0.12 -5.70
C LEU A 59 13.03 -0.58 -6.68
N THR A 60 12.70 -1.40 -7.69
CA THR A 60 13.63 -1.92 -8.71
C THR A 60 13.07 -1.81 -10.13
N ALA A 61 13.98 -1.75 -11.11
CA ALA A 61 13.69 -1.81 -12.55
C ALA A 61 13.53 -3.27 -13.06
N ASP A 62 13.63 -4.24 -12.16
CA ASP A 62 13.73 -5.68 -12.41
C ASP A 62 12.30 -6.24 -12.34
N SER A 63 11.65 -6.04 -13.47
CA SER A 63 10.22 -6.24 -13.73
C SER A 63 9.82 -7.71 -13.67
N SER A 64 10.61 -8.58 -14.31
CA SER A 64 10.48 -10.02 -14.16
C SER A 64 10.78 -10.49 -12.74
N GLN A 65 11.48 -9.69 -11.91
CA GLN A 65 11.81 -10.15 -10.54
C GLN A 65 10.61 -9.92 -9.61
N PHE A 66 10.06 -8.70 -9.56
CA PHE A 66 8.86 -8.37 -8.78
C PHE A 66 7.70 -9.32 -9.09
N GLN A 67 7.61 -9.80 -10.33
CA GLN A 67 6.49 -10.62 -10.81
C GLN A 67 6.59 -12.05 -10.28
N ARG A 68 7.81 -12.54 -10.05
CA ARG A 68 8.06 -13.85 -9.45
C ARG A 68 7.78 -13.81 -7.96
N GLU A 69 8.19 -12.73 -7.29
CA GLU A 69 8.08 -12.68 -5.82
C GLU A 69 6.74 -12.13 -5.36
N LEU A 70 6.00 -11.47 -6.26
CA LEU A 70 4.59 -11.17 -5.99
C LEU A 70 3.86 -12.52 -6.11
N ARG A 71 4.14 -13.28 -7.19
CA ARG A 71 3.43 -14.55 -7.46
C ARG A 71 3.59 -15.56 -6.30
N LYS A 72 4.78 -15.63 -5.71
CA LYS A 72 5.11 -16.55 -4.61
C LYS A 72 4.41 -16.27 -3.27
N GLN A 73 3.75 -15.12 -3.07
CA GLN A 73 3.10 -14.82 -1.79
C GLN A 73 1.93 -15.76 -1.48
N LEU A 74 1.68 -15.98 -0.19
CA LEU A 74 0.66 -16.89 0.33
C LEU A 74 0.12 -16.32 1.66
N VAL A 75 -1.21 -16.32 1.80
CA VAL A 75 -1.92 -15.69 2.93
C VAL A 75 -1.62 -16.29 4.31
N SER A 76 -1.87 -15.53 5.37
CA SER A 76 -1.86 -15.98 6.78
C SER A 76 -3.30 -16.04 7.34
N GLY A 77 -3.54 -15.71 8.62
CA GLY A 77 -4.87 -15.72 9.24
C GLY A 77 -4.96 -14.94 10.56
N LYS A 78 -6.10 -14.28 10.78
CA LYS A 78 -6.50 -13.64 12.05
C LYS A 78 -8.03 -13.40 12.10
N LEU A 79 -8.63 -13.41 13.31
CA LEU A 79 -10.08 -13.42 13.50
C LEU A 79 -10.76 -12.07 13.19
N ALA A 80 -10.23 -10.96 13.73
CA ALA A 80 -10.78 -9.62 13.49
C ALA A 80 -10.67 -9.27 11.98
N THR A 81 -11.81 -9.03 11.32
CA THR A 81 -11.88 -8.81 9.87
C THR A 81 -11.30 -7.47 9.41
N PRO A 82 -11.40 -6.34 10.15
CA PRO A 82 -10.65 -5.12 9.83
C PRO A 82 -9.15 -5.35 10.02
N LYS A 83 -8.32 -4.72 9.18
CA LYS A 83 -6.87 -4.98 9.12
C LYS A 83 -5.97 -3.76 9.42
N GLY A 84 -4.70 -4.04 9.76
CA GLY A 84 -3.74 -3.05 10.29
C GLY A 84 -2.92 -2.30 9.25
N GLN A 85 -3.60 -1.84 8.20
CA GLN A 85 -3.03 -1.21 7.00
C GLN A 85 -2.33 0.13 7.27
N LEU A 86 -2.85 0.95 8.18
CA LEU A 86 -2.39 2.33 8.36
C LEU A 86 -0.91 2.37 8.82
N ASP A 87 -0.52 1.37 9.61
CA ASP A 87 0.86 1.11 10.01
C ASP A 87 1.76 0.88 8.80
N ALA A 88 1.31 0.04 7.87
CA ALA A 88 2.04 -0.20 6.63
C ALA A 88 2.14 1.09 5.84
N VAL A 89 1.03 1.77 5.51
CA VAL A 89 1.07 2.96 4.63
C VAL A 89 1.93 4.10 5.20
N VAL A 90 1.97 4.36 6.53
CA VAL A 90 2.90 5.40 7.03
C VAL A 90 4.37 4.96 7.04
N GLN A 91 4.70 3.72 7.39
CA GLN A 91 6.09 3.25 7.22
C GLN A 91 6.47 3.25 5.73
N VAL A 92 5.57 2.82 4.85
CA VAL A 92 5.70 2.96 3.40
C VAL A 92 6.09 4.38 2.96
N ALA A 93 5.58 5.40 3.67
CA ALA A 93 5.83 6.78 3.34
C ALA A 93 7.19 7.29 3.84
N ILE A 94 7.54 7.03 5.12
CA ILE A 94 8.74 7.61 5.76
C ILE A 94 9.97 6.67 5.84
N CYS A 95 9.88 5.41 5.43
CA CYS A 95 11.04 4.51 5.28
C CYS A 95 11.73 4.74 3.92
N LEU A 96 12.18 5.99 3.70
CA LEU A 96 12.77 6.50 2.44
C LEU A 96 13.88 5.57 1.93
N GLY A 97 14.74 5.15 2.85
CA GLY A 97 15.98 4.44 2.55
C GLY A 97 15.81 2.93 2.29
N GLU A 98 14.76 2.32 2.83
CA GLU A 98 14.49 0.87 2.64
C GLU A 98 13.59 0.63 1.43
N ILE A 99 12.57 1.47 1.20
CA ILE A 99 11.79 1.39 -0.05
C ILE A 99 12.61 1.94 -1.22
N GLY A 100 13.38 3.01 -1.01
CA GLY A 100 14.28 3.57 -2.01
C GLY A 100 13.65 4.65 -2.89
N TRP A 101 12.64 5.37 -2.40
CA TRP A 101 11.99 6.46 -3.13
C TRP A 101 13.01 7.51 -3.61
N ARG A 102 13.01 7.80 -4.93
CA ARG A 102 13.84 8.81 -5.60
C ARG A 102 13.03 10.06 -5.99
N ASN A 103 13.63 10.96 -6.79
CA ASN A 103 13.13 12.32 -7.07
C ASN A 103 11.93 12.50 -8.04
N GLY A 104 11.33 11.45 -8.61
CA GLY A 104 10.27 11.59 -9.62
C GLY A 104 8.89 11.72 -8.99
N THR A 105 7.98 10.90 -9.52
CA THR A 105 6.57 10.77 -9.08
C THR A 105 6.49 9.51 -8.22
N ARG A 106 5.65 9.42 -7.17
CA ARG A 106 5.75 8.33 -6.19
C ARG A 106 4.34 7.82 -5.90
N PHE A 107 4.07 6.52 -6.00
CA PHE A 107 2.71 5.98 -5.94
C PHE A 107 2.53 4.80 -5.02
N LEU A 108 1.73 4.94 -3.97
CA LEU A 108 1.34 3.77 -3.17
C LEU A 108 0.04 3.17 -3.70
N VAL A 109 0.10 2.00 -4.30
CA VAL A 109 -1.13 1.24 -4.61
C VAL A 109 -1.45 0.44 -3.34
N LEU A 110 -2.58 0.70 -2.68
CA LEU A 110 -3.01 -0.13 -1.54
C LEU A 110 -3.97 -1.18 -2.07
N VAL A 111 -3.82 -2.43 -1.66
CA VAL A 111 -4.83 -3.47 -1.89
C VAL A 111 -5.31 -4.09 -0.58
N THR A 112 -6.64 -4.08 -0.32
CA THR A 112 -7.26 -4.79 0.83
C THR A 112 -8.76 -5.03 0.64
N ASP A 113 -9.25 -6.20 1.07
CA ASP A 113 -10.63 -6.70 0.92
C ASP A 113 -11.49 -6.61 2.20
N ASN A 114 -11.16 -5.71 3.12
CA ASN A 114 -12.02 -5.42 4.29
C ASN A 114 -11.84 -3.97 4.80
N ASP A 115 -12.51 -3.65 5.91
CA ASP A 115 -12.31 -2.42 6.68
C ASP A 115 -10.92 -2.40 7.34
N PHE A 116 -10.63 -1.38 8.14
CA PHE A 116 -9.30 -1.10 8.69
C PHE A 116 -9.36 -0.70 10.17
N HIS A 117 -8.25 -0.95 10.89
CA HIS A 117 -8.07 -0.44 12.25
C HIS A 117 -7.53 1.01 12.22
N LEU A 118 -8.15 1.89 13.03
CA LEU A 118 -7.85 3.33 13.08
C LEU A 118 -7.33 3.78 14.45
N ALA A 119 -6.92 5.05 14.58
CA ALA A 119 -6.30 5.56 15.80
C ALA A 119 -7.16 5.33 17.05
N LYS A 120 -6.55 4.68 18.05
CA LYS A 120 -7.14 4.23 19.32
C LYS A 120 -7.97 2.92 19.24
N ASP A 121 -8.06 2.28 18.06
CA ASP A 121 -8.57 0.89 17.98
C ASP A 121 -7.53 -0.06 18.60
N LYS A 122 -6.29 0.41 18.80
CA LYS A 122 -5.23 -0.32 19.50
C LYS A 122 -5.59 -0.73 20.95
N THR A 123 -6.45 0.04 21.63
CA THR A 123 -6.74 0.01 23.07
C THR A 123 -7.30 -1.29 23.67
N LEU A 124 -8.00 -2.16 22.91
CA LEU A 124 -8.36 -3.49 23.43
C LEU A 124 -7.15 -4.45 23.57
N GLY A 125 -6.00 -4.07 22.99
CA GLY A 125 -4.68 -4.67 23.20
C GLY A 125 -3.86 -3.70 24.05
N THR A 126 -2.92 -4.18 24.88
CA THR A 126 -2.21 -3.36 25.88
C THR A 126 -1.15 -2.45 25.25
N ARG A 127 -1.62 -1.31 24.72
CA ARG A 127 -0.82 -0.28 24.06
C ARG A 127 -1.62 1.04 23.97
N GLN A 128 -1.09 2.17 24.46
CA GLN A 128 -1.75 3.50 24.40
C GLN A 128 -0.90 4.54 23.63
N ASN A 129 0.43 4.39 23.57
CA ASN A 129 1.37 5.33 22.91
C ASN A 129 0.97 5.68 21.45
N THR A 130 0.48 6.90 21.17
CA THR A 130 0.07 7.30 19.81
C THR A 130 1.29 7.42 18.89
N SER A 131 1.09 7.18 17.60
CA SER A 131 2.14 7.17 16.58
C SER A 131 2.95 8.48 16.54
N ASP A 132 4.29 8.37 16.53
CA ASP A 132 5.18 9.51 16.27
C ASP A 132 5.35 9.80 14.76
N GLY A 133 4.94 8.86 13.90
CA GLY A 133 4.99 8.97 12.44
C GLY A 133 6.38 8.83 11.83
N ARG A 134 7.37 8.33 12.60
CA ARG A 134 8.78 8.16 12.18
C ARG A 134 9.05 6.75 11.62
N CYS A 135 10.17 6.57 10.91
CA CYS A 135 10.65 5.25 10.45
C CYS A 135 10.98 4.32 11.63
N HIS A 136 10.47 3.08 11.60
CA HIS A 136 10.71 2.02 12.58
C HIS A 136 10.98 0.65 11.90
N LEU A 137 11.77 0.66 10.82
CA LEU A 137 12.08 -0.50 9.99
C LEU A 137 13.60 -0.72 9.89
N ASP A 138 14.04 -1.98 9.90
CA ASP A 138 15.45 -2.37 9.71
C ASP A 138 15.55 -3.78 9.08
N ASP A 139 15.06 -4.82 9.77
CA ASP A 139 15.13 -6.23 9.34
C ASP A 139 14.22 -6.56 8.14
N GLY A 140 13.19 -5.74 7.91
CA GLY A 140 12.10 -5.98 6.96
C GLY A 140 10.73 -5.99 7.64
N MET A 141 10.67 -6.18 8.96
CA MET A 141 9.45 -6.12 9.79
C MET A 141 9.28 -4.76 10.49
N TYR A 142 8.04 -4.26 10.56
CA TYR A 142 7.67 -3.10 11.38
C TYR A 142 7.55 -3.51 12.86
N ARG A 143 8.67 -3.56 13.59
CA ARG A 143 8.71 -4.07 14.97
C ARG A 143 7.90 -3.19 15.93
N SER A 144 7.80 -1.89 15.67
CA SER A 144 6.97 -0.95 16.46
C SER A 144 5.44 -1.21 16.37
N ARG A 145 4.96 -2.18 15.58
CA ARG A 145 3.55 -2.55 15.58
C ARG A 145 2.98 -2.88 16.98
N GLY A 146 3.78 -3.52 17.84
CA GLY A 146 3.33 -3.98 19.17
C GLY A 146 3.18 -2.86 20.20
N GLU A 147 3.85 -1.71 20.01
CA GLU A 147 3.92 -0.62 20.99
C GLU A 147 3.18 0.66 20.48
N PRO A 148 3.63 1.40 19.45
CA PRO A 148 2.83 2.46 18.81
C PRO A 148 1.44 2.06 18.27
N ASP A 149 0.68 3.09 17.84
CA ASP A 149 -0.72 3.06 17.39
C ASP A 149 -0.89 3.04 15.85
N TYR A 150 -2.15 2.83 15.44
CA TYR A 150 -2.61 3.05 14.08
C TYR A 150 -2.68 4.58 13.95
N GLN A 151 -1.94 5.16 13.01
CA GLN A 151 -1.78 6.61 12.93
C GLN A 151 -3.07 7.29 12.50
N SER A 152 -3.34 8.48 13.04
CA SER A 152 -4.58 9.21 12.81
C SER A 152 -4.70 9.70 11.36
N VAL A 153 -5.91 9.90 10.85
CA VAL A 153 -6.15 10.20 9.41
C VAL A 153 -5.45 11.50 8.95
N VAL A 154 -5.24 12.46 9.86
CA VAL A 154 -4.44 13.69 9.60
C VAL A 154 -2.92 13.44 9.74
N GLN A 155 -2.48 12.47 10.56
CA GLN A 155 -1.07 12.04 10.61
C GLN A 155 -0.68 11.35 9.30
N LEU A 156 -1.58 10.56 8.68
CA LEU A 156 -1.39 10.04 7.32
C LEU A 156 -1.16 11.22 6.36
N ALA A 157 -2.14 12.12 6.24
CA ALA A 157 -2.17 13.19 5.24
C ALA A 157 -0.90 14.06 5.24
N SER A 158 -0.45 14.52 6.41
CA SER A 158 0.75 15.36 6.52
C SER A 158 2.02 14.61 6.09
N LYS A 159 2.23 13.35 6.53
CA LYS A 159 3.38 12.55 6.12
C LYS A 159 3.35 12.27 4.61
N LEU A 160 2.22 11.83 4.06
CA LEU A 160 2.04 11.57 2.63
C LEU A 160 2.38 12.80 1.76
N ALA A 161 1.99 14.00 2.20
CA ALA A 161 2.21 15.24 1.45
C ALA A 161 3.66 15.77 1.54
N GLU A 162 4.36 15.59 2.67
CA GLU A 162 5.77 15.97 2.78
C GLU A 162 6.72 14.93 2.15
N ASN A 163 6.28 13.67 2.08
CA ASN A 163 6.96 12.62 1.31
C ASN A 163 6.58 12.74 -0.20
N ASN A 164 5.54 13.50 -0.55
CA ASN A 164 5.08 13.77 -1.93
C ASN A 164 4.66 12.48 -2.68
N ILE A 165 4.05 11.53 -1.97
CA ILE A 165 3.55 10.26 -2.54
C ILE A 165 2.06 10.41 -2.86
N GLN A 166 1.56 9.79 -3.94
CA GLN A 166 0.11 9.70 -4.16
C GLN A 166 -0.33 8.27 -3.83
N PRO A 167 -0.97 8.00 -2.66
CA PRO A 167 -1.60 6.71 -2.43
C PRO A 167 -2.95 6.56 -3.13
N ILE A 168 -3.32 5.31 -3.36
CA ILE A 168 -4.44 4.89 -4.20
C ILE A 168 -5.15 3.68 -3.55
N PHE A 169 -6.34 3.89 -2.96
CA PHE A 169 -7.09 2.82 -2.27
C PHE A 169 -7.76 1.84 -3.24
N VAL A 170 -6.96 0.99 -3.88
CA VAL A 170 -7.48 -0.15 -4.66
C VAL A 170 -8.18 -1.19 -3.75
N VAL A 171 -9.50 -1.28 -3.82
CA VAL A 171 -10.30 -2.15 -2.92
C VAL A 171 -11.55 -2.73 -3.62
N PRO A 172 -12.00 -3.96 -3.31
CA PRO A 172 -13.15 -4.61 -3.94
C PRO A 172 -14.46 -3.91 -3.62
N SER A 173 -15.46 -4.17 -4.47
CA SER A 173 -16.76 -3.48 -4.53
C SER A 173 -17.39 -3.17 -3.17
N ARG A 174 -17.56 -4.18 -2.30
CA ARG A 174 -18.22 -4.02 -0.98
C ARG A 174 -17.53 -2.95 -0.09
N MET A 175 -16.20 -2.80 -0.20
CA MET A 175 -15.39 -1.86 0.60
C MET A 175 -15.29 -0.46 -0.02
N VAL A 176 -15.59 -0.26 -1.31
CA VAL A 176 -15.28 0.99 -2.03
C VAL A 176 -15.88 2.21 -1.34
N LYS A 177 -17.12 2.11 -0.84
CA LYS A 177 -17.86 3.26 -0.31
C LYS A 177 -17.16 3.88 0.92
N THR A 178 -16.57 3.06 1.79
CA THR A 178 -15.99 3.53 3.07
C THR A 178 -14.57 4.05 2.88
N TYR A 179 -13.83 3.52 1.91
CA TYR A 179 -12.56 4.09 1.48
C TYR A 179 -12.82 5.43 0.77
N GLU A 180 -13.94 5.57 0.06
CA GLU A 180 -14.41 6.86 -0.47
C GLU A 180 -14.86 7.84 0.63
N LYS A 181 -14.92 7.39 1.91
CA LYS A 181 -15.15 8.27 3.08
C LYS A 181 -13.84 8.61 3.82
N LEU A 182 -12.72 8.01 3.42
CA LEU A 182 -11.36 8.32 3.90
C LEU A 182 -10.56 9.13 2.86
N THR A 183 -10.99 9.17 1.60
CA THR A 183 -10.41 10.10 0.59
C THR A 183 -10.96 11.52 0.73
N THR A 184 -12.14 11.66 1.35
CA THR A 184 -12.70 12.98 1.70
C THR A 184 -12.02 13.51 2.96
N PHE A 185 -11.46 12.62 3.81
CA PHE A 185 -10.60 13.06 4.91
C PHE A 185 -9.16 13.31 4.42
N ILE A 186 -8.67 12.54 3.44
CA ILE A 186 -7.33 12.71 2.84
C ILE A 186 -7.45 13.05 1.34
N PRO A 187 -7.73 14.32 0.99
CA PRO A 187 -7.73 14.76 -0.40
C PRO A 187 -6.33 14.58 -1.01
N LYS A 188 -6.31 14.39 -2.34
CA LYS A 188 -5.17 14.11 -3.26
C LYS A 188 -4.92 12.59 -3.44
N LEU A 189 -5.45 11.74 -2.55
CA LEU A 189 -5.50 10.27 -2.69
C LEU A 189 -6.61 9.94 -3.72
N THR A 190 -6.55 8.78 -4.41
CA THR A 190 -7.65 8.29 -5.20
C THR A 190 -7.92 6.86 -4.75
N ILE A 191 -8.65 6.13 -5.56
CA ILE A 191 -9.29 4.84 -5.23
C ILE A 191 -9.56 4.06 -6.52
N GLY A 192 -9.45 2.73 -6.46
CA GLY A 192 -9.88 1.83 -7.55
C GLY A 192 -10.74 0.67 -7.04
N GLU A 193 -11.56 0.12 -7.91
CA GLU A 193 -12.29 -1.11 -7.71
C GLU A 193 -11.36 -2.25 -8.10
N LEU A 194 -10.76 -2.82 -7.07
CA LEU A 194 -10.02 -4.06 -7.17
C LEU A 194 -10.99 -5.15 -7.67
N SER A 195 -10.65 -5.85 -8.74
CA SER A 195 -11.39 -7.00 -9.28
C SER A 195 -10.48 -7.78 -10.24
N ASP A 196 -10.94 -8.94 -10.75
CA ASP A 196 -10.18 -9.75 -11.70
C ASP A 196 -9.85 -9.04 -13.05
N ASP A 197 -10.32 -7.79 -13.24
CA ASP A 197 -9.91 -6.87 -14.31
C ASP A 197 -9.12 -5.69 -13.73
N SER A 198 -7.96 -5.39 -14.33
CA SER A 198 -6.99 -4.39 -13.84
C SER A 198 -7.30 -2.95 -14.31
N SER A 199 -8.12 -2.80 -15.36
CA SER A 199 -8.33 -1.55 -16.09
C SER A 199 -8.73 -0.40 -15.17
N ASN A 200 -9.65 -0.65 -14.24
CA ASN A 200 -10.14 0.38 -13.33
C ASN A 200 -9.01 1.00 -12.46
N VAL A 201 -7.96 0.24 -12.12
CA VAL A 201 -6.82 0.73 -11.33
C VAL A 201 -5.80 1.42 -12.22
N ALA A 202 -5.42 0.77 -13.33
CA ALA A 202 -4.47 1.29 -14.28
C ALA A 202 -4.93 2.63 -14.87
N GLN A 203 -6.24 2.85 -15.02
CA GLN A 203 -6.88 4.09 -15.53
C GLN A 203 -6.70 5.32 -14.64
N LEU A 204 -6.13 5.15 -13.44
CA LEU A 204 -5.86 6.23 -12.47
C LEU A 204 -4.37 6.45 -12.37
N ILE A 205 -3.57 5.38 -12.48
CA ILE A 205 -2.11 5.54 -12.50
C ILE A 205 -1.70 6.07 -13.87
N ARG A 206 -2.35 5.62 -14.95
CA ARG A 206 -2.11 6.21 -16.28
C ARG A 206 -2.73 7.61 -16.38
N ASN A 207 -3.86 7.88 -15.71
CA ASN A 207 -4.39 9.27 -15.73
C ASN A 207 -3.62 10.27 -14.85
N ALA A 208 -2.95 9.79 -13.78
CA ALA A 208 -2.01 10.60 -13.00
C ALA A 208 -0.71 10.85 -13.78
N TYR A 209 -0.27 9.87 -14.58
CA TYR A 209 0.88 10.00 -15.47
C TYR A 209 0.62 11.01 -16.60
N SER A 210 -0.55 10.97 -17.23
CA SER A 210 -0.92 11.89 -18.32
C SER A 210 -1.17 13.35 -17.86
N LYS A 211 -1.29 13.61 -16.55
CA LYS A 211 -1.38 14.97 -15.97
C LYS A 211 -0.02 15.71 -15.98
N LEU A 212 1.11 14.98 -16.01
CA LEU A 212 2.49 15.51 -16.00
C LEU A 212 2.89 16.22 -17.32
N ASP A 1 8.77 9.62 -21.84
CA ASP A 1 7.99 9.76 -20.57
C ASP A 1 8.92 9.89 -19.36
N ASN A 2 8.45 10.58 -18.31
CA ASN A 2 9.23 10.91 -17.11
C ASN A 2 9.30 9.77 -16.08
N SER A 3 10.27 9.85 -15.17
CA SER A 3 10.50 8.84 -14.13
C SER A 3 9.36 8.75 -13.11
N VAL A 4 8.90 7.50 -12.84
CA VAL A 4 7.90 7.20 -11.81
C VAL A 4 8.36 6.02 -10.97
N ASP A 5 7.94 6.04 -9.71
CA ASP A 5 8.18 5.04 -8.68
C ASP A 5 6.83 4.51 -8.16
N LEU A 6 6.53 3.23 -8.36
CA LEU A 6 5.29 2.59 -7.84
C LEU A 6 5.61 1.61 -6.70
N TYR A 7 4.97 1.78 -5.52
CA TYR A 7 4.99 0.83 -4.42
C TYR A 7 3.61 0.20 -4.24
N PHE A 8 3.57 -1.08 -4.54
CA PHE A 8 2.43 -1.97 -4.38
C PHE A 8 2.39 -2.61 -2.96
N LEU A 9 1.54 -2.08 -2.06
CA LEU A 9 1.26 -2.70 -0.75
C LEU A 9 -0.01 -3.57 -0.80
N MET A 10 0.14 -4.87 -0.57
CA MET A 10 -1.01 -5.81 -0.51
C MET A 10 -1.28 -6.48 0.85
N GLY A 11 -2.56 -6.68 1.16
CA GLY A 11 -3.04 -7.42 2.33
C GLY A 11 -2.98 -8.93 2.08
N LEU A 12 -2.28 -9.67 2.96
CA LEU A 12 -2.18 -11.15 2.97
C LEU A 12 -3.00 -11.75 4.12
N SER A 13 -4.21 -11.23 4.32
CA SER A 13 -5.22 -11.80 5.23
C SER A 13 -5.69 -13.18 4.76
N GLY A 14 -6.19 -14.03 5.68
CA GLY A 14 -6.87 -15.27 5.32
C GLY A 14 -8.14 -15.03 4.49
N SER A 15 -8.73 -13.84 4.61
CA SER A 15 -9.81 -13.35 3.74
C SER A 15 -9.36 -13.19 2.27
N ALA A 16 -8.05 -12.96 2.04
CA ALA A 16 -7.48 -12.58 0.75
C ALA A 16 -7.09 -13.75 -0.16
N GLN A 17 -7.18 -15.03 0.24
CA GLN A 17 -7.02 -16.12 -0.74
C GLN A 17 -8.29 -16.26 -1.60
N GLY A 18 -8.11 -16.54 -2.89
CA GLY A 18 -9.16 -16.48 -3.91
C GLY A 18 -9.05 -15.09 -4.57
N HIS A 19 -9.11 -14.04 -3.75
CA HIS A 19 -8.80 -12.66 -4.14
C HIS A 19 -7.30 -12.51 -4.52
N LEU A 20 -6.44 -13.42 -4.02
CA LEU A 20 -5.01 -13.51 -4.31
C LEU A 20 -4.74 -13.44 -5.82
N SER A 21 -5.46 -14.20 -6.63
CA SER A 21 -5.33 -14.14 -8.09
C SER A 21 -5.60 -12.72 -8.62
N ASN A 22 -6.68 -12.07 -8.17
CA ASN A 22 -7.02 -10.70 -8.57
C ASN A 22 -5.91 -9.72 -8.17
N VAL A 23 -5.37 -9.88 -6.95
CA VAL A 23 -4.27 -9.05 -6.42
C VAL A 23 -2.87 -9.51 -6.88
N GLN A 24 -2.78 -10.53 -7.75
CA GLN A 24 -1.56 -10.92 -8.46
C GLN A 24 -1.61 -10.39 -9.90
N THR A 25 -2.78 -10.50 -10.54
CA THR A 25 -3.13 -9.88 -11.83
C THR A 25 -2.86 -8.39 -11.75
N LEU A 26 -3.45 -7.71 -10.78
CA LEU A 26 -3.11 -6.34 -10.42
C LEU A 26 -1.89 -6.40 -9.52
N GLY A 27 -0.80 -6.42 -10.23
CA GLY A 27 0.58 -6.26 -9.80
C GLY A 27 1.47 -6.55 -10.98
N SER A 28 1.22 -7.70 -11.60
CA SER A 28 1.90 -8.17 -12.81
C SER A 28 1.44 -7.40 -14.06
N ASP A 29 0.14 -7.14 -14.20
CA ASP A 29 -0.40 -6.28 -15.26
C ASP A 29 -0.06 -4.81 -15.04
N LEU A 30 0.19 -4.39 -13.78
CA LEU A 30 0.62 -3.01 -13.51
C LEU A 30 2.03 -2.81 -14.03
N LEU A 31 2.98 -3.70 -13.71
CA LEU A 31 4.35 -3.68 -14.23
C LEU A 31 4.44 -3.48 -15.74
N LYS A 32 3.84 -4.41 -16.50
CA LYS A 32 4.03 -4.50 -17.95
C LYS A 32 3.40 -3.32 -18.71
N ALA A 33 2.27 -2.80 -18.22
CA ALA A 33 1.66 -1.57 -18.77
C ALA A 33 2.51 -0.34 -18.44
N LEU A 34 2.96 -0.22 -17.18
CA LEU A 34 3.82 0.86 -16.69
C LEU A 34 5.13 0.91 -17.48
N ASN A 35 5.78 -0.24 -17.68
CA ASN A 35 7.09 -0.37 -18.33
C ASN A 35 7.06 0.00 -19.84
N GLU A 36 5.86 -0.03 -20.45
CA GLU A 36 5.65 0.40 -21.83
C GLU A 36 5.30 1.90 -21.90
N ILE A 37 4.49 2.39 -20.96
CA ILE A 37 4.22 3.83 -20.77
C ILE A 37 5.51 4.60 -20.45
N SER A 38 6.34 4.08 -19.56
CA SER A 38 7.54 4.77 -19.06
C SER A 38 8.80 3.89 -19.07
N ARG A 39 9.91 4.47 -19.56
CA ARG A 39 11.24 3.86 -19.56
C ARG A 39 11.81 3.71 -18.14
N SER A 40 11.42 4.60 -17.22
CA SER A 40 11.94 4.68 -15.85
C SER A 40 10.76 4.56 -14.85
N GLY A 41 10.36 3.33 -14.57
CA GLY A 41 9.15 2.92 -13.85
C GLY A 41 9.55 1.88 -12.82
N ARG A 42 9.98 2.35 -11.65
CA ARG A 42 10.54 1.50 -10.61
C ARG A 42 9.38 0.85 -9.85
N ILE A 43 9.52 -0.42 -9.48
CA ILE A 43 8.51 -1.15 -8.72
C ILE A 43 9.11 -1.65 -7.40
N GLY A 44 8.37 -1.51 -6.30
CA GLY A 44 8.68 -2.14 -5.01
C GLY A 44 7.47 -2.82 -4.42
N PHE A 45 7.69 -3.90 -3.69
CA PHE A 45 6.61 -4.70 -3.12
C PHE A 45 6.40 -4.42 -1.62
N GLY A 46 5.27 -4.82 -1.03
CA GLY A 46 5.07 -4.81 0.43
C GLY A 46 3.86 -5.62 0.83
N SER A 47 3.88 -6.24 2.00
CA SER A 47 2.76 -7.03 2.50
C SER A 47 2.32 -6.65 3.92
N ILE A 48 1.02 -6.83 4.21
CA ILE A 48 0.39 -6.43 5.47
C ILE A 48 -0.73 -7.40 5.89
N VAL A 49 -1.00 -7.57 7.18
CA VAL A 49 -2.20 -8.29 7.69
C VAL A 49 -2.59 -7.76 9.09
N ASN A 50 -2.24 -8.47 10.17
CA ASN A 50 -2.32 -7.99 11.57
C ASN A 50 -1.03 -8.38 12.33
N MET A 51 -0.21 -9.27 11.72
CA MET A 51 1.20 -9.53 12.08
C MET A 51 1.96 -8.45 11.25
N THR A 52 1.41 -7.23 11.40
CA THR A 52 1.53 -5.94 10.72
C THR A 52 2.17 -5.96 9.35
N PHE A 53 3.32 -5.30 9.19
CA PHE A 53 3.95 -5.02 7.91
C PHE A 53 5.27 -5.77 7.72
N GLN A 54 5.47 -6.30 6.52
CA GLN A 54 6.73 -6.84 6.05
C GLN A 54 7.09 -6.12 4.75
N HIS A 55 8.27 -5.49 4.74
CA HIS A 55 8.87 -4.94 3.53
C HIS A 55 9.65 -6.05 2.78
N ILE A 56 9.22 -6.35 1.55
CA ILE A 56 9.89 -7.25 0.60
C ILE A 56 10.11 -6.47 -0.71
N LEU A 57 11.25 -6.67 -1.38
CA LEU A 57 11.75 -5.99 -2.58
C LEU A 57 11.54 -4.46 -2.66
N LYS A 58 12.57 -3.70 -2.25
CA LYS A 58 12.66 -2.25 -2.47
C LYS A 58 12.63 -1.87 -3.96
N LEU A 59 12.34 -0.59 -4.28
CA LEU A 59 12.07 -0.11 -5.64
C LEU A 59 13.21 -0.48 -6.61
N THR A 60 12.90 -1.17 -7.71
CA THR A 60 13.87 -1.60 -8.74
C THR A 60 13.25 -1.64 -10.14
N ALA A 61 14.09 -1.81 -11.16
CA ALA A 61 13.74 -1.87 -12.58
C ALA A 61 13.46 -3.30 -13.10
N ASP A 62 13.70 -4.32 -12.26
CA ASP A 62 13.57 -5.75 -12.58
C ASP A 62 12.15 -6.21 -12.23
N SER A 63 11.29 -5.88 -13.16
CA SER A 63 9.86 -6.16 -13.25
C SER A 63 9.60 -7.67 -13.35
N SER A 64 10.36 -8.36 -14.20
CA SER A 64 10.39 -9.82 -14.29
C SER A 64 10.73 -10.46 -12.93
N GLN A 65 11.42 -9.73 -12.05
CA GLN A 65 11.75 -10.25 -10.71
C GLN A 65 10.60 -10.00 -9.73
N PHE A 66 10.01 -8.79 -9.74
CA PHE A 66 8.80 -8.48 -8.96
C PHE A 66 7.67 -9.45 -9.29
N GLN A 67 7.59 -9.98 -10.51
CA GLN A 67 6.51 -10.88 -10.93
C GLN A 67 6.61 -12.17 -10.12
N ARG A 68 7.82 -12.74 -10.06
CA ARG A 68 8.11 -14.02 -9.43
C ARG A 68 7.86 -13.94 -7.94
N GLU A 69 8.08 -12.75 -7.37
CA GLU A 69 8.00 -12.56 -5.91
C GLU A 69 6.63 -12.07 -5.49
N LEU A 70 5.90 -11.43 -6.42
CA LEU A 70 4.49 -11.10 -6.20
C LEU A 70 3.69 -12.40 -6.27
N ARG A 71 3.87 -13.24 -7.30
CA ARG A 71 3.06 -14.47 -7.39
C ARG A 71 3.49 -15.59 -6.41
N LYS A 72 4.65 -15.45 -5.75
CA LYS A 72 5.05 -16.34 -4.64
C LYS A 72 4.35 -16.01 -3.30
N GLN A 73 3.82 -14.79 -3.12
CA GLN A 73 3.11 -14.43 -1.88
C GLN A 73 1.89 -15.33 -1.64
N LEU A 74 1.77 -15.85 -0.42
CA LEU A 74 0.59 -16.56 0.08
C LEU A 74 0.14 -15.97 1.43
N VAL A 75 -1.13 -16.20 1.78
CA VAL A 75 -1.81 -15.55 2.91
C VAL A 75 -1.52 -16.19 4.28
N SER A 76 -1.80 -15.44 5.34
CA SER A 76 -1.77 -15.89 6.73
C SER A 76 -3.22 -16.06 7.30
N GLY A 77 -3.53 -15.47 8.46
CA GLY A 77 -4.86 -15.50 9.09
C GLY A 77 -4.90 -14.85 10.47
N LYS A 78 -6.02 -14.22 10.82
CA LYS A 78 -6.33 -13.71 12.18
C LYS A 78 -7.85 -13.47 12.39
N LEU A 79 -8.28 -13.33 13.66
CA LEU A 79 -9.70 -13.33 14.07
C LEU A 79 -10.47 -12.06 13.68
N ALA A 80 -9.92 -10.87 13.96
CA ALA A 80 -10.57 -9.59 13.66
C ALA A 80 -10.64 -9.34 12.14
N THR A 81 -11.82 -8.94 11.64
CA THR A 81 -12.03 -8.70 10.20
C THR A 81 -11.36 -7.42 9.67
N PRO A 82 -11.29 -6.28 10.41
CA PRO A 82 -10.50 -5.13 9.99
C PRO A 82 -8.99 -5.43 10.11
N LYS A 83 -8.18 -4.77 9.26
CA LYS A 83 -6.73 -4.98 9.16
C LYS A 83 -5.90 -3.71 9.41
N GLY A 84 -4.59 -3.87 9.66
CA GLY A 84 -3.72 -2.77 10.11
C GLY A 84 -3.08 -1.94 8.98
N GLN A 85 -3.71 -1.81 7.82
CA GLN A 85 -3.12 -1.25 6.59
C GLN A 85 -2.37 0.07 6.79
N LEU A 86 -2.88 0.99 7.61
CA LEU A 86 -2.26 2.31 7.69
C LEU A 86 -0.97 2.34 8.52
N ASP A 87 -0.74 1.33 9.39
CA ASP A 87 0.57 1.15 10.04
C ASP A 87 1.62 0.88 8.96
N ALA A 88 1.27 0.06 7.94
CA ALA A 88 2.09 -0.09 6.75
C ALA A 88 2.14 1.22 5.96
N VAL A 89 1.00 1.81 5.57
CA VAL A 89 1.07 3.02 4.68
C VAL A 89 1.91 4.15 5.28
N VAL A 90 1.92 4.33 6.61
CA VAL A 90 2.83 5.29 7.23
C VAL A 90 4.29 4.85 7.10
N GLN A 91 4.65 3.62 7.49
CA GLN A 91 6.05 3.17 7.39
C GLN A 91 6.52 3.18 5.93
N VAL A 92 5.66 2.75 5.01
CA VAL A 92 5.89 2.79 3.56
C VAL A 92 6.22 4.20 3.06
N ALA A 93 5.59 5.24 3.63
CA ALA A 93 5.89 6.62 3.30
C ALA A 93 7.14 7.18 4.01
N ILE A 94 7.41 6.80 5.27
CA ILE A 94 8.51 7.39 6.08
C ILE A 94 9.87 6.71 5.80
N CYS A 95 9.89 5.42 5.43
CA CYS A 95 11.11 4.62 5.20
C CYS A 95 11.68 4.81 3.78
N LEU A 96 11.92 6.08 3.39
CA LEU A 96 12.39 6.45 2.05
C LEU A 96 13.70 5.74 1.66
N GLY A 97 14.56 5.50 2.65
CA GLY A 97 15.90 4.92 2.43
C GLY A 97 15.91 3.41 2.17
N GLU A 98 14.98 2.66 2.78
CA GLU A 98 14.88 1.20 2.63
C GLU A 98 13.86 0.79 1.56
N ILE A 99 12.86 1.62 1.26
CA ILE A 99 11.98 1.40 0.11
C ILE A 99 12.61 1.94 -1.18
N GLY A 100 13.50 2.91 -1.08
CA GLY A 100 14.31 3.40 -2.20
C GLY A 100 13.57 4.36 -3.12
N TRP A 101 12.53 5.04 -2.63
CA TRP A 101 11.82 6.10 -3.37
C TRP A 101 12.80 7.21 -3.79
N ARG A 102 12.87 7.54 -5.08
CA ARG A 102 13.61 8.70 -5.63
C ARG A 102 12.64 9.86 -5.98
N ASN A 103 13.17 11.05 -6.26
CA ASN A 103 12.39 12.27 -6.46
C ASN A 103 11.85 12.45 -7.90
N GLY A 104 11.13 11.45 -8.41
CA GLY A 104 10.34 11.51 -9.65
C GLY A 104 8.91 11.89 -9.30
N THR A 105 7.98 10.96 -9.51
CA THR A 105 6.57 10.95 -9.06
C THR A 105 6.39 9.61 -8.36
N ARG A 106 5.73 9.52 -7.18
CA ARG A 106 5.73 8.26 -6.43
C ARG A 106 4.31 7.85 -6.07
N PHE A 107 3.99 6.57 -6.22
CA PHE A 107 2.66 6.02 -6.09
C PHE A 107 2.59 4.88 -5.12
N LEU A 108 1.85 5.07 -4.03
CA LEU A 108 1.56 4.00 -3.10
C LEU A 108 0.21 3.39 -3.50
N VAL A 109 0.21 2.24 -4.14
CA VAL A 109 -1.03 1.51 -4.48
C VAL A 109 -1.36 0.62 -3.29
N LEU A 110 -2.56 0.77 -2.71
CA LEU A 110 -2.91 0.06 -1.48
C LEU A 110 -4.00 -0.92 -1.83
N VAL A 111 -3.82 -2.18 -1.46
CA VAL A 111 -4.79 -3.20 -1.80
C VAL A 111 -5.15 -4.08 -0.62
N THR A 112 -6.46 -4.22 -0.40
CA THR A 112 -7.06 -4.95 0.74
C THR A 112 -8.47 -5.43 0.37
N ASP A 113 -9.09 -6.27 1.22
CA ASP A 113 -10.45 -6.80 1.03
C ASP A 113 -11.42 -6.50 2.20
N ASN A 114 -10.97 -5.84 3.28
CA ASN A 114 -11.84 -5.40 4.37
C ASN A 114 -11.48 -3.99 4.89
N ASP A 115 -12.28 -3.47 5.83
CA ASP A 115 -12.02 -2.27 6.61
C ASP A 115 -10.71 -2.36 7.41
N PHE A 116 -10.43 -1.33 8.21
CA PHE A 116 -9.14 -1.14 8.86
C PHE A 116 -9.24 -0.67 10.31
N HIS A 117 -8.12 -0.83 11.00
CA HIS A 117 -7.89 -0.39 12.37
C HIS A 117 -7.57 1.12 12.42
N LEU A 118 -8.47 1.90 13.02
CA LEU A 118 -8.32 3.36 13.18
C LEU A 118 -7.43 3.67 14.40
N ALA A 119 -6.90 4.90 14.48
CA ALA A 119 -6.25 5.36 15.71
C ALA A 119 -7.22 5.22 16.90
N LYS A 120 -6.70 4.64 17.98
CA LYS A 120 -7.33 4.32 19.28
C LYS A 120 -7.95 2.91 19.36
N ASP A 121 -8.12 2.14 18.27
CA ASP A 121 -8.55 0.74 18.42
C ASP A 121 -7.51 -0.11 19.19
N LYS A 122 -6.23 0.28 19.13
CA LYS A 122 -5.11 -0.46 19.73
C LYS A 122 -5.17 -0.50 21.28
N THR A 123 -6.12 0.23 21.92
CA THR A 123 -6.43 0.09 23.36
C THR A 123 -7.03 -1.28 23.70
N LEU A 124 -7.64 -1.99 22.74
CA LEU A 124 -8.10 -3.37 22.95
C LEU A 124 -6.93 -4.34 23.17
N GLY A 125 -5.77 -4.09 22.53
CA GLY A 125 -4.49 -4.76 22.79
C GLY A 125 -3.67 -4.14 23.94
N THR A 126 -4.23 -3.14 24.63
CA THR A 126 -3.65 -2.33 25.73
C THR A 126 -2.35 -1.62 25.38
N ARG A 127 -2.28 -1.07 24.16
CA ARG A 127 -1.23 -0.15 23.68
C ARG A 127 -1.83 1.27 23.59
N GLN A 128 -1.40 2.17 24.48
CA GLN A 128 -1.99 3.53 24.59
C GLN A 128 -1.22 4.59 23.80
N ASN A 129 0.12 4.54 23.76
CA ASN A 129 0.92 5.57 23.10
C ASN A 129 0.58 5.71 21.61
N THR A 130 0.31 6.94 21.17
CA THR A 130 0.04 7.28 19.75
C THR A 130 1.28 7.03 18.89
N SER A 131 1.09 6.96 17.58
CA SER A 131 2.18 6.89 16.61
C SER A 131 2.98 8.21 16.55
N ASP A 132 4.30 8.10 16.42
CA ASP A 132 5.21 9.25 16.31
C ASP A 132 5.45 9.73 14.85
N GLY A 133 5.07 8.91 13.85
CA GLY A 133 5.30 9.20 12.43
C GLY A 133 6.76 9.04 12.00
N ARG A 134 7.55 8.20 12.72
CA ARG A 134 8.97 7.92 12.45
C ARG A 134 9.22 6.53 11.83
N CYS A 135 10.43 6.31 11.31
CA CYS A 135 10.90 4.98 10.88
C CYS A 135 11.01 4.02 12.07
N HIS A 136 10.56 2.77 11.87
CA HIS A 136 10.68 1.66 12.83
C HIS A 136 10.97 0.31 12.14
N LEU A 137 11.72 0.35 11.02
CA LEU A 137 12.14 -0.78 10.21
C LEU A 137 13.62 -1.12 10.49
N ASP A 138 13.97 -2.41 10.55
CA ASP A 138 15.36 -2.87 10.71
C ASP A 138 15.65 -4.19 9.97
N ASP A 139 15.03 -5.30 10.37
CA ASP A 139 15.16 -6.63 9.72
C ASP A 139 14.17 -6.86 8.55
N GLY A 140 13.37 -5.84 8.22
CA GLY A 140 12.31 -5.88 7.21
C GLY A 140 10.88 -5.90 7.80
N MET A 141 10.71 -6.13 9.10
CA MET A 141 9.43 -5.97 9.80
C MET A 141 9.30 -4.60 10.46
N TYR A 142 8.07 -4.07 10.55
CA TYR A 142 7.77 -2.88 11.35
C TYR A 142 7.78 -3.29 12.84
N ARG A 143 8.95 -3.19 13.51
CA ARG A 143 9.16 -3.70 14.88
C ARG A 143 8.15 -3.13 15.88
N SER A 144 7.87 -1.83 15.78
CA SER A 144 7.02 -1.10 16.74
C SER A 144 5.51 -1.37 16.57
N ARG A 145 5.08 -2.25 15.66
CA ARG A 145 3.70 -2.72 15.54
C ARG A 145 2.98 -3.06 16.87
N GLY A 146 3.75 -3.55 17.84
CA GLY A 146 3.30 -4.05 19.14
C GLY A 146 3.40 -3.06 20.31
N GLU A 147 3.73 -1.77 20.08
CA GLU A 147 3.76 -0.76 21.16
C GLU A 147 3.02 0.56 20.82
N PRO A 148 3.38 1.34 19.77
CA PRO A 148 2.53 2.44 19.32
C PRO A 148 1.24 1.97 18.63
N ASP A 149 0.18 2.77 18.83
CA ASP A 149 -1.13 2.73 18.16
C ASP A 149 -1.07 3.06 16.65
N TYR A 150 -2.16 2.77 15.93
CA TYR A 150 -2.34 3.20 14.54
C TYR A 150 -2.38 4.74 14.43
N GLN A 151 -2.03 5.24 13.25
CA GLN A 151 -1.92 6.64 12.94
C GLN A 151 -3.30 7.26 12.75
N SER A 152 -3.48 8.50 13.18
CA SER A 152 -4.72 9.24 12.91
C SER A 152 -4.78 9.66 11.44
N VAL A 153 -5.99 9.84 10.91
CA VAL A 153 -6.24 10.27 9.52
C VAL A 153 -5.47 11.53 9.10
N VAL A 154 -5.12 12.40 10.06
CA VAL A 154 -4.32 13.63 9.86
C VAL A 154 -2.82 13.33 9.82
N GLN A 155 -2.31 12.38 10.64
CA GLN A 155 -0.89 12.02 10.66
C GLN A 155 -0.46 11.34 9.36
N LEU A 156 -1.35 10.56 8.71
CA LEU A 156 -1.09 10.04 7.36
C LEU A 156 -1.00 11.20 6.35
N ALA A 157 -2.03 12.04 6.28
CA ALA A 157 -2.15 13.12 5.29
C ALA A 157 -0.98 14.11 5.35
N SER A 158 -0.46 14.37 6.55
CA SER A 158 0.78 15.13 6.75
C SER A 158 1.97 14.46 6.05
N LYS A 159 2.39 13.26 6.47
CA LYS A 159 3.59 12.64 5.90
C LYS A 159 3.44 12.22 4.43
N LEU A 160 2.24 11.91 3.93
CA LEU A 160 2.00 11.72 2.49
C LEU A 160 2.32 13.00 1.69
N ALA A 161 2.02 14.18 2.24
CA ALA A 161 2.35 15.48 1.61
C ALA A 161 3.80 15.93 1.82
N GLU A 162 4.47 15.52 2.90
CA GLU A 162 5.89 15.81 3.14
C GLU A 162 6.79 14.94 2.26
N ASN A 163 6.41 13.67 2.10
CA ASN A 163 7.10 12.69 1.24
C ASN A 163 6.61 12.76 -0.23
N ASN A 164 5.49 13.45 -0.48
CA ASN A 164 4.89 13.72 -1.80
C ASN A 164 4.56 12.43 -2.59
N ILE A 165 4.06 11.42 -1.88
CA ILE A 165 3.59 10.12 -2.41
C ILE A 165 2.10 10.21 -2.76
N GLN A 166 1.62 9.67 -3.88
CA GLN A 166 0.18 9.61 -4.17
C GLN A 166 -0.39 8.23 -3.76
N PRO A 167 -1.17 8.11 -2.68
CA PRO A 167 -1.86 6.86 -2.35
C PRO A 167 -3.06 6.57 -3.27
N ILE A 168 -3.36 5.30 -3.49
CA ILE A 168 -4.53 4.86 -4.28
C ILE A 168 -5.16 3.60 -3.64
N PHE A 169 -6.32 3.76 -2.98
CA PHE A 169 -7.01 2.68 -2.26
C PHE A 169 -7.74 1.70 -3.20
N VAL A 170 -7.00 0.98 -4.03
CA VAL A 170 -7.59 -0.13 -4.81
C VAL A 170 -8.19 -1.27 -3.92
N VAL A 171 -9.52 -1.44 -3.98
CA VAL A 171 -10.28 -2.34 -3.09
C VAL A 171 -11.57 -2.89 -3.75
N PRO A 172 -12.04 -4.10 -3.39
CA PRO A 172 -13.25 -4.72 -3.95
C PRO A 172 -14.52 -3.96 -3.60
N SER A 173 -15.55 -4.16 -4.44
CA SER A 173 -16.82 -3.42 -4.47
C SER A 173 -17.44 -3.18 -3.09
N ARG A 174 -17.59 -4.25 -2.27
CA ARG A 174 -18.28 -4.21 -0.97
C ARG A 174 -17.77 -3.12 -0.01
N MET A 175 -16.51 -2.71 -0.15
CA MET A 175 -15.83 -1.74 0.71
C MET A 175 -15.38 -0.44 0.00
N VAL A 176 -15.69 -0.25 -1.28
CA VAL A 176 -15.26 0.97 -2.03
C VAL A 176 -15.84 2.23 -1.37
N LYS A 177 -17.10 2.18 -0.91
CA LYS A 177 -17.83 3.38 -0.45
C LYS A 177 -17.26 4.01 0.84
N THR A 178 -16.61 3.20 1.68
CA THR A 178 -16.02 3.62 2.97
C THR A 178 -14.62 4.19 2.74
N TYR A 179 -13.85 3.62 1.81
CA TYR A 179 -12.54 4.14 1.42
C TYR A 179 -12.67 5.41 0.57
N GLU A 180 -13.77 5.59 -0.18
CA GLU A 180 -14.02 6.90 -0.81
C GLU A 180 -14.55 7.94 0.22
N LYS A 181 -14.73 7.54 1.49
CA LYS A 181 -14.99 8.49 2.58
C LYS A 181 -13.71 8.79 3.39
N LEU A 182 -12.62 8.04 3.14
CA LEU A 182 -11.25 8.32 3.62
C LEU A 182 -10.59 9.33 2.67
N THR A 183 -10.96 9.31 1.38
CA THR A 183 -10.41 10.20 0.34
C THR A 183 -11.00 11.61 0.37
N THR A 184 -11.99 11.82 1.25
CA THR A 184 -12.51 13.16 1.58
C THR A 184 -11.92 13.64 2.92
N PHE A 185 -11.38 12.71 3.74
CA PHE A 185 -10.60 13.11 4.93
C PHE A 185 -9.15 13.44 4.57
N ILE A 186 -8.50 12.61 3.75
CA ILE A 186 -7.14 12.84 3.23
C ILE A 186 -7.28 13.45 1.81
N PRO A 187 -6.80 14.68 1.55
CA PRO A 187 -6.81 15.26 0.21
C PRO A 187 -5.68 14.66 -0.65
N LYS A 188 -5.97 14.47 -1.95
CA LYS A 188 -5.08 14.12 -3.10
C LYS A 188 -5.12 12.63 -3.52
N LEU A 189 -5.52 11.72 -2.61
CA LEU A 189 -5.54 10.27 -2.92
C LEU A 189 -6.73 9.89 -3.81
N THR A 190 -6.77 8.66 -4.36
CA THR A 190 -7.88 8.18 -5.15
C THR A 190 -8.17 6.74 -4.73
N ILE A 191 -8.90 6.02 -5.53
CA ILE A 191 -9.52 4.73 -5.22
C ILE A 191 -9.83 3.91 -6.48
N GLY A 192 -9.53 2.61 -6.41
CA GLY A 192 -9.83 1.67 -7.49
C GLY A 192 -10.77 0.56 -7.04
N GLU A 193 -11.48 -0.05 -7.98
CA GLU A 193 -12.26 -1.26 -7.77
C GLU A 193 -11.39 -2.45 -8.19
N LEU A 194 -10.65 -2.95 -7.20
CA LEU A 194 -9.92 -4.22 -7.31
C LEU A 194 -10.90 -5.37 -7.63
N SER A 195 -10.62 -6.13 -8.68
CA SER A 195 -11.38 -7.33 -9.06
C SER A 195 -10.59 -8.16 -10.09
N ASP A 196 -11.24 -9.12 -10.76
CA ASP A 196 -10.67 -9.97 -11.81
C ASP A 196 -10.06 -9.19 -12.99
N ASP A 197 -10.46 -7.92 -13.19
CA ASP A 197 -9.88 -6.98 -14.15
C ASP A 197 -9.21 -5.78 -13.43
N SER A 198 -8.01 -5.44 -13.88
CA SER A 198 -7.17 -4.34 -13.38
C SER A 198 -7.40 -3.00 -14.11
N SER A 199 -8.26 -2.98 -15.13
CA SER A 199 -8.44 -1.87 -16.08
C SER A 199 -8.81 -0.57 -15.37
N ASN A 200 -9.71 -0.66 -14.39
CA ASN A 200 -10.15 0.49 -13.60
C ASN A 200 -8.97 1.13 -12.84
N VAL A 201 -8.10 0.33 -12.23
CA VAL A 201 -6.97 0.83 -11.40
C VAL A 201 -5.89 1.46 -12.28
N ALA A 202 -5.56 0.83 -13.41
CA ALA A 202 -4.57 1.38 -14.34
C ALA A 202 -5.05 2.69 -15.00
N GLN A 203 -6.36 2.99 -15.02
CA GLN A 203 -7.01 4.22 -15.52
C GLN A 203 -6.88 5.42 -14.57
N LEU A 204 -6.10 5.27 -13.50
CA LEU A 204 -5.85 6.26 -12.44
C LEU A 204 -4.35 6.50 -12.34
N ILE A 205 -3.56 5.42 -12.44
CA ILE A 205 -2.10 5.53 -12.51
C ILE A 205 -1.73 6.08 -13.88
N ARG A 206 -2.27 5.53 -14.97
CA ARG A 206 -2.00 6.05 -16.33
C ARG A 206 -2.49 7.49 -16.47
N ASN A 207 -3.65 7.84 -15.88
CA ASN A 207 -4.15 9.22 -16.04
C ASN A 207 -3.44 10.26 -15.14
N ALA A 208 -2.81 9.83 -14.03
CA ALA A 208 -1.95 10.69 -13.23
C ALA A 208 -0.58 10.95 -13.90
N TYR A 209 -0.10 10.03 -14.76
CA TYR A 209 1.07 10.27 -15.63
C TYR A 209 0.74 11.33 -16.68
N SER A 210 -0.43 11.22 -17.31
CA SER A 210 -0.92 12.19 -18.32
C SER A 210 -1.12 13.63 -17.78
N LYS A 211 -1.28 13.81 -16.46
CA LYS A 211 -1.54 15.12 -15.82
C LYS A 211 -0.26 16.00 -15.61
N LEU A 212 0.92 15.38 -15.68
CA LEU A 212 2.16 16.06 -15.45
C LEU A 212 2.62 16.93 -16.69
N ASP A 1 5.77 10.22 -20.05
CA ASP A 1 7.25 9.96 -20.06
C ASP A 1 7.98 10.28 -18.72
N ASN A 2 7.48 11.17 -17.85
CA ASN A 2 8.13 11.50 -16.56
C ASN A 2 8.37 10.26 -15.67
N SER A 3 9.45 10.30 -14.89
CA SER A 3 9.93 9.15 -14.11
C SER A 3 8.99 8.78 -12.94
N VAL A 4 8.55 7.52 -12.87
CA VAL A 4 7.52 7.02 -11.95
C VAL A 4 8.12 6.06 -10.94
N ASP A 5 7.70 6.19 -9.67
CA ASP A 5 7.96 5.23 -8.61
C ASP A 5 6.59 4.66 -8.20
N LEU A 6 6.22 3.48 -8.69
CA LEU A 6 4.98 2.81 -8.23
C LEU A 6 5.27 1.88 -7.04
N TYR A 7 4.50 2.05 -5.95
CA TYR A 7 4.55 1.14 -4.80
C TYR A 7 3.17 0.56 -4.50
N PHE A 8 3.06 -0.73 -4.78
CA PHE A 8 1.89 -1.59 -4.61
C PHE A 8 1.79 -2.21 -3.20
N LEU A 9 0.92 -1.65 -2.33
CA LEU A 9 0.53 -2.26 -1.05
C LEU A 9 -0.74 -3.10 -1.27
N MET A 10 -0.66 -4.40 -1.02
CA MET A 10 -1.88 -5.24 -0.97
C MET A 10 -2.14 -5.90 0.39
N GLY A 11 -3.43 -6.02 0.74
CA GLY A 11 -3.89 -6.81 1.88
C GLY A 11 -3.73 -8.31 1.61
N LEU A 12 -3.23 -9.06 2.59
CA LEU A 12 -2.91 -10.49 2.50
C LEU A 12 -3.88 -11.36 3.32
N SER A 13 -5.04 -10.86 3.74
CA SER A 13 -6.07 -11.68 4.41
C SER A 13 -6.70 -12.75 3.50
N GLY A 14 -7.50 -13.67 4.06
CA GLY A 14 -8.01 -14.85 3.34
C GLY A 14 -8.95 -14.52 2.18
N SER A 15 -9.58 -13.36 2.19
CA SER A 15 -10.36 -12.81 1.07
C SER A 15 -9.49 -12.53 -0.17
N ALA A 16 -8.19 -12.25 0.01
CA ALA A 16 -7.23 -11.97 -1.06
C ALA A 16 -6.73 -13.24 -1.80
N GLN A 17 -7.21 -14.44 -1.44
CA GLN A 17 -6.88 -15.67 -2.16
C GLN A 17 -7.37 -15.63 -3.61
N GLY A 18 -8.56 -15.06 -3.86
CA GLY A 18 -9.04 -14.77 -5.21
C GLY A 18 -8.20 -13.69 -5.90
N HIS A 19 -7.85 -12.63 -5.15
CA HIS A 19 -7.06 -11.49 -5.64
C HIS A 19 -5.65 -11.90 -6.14
N LEU A 20 -4.99 -12.83 -5.45
CA LEU A 20 -3.60 -13.22 -5.71
C LEU A 20 -3.40 -13.81 -7.11
N SER A 21 -4.27 -14.70 -7.58
CA SER A 21 -4.08 -15.43 -8.83
C SER A 21 -3.98 -14.52 -10.06
N ASN A 22 -4.81 -13.47 -10.13
CA ASN A 22 -4.68 -12.41 -11.15
C ASN A 22 -3.60 -11.37 -10.79
N VAL A 23 -3.23 -11.19 -9.52
CA VAL A 23 -2.11 -10.31 -9.11
C VAL A 23 -0.75 -10.84 -9.60
N GLN A 24 -0.53 -12.16 -9.62
CA GLN A 24 0.78 -12.70 -10.05
C GLN A 24 0.96 -12.59 -11.58
N THR A 25 -0.11 -12.82 -12.37
CA THR A 25 -0.08 -12.62 -13.83
C THR A 25 -0.05 -11.15 -14.18
N LEU A 26 -0.67 -10.29 -13.36
CA LEU A 26 -0.57 -8.84 -13.43
C LEU A 26 0.78 -8.34 -12.87
N GLY A 27 1.67 -9.21 -12.42
CA GLY A 27 2.89 -8.77 -11.69
C GLY A 27 3.96 -8.38 -12.70
N SER A 28 4.08 -9.26 -13.68
CA SER A 28 4.85 -9.11 -14.89
C SER A 28 4.11 -8.19 -15.87
N ASP A 29 2.78 -8.21 -15.89
CA ASP A 29 2.05 -7.33 -16.83
C ASP A 29 1.98 -5.88 -16.32
N LEU A 30 1.90 -5.65 -15.00
CA LEU A 30 1.84 -4.28 -14.44
C LEU A 30 3.17 -3.57 -14.71
N LEU A 31 4.25 -4.24 -14.33
CA LEU A 31 5.61 -3.73 -14.45
C LEU A 31 5.96 -3.43 -15.92
N LYS A 32 5.67 -4.37 -16.82
CA LYS A 32 5.95 -4.21 -18.24
C LYS A 32 5.10 -3.09 -18.86
N ALA A 33 3.81 -3.01 -18.54
CA ALA A 33 2.93 -1.94 -19.02
C ALA A 33 3.35 -0.55 -18.50
N LEU A 34 3.80 -0.43 -17.24
CA LEU A 34 4.40 0.80 -16.74
C LEU A 34 5.67 1.17 -17.53
N ASN A 35 6.51 0.18 -17.84
CA ASN A 35 7.74 0.36 -18.61
C ASN A 35 7.48 0.70 -20.10
N GLU A 36 6.24 0.60 -20.57
CA GLU A 36 5.81 1.06 -21.90
C GLU A 36 5.45 2.56 -21.88
N ILE A 37 4.70 3.02 -20.87
CA ILE A 37 4.32 4.45 -20.72
C ILE A 37 5.45 5.31 -20.11
N SER A 38 6.39 4.71 -19.36
CA SER A 38 7.54 5.42 -18.81
C SER A 38 8.84 4.61 -18.88
N ARG A 39 9.91 5.23 -19.42
CA ARG A 39 11.25 4.64 -19.50
C ARG A 39 11.86 4.39 -18.11
N SER A 40 11.51 5.22 -17.12
CA SER A 40 11.94 5.12 -15.72
C SER A 40 10.72 4.88 -14.82
N GLY A 41 10.39 3.60 -14.58
CA GLY A 41 9.16 3.12 -13.93
C GLY A 41 9.54 2.10 -12.88
N ARG A 42 9.94 2.59 -11.71
CA ARG A 42 10.53 1.82 -10.63
C ARG A 42 9.40 1.14 -9.87
N ILE A 43 9.55 -0.14 -9.55
CA ILE A 43 8.48 -0.95 -8.97
C ILE A 43 8.88 -1.50 -7.59
N GLY A 44 7.93 -1.56 -6.65
CA GLY A 44 8.12 -2.07 -5.29
C GLY A 44 6.80 -2.56 -4.69
N PHE A 45 6.89 -3.40 -3.66
CA PHE A 45 5.73 -4.12 -3.12
C PHE A 45 5.82 -4.32 -1.60
N GLY A 46 4.67 -4.22 -0.92
CA GLY A 46 4.55 -4.54 0.48
C GLY A 46 3.29 -5.33 0.75
N SER A 47 3.40 -6.27 1.66
CA SER A 47 2.31 -7.14 2.07
C SER A 47 1.85 -6.79 3.48
N ILE A 48 0.54 -6.87 3.75
CA ILE A 48 0.01 -6.47 5.06
C ILE A 48 -1.29 -7.19 5.47
N VAL A 49 -1.35 -7.59 6.74
CA VAL A 49 -2.52 -8.15 7.46
C VAL A 49 -2.47 -7.55 8.88
N ASN A 50 -2.72 -8.32 9.96
CA ASN A 50 -2.44 -7.86 11.34
C ASN A 50 -1.10 -8.39 11.86
N MET A 51 -0.40 -9.19 11.03
CA MET A 51 1.04 -9.52 11.18
C MET A 51 1.73 -8.32 10.45
N THR A 52 1.14 -7.13 10.71
CA THR A 52 1.23 -5.80 10.10
C THR A 52 1.88 -5.78 8.76
N PHE A 53 3.04 -5.16 8.64
CA PHE A 53 3.71 -4.84 7.38
C PHE A 53 4.98 -5.64 7.20
N GLN A 54 5.10 -6.25 6.03
CA GLN A 54 6.33 -6.87 5.55
C GLN A 54 6.69 -6.22 4.21
N HIS A 55 7.84 -5.58 4.17
CA HIS A 55 8.43 -5.08 2.94
C HIS A 55 9.16 -6.22 2.20
N ILE A 56 8.69 -6.57 1.00
CA ILE A 56 9.28 -7.66 0.22
C ILE A 56 10.39 -7.15 -0.69
N LEU A 57 10.17 -6.01 -1.39
CA LEU A 57 11.10 -5.52 -2.41
C LEU A 57 11.07 -3.99 -2.55
N LYS A 58 12.25 -3.38 -2.39
CA LYS A 58 12.56 -1.98 -2.67
C LYS A 58 12.20 -1.57 -4.12
N LEU A 59 11.83 -0.29 -4.33
CA LEU A 59 11.67 0.33 -5.64
C LEU A 59 12.90 0.09 -6.51
N THR A 60 12.74 -0.70 -7.58
CA THR A 60 13.83 -1.14 -8.45
C THR A 60 13.47 -1.07 -9.93
N ALA A 61 14.50 -1.01 -10.75
CA ALA A 61 14.46 -1.15 -12.21
C ALA A 61 14.67 -2.62 -12.66
N ASP A 62 14.97 -3.52 -11.72
CA ASP A 62 15.23 -4.94 -11.94
C ASP A 62 13.90 -5.71 -11.92
N SER A 63 13.31 -5.57 -13.09
CA SER A 63 11.96 -5.94 -13.55
C SER A 63 11.80 -7.45 -13.53
N SER A 64 12.85 -8.14 -13.96
CA SER A 64 12.97 -9.59 -13.94
C SER A 64 12.97 -10.13 -12.50
N GLN A 65 13.21 -9.30 -11.46
CA GLN A 65 13.19 -9.82 -10.06
C GLN A 65 11.93 -9.51 -9.24
N PHE A 66 11.23 -8.40 -9.48
CA PHE A 66 9.90 -8.16 -8.88
C PHE A 66 8.90 -9.29 -9.25
N GLN A 67 9.13 -9.97 -10.37
CA GLN A 67 8.30 -11.08 -10.86
C GLN A 67 8.56 -12.38 -10.07
N ARG A 68 9.77 -12.52 -9.52
CA ARG A 68 10.18 -13.65 -8.68
C ARG A 68 9.61 -13.48 -7.28
N GLU A 69 9.42 -12.21 -6.87
CA GLU A 69 9.01 -11.87 -5.51
C GLU A 69 7.48 -11.84 -5.43
N LEU A 70 6.81 -11.43 -6.51
CA LEU A 70 5.35 -11.39 -6.52
C LEU A 70 4.72 -12.75 -6.80
N ARG A 71 5.47 -13.71 -7.36
CA ARG A 71 4.97 -15.10 -7.47
C ARG A 71 5.15 -15.93 -6.18
N LYS A 72 6.09 -15.56 -5.30
CA LYS A 72 6.31 -16.21 -4.00
C LYS A 72 5.22 -15.92 -2.94
N GLN A 73 4.42 -14.86 -3.12
CA GLN A 73 3.51 -14.37 -2.08
C GLN A 73 2.41 -15.40 -1.72
N LEU A 74 1.96 -15.36 -0.47
CA LEU A 74 1.00 -16.30 0.13
C LEU A 74 0.12 -15.54 1.14
N VAL A 75 -1.20 -15.71 1.10
CA VAL A 75 -2.14 -15.09 2.07
C VAL A 75 -2.01 -15.67 3.50
N SER A 76 -2.60 -14.97 4.46
CA SER A 76 -2.75 -15.33 5.88
C SER A 76 -4.22 -15.13 6.34
N GLY A 77 -4.53 -15.32 7.64
CA GLY A 77 -5.87 -15.13 8.20
C GLY A 77 -5.90 -14.40 9.56
N LYS A 78 -7.10 -13.96 9.97
CA LYS A 78 -7.37 -13.33 11.27
C LYS A 78 -8.84 -13.48 11.73
N LEU A 79 -9.06 -13.41 13.05
CA LEU A 79 -10.35 -13.29 13.73
C LEU A 79 -11.13 -12.05 13.24
N ALA A 80 -10.62 -10.84 13.49
CA ALA A 80 -11.31 -9.58 13.23
C ALA A 80 -11.36 -9.19 11.75
N THR A 81 -12.48 -8.56 11.34
CA THR A 81 -12.73 -8.09 9.97
C THR A 81 -11.87 -6.88 9.58
N PRO A 82 -11.70 -5.82 10.41
CA PRO A 82 -10.83 -4.70 10.04
C PRO A 82 -9.35 -5.08 10.03
N LYS A 83 -8.60 -4.54 9.06
CA LYS A 83 -7.14 -4.74 8.88
C LYS A 83 -6.31 -3.64 9.57
N GLY A 84 -4.98 -3.76 9.45
CA GLY A 84 -3.99 -2.80 9.99
C GLY A 84 -3.25 -1.97 8.93
N GLN A 85 -3.82 -1.78 7.74
CA GLN A 85 -3.08 -1.20 6.59
C GLN A 85 -2.57 0.24 6.67
N LEU A 86 -3.18 1.18 7.40
CA LEU A 86 -2.59 2.53 7.47
C LEU A 86 -1.25 2.55 8.22
N ASP A 87 -0.95 1.56 9.06
CA ASP A 87 0.41 1.41 9.62
C ASP A 87 1.44 1.10 8.52
N ALA A 88 1.06 0.33 7.49
CA ALA A 88 1.91 0.21 6.30
C ALA A 88 1.93 1.53 5.53
N VAL A 89 0.79 2.22 5.35
CA VAL A 89 0.80 3.49 4.59
C VAL A 89 1.67 4.58 5.25
N VAL A 90 1.75 4.61 6.59
CA VAL A 90 2.75 5.47 7.25
C VAL A 90 4.14 4.88 6.98
N GLN A 91 4.46 3.64 7.34
CA GLN A 91 5.83 3.10 7.16
C GLN A 91 6.35 3.27 5.73
N VAL A 92 5.63 2.83 4.71
CA VAL A 92 6.06 2.99 3.31
C VAL A 92 6.38 4.46 2.97
N ALA A 93 5.55 5.42 3.42
CA ALA A 93 5.76 6.83 3.12
C ALA A 93 6.95 7.47 3.89
N ILE A 94 7.43 6.87 4.99
CA ILE A 94 8.52 7.43 5.83
C ILE A 94 9.86 6.71 5.65
N CYS A 95 9.86 5.41 5.33
CA CYS A 95 11.04 4.56 5.20
C CYS A 95 11.75 4.79 3.85
N LEU A 96 12.12 6.05 3.57
CA LEU A 96 12.63 6.57 2.30
C LEU A 96 13.80 5.74 1.78
N GLY A 97 14.71 5.39 2.69
CA GLY A 97 15.95 4.65 2.39
C GLY A 97 15.77 3.14 2.22
N GLU A 98 14.64 2.60 2.68
CA GLU A 98 14.24 1.21 2.50
C GLU A 98 13.40 1.06 1.22
N ILE A 99 12.32 1.83 1.11
CA ILE A 99 11.41 1.78 -0.04
C ILE A 99 12.11 2.24 -1.30
N GLY A 100 13.06 3.18 -1.21
CA GLY A 100 13.90 3.64 -2.32
C GLY A 100 13.29 4.81 -3.10
N TRP A 101 12.42 5.61 -2.47
CA TRP A 101 11.74 6.75 -3.09
C TRP A 101 12.75 7.76 -3.69
N ARG A 102 12.59 8.05 -4.98
CA ARG A 102 13.34 9.02 -5.79
C ARG A 102 12.55 10.34 -5.90
N ASN A 103 13.04 11.33 -6.64
CA ASN A 103 12.41 12.65 -6.83
C ASN A 103 11.63 12.81 -8.17
N GLY A 104 10.92 11.77 -8.63
CA GLY A 104 9.98 11.84 -9.76
C GLY A 104 8.56 12.07 -9.23
N THR A 105 7.65 11.15 -9.59
CA THR A 105 6.28 11.04 -9.03
C THR A 105 6.20 9.74 -8.24
N ARG A 106 5.48 9.70 -7.12
CA ARG A 106 5.56 8.58 -6.18
C ARG A 106 4.17 8.11 -5.80
N PHE A 107 3.86 6.84 -6.08
CA PHE A 107 2.50 6.32 -6.00
C PHE A 107 2.34 5.17 -5.03
N LEU A 108 1.72 5.45 -3.89
CA LEU A 108 1.33 4.41 -2.96
C LEU A 108 -0.07 3.91 -3.34
N VAL A 109 -0.13 2.78 -4.04
CA VAL A 109 -1.39 2.10 -4.32
C VAL A 109 -1.75 1.29 -3.08
N LEU A 110 -2.96 1.44 -2.55
CA LEU A 110 -3.44 0.60 -1.46
C LEU A 110 -4.54 -0.29 -2.01
N VAL A 111 -4.48 -1.60 -1.72
CA VAL A 111 -5.58 -2.54 -1.99
C VAL A 111 -6.05 -3.18 -0.67
N THR A 112 -7.34 -3.00 -0.37
CA THR A 112 -8.08 -3.69 0.71
C THR A 112 -9.47 -4.10 0.24
N ASP A 113 -10.18 -4.94 1.01
CA ASP A 113 -11.60 -5.26 0.77
C ASP A 113 -12.49 -5.34 2.04
N ASN A 114 -11.92 -5.06 3.22
CA ASN A 114 -12.62 -4.94 4.50
C ASN A 114 -11.99 -3.81 5.35
N ASP A 115 -12.75 -3.33 6.35
CA ASP A 115 -12.53 -2.12 7.18
C ASP A 115 -11.11 -1.89 7.73
N PHE A 116 -10.88 -0.73 8.36
CA PHE A 116 -9.60 -0.38 8.96
C PHE A 116 -9.73 0.10 10.42
N HIS A 117 -8.81 -0.37 11.27
CA HIS A 117 -8.64 0.09 12.65
C HIS A 117 -7.85 1.44 12.73
N LEU A 118 -8.50 2.61 12.60
CA LEU A 118 -7.80 3.90 12.78
C LEU A 118 -7.47 4.21 14.26
N ALA A 119 -6.74 5.31 14.50
CA ALA A 119 -6.13 5.66 15.79
C ALA A 119 -6.99 5.40 17.05
N LYS A 120 -6.31 4.81 18.04
CA LYS A 120 -6.74 4.37 19.38
C LYS A 120 -7.58 3.08 19.40
N ASP A 121 -7.90 2.48 18.24
CA ASP A 121 -8.51 1.14 18.17
C ASP A 121 -7.58 0.03 18.68
N LYS A 122 -6.25 0.24 18.73
CA LYS A 122 -5.32 -0.70 19.36
C LYS A 122 -5.43 -0.78 20.90
N THR A 123 -6.21 0.08 21.56
CA THR A 123 -6.44 0.01 23.03
C THR A 123 -7.25 -1.23 23.45
N LEU A 124 -7.91 -1.93 22.50
CA LEU A 124 -8.52 -3.26 22.75
C LEU A 124 -7.45 -4.33 23.08
N GLY A 125 -6.18 -4.10 22.69
CA GLY A 125 -5.01 -4.90 23.09
C GLY A 125 -4.36 -4.34 24.37
N THR A 126 -3.04 -4.10 24.32
CA THR A 126 -2.23 -3.50 25.39
C THR A 126 -1.24 -2.48 24.80
N ARG A 127 -1.80 -1.55 24.01
CA ARG A 127 -1.09 -0.60 23.13
C ARG A 127 -1.65 0.81 23.29
N GLN A 128 -1.12 1.59 24.25
CA GLN A 128 -1.60 2.94 24.57
C GLN A 128 -0.71 4.08 24.03
N ASN A 129 0.55 3.81 23.66
CA ASN A 129 1.42 4.81 23.03
C ASN A 129 0.92 5.15 21.60
N THR A 130 0.77 6.44 21.26
CA THR A 130 0.42 6.87 19.88
C THR A 130 1.59 6.63 18.92
N SER A 131 1.31 6.61 17.62
CA SER A 131 2.36 6.61 16.58
C SER A 131 3.22 7.87 16.64
N ASP A 132 4.55 7.73 16.56
CA ASP A 132 5.49 8.86 16.47
C ASP A 132 5.74 9.34 15.02
N GLY A 133 5.31 8.56 14.02
CA GLY A 133 5.48 8.85 12.60
C GLY A 133 6.91 8.64 12.08
N ARG A 134 7.72 7.80 12.73
CA ARG A 134 9.09 7.44 12.31
C ARG A 134 9.15 6.04 11.66
N CYS A 135 10.26 5.76 10.97
CA CYS A 135 10.65 4.43 10.47
C CYS A 135 10.95 3.50 11.67
N HIS A 136 10.32 2.33 11.71
CA HIS A 136 10.54 1.28 12.71
C HIS A 136 10.80 -0.08 12.02
N LEU A 137 11.81 -0.08 11.14
CA LEU A 137 12.12 -1.17 10.22
C LEU A 137 13.63 -1.43 10.21
N ASP A 138 14.01 -2.68 10.49
CA ASP A 138 15.40 -3.18 10.35
C ASP A 138 15.45 -4.45 9.48
N ASP A 139 14.74 -5.52 9.87
CA ASP A 139 14.78 -6.83 9.22
C ASP A 139 13.90 -6.96 7.95
N GLY A 140 12.89 -6.09 7.81
CA GLY A 140 11.85 -6.17 6.78
C GLY A 140 10.41 -6.26 7.33
N MET A 141 10.23 -6.42 8.64
CA MET A 141 8.93 -6.32 9.34
C MET A 141 8.84 -5.05 10.18
N TYR A 142 7.68 -4.40 10.23
CA TYR A 142 7.38 -3.28 11.12
C TYR A 142 7.35 -3.75 12.60
N ARG A 143 8.51 -3.84 13.25
CA ARG A 143 8.64 -4.49 14.56
C ARG A 143 8.05 -3.72 15.75
N SER A 144 7.75 -2.42 15.60
CA SER A 144 6.99 -1.69 16.63
C SER A 144 5.47 -1.97 16.59
N ARG A 145 4.96 -2.74 15.61
CA ARG A 145 3.54 -3.11 15.47
C ARG A 145 2.82 -3.50 16.78
N GLY A 146 3.54 -4.15 17.70
CA GLY A 146 3.03 -4.70 18.96
C GLY A 146 3.00 -3.71 20.13
N GLU A 147 3.53 -2.48 19.97
CA GLU A 147 3.58 -1.47 21.05
C GLU A 147 2.83 -0.17 20.66
N PRO A 148 3.29 0.70 19.73
CA PRO A 148 2.49 1.83 19.25
C PRO A 148 1.17 1.44 18.57
N ASP A 149 0.20 2.33 18.76
CA ASP A 149 -1.11 2.45 18.14
C ASP A 149 -1.06 2.69 16.62
N TYR A 150 -2.22 2.71 15.95
CA TYR A 150 -2.37 3.07 14.55
C TYR A 150 -2.23 4.57 14.32
N GLN A 151 -1.66 4.96 13.17
CA GLN A 151 -1.44 6.38 12.86
C GLN A 151 -2.77 7.11 12.63
N SER A 152 -2.94 8.28 13.27
CA SER A 152 -4.02 9.23 13.03
C SER A 152 -4.02 9.83 11.62
N VAL A 153 -5.20 10.03 11.02
CA VAL A 153 -5.36 10.48 9.62
C VAL A 153 -4.76 11.88 9.38
N VAL A 154 -4.71 12.75 10.40
CA VAL A 154 -4.01 14.05 10.32
C VAL A 154 -2.50 13.89 10.12
N GLN A 155 -1.86 12.97 10.86
CA GLN A 155 -0.43 12.72 10.72
C GLN A 155 -0.10 11.91 9.46
N LEU A 156 -1.06 11.18 8.89
CA LEU A 156 -0.86 10.60 7.55
C LEU A 156 -0.78 11.74 6.53
N ALA A 157 -1.74 12.67 6.55
CA ALA A 157 -1.77 13.81 5.63
C ALA A 157 -0.48 14.65 5.68
N SER A 158 0.08 14.90 6.86
CA SER A 158 1.34 15.66 6.98
C SER A 158 2.55 14.88 6.44
N LYS A 159 2.77 13.62 6.85
CA LYS A 159 3.94 12.86 6.39
C LYS A 159 3.86 12.50 4.88
N LEU A 160 2.68 12.17 4.35
CA LEU A 160 2.51 11.88 2.92
C LEU A 160 2.74 13.14 2.07
N ALA A 161 2.36 14.33 2.55
CA ALA A 161 2.67 15.61 1.91
C ALA A 161 4.13 16.06 2.09
N GLU A 162 4.79 15.67 3.19
CA GLU A 162 6.20 15.97 3.48
C GLU A 162 7.11 15.24 2.48
N ASN A 163 6.87 13.93 2.31
CA ASN A 163 7.61 13.10 1.36
C ASN A 163 6.96 13.04 -0.04
N ASN A 164 5.82 13.74 -0.23
CA ASN A 164 5.10 13.90 -1.51
C ASN A 164 4.91 12.57 -2.25
N ILE A 165 4.23 11.67 -1.55
CA ILE A 165 3.70 10.39 -2.07
C ILE A 165 2.25 10.70 -2.44
N GLN A 166 1.70 10.39 -3.63
CA GLN A 166 0.24 10.52 -3.77
C GLN A 166 -0.39 9.13 -3.60
N PRO A 167 -1.11 8.90 -2.49
CA PRO A 167 -1.84 7.65 -2.20
C PRO A 167 -3.08 7.44 -3.08
N ILE A 168 -3.35 6.17 -3.42
CA ILE A 168 -4.51 5.71 -4.20
C ILE A 168 -5.24 4.59 -3.43
N PHE A 169 -6.33 4.89 -2.70
CA PHE A 169 -7.08 3.83 -2.02
C PHE A 169 -7.96 3.07 -3.02
N VAL A 170 -7.37 2.12 -3.73
CA VAL A 170 -8.12 1.14 -4.56
C VAL A 170 -8.86 0.11 -3.65
N VAL A 171 -10.19 -0.05 -3.85
CA VAL A 171 -11.05 -0.82 -2.90
C VAL A 171 -12.40 -1.23 -3.51
N PRO A 172 -12.95 -2.44 -3.24
CA PRO A 172 -14.26 -2.90 -3.69
C PRO A 172 -15.47 -2.12 -3.18
N SER A 173 -16.57 -2.22 -3.93
CA SER A 173 -17.79 -1.43 -3.80
C SER A 173 -18.47 -1.46 -2.42
N ARG A 174 -18.33 -2.54 -1.63
CA ARG A 174 -18.84 -2.58 -0.24
C ARG A 174 -18.29 -1.44 0.64
N MET A 175 -17.03 -1.06 0.42
CA MET A 175 -16.27 -0.14 1.31
C MET A 175 -15.84 1.20 0.68
N VAL A 176 -16.05 1.42 -0.62
CA VAL A 176 -15.67 2.67 -1.33
C VAL A 176 -16.28 3.90 -0.62
N LYS A 177 -17.47 3.75 -0.02
CA LYS A 177 -18.24 4.83 0.62
C LYS A 177 -17.50 5.50 1.80
N THR A 178 -16.73 4.71 2.55
CA THR A 178 -16.07 5.16 3.81
C THR A 178 -14.66 5.65 3.51
N TYR A 179 -13.96 4.96 2.62
CA TYR A 179 -12.63 5.32 2.17
C TYR A 179 -12.69 6.60 1.32
N GLU A 180 -13.75 6.83 0.52
CA GLU A 180 -13.98 8.13 -0.14
C GLU A 180 -14.34 9.25 0.84
N LYS A 181 -14.56 8.92 2.13
CA LYS A 181 -14.69 9.94 3.19
C LYS A 181 -13.37 10.11 3.97
N LEU A 182 -12.43 9.17 3.87
CA LEU A 182 -11.05 9.30 4.37
C LEU A 182 -10.22 10.13 3.39
N THR A 183 -10.63 10.22 2.11
CA THR A 183 -10.00 11.11 1.11
C THR A 183 -10.45 12.56 1.23
N THR A 184 -11.58 12.82 1.91
CA THR A 184 -11.94 14.20 2.27
C THR A 184 -11.18 14.63 3.53
N PHE A 185 -10.64 13.66 4.29
CA PHE A 185 -9.69 13.94 5.38
C PHE A 185 -8.23 13.93 4.87
N ILE A 186 -7.90 13.21 3.77
CA ILE A 186 -6.58 13.25 3.10
C ILE A 186 -6.73 13.91 1.70
N PRO A 187 -6.66 15.25 1.57
CA PRO A 187 -6.72 15.92 0.26
C PRO A 187 -5.56 15.46 -0.64
N LYS A 188 -5.90 15.21 -1.92
CA LYS A 188 -5.07 14.72 -3.04
C LYS A 188 -4.99 13.18 -3.15
N LEU A 189 -5.56 12.43 -2.20
CA LEU A 189 -5.76 10.97 -2.27
C LEU A 189 -6.90 10.69 -3.28
N THR A 190 -6.79 9.66 -4.15
CA THR A 190 -7.88 9.24 -5.03
C THR A 190 -8.26 7.82 -4.63
N ILE A 191 -8.98 7.15 -5.49
CA ILE A 191 -9.68 5.87 -5.22
C ILE A 191 -10.09 5.21 -6.53
N GLY A 192 -10.20 3.89 -6.47
CA GLY A 192 -10.81 3.12 -7.56
C GLY A 192 -11.68 1.99 -7.02
N GLU A 193 -12.82 1.76 -7.68
CA GLU A 193 -13.76 0.67 -7.37
C GLU A 193 -13.22 -0.62 -7.99
N LEU A 194 -12.29 -1.21 -7.24
CA LEU A 194 -11.74 -2.54 -7.45
C LEU A 194 -12.86 -3.58 -7.62
N SER A 195 -12.64 -4.60 -8.44
CA SER A 195 -13.55 -5.75 -8.50
C SER A 195 -13.32 -6.70 -7.31
N ASP A 196 -14.29 -7.58 -7.03
CA ASP A 196 -14.14 -8.66 -6.02
C ASP A 196 -13.07 -9.70 -6.40
N ASP A 197 -12.72 -9.78 -7.69
CA ASP A 197 -11.60 -10.57 -8.22
C ASP A 197 -10.27 -9.78 -8.24
N SER A 198 -10.31 -8.48 -8.55
CA SER A 198 -9.24 -7.44 -8.45
C SER A 198 -8.49 -7.12 -9.76
N SER A 199 -8.72 -7.88 -10.83
CA SER A 199 -8.14 -7.70 -12.19
C SER A 199 -8.45 -6.36 -12.85
N ASN A 200 -9.41 -5.62 -12.30
CA ASN A 200 -9.63 -4.24 -12.69
C ASN A 200 -8.42 -3.34 -12.32
N VAL A 201 -7.67 -3.64 -11.24
CA VAL A 201 -6.64 -2.77 -10.61
C VAL A 201 -5.68 -2.03 -11.56
N ALA A 202 -5.17 -2.66 -12.63
CA ALA A 202 -4.26 -1.99 -13.58
C ALA A 202 -4.90 -0.80 -14.28
N GLN A 203 -6.20 -0.88 -14.61
CA GLN A 203 -6.87 0.28 -15.26
C GLN A 203 -7.39 1.34 -14.26
N LEU A 204 -6.84 1.31 -13.05
CA LEU A 204 -7.00 2.27 -11.94
C LEU A 204 -5.62 2.84 -11.59
N ILE A 205 -4.57 2.00 -11.65
CA ILE A 205 -3.16 2.43 -11.55
C ILE A 205 -2.91 3.38 -12.71
N ARG A 206 -3.24 2.91 -13.92
CA ARG A 206 -3.05 3.71 -15.13
C ARG A 206 -3.89 4.98 -15.05
N ASN A 207 -5.14 4.88 -14.56
CA ASN A 207 -6.07 6.04 -14.63
C ASN A 207 -5.67 7.20 -13.68
N ALA A 208 -5.10 6.88 -12.53
CA ALA A 208 -4.64 7.86 -11.53
C ALA A 208 -3.36 8.58 -11.99
N TYR A 209 -2.44 7.83 -12.61
CA TYR A 209 -1.18 8.33 -13.16
C TYR A 209 -1.36 9.14 -14.47
N SER A 210 -2.32 8.74 -15.31
CA SER A 210 -2.57 9.18 -16.70
C SER A 210 -2.48 10.70 -16.96
N LYS A 211 -2.90 11.56 -16.03
CA LYS A 211 -2.97 13.01 -16.31
C LYS A 211 -1.58 13.64 -16.60
N LEU A 212 -0.57 13.24 -15.81
CA LEU A 212 0.84 13.72 -15.79
C LEU A 212 1.00 15.18 -15.34
N ASP A 1 8.12 12.10 -20.09
CA ASP A 1 9.06 10.96 -19.85
C ASP A 1 9.60 10.85 -18.41
N ASN A 2 9.10 11.61 -17.43
CA ASN A 2 9.60 11.58 -16.04
C ASN A 2 9.33 10.21 -15.37
N SER A 3 10.30 9.67 -14.64
CA SER A 3 10.28 8.31 -14.10
C SER A 3 9.22 8.09 -13.01
N VAL A 4 8.63 6.88 -12.95
CA VAL A 4 7.54 6.51 -12.03
C VAL A 4 8.01 5.44 -11.04
N ASP A 5 7.58 5.54 -9.79
CA ASP A 5 7.76 4.51 -8.78
C ASP A 5 6.39 3.95 -8.37
N LEU A 6 6.11 2.68 -8.64
CA LEU A 6 4.92 2.04 -8.06
C LEU A 6 5.25 1.19 -6.83
N TYR A 7 4.51 1.40 -5.74
CA TYR A 7 4.53 0.54 -4.57
C TYR A 7 3.12 -0.02 -4.33
N PHE A 8 3.01 -1.30 -4.66
CA PHE A 8 1.83 -2.12 -4.42
C PHE A 8 1.82 -2.71 -3.00
N LEU A 9 0.97 -2.17 -2.12
CA LEU A 9 0.76 -2.66 -0.75
C LEU A 9 -0.55 -3.47 -0.68
N MET A 10 -0.48 -4.79 -0.53
CA MET A 10 -1.69 -5.65 -0.45
C MET A 10 -1.90 -6.34 0.91
N GLY A 11 -3.18 -6.50 1.30
CA GLY A 11 -3.58 -7.24 2.50
C GLY A 11 -3.41 -8.75 2.29
N LEU A 12 -2.93 -9.44 3.34
CA LEU A 12 -2.64 -10.88 3.37
C LEU A 12 -3.59 -11.65 4.29
N SER A 13 -4.79 -11.11 4.52
CA SER A 13 -5.89 -11.82 5.19
C SER A 13 -6.31 -13.10 4.42
N GLY A 14 -6.98 -14.05 5.08
CA GLY A 14 -7.25 -15.38 4.51
C GLY A 14 -8.15 -15.36 3.26
N SER A 15 -8.98 -14.34 3.10
CA SER A 15 -9.81 -14.12 1.90
C SER A 15 -9.01 -13.61 0.68
N ALA A 16 -7.76 -13.15 0.86
CA ALA A 16 -6.86 -12.74 -0.23
C ALA A 16 -6.20 -13.93 -0.98
N GLN A 17 -6.52 -15.18 -0.61
CA GLN A 17 -6.12 -16.37 -1.36
C GLN A 17 -6.56 -16.28 -2.84
N GLY A 18 -7.77 -15.78 -3.10
CA GLY A 18 -8.31 -15.60 -4.46
C GLY A 18 -7.70 -14.39 -5.19
N HIS A 19 -7.27 -13.36 -4.46
CA HIS A 19 -6.58 -12.19 -5.04
C HIS A 19 -5.19 -12.57 -5.58
N LEU A 20 -4.38 -13.25 -4.77
CA LEU A 20 -2.95 -13.51 -5.03
C LEU A 20 -2.70 -14.14 -6.40
N SER A 21 -3.54 -15.09 -6.81
CA SER A 21 -3.45 -15.78 -8.12
C SER A 21 -3.41 -14.82 -9.32
N ASN A 22 -4.35 -13.87 -9.41
CA ASN A 22 -4.47 -12.98 -10.57
C ASN A 22 -3.62 -11.70 -10.50
N VAL A 23 -2.95 -11.40 -9.38
CA VAL A 23 -1.95 -10.31 -9.29
C VAL A 23 -0.50 -10.81 -9.41
N GLN A 24 -0.26 -12.05 -9.85
CA GLN A 24 1.11 -12.59 -10.06
C GLN A 24 1.61 -12.25 -11.47
N THR A 25 0.67 -12.17 -12.42
CA THR A 25 0.83 -11.63 -13.78
C THR A 25 0.78 -10.09 -13.76
N LEU A 26 0.36 -9.52 -12.61
CA LEU A 26 0.34 -8.11 -12.33
C LEU A 26 1.70 -7.76 -11.80
N GLY A 27 2.46 -7.40 -12.78
CA GLY A 27 3.77 -6.76 -12.73
C GLY A 27 4.25 -6.42 -14.13
N SER A 28 4.19 -7.43 -14.98
CA SER A 28 4.48 -7.39 -16.41
C SER A 28 3.33 -6.72 -17.18
N ASP A 29 2.08 -6.94 -16.77
CA ASP A 29 0.91 -6.21 -17.26
C ASP A 29 1.07 -4.69 -17.00
N LEU A 30 1.60 -4.37 -15.80
CA LEU A 30 1.89 -2.97 -15.45
C LEU A 30 2.98 -2.45 -16.37
N LEU A 31 4.16 -3.09 -16.41
CA LEU A 31 5.29 -2.63 -17.21
C LEU A 31 4.92 -2.38 -18.68
N LYS A 32 4.12 -3.21 -19.36
CA LYS A 32 3.81 -2.91 -20.77
C LYS A 32 2.91 -1.68 -20.93
N ALA A 33 2.01 -1.39 -19.99
CA ALA A 33 1.29 -0.11 -19.98
C ALA A 33 2.16 1.07 -19.54
N LEU A 34 3.08 0.88 -18.58
CA LEU A 34 3.95 1.93 -18.05
C LEU A 34 5.12 2.27 -19.00
N ASN A 35 5.66 1.31 -19.78
CA ASN A 35 6.87 1.51 -20.58
C ASN A 35 6.67 2.45 -21.78
N GLU A 36 5.41 2.66 -22.19
CA GLU A 36 5.04 3.59 -23.25
C GLU A 36 4.98 5.01 -22.69
N ILE A 37 4.34 5.20 -21.52
CA ILE A 37 4.27 6.50 -20.85
C ILE A 37 5.60 6.93 -20.19
N SER A 38 6.48 6.00 -19.84
CA SER A 38 7.78 6.29 -19.19
C SER A 38 8.88 5.26 -19.49
N ARG A 39 10.14 5.71 -19.63
CA ARG A 39 11.30 4.80 -19.81
C ARG A 39 11.87 4.21 -18.50
N SER A 40 11.44 4.68 -17.33
CA SER A 40 11.74 4.03 -16.04
C SER A 40 10.51 4.02 -15.12
N GLY A 41 10.10 2.81 -14.74
CA GLY A 41 8.86 2.47 -14.05
C GLY A 41 9.24 1.42 -13.02
N ARG A 42 9.70 1.90 -11.86
CA ARG A 42 10.22 1.10 -10.77
C ARG A 42 9.03 0.44 -10.08
N ILE A 43 9.18 -0.78 -9.57
CA ILE A 43 8.11 -1.52 -8.89
C ILE A 43 8.62 -2.12 -7.57
N GLY A 44 7.83 -1.98 -6.50
CA GLY A 44 8.10 -2.51 -5.17
C GLY A 44 6.84 -3.10 -4.55
N PHE A 45 6.99 -4.07 -3.64
CA PHE A 45 5.87 -4.80 -3.05
C PHE A 45 5.91 -4.73 -1.52
N GLY A 46 4.71 -4.72 -0.90
CA GLY A 46 4.55 -4.85 0.54
C GLY A 46 3.29 -5.61 0.89
N SER A 47 3.29 -6.25 2.05
CA SER A 47 2.13 -6.98 2.54
C SER A 47 1.83 -6.70 4.02
N ILE A 48 0.58 -6.96 4.43
CA ILE A 48 0.07 -6.56 5.74
C ILE A 48 -1.08 -7.43 6.20
N VAL A 49 -1.19 -7.64 7.52
CA VAL A 49 -2.34 -8.31 8.16
C VAL A 49 -2.48 -7.83 9.62
N ASN A 50 -2.58 -8.66 10.68
CA ASN A 50 -2.49 -8.17 12.08
C ASN A 50 -1.07 -8.29 12.67
N MET A 51 -0.22 -9.17 12.11
CA MET A 51 1.23 -9.21 12.40
C MET A 51 1.91 -8.11 11.54
N THR A 52 1.29 -6.91 11.65
CA THR A 52 1.43 -5.66 10.90
C THR A 52 1.95 -5.85 9.49
N PHE A 53 3.08 -5.20 9.21
CA PHE A 53 3.67 -4.99 7.90
C PHE A 53 4.90 -5.85 7.68
N GLN A 54 4.94 -6.47 6.51
CA GLN A 54 6.09 -7.17 5.96
C GLN A 54 6.46 -6.40 4.69
N HIS A 55 7.71 -5.95 4.64
CA HIS A 55 8.32 -5.40 3.43
C HIS A 55 9.15 -6.49 2.74
N ILE A 56 8.92 -6.70 1.44
CA ILE A 56 9.70 -7.65 0.61
C ILE A 56 9.60 -7.23 -0.87
N LEU A 57 10.75 -6.81 -1.43
CA LEU A 57 11.01 -6.30 -2.78
C LEU A 57 10.97 -4.78 -2.73
N LYS A 58 12.10 -4.17 -2.34
CA LYS A 58 12.24 -2.72 -2.47
C LYS A 58 12.14 -2.29 -3.94
N LEU A 59 11.74 -1.03 -4.13
CA LEU A 59 11.37 -0.38 -5.39
C LEU A 59 12.51 -0.54 -6.42
N THR A 60 12.35 -1.44 -7.42
CA THR A 60 13.41 -1.89 -8.36
C THR A 60 12.90 -2.01 -9.80
N ALA A 61 13.80 -2.28 -10.76
CA ALA A 61 13.51 -2.28 -12.20
C ALA A 61 13.11 -3.66 -12.78
N ASP A 62 13.30 -4.73 -12.01
CA ASP A 62 13.04 -6.12 -12.39
C ASP A 62 11.59 -6.46 -12.04
N SER A 63 10.77 -6.13 -13.01
CA SER A 63 9.34 -6.37 -13.09
C SER A 63 9.04 -7.87 -13.08
N SER A 64 9.85 -8.67 -13.79
CA SER A 64 9.81 -10.13 -13.68
C SER A 64 10.18 -10.62 -12.27
N GLN A 65 10.79 -9.78 -11.42
CA GLN A 65 11.09 -10.15 -10.03
C GLN A 65 9.85 -9.98 -9.14
N PHE A 66 9.06 -8.93 -9.36
CA PHE A 66 7.74 -8.73 -8.75
C PHE A 66 6.78 -9.89 -9.05
N GLN A 67 7.00 -10.64 -10.13
CA GLN A 67 6.13 -11.77 -10.51
C GLN A 67 6.40 -12.95 -9.58
N ARG A 68 7.68 -13.23 -9.30
CA ARG A 68 8.12 -14.41 -8.53
C ARG A 68 8.10 -14.11 -7.04
N GLU A 69 8.33 -12.85 -6.65
CA GLU A 69 8.30 -12.50 -5.23
C GLU A 69 6.86 -12.44 -4.74
N LEU A 70 5.95 -12.00 -5.62
CA LEU A 70 4.52 -12.10 -5.34
C LEU A 70 4.09 -13.58 -5.36
N ARG A 71 4.64 -14.40 -6.27
CA ARG A 71 4.32 -15.84 -6.31
C ARG A 71 4.71 -16.56 -4.99
N LYS A 72 5.85 -16.19 -4.39
CA LYS A 72 6.32 -16.76 -3.11
C LYS A 72 5.43 -16.43 -1.89
N GLN A 73 4.58 -15.39 -1.95
CA GLN A 73 3.82 -14.94 -0.78
C GLN A 73 2.83 -16.02 -0.28
N LEU A 74 2.53 -15.97 1.01
CA LEU A 74 1.56 -16.84 1.69
C LEU A 74 0.70 -15.97 2.62
N VAL A 75 -0.63 -16.08 2.48
CA VAL A 75 -1.60 -15.43 3.40
C VAL A 75 -1.48 -15.94 4.84
N SER A 76 -2.05 -15.21 5.79
CA SER A 76 -2.22 -15.68 7.17
C SER A 76 -3.71 -15.72 7.54
N GLY A 77 -4.04 -15.69 8.85
CA GLY A 77 -5.42 -15.60 9.34
C GLY A 77 -5.49 -14.98 10.72
N LYS A 78 -6.54 -14.19 10.94
CA LYS A 78 -6.85 -13.50 12.20
C LYS A 78 -8.36 -13.26 12.34
N LEU A 79 -8.87 -13.24 13.58
CA LEU A 79 -10.31 -13.27 13.88
C LEU A 79 -11.05 -11.95 13.57
N ALA A 80 -10.64 -10.83 14.16
CA ALA A 80 -11.31 -9.53 13.98
C ALA A 80 -11.32 -9.10 12.50
N THR A 81 -12.44 -8.59 11.98
CA THR A 81 -12.57 -8.17 10.57
C THR A 81 -11.68 -6.96 10.19
N PRO A 82 -11.48 -5.90 11.01
CA PRO A 82 -10.54 -4.85 10.66
C PRO A 82 -9.09 -5.35 10.74
N LYS A 83 -8.28 -4.84 9.81
CA LYS A 83 -6.83 -5.10 9.68
C LYS A 83 -5.99 -3.82 9.93
N GLY A 84 -4.69 -3.97 10.20
CA GLY A 84 -3.77 -2.88 10.58
C GLY A 84 -3.05 -2.20 9.42
N GLN A 85 -3.73 -1.92 8.29
CA GLN A 85 -3.09 -1.33 7.09
C GLN A 85 -2.48 0.03 7.36
N LEU A 86 -3.05 0.76 8.30
CA LEU A 86 -2.69 2.14 8.48
C LEU A 86 -1.23 2.31 8.96
N ASP A 87 -0.74 1.36 9.75
CA ASP A 87 0.68 1.27 10.11
C ASP A 87 1.50 1.11 8.83
N ALA A 88 1.18 0.10 8.02
CA ALA A 88 1.89 -0.21 6.78
C ALA A 88 1.94 1.01 5.85
N VAL A 89 0.81 1.65 5.53
CA VAL A 89 0.82 2.79 4.59
C VAL A 89 1.67 3.98 5.09
N VAL A 90 1.71 4.28 6.42
CA VAL A 90 2.64 5.31 6.92
C VAL A 90 4.10 4.83 6.98
N GLN A 91 4.37 3.57 7.30
CA GLN A 91 5.74 3.04 7.22
C GLN A 91 6.26 3.10 5.78
N VAL A 92 5.44 2.66 4.82
CA VAL A 92 5.77 2.79 3.40
C VAL A 92 6.07 4.25 3.00
N ALA A 93 5.36 5.22 3.59
CA ALA A 93 5.57 6.64 3.29
C ALA A 93 6.85 7.25 3.90
N ILE A 94 7.35 6.78 5.06
CA ILE A 94 8.55 7.37 5.71
C ILE A 94 9.86 6.62 5.46
N CYS A 95 9.84 5.32 5.19
CA CYS A 95 11.05 4.49 5.10
C CYS A 95 11.73 4.61 3.73
N LEU A 96 12.14 5.85 3.43
CA LEU A 96 12.67 6.36 2.14
C LEU A 96 13.76 5.44 1.60
N GLY A 97 14.67 5.07 2.51
CA GLY A 97 15.89 4.32 2.22
C GLY A 97 15.70 2.80 2.20
N GLU A 98 14.67 2.28 2.88
CA GLU A 98 14.38 0.84 2.89
C GLU A 98 13.54 0.44 1.67
N ILE A 99 12.49 1.21 1.37
CA ILE A 99 11.66 0.94 0.19
C ILE A 99 12.30 1.48 -1.09
N GLY A 100 13.17 2.50 -1.01
CA GLY A 100 14.01 2.95 -2.12
C GLY A 100 13.37 3.99 -3.05
N TRP A 101 12.39 4.75 -2.55
CA TRP A 101 11.72 5.83 -3.28
C TRP A 101 12.73 6.85 -3.87
N ARG A 102 12.69 7.06 -5.20
CA ARG A 102 13.43 8.12 -5.91
C ARG A 102 12.55 9.38 -6.09
N ASN A 103 13.12 10.46 -6.63
CA ASN A 103 12.52 11.81 -6.66
C ASN A 103 11.66 12.14 -7.91
N GLY A 104 11.03 11.15 -8.56
CA GLY A 104 10.09 11.37 -9.66
C GLY A 104 8.64 11.43 -9.14
N THR A 105 7.80 10.57 -9.71
CA THR A 105 6.40 10.32 -9.32
C THR A 105 6.39 9.08 -8.43
N ARG A 106 5.55 8.98 -7.37
CA ARG A 106 5.61 7.82 -6.49
C ARG A 106 4.21 7.43 -6.02
N PHE A 107 3.78 6.21 -6.34
CA PHE A 107 2.41 5.71 -6.19
C PHE A 107 2.30 4.61 -5.18
N LEU A 108 1.44 4.80 -4.17
CA LEU A 108 1.15 3.76 -3.18
C LEU A 108 -0.25 3.20 -3.40
N VAL A 109 -0.35 2.07 -4.11
CA VAL A 109 -1.64 1.38 -4.26
C VAL A 109 -1.88 0.58 -2.99
N LEU A 110 -3.03 0.75 -2.33
CA LEU A 110 -3.36 0.05 -1.09
C LEU A 110 -4.55 -0.89 -1.36
N VAL A 111 -4.34 -2.21 -1.23
CA VAL A 111 -5.37 -3.22 -1.56
C VAL A 111 -5.86 -3.99 -0.34
N THR A 112 -7.19 -4.09 -0.19
CA THR A 112 -7.82 -4.74 0.99
C THR A 112 -9.30 -5.06 0.79
N ASP A 113 -9.83 -6.11 1.44
CA ASP A 113 -11.24 -6.55 1.40
C ASP A 113 -12.12 -6.05 2.57
N ASN A 114 -11.54 -5.51 3.64
CA ASN A 114 -12.25 -5.19 4.90
C ASN A 114 -12.02 -3.74 5.38
N ASP A 115 -12.75 -3.31 6.42
CA ASP A 115 -12.50 -2.04 7.14
C ASP A 115 -11.13 -2.05 7.86
N PHE A 116 -10.75 -0.97 8.54
CA PHE A 116 -9.40 -0.78 9.11
C PHE A 116 -9.39 -0.41 10.59
N HIS A 117 -8.27 -0.69 11.27
CA HIS A 117 -8.03 -0.19 12.63
C HIS A 117 -7.61 1.30 12.60
N LEU A 118 -8.42 2.17 13.21
CA LEU A 118 -8.18 3.62 13.32
C LEU A 118 -7.37 3.92 14.61
N ALA A 119 -6.95 5.17 14.79
CA ALA A 119 -6.39 5.65 16.05
C ALA A 119 -7.36 5.36 17.21
N LYS A 120 -6.80 5.17 18.41
CA LYS A 120 -7.51 4.87 19.68
C LYS A 120 -8.07 3.43 19.79
N ASP A 121 -8.29 2.70 18.69
CA ASP A 121 -8.81 1.31 18.68
C ASP A 121 -8.00 0.35 19.59
N LYS A 122 -6.70 0.25 19.32
CA LYS A 122 -5.70 -0.61 19.98
C LYS A 122 -5.48 -0.48 21.51
N THR A 123 -6.08 0.49 22.24
CA THR A 123 -5.94 0.49 23.73
C THR A 123 -6.60 -0.74 24.36
N LEU A 124 -7.52 -1.39 23.63
CA LEU A 124 -8.10 -2.71 23.91
C LEU A 124 -6.97 -3.74 24.17
N GLY A 125 -5.92 -3.70 23.34
CA GLY A 125 -4.70 -4.53 23.43
C GLY A 125 -3.60 -3.95 24.32
N THR A 126 -3.94 -3.06 25.26
CA THR A 126 -3.07 -2.54 26.34
C THR A 126 -2.00 -1.54 25.82
N ARG A 127 -2.24 -0.97 24.63
CA ARG A 127 -1.31 -0.12 23.89
C ARG A 127 -1.85 1.32 23.75
N GLN A 128 -1.22 2.31 24.40
CA GLN A 128 -1.74 3.69 24.51
C GLN A 128 -0.88 4.79 23.87
N ASN A 129 0.46 4.66 23.86
CA ASN A 129 1.34 5.74 23.35
C ASN A 129 1.11 5.98 21.84
N THR A 130 0.67 7.20 21.47
CA THR A 130 0.24 7.51 20.08
C THR A 130 1.40 7.47 19.08
N SER A 131 1.09 7.45 17.79
CA SER A 131 2.08 7.34 16.72
C SER A 131 3.08 8.52 16.71
N ASP A 132 4.38 8.20 16.68
CA ASP A 132 5.45 9.18 16.44
C ASP A 132 5.67 9.49 14.95
N GLY A 133 5.10 8.67 14.05
CA GLY A 133 5.22 8.79 12.60
C GLY A 133 6.57 8.33 12.04
N ARG A 134 7.50 7.85 12.88
CA ARG A 134 8.90 7.57 12.56
C ARG A 134 9.12 6.23 11.83
N CYS A 135 10.31 6.05 11.25
CA CYS A 135 10.78 4.78 10.71
C CYS A 135 11.16 3.83 11.87
N HIS A 136 10.60 2.62 11.87
CA HIS A 136 10.84 1.55 12.86
C HIS A 136 10.89 0.16 12.19
N LEU A 137 11.51 0.08 11.00
CA LEU A 137 11.80 -1.15 10.29
C LEU A 137 13.30 -1.48 10.43
N ASP A 138 13.67 -2.77 10.44
CA ASP A 138 15.07 -3.21 10.48
C ASP A 138 15.31 -4.46 9.63
N ASP A 139 14.70 -5.59 10.00
CA ASP A 139 14.76 -6.88 9.27
C ASP A 139 13.62 -7.07 8.24
N GLY A 140 12.92 -5.98 7.89
CA GLY A 140 11.77 -5.96 6.97
C GLY A 140 10.41 -6.12 7.65
N MET A 141 10.35 -6.05 8.99
CA MET A 141 9.12 -6.02 9.78
C MET A 141 9.01 -4.71 10.57
N TYR A 142 7.78 -4.22 10.76
CA TYR A 142 7.47 -3.11 11.67
C TYR A 142 7.53 -3.53 13.14
N ARG A 143 8.73 -3.44 13.73
CA ARG A 143 9.03 -3.70 15.15
C ARG A 143 8.09 -2.94 16.10
N SER A 144 7.76 -1.70 15.73
CA SER A 144 6.94 -0.77 16.52
C SER A 144 5.49 -1.23 16.76
N ARG A 145 4.94 -2.20 16.00
CA ARG A 145 3.59 -2.78 16.21
C ARG A 145 3.19 -2.92 17.68
N GLY A 146 4.06 -3.53 18.49
CA GLY A 146 3.78 -3.90 19.88
C GLY A 146 3.83 -2.74 20.88
N GLU A 147 4.22 -1.52 20.45
CA GLU A 147 4.34 -0.35 21.31
C GLU A 147 3.61 0.91 20.76
N PRO A 148 3.94 1.55 19.63
CA PRO A 148 3.06 2.58 19.04
C PRO A 148 1.72 2.13 18.45
N ASP A 149 0.81 3.11 18.46
CA ASP A 149 -0.60 3.19 18.08
C ASP A 149 -0.86 3.41 16.56
N TYR A 150 -1.88 2.77 15.97
CA TYR A 150 -2.35 3.10 14.60
C TYR A 150 -2.60 4.62 14.45
N GLN A 151 -1.82 5.28 13.63
CA GLN A 151 -1.76 6.72 13.42
C GLN A 151 -3.10 7.38 13.04
N SER A 152 -3.27 8.66 13.35
CA SER A 152 -4.50 9.43 13.10
C SER A 152 -4.59 9.98 11.67
N VAL A 153 -5.82 10.19 11.14
CA VAL A 153 -6.04 10.65 9.74
C VAL A 153 -5.31 11.96 9.39
N VAL A 154 -5.04 12.82 10.38
CA VAL A 154 -4.33 14.10 10.20
C VAL A 154 -2.84 13.85 9.93
N GLN A 155 -2.21 12.95 10.70
CA GLN A 155 -0.78 12.66 10.59
C GLN A 155 -0.46 11.93 9.27
N LEU A 156 -1.40 11.15 8.72
CA LEU A 156 -1.25 10.53 7.40
C LEU A 156 -1.07 11.60 6.33
N ALA A 157 -2.00 12.57 6.29
CA ALA A 157 -2.01 13.66 5.32
C ALA A 157 -0.70 14.46 5.36
N SER A 158 -0.23 14.79 6.56
CA SER A 158 1.03 15.53 6.75
C SER A 158 2.26 14.72 6.32
N LYS A 159 2.39 13.43 6.71
CA LYS A 159 3.51 12.60 6.22
C LYS A 159 3.46 12.42 4.70
N LEU A 160 2.27 12.20 4.15
CA LEU A 160 2.06 11.93 2.74
C LEU A 160 2.40 13.14 1.87
N ALA A 161 1.98 14.34 2.26
CA ALA A 161 2.29 15.60 1.59
C ALA A 161 3.76 16.03 1.76
N GLU A 162 4.43 15.59 2.82
CA GLU A 162 5.85 15.88 3.07
C GLU A 162 6.74 15.04 2.15
N ASN A 163 6.44 13.74 1.98
CA ASN A 163 7.16 12.89 1.03
C ASN A 163 6.60 12.96 -0.41
N ASN A 164 5.41 13.53 -0.62
CA ASN A 164 4.78 13.72 -1.94
C ASN A 164 4.53 12.39 -2.70
N ILE A 165 4.12 11.35 -1.98
CA ILE A 165 3.63 10.09 -2.60
C ILE A 165 2.14 10.30 -2.95
N GLN A 166 1.61 9.67 -4.01
CA GLN A 166 0.16 9.67 -4.26
C GLN A 166 -0.42 8.27 -3.93
N PRO A 167 -1.23 8.11 -2.88
CA PRO A 167 -1.93 6.87 -2.54
C PRO A 167 -3.18 6.63 -3.40
N ILE A 168 -3.49 5.35 -3.63
CA ILE A 168 -4.68 4.89 -4.39
C ILE A 168 -5.39 3.78 -3.60
N PHE A 169 -6.54 4.07 -3.02
CA PHE A 169 -7.32 3.07 -2.26
C PHE A 169 -8.04 2.06 -3.19
N VAL A 170 -7.31 1.15 -3.84
CA VAL A 170 -7.93 0.08 -4.65
C VAL A 170 -8.53 -1.04 -3.78
N VAL A 171 -9.87 -1.04 -3.64
CA VAL A 171 -10.58 -1.90 -2.67
C VAL A 171 -11.95 -2.39 -3.19
N PRO A 172 -12.44 -3.60 -2.83
CA PRO A 172 -13.73 -4.15 -3.22
C PRO A 172 -14.94 -3.29 -2.89
N SER A 173 -15.96 -3.43 -3.73
CA SER A 173 -17.21 -2.65 -3.74
C SER A 173 -17.84 -2.50 -2.35
N ARG A 174 -17.99 -3.62 -1.62
CA ARG A 174 -18.56 -3.73 -0.25
C ARG A 174 -18.10 -2.66 0.75
N MET A 175 -16.85 -2.18 0.60
CA MET A 175 -16.19 -1.22 1.49
C MET A 175 -15.79 0.11 0.81
N VAL A 176 -15.99 0.28 -0.49
CA VAL A 176 -15.57 1.52 -1.20
C VAL A 176 -16.25 2.75 -0.59
N LYS A 177 -17.45 2.61 -0.04
CA LYS A 177 -18.22 3.70 0.58
C LYS A 177 -17.55 4.28 1.85
N THR A 178 -16.65 3.52 2.50
CA THR A 178 -15.89 3.98 3.70
C THR A 178 -14.57 4.61 3.31
N TYR A 179 -13.88 4.06 2.31
CA TYR A 179 -12.63 4.63 1.82
C TYR A 179 -12.90 5.90 0.99
N GLU A 180 -14.07 6.01 0.35
CA GLU A 180 -14.55 7.26 -0.27
C GLU A 180 -14.64 8.38 0.77
N LYS A 181 -14.78 8.05 2.06
CA LYS A 181 -14.86 9.05 3.14
C LYS A 181 -13.45 9.41 3.64
N LEU A 182 -12.48 8.49 3.55
CA LEU A 182 -11.07 8.71 3.91
C LEU A 182 -10.39 9.58 2.85
N THR A 183 -10.89 9.56 1.60
CA THR A 183 -10.40 10.48 0.53
C THR A 183 -11.02 11.87 0.64
N THR A 184 -12.12 12.02 1.39
CA THR A 184 -12.66 13.34 1.75
C THR A 184 -11.91 13.87 2.97
N PHE A 185 -11.50 12.99 3.88
CA PHE A 185 -10.71 13.39 5.07
C PHE A 185 -9.22 13.61 4.75
N ILE A 186 -8.72 13.06 3.64
CA ILE A 186 -7.32 13.20 3.20
C ILE A 186 -7.29 13.59 1.70
N PRO A 187 -7.25 14.90 1.37
CA PRO A 187 -7.21 15.36 -0.01
C PRO A 187 -5.98 14.86 -0.79
N LYS A 188 -6.21 14.55 -2.08
CA LYS A 188 -5.26 14.24 -3.17
C LYS A 188 -4.97 12.73 -3.37
N LEU A 189 -5.32 11.88 -2.39
CA LEU A 189 -5.30 10.42 -2.59
C LEU A 189 -6.62 9.98 -3.24
N THR A 190 -6.62 8.87 -3.99
CA THR A 190 -7.74 8.46 -4.82
C THR A 190 -8.34 7.20 -4.20
N ILE A 191 -8.84 6.34 -5.06
CA ILE A 191 -9.67 5.16 -4.79
C ILE A 191 -10.04 4.44 -6.10
N GLY A 192 -10.28 3.13 -6.02
CA GLY A 192 -10.84 2.33 -7.11
C GLY A 192 -11.60 1.12 -6.60
N GLU A 193 -12.59 0.67 -7.36
CA GLU A 193 -13.42 -0.49 -7.04
C GLU A 193 -12.79 -1.75 -7.66
N LEU A 194 -11.84 -2.30 -6.91
CA LEU A 194 -11.25 -3.62 -7.17
C LEU A 194 -12.37 -4.67 -7.33
N SER A 195 -12.23 -5.59 -8.27
CA SER A 195 -13.19 -6.67 -8.50
C SER A 195 -12.58 -7.75 -9.42
N ASP A 196 -13.23 -8.06 -10.54
CA ASP A 196 -12.88 -9.13 -11.49
C ASP A 196 -11.89 -8.70 -12.60
N ASP A 197 -11.34 -7.48 -12.53
CA ASP A 197 -10.48 -6.88 -13.56
C ASP A 197 -9.30 -6.09 -12.95
N SER A 198 -8.16 -6.11 -13.66
CA SER A 198 -6.93 -5.41 -13.33
C SER A 198 -6.87 -3.99 -13.93
N SER A 199 -7.61 -3.71 -15.00
CA SER A 199 -7.56 -2.40 -15.70
C SER A 199 -7.90 -1.23 -14.76
N ASN A 200 -8.69 -1.49 -13.72
CA ASN A 200 -8.97 -0.50 -12.66
C ASN A 200 -7.71 -0.02 -11.91
N VAL A 201 -6.69 -0.86 -11.68
CA VAL A 201 -5.46 -0.41 -10.97
C VAL A 201 -4.54 0.39 -11.94
N ALA A 202 -4.44 -0.05 -13.20
CA ALA A 202 -3.62 0.61 -14.23
C ALA A 202 -4.24 1.90 -14.78
N GLN A 203 -5.55 2.00 -14.97
CA GLN A 203 -6.22 3.17 -15.59
C GLN A 203 -6.48 4.33 -14.60
N LEU A 204 -5.74 4.33 -13.49
CA LEU A 204 -5.62 5.41 -12.50
C LEU A 204 -4.14 5.74 -12.29
N ILE A 205 -3.23 4.77 -12.43
CA ILE A 205 -1.78 5.07 -12.49
C ILE A 205 -1.52 5.78 -13.83
N ARG A 206 -2.08 5.23 -14.92
CA ARG A 206 -2.05 5.83 -16.26
C ARG A 206 -2.68 7.23 -16.25
N ASN A 207 -3.82 7.38 -15.56
CA ASN A 207 -4.58 8.65 -15.63
C ASN A 207 -4.02 9.74 -14.70
N ALA A 208 -3.29 9.37 -13.64
CA ALA A 208 -2.53 10.31 -12.82
C ALA A 208 -1.22 10.76 -13.49
N TYR A 209 -0.64 9.92 -14.36
CA TYR A 209 0.57 10.25 -15.12
C TYR A 209 0.33 11.34 -16.17
N SER A 210 -0.75 11.22 -16.94
CA SER A 210 -1.06 12.12 -18.07
C SER A 210 -1.48 13.54 -17.65
N LYS A 211 -1.72 13.79 -16.35
CA LYS A 211 -1.95 15.14 -15.80
C LYS A 211 -0.64 15.97 -15.66
N LEU A 212 0.53 15.31 -15.62
CA LEU A 212 1.83 15.98 -15.39
C LEU A 212 2.44 16.67 -16.63
N ASP A 1 7.97 10.27 -21.42
CA ASP A 1 8.69 9.19 -20.70
C ASP A 1 9.52 9.80 -19.55
N ASN A 2 8.89 9.99 -18.39
CA ASN A 2 9.51 10.54 -17.17
C ASN A 2 9.53 9.50 -16.03
N SER A 3 10.34 9.73 -14.99
CA SER A 3 10.55 8.81 -13.88
C SER A 3 9.29 8.60 -13.00
N VAL A 4 8.94 7.34 -12.76
CA VAL A 4 7.79 6.87 -11.97
C VAL A 4 8.27 5.78 -11.00
N ASP A 5 8.07 5.94 -9.70
CA ASP A 5 8.31 4.91 -8.67
C ASP A 5 6.97 4.40 -8.13
N LEU A 6 6.54 3.20 -8.52
CA LEU A 6 5.32 2.62 -7.90
C LEU A 6 5.62 1.68 -6.76
N TYR A 7 4.94 1.83 -5.62
CA TYR A 7 5.07 0.91 -4.51
C TYR A 7 3.71 0.30 -4.17
N PHE A 8 3.65 -0.99 -4.46
CA PHE A 8 2.52 -1.90 -4.34
C PHE A 8 2.44 -2.58 -2.96
N LEU A 9 1.40 -2.28 -2.19
CA LEU A 9 1.07 -3.00 -0.95
C LEU A 9 -0.19 -3.84 -1.12
N MET A 10 -0.12 -5.11 -0.73
CA MET A 10 -1.38 -5.90 -0.61
C MET A 10 -1.55 -6.62 0.74
N GLY A 11 -2.82 -6.82 1.11
CA GLY A 11 -3.22 -7.55 2.32
C GLY A 11 -3.03 -9.06 2.13
N LEU A 12 -2.36 -9.70 3.09
CA LEU A 12 -2.09 -11.14 3.15
C LEU A 12 -2.96 -11.84 4.23
N SER A 13 -4.13 -11.28 4.52
CA SER A 13 -5.13 -11.87 5.41
C SER A 13 -5.74 -13.17 4.86
N GLY A 14 -6.40 -13.96 5.71
CA GLY A 14 -7.12 -15.17 5.26
C GLY A 14 -8.28 -14.82 4.33
N SER A 15 -8.92 -13.67 4.56
CA SER A 15 -9.95 -13.10 3.68
C SER A 15 -9.41 -12.83 2.25
N ALA A 16 -8.11 -12.50 2.12
CA ALA A 16 -7.46 -12.31 0.84
C ALA A 16 -7.22 -13.62 0.04
N GLN A 17 -7.58 -14.80 0.54
CA GLN A 17 -7.56 -16.03 -0.26
C GLN A 17 -8.61 -15.94 -1.39
N GLY A 18 -8.25 -16.38 -2.60
CA GLY A 18 -9.07 -16.21 -3.81
C GLY A 18 -8.87 -14.82 -4.43
N HIS A 19 -8.88 -13.80 -3.57
CA HIS A 19 -8.56 -12.41 -3.93
C HIS A 19 -7.06 -12.24 -4.28
N LEU A 20 -6.20 -13.11 -3.74
CA LEU A 20 -4.77 -13.20 -4.04
C LEU A 20 -4.52 -13.23 -5.54
N SER A 21 -5.28 -14.05 -6.29
CA SER A 21 -5.23 -14.07 -7.76
C SER A 21 -5.47 -12.68 -8.37
N ASN A 22 -6.52 -11.96 -7.93
CA ASN A 22 -6.79 -10.64 -8.47
C ASN A 22 -5.76 -9.57 -8.06
N VAL A 23 -5.06 -9.73 -6.92
CA VAL A 23 -3.91 -8.83 -6.65
C VAL A 23 -2.60 -9.21 -7.31
N GLN A 24 -2.30 -10.51 -7.49
CA GLN A 24 -1.08 -10.85 -8.22
C GLN A 24 -1.21 -10.54 -9.73
N THR A 25 -2.42 -10.68 -10.32
CA THR A 25 -2.67 -10.20 -11.69
C THR A 25 -2.59 -8.67 -11.75
N LEU A 26 -3.14 -7.94 -10.77
CA LEU A 26 -3.11 -6.46 -10.76
C LEU A 26 -1.67 -5.93 -10.73
N GLY A 27 -0.74 -6.63 -10.11
CA GLY A 27 0.60 -6.10 -9.82
C GLY A 27 1.57 -6.47 -10.91
N SER A 28 1.36 -7.65 -11.47
CA SER A 28 2.01 -8.11 -12.68
C SER A 28 1.55 -7.20 -13.82
N ASP A 29 0.25 -6.90 -13.88
CA ASP A 29 -0.27 -6.03 -14.96
C ASP A 29 0.04 -4.55 -14.71
N LEU A 30 0.13 -4.12 -13.43
CA LEU A 30 0.55 -2.76 -13.08
C LEU A 30 1.94 -2.52 -13.67
N LEU A 31 2.85 -3.46 -13.46
CA LEU A 31 4.23 -3.35 -13.92
C LEU A 31 4.33 -3.40 -15.45
N LYS A 32 3.70 -4.39 -16.09
CA LYS A 32 3.80 -4.62 -17.55
C LYS A 32 3.33 -3.38 -18.32
N ALA A 33 2.15 -2.88 -17.98
CA ALA A 33 1.54 -1.73 -18.64
C ALA A 33 2.37 -0.46 -18.46
N LEU A 34 2.92 -0.24 -17.26
CA LEU A 34 3.68 0.98 -16.96
C LEU A 34 5.11 0.93 -17.48
N ASN A 35 5.72 -0.25 -17.69
CA ASN A 35 7.01 -0.35 -18.41
C ASN A 35 6.91 0.19 -19.85
N GLU A 36 5.70 0.10 -20.44
CA GLU A 36 5.44 0.52 -21.82
C GLU A 36 5.23 2.04 -21.90
N ILE A 37 4.50 2.65 -20.94
CA ILE A 37 4.38 4.11 -20.86
C ILE A 37 5.66 4.79 -20.36
N SER A 38 6.46 4.09 -19.54
CA SER A 38 7.69 4.64 -18.96
C SER A 38 8.81 3.61 -18.78
N ARG A 39 9.98 3.92 -19.37
CA ARG A 39 11.22 3.15 -19.22
C ARG A 39 11.80 3.26 -17.80
N SER A 40 11.63 4.42 -17.16
CA SER A 40 12.03 4.68 -15.78
C SER A 40 10.80 4.58 -14.86
N GLY A 41 10.43 3.33 -14.55
CA GLY A 41 9.19 2.92 -13.88
C GLY A 41 9.55 1.88 -12.84
N ARG A 42 10.14 2.28 -11.70
CA ARG A 42 10.66 1.31 -10.73
C ARG A 42 9.51 0.83 -9.87
N ILE A 43 9.48 -0.45 -9.55
CA ILE A 43 8.43 -1.01 -8.69
C ILE A 43 9.00 -1.65 -7.42
N GLY A 44 8.29 -1.50 -6.30
CA GLY A 44 8.60 -2.09 -5.00
C GLY A 44 7.35 -2.72 -4.40
N PHE A 45 7.53 -3.68 -3.50
CA PHE A 45 6.44 -4.53 -3.00
C PHE A 45 6.35 -4.56 -1.47
N GLY A 46 5.13 -4.60 -0.88
CA GLY A 46 4.93 -4.63 0.57
C GLY A 46 3.80 -5.57 0.97
N SER A 47 4.01 -6.26 2.08
CA SER A 47 3.04 -7.20 2.66
C SER A 47 2.45 -6.63 3.95
N ILE A 48 1.17 -6.83 4.22
CA ILE A 48 0.58 -6.50 5.53
C ILE A 48 -0.60 -7.41 5.88
N VAL A 49 -0.85 -7.62 7.18
CA VAL A 49 -1.99 -8.41 7.69
C VAL A 49 -2.63 -7.74 8.92
N ASN A 50 -1.81 -7.63 9.97
CA ASN A 50 -2.04 -7.25 11.38
C ASN A 50 -0.93 -7.90 12.24
N MET A 51 -0.34 -9.01 11.76
CA MET A 51 0.88 -9.62 12.30
C MET A 51 2.00 -8.57 12.37
N THR A 52 2.20 -7.87 11.23
CA THR A 52 3.13 -6.76 10.93
C THR A 52 2.96 -6.36 9.47
N PHE A 53 3.75 -5.36 9.08
CA PHE A 53 4.01 -4.93 7.71
C PHE A 53 5.36 -5.60 7.38
N GLN A 54 5.46 -6.37 6.29
CA GLN A 54 6.72 -6.94 5.83
C GLN A 54 7.12 -6.28 4.52
N HIS A 55 8.24 -5.55 4.58
CA HIS A 55 8.91 -5.02 3.42
C HIS A 55 9.83 -6.08 2.79
N ILE A 56 9.52 -6.54 1.57
CA ILE A 56 10.43 -7.37 0.75
C ILE A 56 10.28 -6.96 -0.72
N LEU A 57 11.38 -6.42 -1.27
CA LEU A 57 11.63 -6.00 -2.65
C LEU A 57 11.51 -4.47 -2.73
N LYS A 58 12.66 -3.81 -2.64
CA LYS A 58 12.81 -2.37 -2.80
C LYS A 58 12.43 -1.91 -4.22
N LEU A 59 12.20 -0.60 -4.42
CA LEU A 59 11.94 -0.02 -5.74
C LEU A 59 13.07 -0.39 -6.73
N THR A 60 12.77 -1.22 -7.73
CA THR A 60 13.73 -1.78 -8.71
C THR A 60 13.23 -1.67 -10.15
N ALA A 61 14.17 -1.77 -11.09
CA ALA A 61 13.93 -1.91 -12.53
C ALA A 61 13.85 -3.39 -13.00
N ASP A 62 14.05 -4.36 -12.09
CA ASP A 62 14.00 -5.81 -12.34
C ASP A 62 12.55 -6.29 -12.22
N SER A 63 11.84 -5.95 -13.27
CA SER A 63 10.40 -6.02 -13.47
C SER A 63 9.91 -7.44 -13.63
N SER A 64 10.59 -8.25 -14.43
CA SER A 64 10.37 -9.70 -14.50
C SER A 64 10.51 -10.35 -13.12
N GLN A 65 11.30 -9.73 -12.22
CA GLN A 65 11.65 -10.35 -10.93
C GLN A 65 10.63 -9.97 -9.85
N PHE A 66 10.08 -8.75 -9.88
CA PHE A 66 8.95 -8.37 -9.02
C PHE A 66 7.76 -9.33 -9.18
N GLN A 67 7.55 -9.85 -10.38
CA GLN A 67 6.37 -10.65 -10.72
C GLN A 67 6.47 -12.06 -10.12
N ARG A 68 7.70 -12.55 -10.01
CA ARG A 68 8.02 -13.85 -9.41
C ARG A 68 7.90 -13.77 -7.89
N GLU A 69 8.15 -12.59 -7.32
CA GLU A 69 8.07 -12.38 -5.87
C GLU A 69 6.62 -12.08 -5.45
N LEU A 70 5.89 -11.37 -6.31
CA LEU A 70 4.47 -11.11 -6.12
C LEU A 70 3.70 -12.43 -6.24
N ARG A 71 4.09 -13.30 -7.19
CA ARG A 71 3.36 -14.56 -7.42
C ARG A 71 3.48 -15.54 -6.25
N LYS A 72 4.69 -15.76 -5.72
CA LYS A 72 4.94 -16.85 -4.76
C LYS A 72 4.36 -16.69 -3.35
N GLN A 73 4.19 -15.47 -2.83
CA GLN A 73 3.76 -15.32 -1.42
C GLN A 73 2.26 -15.58 -1.23
N LEU A 74 1.93 -16.15 -0.06
CA LEU A 74 0.61 -16.69 0.30
C LEU A 74 0.07 -16.06 1.60
N VAL A 75 -1.23 -16.22 1.81
CA VAL A 75 -1.99 -15.66 2.95
C VAL A 75 -1.62 -16.27 4.30
N SER A 76 -1.93 -15.55 5.37
CA SER A 76 -1.90 -16.00 6.77
C SER A 76 -3.32 -15.95 7.39
N GLY A 77 -3.44 -15.78 8.71
CA GLY A 77 -4.73 -15.74 9.43
C GLY A 77 -4.86 -14.58 10.42
N LYS A 78 -6.10 -14.14 10.66
CA LYS A 78 -6.50 -13.14 11.66
C LYS A 78 -7.92 -13.43 12.21
N LEU A 79 -8.19 -13.00 13.45
CA LEU A 79 -9.50 -13.12 14.14
C LEU A 79 -10.55 -12.18 13.50
N ALA A 80 -10.56 -10.89 13.90
CA ALA A 80 -11.55 -9.89 13.45
C ALA A 80 -11.31 -9.34 12.02
N THR A 81 -12.37 -8.79 11.42
CA THR A 81 -12.43 -8.34 10.02
C THR A 81 -11.51 -7.16 9.67
N PRO A 82 -11.42 -6.06 10.46
CA PRO A 82 -10.54 -4.93 10.13
C PRO A 82 -9.06 -5.33 10.13
N LYS A 83 -8.31 -4.84 9.15
CA LYS A 83 -6.87 -5.11 9.01
C LYS A 83 -6.00 -3.93 9.50
N GLY A 84 -4.70 -4.18 9.76
CA GLY A 84 -3.74 -3.17 10.25
C GLY A 84 -3.15 -2.26 9.16
N GLN A 85 -3.69 -2.31 7.94
CA GLN A 85 -3.32 -1.62 6.68
C GLN A 85 -2.62 -0.26 6.85
N LEU A 86 -3.19 0.55 7.74
CA LEU A 86 -2.76 1.88 8.13
C LEU A 86 -1.29 1.96 8.59
N ASP A 87 -0.74 0.93 9.23
CA ASP A 87 0.65 0.88 9.66
C ASP A 87 1.61 0.80 8.49
N ALA A 88 1.28 0.02 7.46
CA ALA A 88 2.14 -0.09 6.29
C ALA A 88 2.12 1.20 5.44
N VAL A 89 0.95 1.80 5.20
CA VAL A 89 0.87 3.10 4.49
C VAL A 89 1.73 4.18 5.19
N VAL A 90 1.78 4.19 6.53
CA VAL A 90 2.71 5.12 7.21
C VAL A 90 4.17 4.68 7.03
N GLN A 91 4.54 3.43 7.37
CA GLN A 91 5.95 3.01 7.35
C GLN A 91 6.56 3.14 5.95
N VAL A 92 5.82 2.77 4.91
CA VAL A 92 6.30 2.83 3.51
C VAL A 92 6.54 4.28 3.06
N ALA A 93 5.68 5.23 3.42
CA ALA A 93 5.91 6.64 3.10
C ALA A 93 7.14 7.21 3.83
N ILE A 94 7.35 6.83 5.10
CA ILE A 94 8.42 7.40 5.94
C ILE A 94 9.81 6.76 5.67
N CYS A 95 9.88 5.49 5.27
CA CYS A 95 11.14 4.75 5.09
C CYS A 95 11.78 4.98 3.72
N LEU A 96 12.20 6.22 3.52
CA LEU A 96 12.82 6.75 2.29
C LEU A 96 13.92 5.80 1.78
N GLY A 97 14.73 5.32 2.73
CA GLY A 97 15.92 4.49 2.48
C GLY A 97 15.64 3.00 2.24
N GLU A 98 14.59 2.45 2.85
CA GLU A 98 14.23 1.03 2.69
C GLU A 98 13.38 0.83 1.45
N ILE A 99 12.41 1.73 1.23
CA ILE A 99 11.54 1.66 0.07
C ILE A 99 12.31 2.05 -1.20
N GLY A 100 13.23 3.01 -1.06
CA GLY A 100 14.11 3.47 -2.14
C GLY A 100 13.54 4.63 -2.98
N TRP A 101 12.62 5.42 -2.40
CA TRP A 101 11.94 6.52 -3.08
C TRP A 101 12.92 7.54 -3.72
N ARG A 102 12.80 7.74 -5.04
CA ARG A 102 13.49 8.81 -5.79
C ARG A 102 12.60 10.04 -5.99
N ASN A 103 13.17 11.15 -6.43
CA ASN A 103 12.45 12.39 -6.73
C ASN A 103 11.83 12.43 -8.15
N GLY A 104 10.97 11.45 -8.47
CA GLY A 104 10.11 11.44 -9.67
C GLY A 104 8.68 11.72 -9.23
N THR A 105 7.77 10.85 -9.66
CA THR A 105 6.38 10.74 -9.20
C THR A 105 6.30 9.41 -8.44
N ARG A 106 5.51 9.29 -7.35
CA ARG A 106 5.63 8.10 -6.52
C ARG A 106 4.29 7.71 -5.93
N PHE A 107 3.81 6.50 -6.25
CA PHE A 107 2.47 6.09 -5.87
C PHE A 107 2.41 4.86 -5.00
N LEU A 108 1.62 5.00 -3.94
CA LEU A 108 1.29 3.89 -3.08
C LEU A 108 0.03 3.22 -3.61
N VAL A 109 0.14 2.04 -4.19
CA VAL A 109 -1.04 1.27 -4.60
C VAL A 109 -1.39 0.41 -3.40
N LEU A 110 -2.51 0.65 -2.72
CA LEU A 110 -2.77 0.00 -1.43
C LEU A 110 -4.00 -0.87 -1.52
N VAL A 111 -3.79 -2.19 -1.39
CA VAL A 111 -4.86 -3.17 -1.50
C VAL A 111 -5.29 -3.78 -0.17
N THR A 112 -6.61 -3.90 -0.07
CA THR A 112 -7.32 -4.67 0.97
C THR A 112 -8.64 -5.19 0.40
N ASP A 113 -9.30 -6.07 1.14
CA ASP A 113 -10.64 -6.60 0.86
C ASP A 113 -11.60 -6.52 2.05
N ASN A 114 -11.24 -5.74 3.07
CA ASN A 114 -12.06 -5.41 4.25
C ASN A 114 -11.80 -3.96 4.66
N ASP A 115 -12.49 -3.48 5.71
CA ASP A 115 -12.16 -2.20 6.35
C ASP A 115 -10.86 -2.32 7.17
N PHE A 116 -10.54 -1.30 7.97
CA PHE A 116 -9.24 -1.18 8.62
C PHE A 116 -9.30 -0.57 10.01
N HIS A 117 -8.28 -0.87 10.81
CA HIS A 117 -8.06 -0.25 12.12
C HIS A 117 -7.57 1.20 12.01
N LEU A 118 -8.23 2.10 12.74
CA LEU A 118 -7.90 3.52 12.83
C LEU A 118 -7.25 3.81 14.20
N ALA A 119 -6.85 5.06 14.45
CA ALA A 119 -6.31 5.45 15.75
C ALA A 119 -7.25 5.10 16.92
N LYS A 120 -6.62 4.65 18.01
CA LYS A 120 -7.19 4.35 19.34
C LYS A 120 -7.78 2.94 19.50
N ASP A 121 -8.25 2.25 18.45
CA ASP A 121 -8.91 0.93 18.61
C ASP A 121 -7.99 -0.19 19.13
N LYS A 122 -6.66 -0.10 18.97
CA LYS A 122 -5.70 -1.00 19.65
C LYS A 122 -5.55 -0.76 21.17
N THR A 123 -6.35 0.11 21.79
CA THR A 123 -6.43 0.23 23.27
C THR A 123 -6.94 -1.08 23.87
N LEU A 124 -7.70 -1.86 23.08
CA LEU A 124 -8.14 -3.23 23.39
C LEU A 124 -6.97 -4.23 23.52
N GLY A 125 -5.91 -4.06 22.72
CA GLY A 125 -4.64 -4.80 22.80
C GLY A 125 -3.62 -4.15 23.75
N THR A 126 -4.07 -3.20 24.58
CA THR A 126 -3.31 -2.34 25.51
C THR A 126 -2.01 -1.77 24.94
N ARG A 127 -2.14 -1.12 23.79
CA ARG A 127 -1.10 -0.29 23.18
C ARG A 127 -1.52 1.14 23.53
N GLN A 128 -0.82 1.88 24.41
CA GLN A 128 -1.34 3.18 24.89
C GLN A 128 -0.97 4.34 23.94
N ASN A 129 0.32 4.59 23.76
CA ASN A 129 0.84 5.79 23.08
C ASN A 129 0.63 5.80 21.56
N THR A 130 0.14 6.95 21.07
CA THR A 130 0.04 7.33 19.66
C THR A 130 1.36 7.11 18.92
N SER A 131 1.32 6.71 17.66
CA SER A 131 2.52 6.59 16.84
C SER A 131 3.19 7.96 16.59
N ASP A 132 4.52 7.96 16.52
CA ASP A 132 5.33 9.18 16.38
C ASP A 132 5.42 9.68 14.93
N GLY A 133 5.00 8.86 13.95
CA GLY A 133 5.08 9.18 12.53
C GLY A 133 6.52 9.11 11.98
N ARG A 134 7.44 8.46 12.71
CA ARG A 134 8.79 8.11 12.23
C ARG A 134 8.83 6.61 11.89
N CYS A 135 9.79 6.17 11.06
CA CYS A 135 9.89 4.76 10.68
C CYS A 135 10.67 3.91 11.70
N HIS A 136 10.22 2.67 11.86
CA HIS A 136 10.78 1.64 12.76
C HIS A 136 10.94 0.32 11.98
N LEU A 137 11.80 0.33 10.96
CA LEU A 137 12.10 -0.80 10.06
C LEU A 137 13.61 -1.10 10.15
N ASP A 138 14.00 -2.35 10.36
CA ASP A 138 15.41 -2.78 10.31
C ASP A 138 15.59 -4.07 9.50
N ASP A 139 15.10 -5.21 10.00
CA ASP A 139 15.18 -6.53 9.35
C ASP A 139 14.02 -6.83 8.37
N GLY A 140 13.17 -5.83 8.11
CA GLY A 140 12.07 -5.86 7.14
C GLY A 140 10.66 -5.92 7.75
N MET A 141 10.52 -6.24 9.04
CA MET A 141 9.25 -6.14 9.76
C MET A 141 9.09 -4.76 10.41
N TYR A 142 7.87 -4.22 10.45
CA TYR A 142 7.56 -3.03 11.26
C TYR A 142 7.76 -3.36 12.75
N ARG A 143 8.93 -2.99 13.28
CA ARG A 143 9.44 -3.39 14.60
C ARG A 143 8.48 -3.00 15.72
N SER A 144 7.93 -1.80 15.64
CA SER A 144 7.16 -1.18 16.72
C SER A 144 5.64 -1.38 16.61
N ARG A 145 5.12 -2.17 15.66
CA ARG A 145 3.68 -2.50 15.58
C ARG A 145 3.08 -2.93 16.94
N GLY A 146 3.83 -3.73 17.70
CA GLY A 146 3.44 -4.26 19.01
C GLY A 146 3.49 -3.25 20.17
N GLU A 147 3.95 -2.01 19.94
CA GLU A 147 3.99 -0.94 20.96
C GLU A 147 3.16 0.30 20.53
N PRO A 148 3.57 1.20 19.61
CA PRO A 148 2.73 2.30 19.14
C PRO A 148 1.39 1.96 18.48
N ASP A 149 0.54 2.98 18.46
CA ASP A 149 -0.81 3.08 17.92
C ASP A 149 -0.89 3.06 16.38
N TYR A 150 -2.14 3.02 15.92
CA TYR A 150 -2.56 3.25 14.55
C TYR A 150 -2.61 4.78 14.37
N GLN A 151 -1.89 5.33 13.40
CA GLN A 151 -1.81 6.77 13.15
C GLN A 151 -3.17 7.37 12.73
N SER A 152 -3.55 8.52 13.29
CA SER A 152 -4.82 9.16 12.92
C SER A 152 -4.80 9.67 11.47
N VAL A 153 -5.99 9.82 10.84
CA VAL A 153 -6.10 10.08 9.38
C VAL A 153 -5.37 11.37 8.92
N VAL A 154 -5.23 12.37 9.79
CA VAL A 154 -4.48 13.61 9.49
C VAL A 154 -2.96 13.43 9.68
N GLN A 155 -2.49 12.46 10.48
CA GLN A 155 -1.07 12.11 10.52
C GLN A 155 -0.65 11.56 9.14
N LEU A 156 -1.48 10.72 8.51
CA LEU A 156 -1.24 10.23 7.15
C LEU A 156 -1.06 11.39 6.17
N ALA A 157 -2.04 12.30 6.08
CA ALA A 157 -2.00 13.40 5.13
C ALA A 157 -0.78 14.33 5.34
N SER A 158 -0.29 14.47 6.57
CA SER A 158 0.98 15.15 6.85
C SER A 158 2.17 14.38 6.26
N LYS A 159 2.31 13.08 6.59
CA LYS A 159 3.44 12.26 6.12
C LYS A 159 3.46 12.08 4.60
N LEU A 160 2.33 11.79 3.96
CA LEU A 160 2.30 11.53 2.52
C LEU A 160 2.42 12.83 1.70
N ALA A 161 2.06 14.00 2.24
CA ALA A 161 2.33 15.31 1.63
C ALA A 161 3.80 15.76 1.74
N GLU A 162 4.48 15.50 2.87
CA GLU A 162 5.90 15.87 3.04
C GLU A 162 6.82 14.94 2.24
N ASN A 163 6.43 13.66 2.13
CA ASN A 163 7.11 12.67 1.30
C ASN A 163 6.64 12.68 -0.16
N ASN A 164 5.59 13.46 -0.50
CA ASN A 164 5.06 13.66 -1.87
C ASN A 164 4.64 12.34 -2.56
N ILE A 165 4.05 11.43 -1.80
CA ILE A 165 3.53 10.13 -2.30
C ILE A 165 2.07 10.32 -2.74
N GLN A 166 1.60 9.70 -3.84
CA GLN A 166 0.17 9.69 -4.13
C GLN A 166 -0.41 8.30 -3.79
N PRO A 167 -1.10 8.13 -2.64
CA PRO A 167 -1.76 6.87 -2.31
C PRO A 167 -3.10 6.68 -3.07
N ILE A 168 -3.35 5.42 -3.45
CA ILE A 168 -4.52 4.98 -4.20
C ILE A 168 -5.16 3.79 -3.47
N PHE A 169 -6.34 3.95 -2.87
CA PHE A 169 -7.05 2.86 -2.17
C PHE A 169 -7.72 1.89 -3.14
N VAL A 170 -6.90 1.10 -3.81
CA VAL A 170 -7.33 -0.05 -4.62
C VAL A 170 -8.01 -1.16 -3.78
N VAL A 171 -9.35 -1.23 -3.80
CA VAL A 171 -10.12 -2.18 -2.96
C VAL A 171 -11.37 -2.71 -3.69
N PRO A 172 -11.79 -3.98 -3.51
CA PRO A 172 -12.94 -4.54 -4.23
C PRO A 172 -14.30 -3.93 -3.89
N SER A 173 -15.29 -4.27 -4.73
CA SER A 173 -16.71 -3.99 -4.48
C SER A 173 -17.16 -4.50 -3.09
N ARG A 174 -18.01 -3.71 -2.41
CA ARG A 174 -18.50 -3.81 -1.01
C ARG A 174 -17.79 -2.79 -0.12
N MET A 175 -16.44 -2.73 -0.21
CA MET A 175 -15.58 -1.83 0.60
C MET A 175 -15.39 -0.43 0.02
N VAL A 176 -15.57 -0.24 -1.30
CA VAL A 176 -15.21 0.98 -2.05
C VAL A 176 -15.75 2.24 -1.39
N LYS A 177 -17.00 2.19 -0.92
CA LYS A 177 -17.71 3.38 -0.41
C LYS A 177 -17.25 3.85 0.97
N THR A 178 -16.51 3.03 1.74
CA THR A 178 -15.90 3.45 3.03
C THR A 178 -14.61 4.20 2.74
N TYR A 179 -13.82 3.69 1.81
CA TYR A 179 -12.52 4.22 1.41
C TYR A 179 -12.69 5.51 0.60
N GLU A 180 -13.82 5.66 -0.09
CA GLU A 180 -14.15 6.96 -0.70
C GLU A 180 -14.41 8.01 0.36
N LYS A 181 -15.02 7.68 1.51
CA LYS A 181 -15.25 8.78 2.48
C LYS A 181 -13.96 9.15 3.21
N LEU A 182 -13.03 8.20 3.33
CA LEU A 182 -11.70 8.44 3.87
C LEU A 182 -10.84 9.18 2.82
N THR A 183 -11.20 9.14 1.53
CA THR A 183 -10.55 10.01 0.52
C THR A 183 -10.96 11.47 0.71
N THR A 184 -12.13 11.68 1.34
CA THR A 184 -12.60 13.02 1.73
C THR A 184 -11.83 13.48 2.95
N PHE A 185 -11.38 12.55 3.81
CA PHE A 185 -10.51 12.88 4.94
C PHE A 185 -9.04 13.11 4.51
N ILE A 186 -8.55 12.48 3.43
CA ILE A 186 -7.17 12.73 2.92
C ILE A 186 -7.12 13.29 1.48
N PRO A 187 -7.02 14.63 1.32
CA PRO A 187 -6.92 15.29 0.02
C PRO A 187 -5.82 14.71 -0.87
N LYS A 188 -6.14 14.56 -2.16
CA LYS A 188 -5.31 14.09 -3.27
C LYS A 188 -5.18 12.55 -3.37
N LEU A 189 -5.74 11.79 -2.42
CA LEU A 189 -5.87 10.32 -2.58
C LEU A 189 -6.91 10.03 -3.68
N THR A 190 -6.82 8.86 -4.35
CA THR A 190 -7.81 8.33 -5.25
C THR A 190 -8.04 6.90 -4.73
N ILE A 191 -8.86 6.17 -5.41
CA ILE A 191 -9.45 4.89 -5.08
C ILE A 191 -9.61 4.10 -6.39
N GLY A 192 -9.43 2.78 -6.34
CA GLY A 192 -9.72 1.90 -7.47
C GLY A 192 -10.61 0.75 -7.01
N GLU A 193 -11.49 0.26 -7.88
CA GLU A 193 -12.25 -0.95 -7.63
C GLU A 193 -11.45 -2.12 -8.20
N LEU A 194 -10.68 -2.72 -7.31
CA LEU A 194 -9.99 -3.99 -7.54
C LEU A 194 -11.01 -5.08 -7.92
N SER A 195 -10.65 -5.91 -8.88
CA SER A 195 -11.37 -7.11 -9.30
C SER A 195 -10.41 -7.97 -10.13
N ASP A 196 -10.87 -9.10 -10.67
CA ASP A 196 -10.08 -9.90 -11.63
C ASP A 196 -9.69 -9.14 -12.92
N ASP A 197 -10.20 -7.91 -13.11
CA ASP A 197 -9.78 -6.96 -14.15
C ASP A 197 -9.03 -5.75 -13.55
N SER A 198 -7.90 -5.39 -14.17
CA SER A 198 -6.97 -4.36 -13.70
C SER A 198 -7.28 -2.93 -14.22
N SER A 199 -8.09 -2.81 -15.28
CA SER A 199 -8.29 -1.57 -16.03
C SER A 199 -8.76 -0.41 -15.18
N ASN A 200 -9.67 -0.65 -14.22
CA ASN A 200 -10.16 0.42 -13.34
C ASN A 200 -9.08 0.96 -12.38
N VAL A 201 -8.01 0.20 -12.13
CA VAL A 201 -6.87 0.65 -11.29
C VAL A 201 -5.79 1.32 -12.15
N ALA A 202 -5.44 0.70 -13.28
CA ALA A 202 -4.42 1.21 -14.19
C ALA A 202 -4.84 2.54 -14.81
N GLN A 203 -6.12 2.77 -15.11
CA GLN A 203 -6.61 4.02 -15.71
C GLN A 203 -6.45 5.26 -14.80
N LEU A 204 -6.02 5.06 -13.57
CA LEU A 204 -5.89 6.05 -12.51
C LEU A 204 -4.42 6.38 -12.37
N ILE A 205 -3.58 5.35 -12.49
CA ILE A 205 -2.13 5.56 -12.61
C ILE A 205 -1.86 6.21 -13.96
N ARG A 206 -2.39 5.67 -15.06
CA ARG A 206 -2.23 6.34 -16.36
C ARG A 206 -2.97 7.69 -16.41
N ASN A 207 -4.06 7.89 -15.64
CA ASN A 207 -4.62 9.26 -15.52
C ASN A 207 -3.65 10.20 -14.77
N ALA A 208 -3.01 9.73 -13.70
CA ALA A 208 -2.10 10.54 -12.88
C ALA A 208 -0.74 10.77 -13.57
N TYR A 209 -0.32 9.83 -14.42
CA TYR A 209 0.83 9.99 -15.31
C TYR A 209 0.55 11.04 -16.38
N SER A 210 -0.66 11.10 -16.92
CA SER A 210 -1.06 12.09 -17.95
C SER A 210 -0.98 13.56 -17.48
N LYS A 211 -0.97 13.83 -16.16
CA LYS A 211 -0.98 15.18 -15.56
C LYS A 211 0.40 15.64 -15.02
N LEU A 212 1.46 15.21 -15.71
CA LEU A 212 2.90 15.51 -15.49
C LEU A 212 3.29 16.82 -14.77
N ASP A 1 8.42 9.99 -21.60
CA ASP A 1 8.97 8.96 -20.67
C ASP A 1 9.76 9.60 -19.49
N ASN A 2 9.04 10.14 -18.50
CA ASN A 2 9.63 10.66 -17.25
C ASN A 2 9.60 9.61 -16.12
N SER A 3 10.46 9.75 -15.10
CA SER A 3 10.61 8.74 -14.03
C SER A 3 9.36 8.60 -13.13
N VAL A 4 8.91 7.35 -12.97
CA VAL A 4 7.75 6.95 -12.14
C VAL A 4 8.18 5.84 -11.19
N ASP A 5 7.75 5.93 -9.94
CA ASP A 5 8.15 5.01 -8.87
C ASP A 5 6.91 4.46 -8.17
N LEU A 6 6.64 3.17 -8.35
CA LEU A 6 5.45 2.52 -7.80
C LEU A 6 5.75 1.63 -6.60
N TYR A 7 4.97 1.78 -5.52
CA TYR A 7 4.99 0.85 -4.40
C TYR A 7 3.63 0.18 -4.26
N PHE A 8 3.61 -1.07 -4.72
CA PHE A 8 2.51 -2.00 -4.56
C PHE A 8 2.48 -2.65 -3.17
N LEU A 9 1.56 -2.21 -2.30
CA LEU A 9 1.29 -2.83 -1.01
C LEU A 9 -0.01 -3.66 -1.05
N MET A 10 0.09 -4.93 -0.65
CA MET A 10 -1.09 -5.82 -0.52
C MET A 10 -1.31 -6.42 0.89
N GLY A 11 -2.58 -6.63 1.24
CA GLY A 11 -3.00 -7.35 2.45
C GLY A 11 -3.06 -8.87 2.23
N LEU A 12 -2.56 -9.66 3.18
CA LEU A 12 -2.51 -11.13 3.16
C LEU A 12 -3.29 -11.77 4.33
N SER A 13 -4.50 -11.28 4.61
CA SER A 13 -5.43 -11.93 5.56
C SER A 13 -6.05 -13.22 4.99
N GLY A 14 -6.66 -14.06 5.84
CA GLY A 14 -7.27 -15.32 5.41
C GLY A 14 -8.50 -15.14 4.51
N SER A 15 -9.13 -13.97 4.57
CA SER A 15 -10.17 -13.52 3.64
C SER A 15 -9.62 -13.10 2.27
N ALA A 16 -8.31 -12.84 2.14
CA ALA A 16 -7.67 -12.41 0.90
C ALA A 16 -7.25 -13.56 -0.03
N GLN A 17 -7.35 -14.85 0.36
CA GLN A 17 -7.17 -15.94 -0.61
C GLN A 17 -8.41 -16.07 -1.51
N GLY A 18 -8.19 -16.42 -2.79
CA GLY A 18 -9.20 -16.36 -3.84
C GLY A 18 -9.06 -15.00 -4.53
N HIS A 19 -9.12 -13.91 -3.75
CA HIS A 19 -8.78 -12.55 -4.17
C HIS A 19 -7.29 -12.40 -4.50
N LEU A 20 -6.42 -13.24 -3.90
CA LEU A 20 -4.98 -13.38 -4.16
C LEU A 20 -4.68 -13.44 -5.66
N SER A 21 -5.45 -14.24 -6.41
CA SER A 21 -5.37 -14.30 -7.87
C SER A 21 -5.41 -12.90 -8.52
N ASN A 22 -6.41 -12.07 -8.19
CA ASN A 22 -6.49 -10.75 -8.79
C ASN A 22 -5.58 -9.69 -8.13
N VAL A 23 -5.21 -9.84 -6.86
CA VAL A 23 -4.14 -9.01 -6.28
C VAL A 23 -2.74 -9.43 -6.79
N GLN A 24 -2.63 -10.49 -7.62
CA GLN A 24 -1.40 -10.81 -8.36
C GLN A 24 -1.51 -10.42 -9.84
N THR A 25 -2.70 -10.52 -10.46
CA THR A 25 -3.01 -9.96 -11.79
C THR A 25 -2.72 -8.47 -11.77
N LEU A 26 -3.32 -7.76 -10.82
CA LEU A 26 -3.03 -6.38 -10.47
C LEU A 26 -1.80 -6.42 -9.59
N GLY A 27 -0.71 -6.47 -10.29
CA GLY A 27 0.66 -6.30 -9.81
C GLY A 27 1.59 -6.50 -10.99
N SER A 28 1.42 -7.65 -11.63
CA SER A 28 2.16 -8.01 -12.84
C SER A 28 1.64 -7.23 -14.06
N ASP A 29 0.32 -7.01 -14.17
CA ASP A 29 -0.27 -6.11 -15.16
C ASP A 29 0.08 -4.65 -14.86
N LEU A 30 0.15 -4.27 -13.57
CA LEU A 30 0.51 -2.90 -13.18
C LEU A 30 1.96 -2.61 -13.63
N LEU A 31 2.85 -3.55 -13.35
CA LEU A 31 4.27 -3.51 -13.71
C LEU A 31 4.48 -3.38 -15.23
N LYS A 32 4.02 -4.32 -16.07
CA LYS A 32 4.39 -4.26 -17.51
C LYS A 32 3.64 -3.15 -18.26
N ALA A 33 2.37 -2.86 -17.93
CA ALA A 33 1.65 -1.74 -18.56
C ALA A 33 2.36 -0.39 -18.34
N LEU A 34 2.98 -0.20 -17.17
CA LEU A 34 3.77 1.00 -16.88
C LEU A 34 5.19 0.94 -17.45
N ASN A 35 5.79 -0.24 -17.58
CA ASN A 35 7.08 -0.41 -18.28
C ASN A 35 6.99 -0.07 -19.79
N GLU A 36 5.77 -0.02 -20.35
CA GLU A 36 5.49 0.40 -21.73
C GLU A 36 5.30 1.92 -21.82
N ILE A 37 4.57 2.55 -20.90
CA ILE A 37 4.45 4.03 -20.87
C ILE A 37 5.75 4.71 -20.41
N SER A 38 6.59 4.04 -19.62
CA SER A 38 7.89 4.58 -19.20
C SER A 38 8.99 3.53 -19.01
N ARG A 39 10.18 3.82 -19.54
CA ARG A 39 11.41 3.04 -19.34
C ARG A 39 11.98 3.21 -17.92
N SER A 40 11.67 4.33 -17.25
CA SER A 40 12.05 4.62 -15.86
C SER A 40 10.82 4.49 -14.95
N GLY A 41 10.47 3.23 -14.65
CA GLY A 41 9.23 2.80 -13.99
C GLY A 41 9.61 1.77 -12.94
N ARG A 42 10.10 2.21 -11.79
CA ARG A 42 10.61 1.30 -10.76
C ARG A 42 9.42 0.79 -9.97
N ILE A 43 9.45 -0.48 -9.60
CA ILE A 43 8.36 -1.14 -8.88
C ILE A 43 8.95 -1.75 -7.61
N GLY A 44 8.25 -1.64 -6.49
CA GLY A 44 8.58 -2.33 -5.23
C GLY A 44 7.36 -2.95 -4.61
N PHE A 45 7.57 -3.98 -3.80
CA PHE A 45 6.52 -4.77 -3.20
C PHE A 45 6.37 -4.48 -1.69
N GLY A 46 5.24 -4.86 -1.05
CA GLY A 46 5.09 -4.83 0.40
C GLY A 46 3.88 -5.60 0.87
N SER A 47 3.97 -6.20 2.06
CA SER A 47 2.88 -7.02 2.61
C SER A 47 2.59 -6.78 4.08
N ILE A 48 1.33 -7.03 4.46
CA ILE A 48 0.79 -6.79 5.79
C ILE A 48 -0.46 -7.65 5.99
N VAL A 49 -0.84 -7.91 7.24
CA VAL A 49 -2.14 -8.53 7.60
C VAL A 49 -2.56 -7.97 8.95
N ASN A 50 -1.89 -8.41 10.02
CA ASN A 50 -1.98 -7.85 11.38
C ASN A 50 -0.81 -8.34 12.27
N MET A 51 -0.07 -9.38 11.83
CA MET A 51 1.20 -9.87 12.40
C MET A 51 2.21 -8.74 12.65
N THR A 52 2.29 -7.81 11.67
CA THR A 52 3.20 -6.67 11.40
C THR A 52 3.08 -6.33 9.91
N PHE A 53 3.83 -5.32 9.47
CA PHE A 53 4.08 -4.98 8.07
C PHE A 53 5.48 -5.52 7.77
N GLN A 54 5.67 -6.18 6.63
CA GLN A 54 7.00 -6.57 6.16
C GLN A 54 7.24 -6.09 4.73
N HIS A 55 8.36 -5.39 4.58
CA HIS A 55 8.92 -4.98 3.31
C HIS A 55 9.64 -6.16 2.61
N ILE A 56 9.31 -6.38 1.33
CA ILE A 56 9.93 -7.34 0.41
C ILE A 56 10.07 -6.59 -0.93
N LEU A 57 11.18 -6.75 -1.67
CA LEU A 57 11.60 -5.97 -2.85
C LEU A 57 11.45 -4.44 -2.77
N LYS A 58 12.57 -3.76 -2.48
CA LYS A 58 12.65 -2.29 -2.60
C LYS A 58 12.55 -1.86 -4.07
N LEU A 59 12.27 -0.58 -4.34
CA LEU A 59 11.99 -0.08 -5.69
C LEU A 59 13.10 -0.48 -6.69
N THR A 60 12.75 -1.28 -7.71
CA THR A 60 13.68 -1.85 -8.69
C THR A 60 13.11 -1.79 -10.11
N ALA A 61 14.00 -1.82 -11.10
CA ALA A 61 13.67 -1.96 -12.52
C ALA A 61 13.75 -3.44 -13.01
N ASP A 62 13.98 -4.39 -12.08
CA ASP A 62 13.91 -5.83 -12.31
C ASP A 62 12.44 -6.27 -12.24
N SER A 63 11.80 -6.01 -13.36
CA SER A 63 10.37 -6.09 -13.66
C SER A 63 9.92 -7.55 -13.63
N SER A 64 10.69 -8.43 -14.26
CA SER A 64 10.53 -9.89 -14.16
C SER A 64 10.76 -10.39 -12.73
N GLN A 65 11.51 -9.65 -11.88
CA GLN A 65 11.78 -10.13 -10.51
C GLN A 65 10.56 -9.89 -9.62
N PHE A 66 9.99 -8.69 -9.66
CA PHE A 66 8.78 -8.34 -8.94
C PHE A 66 7.62 -9.27 -9.28
N GLN A 67 7.55 -9.76 -10.52
CA GLN A 67 6.43 -10.60 -10.99
C GLN A 67 6.45 -11.96 -10.30
N ARG A 68 7.65 -12.50 -10.09
CA ARG A 68 7.88 -13.81 -9.46
C ARG A 68 7.62 -13.70 -7.97
N GLU A 69 8.01 -12.57 -7.39
CA GLU A 69 7.97 -12.42 -5.93
C GLU A 69 6.58 -11.98 -5.47
N LEU A 70 5.84 -11.33 -6.37
CA LEU A 70 4.42 -11.06 -6.19
C LEU A 70 3.68 -12.41 -6.31
N ARG A 71 3.99 -13.18 -7.38
CA ARG A 71 3.29 -14.45 -7.67
C ARG A 71 3.46 -15.48 -6.54
N LYS A 72 4.63 -15.50 -5.89
CA LYS A 72 4.95 -16.41 -4.78
C LYS A 72 4.23 -16.11 -3.45
N GLN A 73 3.58 -14.95 -3.26
CA GLN A 73 3.03 -14.59 -1.95
C GLN A 73 1.89 -15.52 -1.48
N LEU A 74 1.71 -15.55 -0.16
CA LEU A 74 0.86 -16.49 0.56
C LEU A 74 0.09 -15.77 1.69
N VAL A 75 -1.17 -16.14 1.92
CA VAL A 75 -1.97 -15.56 3.02
C VAL A 75 -1.63 -16.16 4.38
N SER A 76 -1.87 -15.39 5.43
CA SER A 76 -1.83 -15.85 6.82
C SER A 76 -3.28 -15.87 7.38
N GLY A 77 -3.48 -15.70 8.69
CA GLY A 77 -4.80 -15.67 9.35
C GLY A 77 -4.88 -14.75 10.55
N LYS A 78 -6.09 -14.21 10.80
CA LYS A 78 -6.43 -13.42 12.00
C LYS A 78 -7.96 -13.40 12.26
N LEU A 79 -8.36 -13.28 13.54
CA LEU A 79 -9.75 -13.39 14.00
C LEU A 79 -10.61 -12.21 13.53
N ALA A 80 -10.27 -10.98 13.93
CA ALA A 80 -11.04 -9.78 13.58
C ALA A 80 -10.90 -9.45 12.08
N THR A 81 -12.02 -9.11 11.42
CA THR A 81 -12.08 -8.84 9.97
C THR A 81 -11.37 -7.54 9.55
N PRO A 82 -11.42 -6.40 10.30
CA PRO A 82 -10.58 -5.25 10.02
C PRO A 82 -9.10 -5.60 10.20
N LYS A 83 -8.24 -5.06 9.32
CA LYS A 83 -6.78 -5.29 9.34
C LYS A 83 -5.97 -4.03 9.76
N GLY A 84 -4.64 -4.08 9.63
CA GLY A 84 -3.67 -3.10 10.16
C GLY A 84 -2.90 -2.24 9.16
N GLN A 85 -3.49 -1.97 8.00
CA GLN A 85 -2.81 -1.36 6.84
C GLN A 85 -2.37 0.13 6.92
N LEU A 86 -3.00 1.05 7.67
CA LEU A 86 -2.49 2.45 7.72
C LEU A 86 -1.11 2.56 8.40
N ASP A 87 -0.80 1.70 9.37
CA ASP A 87 0.56 1.63 9.92
C ASP A 87 1.58 1.28 8.82
N ALA A 88 1.22 0.34 7.95
CA ALA A 88 2.03 -0.01 6.79
C ALA A 88 2.15 1.17 5.82
N VAL A 89 1.04 1.82 5.44
CA VAL A 89 1.14 2.94 4.46
C VAL A 89 2.05 4.06 4.96
N VAL A 90 2.10 4.32 6.28
CA VAL A 90 3.05 5.32 6.80
C VAL A 90 4.46 4.80 6.89
N GLN A 91 4.73 3.56 7.31
CA GLN A 91 6.11 3.03 7.19
C GLN A 91 6.58 3.11 5.73
N VAL A 92 5.74 2.69 4.78
CA VAL A 92 6.03 2.82 3.34
C VAL A 92 6.26 4.28 2.90
N ALA A 93 5.59 5.27 3.53
CA ALA A 93 5.82 6.69 3.22
C ALA A 93 7.08 7.27 3.87
N ILE A 94 7.46 6.84 5.10
CA ILE A 94 8.57 7.44 5.88
C ILE A 94 9.92 6.74 5.67
N CYS A 95 9.94 5.43 5.38
CA CYS A 95 11.15 4.59 5.30
C CYS A 95 11.88 4.76 3.95
N LEU A 96 12.17 6.02 3.58
CA LEU A 96 12.66 6.46 2.27
C LEU A 96 13.85 5.65 1.79
N GLY A 97 14.75 5.35 2.72
CA GLY A 97 16.05 4.69 2.46
C GLY A 97 15.94 3.18 2.21
N GLU A 98 14.88 2.53 2.71
CA GLU A 98 14.65 1.09 2.55
C GLU A 98 13.57 0.82 1.49
N ILE A 99 12.56 1.67 1.37
CA ILE A 99 11.60 1.60 0.26
C ILE A 99 12.31 1.93 -1.07
N GLY A 100 13.13 3.00 -1.08
CA GLY A 100 13.94 3.40 -2.23
C GLY A 100 13.34 4.51 -3.10
N TRP A 101 12.48 5.37 -2.55
CA TRP A 101 11.88 6.51 -3.27
C TRP A 101 12.96 7.47 -3.84
N ARG A 102 12.93 7.75 -5.16
CA ARG A 102 13.77 8.76 -5.84
C ARG A 102 13.07 10.14 -5.93
N ASN A 103 13.50 10.99 -6.87
CA ASN A 103 13.07 12.39 -7.03
C ASN A 103 11.86 12.64 -7.97
N GLY A 104 11.25 11.60 -8.57
CA GLY A 104 10.15 11.76 -9.55
C GLY A 104 8.80 11.84 -8.86
N THR A 105 7.88 10.99 -9.32
CA THR A 105 6.52 10.84 -8.78
C THR A 105 6.37 9.45 -8.16
N ARG A 106 5.67 9.34 -7.03
CA ARG A 106 5.66 8.14 -6.19
C ARG A 106 4.22 7.65 -6.01
N PHE A 107 3.93 6.35 -6.16
CA PHE A 107 2.57 5.85 -5.92
C PHE A 107 2.44 4.65 -5.00
N LEU A 108 1.82 4.88 -3.85
CA LEU A 108 1.42 3.82 -2.92
C LEU A 108 0.09 3.23 -3.40
N VAL A 109 0.18 2.10 -4.10
CA VAL A 109 -0.99 1.33 -4.55
C VAL A 109 -1.41 0.45 -3.38
N LEU A 110 -2.61 0.68 -2.85
CA LEU A 110 -3.05 0.10 -1.59
C LEU A 110 -4.14 -0.94 -1.79
N VAL A 111 -3.81 -2.22 -1.60
CA VAL A 111 -4.82 -3.30 -1.74
C VAL A 111 -5.33 -3.81 -0.39
N THR A 112 -6.66 -3.88 -0.24
CA THR A 112 -7.32 -4.56 0.90
C THR A 112 -8.79 -4.92 0.65
N ASP A 113 -9.30 -5.98 1.29
CA ASP A 113 -10.61 -6.62 1.05
C ASP A 113 -11.71 -6.38 2.11
N ASN A 114 -11.36 -5.85 3.28
CA ASN A 114 -12.30 -5.49 4.36
C ASN A 114 -11.92 -4.13 4.98
N ASP A 115 -12.54 -3.74 6.10
CA ASP A 115 -12.29 -2.47 6.79
C ASP A 115 -10.91 -2.43 7.50
N PHE A 116 -10.69 -1.39 8.30
CA PHE A 116 -9.40 -1.08 8.93
C PHE A 116 -9.57 -0.59 10.39
N HIS A 117 -8.55 -0.87 11.22
CA HIS A 117 -8.46 -0.42 12.61
C HIS A 117 -7.87 1.00 12.76
N LEU A 118 -8.69 2.06 12.78
CA LEU A 118 -8.24 3.45 12.97
C LEU A 118 -7.50 3.66 14.31
N ALA A 119 -6.75 4.77 14.43
CA ALA A 119 -6.16 5.21 15.70
C ALA A 119 -7.18 5.15 16.85
N LYS A 120 -6.73 4.61 17.99
CA LYS A 120 -7.45 4.31 19.25
C LYS A 120 -7.90 2.83 19.33
N ASP A 121 -7.85 2.05 18.24
CA ASP A 121 -8.25 0.64 18.24
C ASP A 121 -7.20 -0.31 18.88
N LYS A 122 -5.93 0.09 18.99
CA LYS A 122 -4.93 -0.67 19.76
C LYS A 122 -5.12 -0.59 21.30
N THR A 123 -6.11 0.16 21.80
CA THR A 123 -6.53 0.15 23.21
C THR A 123 -6.96 -1.25 23.66
N LEU A 124 -7.61 -2.04 22.78
CA LEU A 124 -7.96 -3.44 23.06
C LEU A 124 -6.71 -4.34 23.23
N GLY A 125 -5.66 -4.06 22.45
CA GLY A 125 -4.32 -4.68 22.55
C GLY A 125 -3.42 -4.06 23.64
N THR A 126 -4.00 -3.26 24.54
CA THR A 126 -3.36 -2.57 25.69
C THR A 126 -2.13 -1.75 25.29
N ARG A 127 -2.30 -0.93 24.25
CA ARG A 127 -1.31 0.06 23.80
C ARG A 127 -1.95 1.46 23.65
N GLN A 128 -1.50 2.38 24.51
CA GLN A 128 -1.97 3.78 24.59
C GLN A 128 -1.11 4.75 23.77
N ASN A 129 0.20 4.48 23.62
CA ASN A 129 1.15 5.41 23.02
C ASN A 129 0.75 5.73 21.57
N THR A 130 0.50 7.01 21.25
CA THR A 130 0.18 7.43 19.86
C THR A 130 1.34 7.12 18.92
N SER A 131 1.07 6.97 17.63
CA SER A 131 2.13 6.79 16.65
C SER A 131 3.04 8.04 16.54
N ASP A 132 4.34 7.80 16.34
CA ASP A 132 5.36 8.86 16.26
C ASP A 132 5.39 9.53 14.87
N GLY A 133 5.02 8.79 13.82
CA GLY A 133 5.15 9.23 12.41
C GLY A 133 6.57 9.06 11.87
N ARG A 134 7.39 8.21 12.51
CA ARG A 134 8.79 7.92 12.17
C ARG A 134 9.00 6.54 11.53
N CYS A 135 10.16 6.35 10.91
CA CYS A 135 10.67 5.06 10.42
C CYS A 135 11.09 4.19 11.63
N HIS A 136 10.54 2.98 11.70
CA HIS A 136 10.83 1.96 12.73
C HIS A 136 11.04 0.56 12.10
N LEU A 137 11.74 0.54 10.96
CA LEU A 137 12.03 -0.63 10.12
C LEU A 137 13.47 -1.11 10.39
N ASP A 138 13.65 -2.38 10.76
CA ASP A 138 14.97 -3.01 11.00
C ASP A 138 15.27 -4.15 9.99
N ASP A 139 15.04 -5.43 10.30
CA ASP A 139 15.27 -6.56 9.39
C ASP A 139 14.15 -6.78 8.35
N GLY A 140 13.48 -5.68 7.96
CA GLY A 140 12.37 -5.65 7.01
C GLY A 140 10.99 -5.65 7.65
N MET A 141 10.88 -5.88 8.97
CA MET A 141 9.60 -5.77 9.72
C MET A 141 9.44 -4.42 10.41
N TYR A 142 8.18 -4.00 10.60
CA TYR A 142 7.81 -2.86 11.44
C TYR A 142 7.68 -3.32 12.91
N ARG A 143 8.81 -3.44 13.61
CA ARG A 143 8.83 -3.93 15.01
C ARG A 143 7.99 -3.06 15.96
N SER A 144 7.90 -1.75 15.72
CA SER A 144 7.06 -0.87 16.55
C SER A 144 5.55 -1.15 16.47
N ARG A 145 5.07 -2.02 15.57
CA ARG A 145 3.65 -2.43 15.55
C ARG A 145 3.11 -2.95 16.90
N GLY A 146 3.98 -3.54 17.73
CA GLY A 146 3.67 -4.03 19.08
C GLY A 146 3.78 -2.99 20.19
N GLU A 147 4.11 -1.72 19.89
CA GLU A 147 4.21 -0.63 20.88
C GLU A 147 3.26 0.56 20.56
N PRO A 148 3.51 1.51 19.64
CA PRO A 148 2.53 2.53 19.29
C PRO A 148 1.22 2.02 18.66
N ASP A 149 0.16 2.83 18.85
CA ASP A 149 -1.18 2.77 18.25
C ASP A 149 -1.16 2.93 16.72
N TYR A 150 -2.31 2.67 16.06
CA TYR A 150 -2.51 2.99 14.65
C TYR A 150 -2.43 4.51 14.38
N GLN A 151 -2.18 4.89 13.13
CA GLN A 151 -2.03 6.30 12.74
C GLN A 151 -3.40 6.96 12.54
N SER A 152 -3.53 8.23 12.98
CA SER A 152 -4.75 9.03 12.85
C SER A 152 -4.86 9.65 11.45
N VAL A 153 -6.08 9.89 10.94
CA VAL A 153 -6.33 10.26 9.52
C VAL A 153 -5.50 11.45 9.00
N VAL A 154 -5.29 12.49 9.81
CA VAL A 154 -4.45 13.65 9.43
C VAL A 154 -2.94 13.37 9.60
N GLN A 155 -2.54 12.36 10.39
CA GLN A 155 -1.15 11.91 10.44
C GLN A 155 -0.73 11.28 9.11
N LEU A 156 -1.65 10.55 8.43
CA LEU A 156 -1.44 10.11 7.04
C LEU A 156 -1.22 11.35 6.17
N ALA A 157 -2.21 12.25 6.15
CA ALA A 157 -2.25 13.41 5.24
C ALA A 157 -1.01 14.30 5.35
N SER A 158 -0.54 14.59 6.56
CA SER A 158 0.67 15.39 6.82
C SER A 158 1.92 14.79 6.15
N LYS A 159 2.26 13.53 6.44
CA LYS A 159 3.51 12.96 5.94
C LYS A 159 3.41 12.32 4.54
N LEU A 160 2.23 11.95 4.05
CA LEU A 160 2.05 11.57 2.64
C LEU A 160 2.26 12.80 1.73
N ALA A 161 1.93 14.01 2.20
CA ALA A 161 2.22 15.28 1.52
C ALA A 161 3.69 15.74 1.64
N GLU A 162 4.36 15.46 2.77
CA GLU A 162 5.79 15.77 2.99
C GLU A 162 6.67 14.95 2.04
N ASN A 163 6.44 13.64 2.02
CA ASN A 163 7.13 12.70 1.12
C ASN A 163 6.56 12.74 -0.31
N ASN A 164 5.39 13.39 -0.49
CA ASN A 164 4.70 13.64 -1.75
C ASN A 164 4.39 12.33 -2.51
N ILE A 165 3.86 11.35 -1.77
CA ILE A 165 3.40 10.06 -2.29
C ILE A 165 1.96 10.22 -2.77
N GLN A 166 1.55 9.67 -3.93
CA GLN A 166 0.13 9.63 -4.26
C GLN A 166 -0.42 8.26 -3.79
N PRO A 167 -1.24 8.22 -2.72
CA PRO A 167 -1.97 7.03 -2.29
C PRO A 167 -3.18 6.69 -3.19
N ILE A 168 -3.36 5.39 -3.48
CA ILE A 168 -4.45 4.86 -4.32
C ILE A 168 -5.17 3.71 -3.60
N PHE A 169 -6.35 3.94 -3.01
CA PHE A 169 -7.13 2.89 -2.34
C PHE A 169 -7.77 1.89 -3.33
N VAL A 170 -6.96 1.05 -3.93
CA VAL A 170 -7.43 -0.08 -4.75
C VAL A 170 -8.11 -1.20 -3.91
N VAL A 171 -9.44 -1.30 -3.98
CA VAL A 171 -10.23 -2.23 -3.13
C VAL A 171 -11.46 -2.82 -3.84
N PRO A 172 -11.87 -4.08 -3.54
CA PRO A 172 -13.10 -4.70 -4.03
C PRO A 172 -14.39 -3.96 -3.64
N SER A 173 -15.41 -4.18 -4.46
CA SER A 173 -16.70 -3.49 -4.50
C SER A 173 -17.31 -3.17 -3.14
N ARG A 174 -17.61 -4.18 -2.29
CA ARG A 174 -18.36 -3.96 -1.04
C ARG A 174 -17.63 -3.08 0.00
N MET A 175 -16.32 -2.80 -0.18
CA MET A 175 -15.56 -1.83 0.63
C MET A 175 -15.39 -0.45 -0.02
N VAL A 176 -15.75 -0.25 -1.29
CA VAL A 176 -15.42 0.97 -2.06
C VAL A 176 -15.93 2.23 -1.36
N LYS A 177 -17.10 2.17 -0.72
CA LYS A 177 -17.73 3.35 -0.11
C LYS A 177 -16.98 3.87 1.14
N THR A 178 -16.28 3.00 1.88
CA THR A 178 -15.56 3.40 3.12
C THR A 178 -14.17 3.96 2.79
N TYR A 179 -13.53 3.42 1.76
CA TYR A 179 -12.30 4.00 1.24
C TYR A 179 -12.59 5.31 0.49
N GLU A 180 -13.77 5.42 -0.13
CA GLU A 180 -14.28 6.69 -0.69
C GLU A 180 -14.70 7.67 0.45
N LYS A 181 -14.78 7.22 1.71
CA LYS A 181 -15.01 8.11 2.86
C LYS A 181 -13.69 8.70 3.34
N LEU A 182 -12.63 7.90 3.51
CA LEU A 182 -11.32 8.34 4.02
C LEU A 182 -10.54 9.13 2.95
N THR A 183 -10.91 8.94 1.68
CA THR A 183 -10.38 9.74 0.55
C THR A 183 -10.96 11.15 0.55
N THR A 184 -12.07 11.37 1.28
CA THR A 184 -12.60 12.73 1.52
C THR A 184 -11.90 13.39 2.71
N PHE A 185 -11.36 12.58 3.64
CA PHE A 185 -10.59 13.12 4.77
C PHE A 185 -9.09 13.28 4.44
N ILE A 186 -8.58 12.62 3.40
CA ILE A 186 -7.17 12.72 2.95
C ILE A 186 -7.16 13.27 1.50
N PRO A 187 -6.97 14.59 1.29
CA PRO A 187 -6.98 15.22 -0.02
C PRO A 187 -6.00 14.61 -1.03
N LYS A 188 -6.45 14.52 -2.29
CA LYS A 188 -5.71 14.15 -3.51
C LYS A 188 -5.57 12.62 -3.68
N LEU A 189 -5.81 11.84 -2.62
CA LEU A 189 -5.95 10.37 -2.60
C LEU A 189 -7.08 9.96 -3.59
N THR A 190 -7.02 8.79 -4.26
CA THR A 190 -8.13 8.25 -5.05
C THR A 190 -8.53 6.88 -4.52
N ILE A 191 -9.04 6.02 -5.36
CA ILE A 191 -9.72 4.76 -4.98
C ILE A 191 -10.16 4.02 -6.25
N GLY A 192 -9.60 2.82 -6.46
CA GLY A 192 -9.89 1.96 -7.61
C GLY A 192 -10.67 0.70 -7.21
N GLU A 193 -11.45 0.16 -8.14
CA GLU A 193 -12.29 -1.03 -7.95
C GLU A 193 -11.50 -2.27 -8.40
N LEU A 194 -10.70 -2.80 -7.47
CA LEU A 194 -10.04 -4.11 -7.65
C LEU A 194 -11.10 -5.19 -7.91
N SER A 195 -10.90 -6.00 -8.94
CA SER A 195 -11.78 -7.11 -9.31
C SER A 195 -11.05 -8.03 -10.32
N ASP A 196 -11.78 -8.85 -11.08
CA ASP A 196 -11.23 -9.74 -12.11
C ASP A 196 -10.54 -9.00 -13.28
N ASP A 197 -10.70 -7.68 -13.36
CA ASP A 197 -10.08 -6.76 -14.30
C ASP A 197 -9.43 -5.56 -13.58
N SER A 198 -8.20 -5.22 -13.98
CA SER A 198 -7.32 -4.20 -13.38
C SER A 198 -7.40 -2.83 -14.06
N SER A 199 -8.24 -2.69 -15.10
CA SER A 199 -8.31 -1.55 -16.02
C SER A 199 -8.56 -0.22 -15.29
N ASN A 200 -9.50 -0.22 -14.35
CA ASN A 200 -9.87 1.00 -13.61
C ASN A 200 -8.71 1.53 -12.76
N VAL A 201 -7.93 0.65 -12.12
CA VAL A 201 -6.80 1.03 -11.25
C VAL A 201 -5.64 1.58 -12.09
N ALA A 202 -5.35 0.94 -13.22
CA ALA A 202 -4.34 1.40 -14.18
C ALA A 202 -4.75 2.71 -14.87
N GLN A 203 -6.02 2.98 -15.08
CA GLN A 203 -6.53 4.21 -15.70
C GLN A 203 -6.37 5.45 -14.81
N LEU A 204 -6.04 5.27 -13.54
CA LEU A 204 -5.96 6.31 -12.51
C LEU A 204 -4.49 6.63 -12.24
N ILE A 205 -3.64 5.59 -12.31
CA ILE A 205 -2.18 5.79 -12.30
C ILE A 205 -1.72 6.25 -13.68
N ARG A 206 -2.35 5.79 -14.78
CA ARG A 206 -2.11 6.37 -16.10
C ARG A 206 -2.75 7.76 -16.23
N ASN A 207 -3.86 8.05 -15.54
CA ASN A 207 -4.35 9.46 -15.49
C ASN A 207 -3.33 10.37 -14.77
N ALA A 208 -2.67 9.87 -13.72
CA ALA A 208 -1.62 10.59 -13.00
C ALA A 208 -0.29 10.64 -13.77
N TYR A 209 -0.04 9.68 -14.67
CA TYR A 209 1.14 9.65 -15.52
C TYR A 209 1.15 10.87 -16.47
N SER A 210 0.03 11.10 -17.16
CA SER A 210 -0.10 12.19 -18.13
C SER A 210 -0.25 13.59 -17.50
N LYS A 211 -0.40 13.67 -16.17
CA LYS A 211 -0.32 14.94 -15.43
C LYS A 211 1.12 15.51 -15.42
N LEU A 212 2.13 14.64 -15.32
CA LEU A 212 3.57 14.96 -15.30
C LEU A 212 4.16 15.09 -16.72
N ASP A 1 6.82 12.47 -20.33
CA ASP A 1 7.62 11.31 -19.85
C ASP A 1 8.48 11.73 -18.65
N ASN A 2 8.03 11.44 -17.43
CA ASN A 2 8.79 11.60 -16.18
C ASN A 2 8.91 10.23 -15.48
N SER A 3 10.01 9.97 -14.77
CA SER A 3 10.18 8.70 -14.08
C SER A 3 9.10 8.47 -12.99
N VAL A 4 8.58 7.24 -12.93
CA VAL A 4 7.53 6.81 -12.00
C VAL A 4 8.15 5.75 -11.11
N ASP A 5 7.75 5.69 -9.85
CA ASP A 5 8.13 4.61 -8.96
C ASP A 5 6.91 4.15 -8.14
N LEU A 6 6.46 2.92 -8.42
CA LEU A 6 5.27 2.32 -7.82
C LEU A 6 5.58 1.42 -6.63
N TYR A 7 4.81 1.59 -5.56
CA TYR A 7 4.77 0.71 -4.41
C TYR A 7 3.36 0.12 -4.26
N PHE A 8 3.26 -1.14 -4.67
CA PHE A 8 2.07 -1.98 -4.55
C PHE A 8 1.97 -2.62 -3.15
N LEU A 9 1.23 -1.98 -2.23
CA LEU A 9 0.91 -2.51 -0.90
C LEU A 9 -0.43 -3.27 -0.96
N MET A 10 -0.45 -4.54 -0.54
CA MET A 10 -1.73 -5.27 -0.40
C MET A 10 -1.91 -6.06 0.91
N GLY A 11 -3.17 -6.48 1.17
CA GLY A 11 -3.57 -7.21 2.38
C GLY A 11 -3.44 -8.73 2.22
N LEU A 12 -2.97 -9.41 3.26
CA LEU A 12 -2.72 -10.88 3.31
C LEU A 12 -3.65 -11.60 4.29
N SER A 13 -4.80 -11.02 4.61
CA SER A 13 -5.85 -11.71 5.35
C SER A 13 -6.48 -12.83 4.50
N GLY A 14 -7.15 -13.82 5.11
CA GLY A 14 -7.60 -15.05 4.44
C GLY A 14 -8.51 -14.87 3.21
N SER A 15 -9.17 -13.72 3.10
CA SER A 15 -9.91 -13.29 1.91
C SER A 15 -9.04 -13.09 0.65
N ALA A 16 -7.75 -12.75 0.80
CA ALA A 16 -6.83 -12.37 -0.27
C ALA A 16 -6.28 -13.54 -1.09
N GLN A 17 -6.48 -14.79 -0.65
CA GLN A 17 -6.18 -15.97 -1.47
C GLN A 17 -7.18 -15.99 -2.64
N GLY A 18 -6.67 -15.96 -3.87
CA GLY A 18 -7.44 -15.75 -5.10
C GLY A 18 -7.14 -14.39 -5.75
N HIS A 19 -6.99 -13.33 -4.95
CA HIS A 19 -6.49 -12.02 -5.41
C HIS A 19 -4.98 -12.11 -5.74
N LEU A 20 -4.21 -12.76 -4.86
CA LEU A 20 -2.77 -13.07 -5.03
C LEU A 20 -2.51 -13.83 -6.35
N SER A 21 -3.39 -14.77 -6.72
CA SER A 21 -3.31 -15.49 -8.01
C SER A 21 -3.44 -14.58 -9.24
N ASN A 22 -4.25 -13.51 -9.15
CA ASN A 22 -4.47 -12.56 -10.26
C ASN A 22 -3.35 -11.50 -10.40
N VAL A 23 -2.60 -11.19 -9.34
CA VAL A 23 -1.61 -10.08 -9.32
C VAL A 23 -0.15 -10.57 -9.44
N GLN A 24 0.08 -11.83 -9.84
CA GLN A 24 1.43 -12.41 -10.03
C GLN A 24 1.87 -12.25 -11.48
N THR A 25 0.93 -12.35 -12.44
CA THR A 25 1.15 -11.96 -13.85
C THR A 25 1.27 -10.43 -13.93
N LEU A 26 0.87 -9.73 -12.85
CA LEU A 26 0.99 -8.31 -12.64
C LEU A 26 2.36 -8.05 -12.02
N GLY A 27 3.15 -7.59 -12.95
CA GLY A 27 4.49 -6.99 -12.80
C GLY A 27 5.06 -6.61 -14.14
N SER A 28 5.05 -7.59 -15.04
CA SER A 28 5.53 -7.47 -16.41
C SER A 28 4.45 -6.85 -17.32
N ASP A 29 3.19 -7.24 -17.13
CA ASP A 29 2.05 -6.67 -17.87
C ASP A 29 1.75 -5.24 -17.43
N LEU A 30 2.02 -4.92 -16.14
CA LEU A 30 1.91 -3.53 -15.68
C LEU A 30 2.95 -2.68 -16.39
N LEU A 31 4.19 -3.14 -16.52
CA LEU A 31 5.22 -2.37 -17.20
C LEU A 31 4.87 -2.12 -18.67
N LYS A 32 4.21 -2.99 -19.43
CA LYS A 32 3.81 -2.60 -20.80
C LYS A 32 2.77 -1.45 -20.80
N ALA A 33 1.89 -1.38 -19.79
CA ALA A 33 0.98 -0.24 -19.61
C ALA A 33 1.63 1.03 -19.03
N LEU A 34 2.73 0.92 -18.27
CA LEU A 34 3.47 2.08 -17.76
C LEU A 34 4.62 2.52 -18.67
N ASN A 35 5.15 1.67 -19.56
CA ASN A 35 6.38 1.93 -20.32
C ASN A 35 6.20 2.84 -21.55
N GLU A 36 4.95 3.02 -22.01
CA GLU A 36 4.62 4.03 -23.03
C GLU A 36 4.37 5.39 -22.36
N ILE A 37 3.79 5.43 -21.14
CA ILE A 37 3.72 6.68 -20.36
C ILE A 37 5.09 7.08 -19.72
N SER A 38 6.01 6.14 -19.49
CA SER A 38 7.34 6.42 -18.90
C SER A 38 8.45 5.42 -19.25
N ARG A 39 9.65 5.88 -19.61
CA ARG A 39 10.84 5.02 -19.79
C ARG A 39 11.57 4.63 -18.49
N SER A 40 11.10 5.04 -17.33
CA SER A 40 11.58 4.57 -16.02
C SER A 40 10.39 4.42 -15.05
N GLY A 41 10.02 3.17 -14.75
CA GLY A 41 8.81 2.76 -14.02
C GLY A 41 9.21 1.66 -13.06
N ARG A 42 9.70 2.05 -11.89
CA ARG A 42 10.21 1.14 -10.87
C ARG A 42 9.03 0.51 -10.16
N ILE A 43 9.19 -0.71 -9.65
CA ILE A 43 8.14 -1.36 -8.87
C ILE A 43 8.71 -1.96 -7.58
N GLY A 44 7.96 -1.80 -6.48
CA GLY A 44 8.19 -2.42 -5.18
C GLY A 44 6.87 -2.94 -4.61
N PHE A 45 6.98 -3.81 -3.60
CA PHE A 45 5.87 -4.58 -3.07
C PHE A 45 5.87 -4.59 -1.53
N GLY A 46 4.67 -4.59 -0.92
CA GLY A 46 4.52 -4.62 0.53
C GLY A 46 3.34 -5.46 0.99
N SER A 47 3.50 -6.08 2.14
CA SER A 47 2.53 -6.99 2.74
C SER A 47 2.02 -6.48 4.09
N ILE A 48 0.75 -6.67 4.39
CA ILE A 48 0.10 -6.25 5.65
C ILE A 48 -1.11 -7.14 5.96
N VAL A 49 -1.50 -7.21 7.23
CA VAL A 49 -2.78 -7.83 7.68
C VAL A 49 -3.17 -7.28 9.05
N ASN A 50 -2.26 -7.33 10.01
CA ASN A 50 -2.21 -6.73 11.36
C ASN A 50 -1.16 -7.46 12.25
N MET A 51 -0.82 -8.73 11.91
CA MET A 51 0.30 -9.47 12.53
C MET A 51 1.61 -8.66 12.46
N THR A 52 1.82 -7.99 11.32
CA THR A 52 2.99 -7.17 10.91
C THR A 52 2.69 -6.41 9.61
N PHE A 53 3.59 -5.48 9.30
CA PHE A 53 3.73 -4.81 8.02
C PHE A 53 5.08 -5.36 7.55
N GLN A 54 5.16 -5.97 6.37
CA GLN A 54 6.36 -6.63 5.88
C GLN A 54 6.74 -5.99 4.54
N HIS A 55 7.88 -5.31 4.51
CA HIS A 55 8.49 -4.84 3.29
C HIS A 55 9.28 -5.98 2.63
N ILE A 56 8.85 -6.43 1.45
CA ILE A 56 9.47 -7.53 0.70
C ILE A 56 9.48 -7.15 -0.79
N LEU A 57 10.61 -6.57 -1.25
CA LEU A 57 11.00 -6.18 -2.62
C LEU A 57 10.96 -4.65 -2.75
N LYS A 58 12.12 -4.02 -2.52
CA LYS A 58 12.38 -2.60 -2.76
C LYS A 58 12.01 -2.15 -4.18
N LEU A 59 11.81 -0.84 -4.39
CA LEU A 59 11.61 -0.26 -5.71
C LEU A 59 12.77 -0.67 -6.64
N THR A 60 12.47 -1.36 -7.74
CA THR A 60 13.47 -1.98 -8.65
C THR A 60 13.01 -1.98 -10.10
N ALA A 61 13.93 -2.31 -11.01
CA ALA A 61 13.78 -2.29 -12.47
C ALA A 61 13.34 -3.64 -13.08
N ASP A 62 13.57 -4.75 -12.37
CA ASP A 62 13.26 -6.12 -12.73
C ASP A 62 11.86 -6.45 -12.21
N SER A 63 10.96 -6.18 -13.12
CA SER A 63 9.51 -6.43 -13.14
C SER A 63 9.19 -7.92 -13.07
N SER A 64 10.03 -8.74 -13.71
CA SER A 64 10.03 -10.20 -13.57
C SER A 64 10.41 -10.61 -12.13
N GLN A 65 11.06 -9.72 -11.36
CA GLN A 65 11.39 -10.00 -9.94
C GLN A 65 10.19 -9.75 -9.03
N PHE A 66 9.39 -8.71 -9.31
CA PHE A 66 8.11 -8.50 -8.64
C PHE A 66 7.19 -9.73 -8.80
N GLN A 67 7.27 -10.42 -9.93
CA GLN A 67 6.43 -11.60 -10.22
C GLN A 67 6.87 -12.81 -9.39
N ARG A 68 8.19 -13.02 -9.26
CA ARG A 68 8.72 -14.15 -8.48
C ARG A 68 8.49 -13.90 -7.00
N GLU A 69 8.42 -12.64 -6.61
CA GLU A 69 8.30 -12.26 -5.20
C GLU A 69 6.83 -12.21 -4.80
N LEU A 70 5.96 -11.89 -5.75
CA LEU A 70 4.52 -12.03 -5.53
C LEU A 70 4.21 -13.52 -5.35
N ARG A 71 4.65 -14.36 -6.30
CA ARG A 71 4.19 -15.76 -6.34
C ARG A 71 4.67 -16.61 -5.14
N LYS A 72 5.81 -16.24 -4.53
CA LYS A 72 6.41 -16.99 -3.41
C LYS A 72 5.61 -16.87 -2.10
N GLN A 73 5.15 -15.67 -1.75
CA GLN A 73 4.47 -15.43 -0.47
C GLN A 73 2.99 -15.86 -0.51
N LEU A 74 2.37 -15.93 0.67
CA LEU A 74 1.05 -16.56 0.87
C LEU A 74 0.23 -15.96 2.03
N VAL A 75 -1.04 -16.36 2.10
CA VAL A 75 -2.07 -15.78 2.97
C VAL A 75 -1.92 -16.14 4.46
N SER A 76 -2.44 -15.29 5.34
CA SER A 76 -2.61 -15.51 6.79
C SER A 76 -4.10 -15.42 7.20
N GLY A 77 -4.40 -15.19 8.48
CA GLY A 77 -5.77 -15.05 9.02
C GLY A 77 -5.84 -14.26 10.33
N LYS A 78 -7.01 -13.66 10.60
CA LYS A 78 -7.32 -12.95 11.86
C LYS A 78 -8.83 -12.97 12.21
N LEU A 79 -9.14 -12.91 13.51
CA LEU A 79 -10.48 -12.80 14.10
C LEU A 79 -11.25 -11.57 13.56
N ALA A 80 -10.70 -10.36 13.75
CA ALA A 80 -11.40 -9.10 13.46
C ALA A 80 -11.45 -8.75 11.96
N THR A 81 -12.56 -8.14 11.53
CA THR A 81 -12.76 -7.62 10.16
C THR A 81 -11.92 -6.38 9.82
N PRO A 82 -11.73 -5.34 10.68
CA PRO A 82 -10.75 -4.28 10.40
C PRO A 82 -9.32 -4.81 10.37
N LYS A 83 -8.51 -4.25 9.47
CA LYS A 83 -7.10 -4.62 9.26
C LYS A 83 -6.12 -3.49 9.65
N GLY A 84 -4.87 -3.87 10.00
CA GLY A 84 -3.82 -3.00 10.55
C GLY A 84 -3.02 -2.29 9.46
N GLN A 85 -3.75 -1.59 8.60
CA GLN A 85 -3.28 -1.01 7.34
C GLN A 85 -2.58 0.33 7.45
N LEU A 86 -3.00 1.17 8.39
CA LEU A 86 -2.52 2.54 8.46
C LEU A 86 -1.04 2.55 8.87
N ASP A 87 -0.64 1.66 9.78
CA ASP A 87 0.77 1.39 10.10
C ASP A 87 1.60 1.11 8.85
N ALA A 88 1.10 0.25 7.94
CA ALA A 88 1.79 -0.05 6.70
C ALA A 88 1.91 1.19 5.82
N VAL A 89 0.81 1.89 5.52
CA VAL A 89 0.92 3.11 4.67
C VAL A 89 1.75 4.22 5.33
N VAL A 90 1.79 4.30 6.68
CA VAL A 90 2.74 5.17 7.38
C VAL A 90 4.16 4.70 7.08
N GLN A 91 4.54 3.48 7.48
CA GLN A 91 5.93 3.03 7.35
C GLN A 91 6.40 3.08 5.90
N VAL A 92 5.57 2.65 4.93
CA VAL A 92 5.87 2.78 3.50
C VAL A 92 6.16 4.23 3.09
N ALA A 93 5.51 5.24 3.68
CA ALA A 93 5.82 6.64 3.40
C ALA A 93 7.13 7.11 4.05
N ILE A 94 7.46 6.65 5.26
CA ILE A 94 8.61 7.15 6.05
C ILE A 94 9.91 6.32 5.84
N CYS A 95 9.83 5.11 5.28
CA CYS A 95 10.95 4.22 4.95
C CYS A 95 11.66 4.62 3.63
N LEU A 96 12.03 5.90 3.45
CA LEU A 96 12.63 6.41 2.21
C LEU A 96 13.81 5.55 1.72
N GLY A 97 14.63 5.10 2.68
CA GLY A 97 15.85 4.32 2.42
C GLY A 97 15.67 2.80 2.32
N GLU A 98 14.56 2.25 2.84
CA GLU A 98 14.22 0.81 2.72
C GLU A 98 13.35 0.56 1.49
N ILE A 99 12.33 1.39 1.27
CA ILE A 99 11.47 1.31 0.09
C ILE A 99 12.30 1.66 -1.16
N GLY A 100 13.12 2.72 -1.07
CA GLY A 100 14.00 3.18 -2.14
C GLY A 100 13.42 4.32 -2.98
N TRP A 101 12.45 5.08 -2.45
CA TRP A 101 11.80 6.22 -3.13
C TRP A 101 12.83 7.19 -3.73
N ARG A 102 12.67 7.53 -5.02
CA ARG A 102 13.52 8.51 -5.73
C ARG A 102 12.74 9.78 -6.17
N ASN A 103 13.40 10.67 -6.92
CA ASN A 103 12.98 12.03 -7.24
C ASN A 103 11.73 12.23 -8.16
N GLY A 104 11.09 11.18 -8.69
CA GLY A 104 10.00 11.29 -9.65
C GLY A 104 8.63 11.38 -8.96
N THR A 105 7.75 10.47 -9.37
CA THR A 105 6.33 10.38 -8.93
C THR A 105 6.18 9.12 -8.10
N ARG A 106 5.87 9.26 -6.80
CA ARG A 106 5.93 8.16 -5.83
C ARG A 106 4.51 7.64 -5.65
N PHE A 107 4.29 6.33 -5.79
CA PHE A 107 2.94 5.78 -5.89
C PHE A 107 2.60 4.66 -4.91
N LEU A 108 1.83 4.95 -3.87
CA LEU A 108 1.38 3.94 -2.90
C LEU A 108 0.00 3.37 -3.28
N VAL A 109 -0.03 2.31 -4.09
CA VAL A 109 -1.28 1.57 -4.32
C VAL A 109 -1.61 0.81 -3.05
N LEU A 110 -2.86 0.90 -2.59
CA LEU A 110 -3.33 0.06 -1.51
C LEU A 110 -4.38 -0.88 -2.08
N VAL A 111 -4.22 -2.19 -1.86
CA VAL A 111 -5.29 -3.17 -2.15
C VAL A 111 -5.81 -3.80 -0.85
N THR A 112 -7.12 -3.70 -0.62
CA THR A 112 -7.82 -4.41 0.49
C THR A 112 -9.26 -4.72 0.13
N ASP A 113 -9.92 -5.62 0.88
CA ASP A 113 -11.34 -5.96 0.76
C ASP A 113 -12.15 -5.85 2.08
N ASN A 114 -11.52 -5.40 3.18
CA ASN A 114 -12.20 -5.07 4.44
C ASN A 114 -11.92 -3.61 4.88
N ASP A 115 -12.60 -3.16 5.95
CA ASP A 115 -12.30 -1.90 6.63
C ASP A 115 -10.95 -1.98 7.40
N PHE A 116 -10.68 -0.98 8.24
CA PHE A 116 -9.37 -0.78 8.86
C PHE A 116 -9.47 -0.29 10.31
N HIS A 117 -8.40 -0.50 11.07
CA HIS A 117 -8.23 0.09 12.40
C HIS A 117 -7.66 1.51 12.27
N LEU A 118 -8.34 2.51 12.83
CA LEU A 118 -7.84 3.89 12.97
C LEU A 118 -7.03 4.01 14.27
N ALA A 119 -6.55 5.21 14.58
CA ALA A 119 -5.97 5.53 15.88
C ALA A 119 -6.97 5.27 17.02
N LYS A 120 -6.45 5.21 18.25
CA LYS A 120 -7.14 4.77 19.47
C LYS A 120 -7.81 3.37 19.43
N ASP A 121 -7.80 2.64 18.30
CA ASP A 121 -8.38 1.28 18.23
C ASP A 121 -7.51 0.20 18.89
N LYS A 122 -6.17 0.33 18.95
CA LYS A 122 -5.34 -0.63 19.71
C LYS A 122 -5.45 -0.47 21.23
N THR A 123 -6.28 0.45 21.75
CA THR A 123 -6.64 0.54 23.18
C THR A 123 -7.33 -0.75 23.66
N LEU A 124 -7.96 -1.50 22.74
CA LEU A 124 -8.57 -2.81 22.94
C LEU A 124 -7.56 -3.90 23.38
N GLY A 125 -6.26 -3.70 23.11
CA GLY A 125 -5.15 -4.49 23.65
C GLY A 125 -4.66 -3.82 24.94
N THR A 126 -3.47 -3.20 24.88
CA THR A 126 -2.92 -2.31 25.93
C THR A 126 -1.96 -1.28 25.33
N ARG A 127 -2.34 -0.76 24.16
CA ARG A 127 -1.58 0.18 23.33
C ARG A 127 -2.00 1.62 23.64
N GLN A 128 -1.33 2.25 24.62
CA GLN A 128 -1.62 3.63 25.02
C GLN A 128 -0.83 4.64 24.15
N ASN A 129 0.44 4.34 23.87
CA ASN A 129 1.30 5.21 23.07
C ASN A 129 0.78 5.30 21.63
N THR A 130 0.72 6.50 21.05
CA THR A 130 0.45 6.73 19.62
C THR A 130 1.77 6.91 18.88
N SER A 131 1.85 6.48 17.62
CA SER A 131 3.10 6.56 16.84
C SER A 131 3.65 7.99 16.70
N ASP A 132 4.97 8.10 16.78
CA ASP A 132 5.73 9.34 16.57
C ASP A 132 5.79 9.80 15.09
N GLY A 133 5.36 8.93 14.16
CA GLY A 133 5.44 9.16 12.71
C GLY A 133 6.84 8.94 12.14
N ARG A 134 7.79 8.40 12.91
CA ARG A 134 9.09 7.94 12.43
C ARG A 134 8.99 6.52 11.86
N CYS A 135 10.10 6.00 11.31
CA CYS A 135 10.20 4.60 10.89
C CYS A 135 10.94 3.70 11.88
N HIS A 136 10.45 2.47 11.96
CA HIS A 136 10.82 1.44 12.94
C HIS A 136 11.07 0.08 12.24
N LEU A 137 11.69 0.15 11.06
CA LEU A 137 12.18 -0.98 10.27
C LEU A 137 13.29 -1.75 11.01
N ASP A 138 13.52 -2.99 10.60
CA ASP A 138 14.58 -3.87 11.13
C ASP A 138 14.93 -4.96 10.10
N ASP A 139 14.44 -6.19 10.30
CA ASP A 139 14.61 -7.35 9.41
C ASP A 139 13.52 -7.45 8.32
N GLY A 140 13.07 -6.30 7.80
CA GLY A 140 12.05 -6.20 6.75
C GLY A 140 10.61 -6.16 7.26
N MET A 141 10.39 -5.84 8.54
CA MET A 141 9.04 -5.69 9.12
C MET A 141 8.96 -4.68 10.26
N TYR A 142 7.75 -4.14 10.49
CA TYR A 142 7.49 -3.11 11.49
C TYR A 142 7.61 -3.65 12.92
N ARG A 143 8.71 -3.32 13.61
CA ARG A 143 8.95 -3.73 15.00
C ARG A 143 7.93 -3.08 15.95
N SER A 144 7.62 -1.79 15.74
CA SER A 144 6.80 -0.99 16.66
C SER A 144 5.29 -1.28 16.62
N ARG A 145 4.81 -2.17 15.74
CA ARG A 145 3.42 -2.70 15.75
C ARG A 145 2.90 -3.10 17.15
N GLY A 146 3.81 -3.53 18.05
CA GLY A 146 3.54 -4.06 19.38
C GLY A 146 3.73 -3.08 20.55
N GLU A 147 4.04 -1.79 20.32
CA GLU A 147 4.01 -0.77 21.39
C GLU A 147 3.26 0.53 21.04
N PRO A 148 3.49 1.21 19.89
CA PRO A 148 2.58 2.27 19.45
C PRO A 148 1.31 1.74 18.75
N ASP A 149 0.23 2.52 18.87
CA ASP A 149 -1.10 2.39 18.23
C ASP A 149 -1.07 2.82 16.75
N TYR A 150 -2.10 2.48 15.96
CA TYR A 150 -2.28 3.05 14.62
C TYR A 150 -2.36 4.58 14.72
N GLN A 151 -1.98 5.32 13.66
CA GLN A 151 -2.00 6.79 13.73
C GLN A 151 -3.13 7.47 12.94
N SER A 152 -3.33 8.75 13.25
CA SER A 152 -4.46 9.55 12.82
C SER A 152 -4.46 9.96 11.35
N VAL A 153 -5.64 10.34 10.86
CA VAL A 153 -5.86 10.81 9.48
C VAL A 153 -5.05 12.10 9.19
N VAL A 154 -4.79 12.92 10.23
CA VAL A 154 -3.92 14.11 10.14
C VAL A 154 -2.44 13.70 10.06
N GLN A 155 -2.00 12.72 10.85
CA GLN A 155 -0.61 12.25 10.83
C GLN A 155 -0.28 11.61 9.48
N LEU A 156 -1.23 10.87 8.88
CA LEU A 156 -1.11 10.37 7.50
C LEU A 156 -0.90 11.55 6.54
N ALA A 157 -1.85 12.48 6.47
CA ALA A 157 -1.85 13.57 5.48
C ALA A 157 -0.60 14.45 5.52
N SER A 158 -0.17 14.87 6.72
CA SER A 158 0.99 15.75 6.88
C SER A 158 2.31 15.09 6.43
N LYS A 159 2.60 13.87 6.87
CA LYS A 159 3.84 13.19 6.47
C LYS A 159 3.78 12.67 5.02
N LEU A 160 2.59 12.35 4.49
CA LEU A 160 2.37 12.03 3.07
C LEU A 160 2.74 13.21 2.16
N ALA A 161 2.32 14.43 2.51
CA ALA A 161 2.66 15.66 1.77
C ALA A 161 4.14 16.09 1.93
N GLU A 162 4.78 15.69 3.02
CA GLU A 162 6.21 15.93 3.30
C GLU A 162 7.09 15.05 2.40
N ASN A 163 6.72 13.76 2.27
CA ASN A 163 7.38 12.82 1.36
C ASN A 163 6.92 12.95 -0.11
N ASN A 164 5.76 13.58 -0.36
CA ASN A 164 5.15 13.76 -1.69
C ASN A 164 4.94 12.41 -2.40
N ILE A 165 4.09 11.58 -1.80
CA ILE A 165 3.66 10.27 -2.31
C ILE A 165 2.16 10.32 -2.65
N GLN A 166 1.71 9.74 -3.78
CA GLN A 166 0.27 9.60 -4.01
C GLN A 166 -0.23 8.25 -3.48
N PRO A 167 -1.19 8.17 -2.52
CA PRO A 167 -1.86 6.92 -2.17
C PRO A 167 -3.08 6.69 -3.05
N ILE A 168 -3.40 5.43 -3.32
CA ILE A 168 -4.53 5.05 -4.17
C ILE A 168 -5.25 3.87 -3.52
N PHE A 169 -6.36 4.12 -2.82
CA PHE A 169 -7.12 3.05 -2.15
C PHE A 169 -7.95 2.23 -3.15
N VAL A 170 -7.27 1.45 -3.97
CA VAL A 170 -7.82 0.42 -4.87
C VAL A 170 -8.53 -0.70 -4.04
N VAL A 171 -9.86 -0.69 -4.00
CA VAL A 171 -10.65 -1.56 -3.09
C VAL A 171 -12.02 -1.98 -3.66
N PRO A 172 -12.57 -3.18 -3.36
CA PRO A 172 -13.90 -3.63 -3.77
C PRO A 172 -15.06 -2.79 -3.24
N SER A 173 -16.12 -2.72 -4.04
CA SER A 173 -17.27 -1.83 -3.86
C SER A 173 -17.95 -1.93 -2.48
N ARG A 174 -17.92 -3.11 -1.83
CA ARG A 174 -18.49 -3.35 -0.50
C ARG A 174 -18.12 -2.28 0.55
N MET A 175 -16.88 -1.76 0.49
CA MET A 175 -16.35 -0.76 1.43
C MET A 175 -15.77 0.51 0.75
N VAL A 176 -15.89 0.66 -0.57
CA VAL A 176 -15.43 1.86 -1.32
C VAL A 176 -16.03 3.15 -0.71
N LYS A 177 -17.26 3.09 -0.18
CA LYS A 177 -17.97 4.27 0.34
C LYS A 177 -17.31 4.91 1.59
N THR A 178 -16.50 4.13 2.33
CA THR A 178 -15.78 4.63 3.52
C THR A 178 -14.41 5.15 3.14
N TYR A 179 -13.72 4.50 2.20
CA TYR A 179 -12.45 4.96 1.62
C TYR A 179 -12.64 6.24 0.79
N GLU A 180 -13.77 6.36 0.08
CA GLU A 180 -14.22 7.59 -0.57
C GLU A 180 -14.42 8.72 0.45
N LYS A 181 -14.58 8.38 1.72
CA LYS A 181 -14.80 9.33 2.83
C LYS A 181 -13.60 9.44 3.78
N LEU A 182 -12.46 8.81 3.47
CA LEU A 182 -11.15 9.02 4.12
C LEU A 182 -10.38 10.04 3.26
N THR A 183 -10.70 10.11 1.96
CA THR A 183 -10.09 11.04 0.98
C THR A 183 -10.64 12.46 1.10
N THR A 184 -11.76 12.63 1.81
CA THR A 184 -12.26 13.96 2.19
C THR A 184 -11.59 14.46 3.48
N PHE A 185 -10.98 13.54 4.26
CA PHE A 185 -10.12 13.94 5.40
C PHE A 185 -8.64 14.05 4.99
N ILE A 186 -8.21 13.37 3.92
CA ILE A 186 -6.84 13.47 3.35
C ILE A 186 -6.93 14.00 1.90
N PRO A 187 -6.83 15.32 1.69
CA PRO A 187 -6.78 15.90 0.35
C PRO A 187 -5.63 15.34 -0.51
N LYS A 188 -5.95 14.95 -1.75
CA LYS A 188 -5.08 14.58 -2.89
C LYS A 188 -5.03 13.06 -3.21
N LEU A 189 -5.42 12.15 -2.29
CA LEU A 189 -5.44 10.71 -2.60
C LEU A 189 -6.63 10.32 -3.50
N THR A 190 -6.63 9.14 -4.13
CA THR A 190 -7.66 8.63 -4.99
C THR A 190 -7.96 7.24 -4.45
N ILE A 191 -8.92 6.63 -5.05
CA ILE A 191 -9.62 5.39 -4.64
C ILE A 191 -10.20 4.73 -5.89
N GLY A 192 -9.91 3.45 -6.08
CA GLY A 192 -10.32 2.67 -7.26
C GLY A 192 -11.25 1.52 -6.87
N GLU A 193 -12.10 1.07 -7.80
CA GLU A 193 -12.98 -0.07 -7.61
C GLU A 193 -12.31 -1.33 -8.16
N LEU A 194 -11.49 -1.95 -7.30
CA LEU A 194 -10.94 -3.30 -7.53
C LEU A 194 -12.14 -4.25 -7.72
N SER A 195 -12.09 -5.19 -8.66
CA SER A 195 -13.24 -6.09 -8.88
C SER A 195 -12.86 -7.44 -9.54
N ASP A 196 -13.78 -8.04 -10.30
CA ASP A 196 -13.69 -9.41 -10.83
C ASP A 196 -12.62 -9.58 -11.93
N ASP A 197 -12.38 -8.54 -12.74
CA ASP A 197 -11.39 -8.51 -13.82
C ASP A 197 -10.01 -7.94 -13.37
N SER A 198 -9.13 -7.65 -14.34
CA SER A 198 -7.75 -7.18 -14.10
C SER A 198 -7.38 -5.84 -14.77
N SER A 199 -8.13 -5.34 -15.76
CA SER A 199 -7.86 -4.01 -16.33
C SER A 199 -8.12 -2.90 -15.29
N ASN A 200 -9.02 -3.10 -14.33
CA ASN A 200 -9.27 -2.15 -13.24
C ASN A 200 -8.05 -1.91 -12.35
N VAL A 201 -7.21 -2.91 -12.02
CA VAL A 201 -6.06 -2.65 -11.13
C VAL A 201 -5.00 -1.78 -11.84
N ALA A 202 -4.60 -2.10 -13.08
CA ALA A 202 -3.59 -1.33 -13.83
C ALA A 202 -4.14 -0.06 -14.46
N GLN A 203 -5.31 -0.04 -15.09
CA GLN A 203 -5.82 1.18 -15.72
C GLN A 203 -6.45 2.18 -14.72
N LEU A 204 -6.34 1.92 -13.41
CA LEU A 204 -6.67 2.86 -12.32
C LEU A 204 -5.38 3.32 -11.67
N ILE A 205 -4.31 2.51 -11.71
CA ILE A 205 -2.94 2.94 -11.36
C ILE A 205 -2.57 3.96 -12.45
N ARG A 206 -2.92 3.64 -13.71
CA ARG A 206 -2.81 4.62 -14.80
C ARG A 206 -3.74 5.82 -14.55
N ASN A 207 -5.02 5.59 -14.20
CA ASN A 207 -6.05 6.68 -14.10
C ASN A 207 -5.94 7.52 -12.81
N ALA A 208 -4.79 7.44 -12.15
CA ALA A 208 -4.43 8.15 -10.92
C ALA A 208 -3.05 8.81 -11.05
N TYR A 209 -2.33 8.52 -12.13
CA TYR A 209 -1.12 9.18 -12.59
C TYR A 209 -1.57 10.25 -13.62
N SER A 210 -2.55 9.84 -14.45
CA SER A 210 -3.39 10.57 -15.41
C SER A 210 -3.57 12.06 -15.13
N LYS A 211 -2.53 12.74 -15.58
CA LYS A 211 -2.33 14.19 -15.77
C LYS A 211 -0.89 14.58 -16.13
N LEU A 212 0.09 13.99 -15.44
CA LEU A 212 1.50 14.42 -15.55
C LEU A 212 2.34 13.50 -16.46
N ASP A 1 9.49 10.08 -21.78
CA ASP A 1 9.02 9.50 -20.49
C ASP A 1 9.72 10.13 -19.28
N ASN A 2 8.95 10.36 -18.21
CA ASN A 2 9.43 10.84 -16.91
C ASN A 2 9.55 9.68 -15.89
N SER A 3 10.37 9.84 -14.84
CA SER A 3 10.53 8.80 -13.82
C SER A 3 9.31 8.65 -12.90
N VAL A 4 8.97 7.40 -12.55
CA VAL A 4 7.84 6.99 -11.68
C VAL A 4 8.30 5.89 -10.74
N ASP A 5 7.91 5.98 -9.48
CA ASP A 5 8.05 4.89 -8.52
C ASP A 5 6.66 4.37 -8.19
N LEU A 6 6.37 3.11 -8.54
CA LEU A 6 5.13 2.45 -8.06
C LEU A 6 5.46 1.47 -6.93
N TYR A 7 4.94 1.74 -5.73
CA TYR A 7 4.97 0.82 -4.60
C TYR A 7 3.59 0.21 -4.38
N PHE A 8 3.50 -1.03 -4.83
CA PHE A 8 2.38 -1.94 -4.66
C PHE A 8 2.42 -2.66 -3.30
N LEU A 9 1.45 -2.38 -2.41
CA LEU A 9 1.33 -3.02 -1.09
C LEU A 9 0.05 -3.90 -0.99
N MET A 10 0.23 -5.17 -0.65
CA MET A 10 -0.83 -6.19 -0.56
C MET A 10 -1.26 -6.56 0.87
N GLY A 11 -2.58 -6.71 1.06
CA GLY A 11 -3.19 -7.27 2.26
C GLY A 11 -3.22 -8.80 2.16
N LEU A 12 -2.49 -9.46 3.03
CA LEU A 12 -2.23 -10.90 3.09
C LEU A 12 -2.97 -11.60 4.26
N SER A 13 -4.08 -11.02 4.72
CA SER A 13 -4.97 -11.65 5.70
C SER A 13 -5.73 -12.87 5.12
N GLY A 14 -6.30 -13.73 5.98
CA GLY A 14 -7.01 -14.96 5.56
C GLY A 14 -8.25 -14.70 4.70
N SER A 15 -8.84 -13.51 4.79
CA SER A 15 -9.91 -13.05 3.89
C SER A 15 -9.47 -13.02 2.40
N ALA A 16 -8.16 -12.90 2.13
CA ALA A 16 -7.62 -12.63 0.80
C ALA A 16 -7.24 -13.85 -0.06
N GLN A 17 -7.38 -15.12 0.39
CA GLN A 17 -7.23 -16.23 -0.59
C GLN A 17 -8.43 -16.21 -1.56
N GLY A 18 -8.19 -16.52 -2.84
CA GLY A 18 -9.16 -16.32 -3.93
C GLY A 18 -9.01 -14.92 -4.51
N HIS A 19 -9.09 -13.89 -3.65
CA HIS A 19 -8.74 -12.51 -4.01
C HIS A 19 -7.26 -12.38 -4.39
N LEU A 20 -6.40 -13.30 -3.91
CA LEU A 20 -4.98 -13.38 -4.23
C LEU A 20 -4.74 -13.30 -5.73
N SER A 21 -5.49 -14.07 -6.53
CA SER A 21 -5.43 -14.00 -8.00
C SER A 21 -5.71 -12.57 -8.52
N ASN A 22 -6.77 -11.91 -8.03
CA ASN A 22 -7.09 -10.52 -8.37
C ASN A 22 -5.94 -9.57 -7.99
N VAL A 23 -5.35 -9.75 -6.81
CA VAL A 23 -4.19 -8.97 -6.32
C VAL A 23 -2.82 -9.54 -6.78
N GLN A 24 -2.82 -10.48 -7.74
CA GLN A 24 -1.63 -11.06 -8.36
C GLN A 24 -1.55 -10.62 -9.82
N THR A 25 -2.66 -10.71 -10.58
CA THR A 25 -2.75 -10.09 -11.91
C THR A 25 -2.58 -8.57 -11.76
N LEU A 26 -3.24 -7.98 -10.76
CA LEU A 26 -3.06 -6.62 -10.31
C LEU A 26 -1.78 -6.58 -9.50
N GLY A 27 -0.76 -6.32 -10.28
CA GLY A 27 0.60 -5.97 -9.89
C GLY A 27 1.55 -6.28 -11.02
N SER A 28 1.40 -7.46 -11.59
CA SER A 28 2.13 -7.92 -12.77
C SER A 28 1.67 -7.16 -14.02
N ASP A 29 0.41 -6.72 -14.08
CA ASP A 29 -0.06 -5.80 -15.12
C ASP A 29 0.27 -4.33 -14.80
N LEU A 30 0.34 -3.93 -13.51
CA LEU A 30 0.80 -2.56 -13.17
C LEU A 30 2.21 -2.39 -13.74
N LEU A 31 3.07 -3.34 -13.39
CA LEU A 31 4.43 -3.51 -13.88
C LEU A 31 4.53 -3.36 -15.40
N LYS A 32 4.12 -4.36 -16.20
CA LYS A 32 4.42 -4.34 -17.63
C LYS A 32 3.63 -3.30 -18.45
N ALA A 33 2.48 -2.82 -17.96
CA ALA A 33 1.79 -1.68 -18.58
C ALA A 33 2.51 -0.34 -18.31
N LEU A 34 2.89 -0.06 -17.06
CA LEU A 34 3.66 1.14 -16.70
C LEU A 34 5.04 1.12 -17.38
N ASN A 35 5.67 -0.04 -17.54
CA ASN A 35 6.98 -0.19 -18.18
C ASN A 35 6.96 0.08 -19.70
N GLU A 36 5.77 0.11 -20.32
CA GLU A 36 5.61 0.44 -21.74
C GLU A 36 5.46 1.94 -21.96
N ILE A 37 4.75 2.65 -21.08
CA ILE A 37 4.69 4.13 -21.09
C ILE A 37 5.96 4.77 -20.49
N SER A 38 6.66 4.10 -19.56
CA SER A 38 7.88 4.61 -18.93
C SER A 38 8.96 3.53 -18.69
N ARG A 39 10.18 3.79 -19.18
CA ARG A 39 11.36 2.95 -18.91
C ARG A 39 12.09 3.34 -17.60
N SER A 40 11.70 4.42 -16.95
CA SER A 40 12.14 4.79 -15.59
C SER A 40 10.98 4.61 -14.57
N GLY A 41 10.43 3.39 -14.54
CA GLY A 41 9.23 2.94 -13.82
C GLY A 41 9.62 1.82 -12.87
N ARG A 42 10.10 2.24 -11.70
CA ARG A 42 10.62 1.39 -10.64
C ARG A 42 9.45 0.81 -9.85
N ILE A 43 9.53 -0.47 -9.52
CA ILE A 43 8.43 -1.20 -8.87
C ILE A 43 8.90 -1.74 -7.51
N GLY A 44 8.06 -1.65 -6.48
CA GLY A 44 8.35 -2.09 -5.11
C GLY A 44 7.19 -2.88 -4.51
N PHE A 45 7.47 -3.68 -3.47
CA PHE A 45 6.52 -4.65 -2.94
C PHE A 45 6.49 -4.78 -1.42
N GLY A 46 5.28 -4.68 -0.83
CA GLY A 46 5.02 -4.85 0.60
C GLY A 46 3.85 -5.79 0.89
N SER A 47 3.90 -6.44 2.05
CA SER A 47 2.85 -7.27 2.63
C SER A 47 2.34 -6.68 3.95
N ILE A 48 1.03 -6.74 4.21
CA ILE A 48 0.42 -6.43 5.51
C ILE A 48 -0.68 -7.44 5.86
N VAL A 49 -0.87 -7.75 7.14
CA VAL A 49 -2.06 -8.50 7.62
C VAL A 49 -2.66 -7.80 8.85
N ASN A 50 -1.85 -7.69 9.92
CA ASN A 50 -2.09 -7.15 11.28
C ASN A 50 -0.96 -7.70 12.19
N MET A 51 -0.50 -8.94 11.93
CA MET A 51 0.71 -9.57 12.52
C MET A 51 1.90 -8.60 12.47
N THR A 52 2.17 -8.03 11.29
CA THR A 52 3.20 -7.01 10.99
C THR A 52 2.95 -6.39 9.61
N PHE A 53 3.82 -5.43 9.26
CA PHE A 53 4.00 -4.89 7.92
C PHE A 53 5.40 -5.40 7.55
N GLN A 54 5.51 -6.11 6.42
CA GLN A 54 6.80 -6.57 5.93
C GLN A 54 7.07 -6.01 4.54
N HIS A 55 8.19 -5.29 4.42
CA HIS A 55 8.76 -4.87 3.17
C HIS A 55 9.47 -6.07 2.51
N ILE A 56 9.14 -6.39 1.24
CA ILE A 56 9.65 -7.58 0.55
C ILE A 56 10.67 -7.19 -0.53
N LEU A 57 10.32 -6.26 -1.42
CA LEU A 57 11.18 -5.83 -2.53
C LEU A 57 11.29 -4.30 -2.58
N LYS A 58 12.52 -3.77 -2.47
CA LYS A 58 12.83 -2.34 -2.69
C LYS A 58 12.49 -1.91 -4.13
N LEU A 59 12.11 -0.64 -4.34
CA LEU A 59 11.86 -0.05 -5.67
C LEU A 59 13.02 -0.35 -6.63
N THR A 60 12.78 -1.17 -7.66
CA THR A 60 13.80 -1.66 -8.61
C THR A 60 13.27 -1.76 -10.03
N ALA A 61 14.18 -1.92 -10.99
CA ALA A 61 13.94 -2.07 -12.43
C ALA A 61 13.78 -3.55 -12.88
N ASP A 62 14.03 -4.49 -11.97
CA ASP A 62 13.95 -5.93 -12.16
C ASP A 62 12.47 -6.36 -12.05
N SER A 63 11.80 -6.09 -13.14
CA SER A 63 10.40 -6.31 -13.45
C SER A 63 10.07 -7.80 -13.45
N SER A 64 10.91 -8.58 -14.14
CA SER A 64 10.91 -10.04 -14.12
C SER A 64 11.18 -10.59 -12.71
N GLN A 65 11.68 -9.77 -11.77
CA GLN A 65 11.86 -10.20 -10.38
C GLN A 65 10.60 -9.90 -9.56
N PHE A 66 10.05 -8.69 -9.62
CA PHE A 66 8.84 -8.32 -8.91
C PHE A 66 7.67 -9.26 -9.22
N GLN A 67 7.57 -9.74 -10.45
CA GLN A 67 6.44 -10.59 -10.87
C GLN A 67 6.58 -12.01 -10.32
N ARG A 68 7.80 -12.44 -10.01
CA ARG A 68 8.04 -13.70 -9.28
C ARG A 68 7.69 -13.45 -7.82
N GLU A 69 8.12 -12.31 -7.29
CA GLU A 69 8.06 -12.02 -5.85
C GLU A 69 6.61 -11.79 -5.43
N LEU A 70 5.82 -11.21 -6.34
CA LEU A 70 4.37 -11.15 -6.19
C LEU A 70 3.82 -12.58 -6.27
N ARG A 71 4.21 -13.35 -7.30
CA ARG A 71 3.57 -14.66 -7.56
C ARG A 71 3.89 -15.74 -6.51
N LYS A 72 4.96 -15.61 -5.71
CA LYS A 72 5.26 -16.50 -4.58
C LYS A 72 4.37 -16.30 -3.34
N GLN A 73 3.75 -15.12 -3.16
CA GLN A 73 3.09 -14.79 -1.88
C GLN A 73 1.90 -15.69 -1.52
N LEU A 74 1.77 -15.93 -0.21
CA LEU A 74 0.75 -16.73 0.45
C LEU A 74 0.10 -15.90 1.57
N VAL A 75 -1.23 -15.97 1.72
CA VAL A 75 -1.94 -15.28 2.82
C VAL A 75 -1.79 -16.03 4.16
N SER A 76 -1.90 -15.31 5.27
CA SER A 76 -1.89 -15.85 6.64
C SER A 76 -3.33 -15.96 7.22
N GLY A 77 -3.61 -15.36 8.39
CA GLY A 77 -4.91 -15.46 9.08
C GLY A 77 -4.99 -14.64 10.37
N LYS A 78 -6.18 -14.07 10.66
CA LYS A 78 -6.52 -13.43 11.94
C LYS A 78 -8.05 -13.40 12.18
N LEU A 79 -8.46 -13.37 13.45
CA LEU A 79 -9.87 -13.40 13.91
C LEU A 79 -10.68 -12.16 13.50
N ALA A 80 -10.16 -10.96 13.76
CA ALA A 80 -10.84 -9.69 13.48
C ALA A 80 -10.86 -9.36 11.98
N THR A 81 -11.99 -8.88 11.45
CA THR A 81 -12.15 -8.51 10.03
C THR A 81 -11.38 -7.25 9.59
N PRO A 82 -11.13 -6.21 10.43
CA PRO A 82 -10.29 -5.09 10.03
C PRO A 82 -8.80 -5.44 10.03
N LYS A 83 -8.09 -4.92 9.04
CA LYS A 83 -6.65 -5.15 8.85
C LYS A 83 -5.83 -3.99 9.43
N GLY A 84 -4.55 -4.23 9.73
CA GLY A 84 -3.59 -3.19 10.20
C GLY A 84 -2.98 -2.34 9.08
N GLN A 85 -3.72 -2.17 7.97
CA GLN A 85 -3.27 -1.52 6.72
C GLN A 85 -2.74 -0.11 6.99
N LEU A 86 -3.42 0.60 7.88
CA LEU A 86 -3.13 1.99 8.18
C LEU A 86 -1.73 2.18 8.79
N ASP A 87 -1.14 1.18 9.45
CA ASP A 87 0.27 1.23 9.90
C ASP A 87 1.27 0.95 8.76
N ALA A 88 0.92 0.15 7.76
CA ALA A 88 1.81 -0.16 6.65
C ALA A 88 2.06 1.08 5.78
N VAL A 89 1.00 1.82 5.43
CA VAL A 89 1.14 3.06 4.64
C VAL A 89 2.05 4.11 5.33
N VAL A 90 2.09 4.13 6.66
CA VAL A 90 3.01 4.99 7.45
C VAL A 90 4.46 4.64 7.12
N GLN A 91 4.86 3.39 7.37
CA GLN A 91 6.26 2.99 7.19
C GLN A 91 6.63 3.01 5.71
N VAL A 92 5.75 2.62 4.80
CA VAL A 92 6.03 2.78 3.37
C VAL A 92 6.33 4.24 2.99
N ALA A 93 5.64 5.23 3.60
CA ALA A 93 5.93 6.63 3.33
C ALA A 93 7.27 7.12 3.93
N ILE A 94 7.56 6.76 5.19
CA ILE A 94 8.70 7.33 5.96
C ILE A 94 10.02 6.52 5.83
N CYS A 95 9.97 5.25 5.43
CA CYS A 95 11.15 4.42 5.20
C CYS A 95 11.78 4.72 3.82
N LEU A 96 12.05 5.99 3.51
CA LEU A 96 12.56 6.49 2.19
C LEU A 96 13.76 5.67 1.72
N GLY A 97 14.66 5.38 2.67
CA GLY A 97 15.94 4.70 2.40
C GLY A 97 15.82 3.20 2.14
N GLU A 98 14.74 2.55 2.58
CA GLU A 98 14.51 1.12 2.40
C GLU A 98 13.44 0.82 1.35
N ILE A 99 12.40 1.64 1.21
CA ILE A 99 11.46 1.55 0.08
C ILE A 99 12.13 2.00 -1.22
N GLY A 100 12.99 3.03 -1.16
CA GLY A 100 13.82 3.51 -2.27
C GLY A 100 13.23 4.68 -3.04
N TRP A 101 12.40 5.53 -2.41
CA TRP A 101 11.71 6.64 -3.07
C TRP A 101 12.70 7.66 -3.70
N ARG A 102 12.64 7.77 -5.04
CA ARG A 102 13.35 8.74 -5.89
C ARG A 102 12.50 10.01 -6.09
N ASN A 103 13.07 11.03 -6.75
CA ASN A 103 12.48 12.37 -6.86
C ASN A 103 11.50 12.58 -8.05
N GLY A 104 10.92 11.51 -8.63
CA GLY A 104 9.98 11.56 -9.74
C GLY A 104 8.55 11.77 -9.23
N THR A 105 7.68 10.81 -9.54
CA THR A 105 6.31 10.69 -8.99
C THR A 105 6.26 9.40 -8.21
N ARG A 106 5.76 9.42 -6.98
CA ARG A 106 5.83 8.26 -6.07
C ARG A 106 4.39 7.77 -5.93
N PHE A 107 4.14 6.47 -6.06
CA PHE A 107 2.80 5.95 -6.21
C PHE A 107 2.49 4.75 -5.36
N LEU A 108 1.62 4.94 -4.39
CA LEU A 108 1.36 4.00 -3.31
C LEU A 108 0.01 3.32 -3.54
N VAL A 109 0.00 2.11 -4.11
CA VAL A 109 -1.27 1.42 -4.41
C VAL A 109 -1.47 0.37 -3.35
N LEU A 110 -2.56 0.49 -2.59
CA LEU A 110 -2.81 -0.42 -1.47
C LEU A 110 -3.99 -1.30 -1.81
N VAL A 111 -3.80 -2.59 -1.61
CA VAL A 111 -4.84 -3.58 -1.87
C VAL A 111 -5.27 -4.28 -0.59
N THR A 112 -6.58 -4.32 -0.37
CA THR A 112 -7.21 -5.14 0.69
C THR A 112 -8.64 -5.50 0.26
N ASP A 113 -9.44 -6.08 1.16
CA ASP A 113 -10.80 -6.57 0.85
C ASP A 113 -11.89 -6.34 1.92
N ASN A 114 -11.56 -5.67 3.03
CA ASN A 114 -12.52 -5.30 4.08
C ASN A 114 -12.01 -4.09 4.89
N ASP A 115 -12.49 -3.93 6.13
CA ASP A 115 -12.18 -2.82 7.04
C ASP A 115 -10.68 -2.63 7.34
N PHE A 116 -10.34 -1.48 7.94
CA PHE A 116 -9.03 -1.16 8.49
C PHE A 116 -9.17 -0.61 9.92
N HIS A 117 -8.19 -0.91 10.77
CA HIS A 117 -8.08 -0.28 12.09
C HIS A 117 -7.52 1.16 11.98
N LEU A 118 -8.05 2.06 12.80
CA LEU A 118 -7.65 3.47 12.93
C LEU A 118 -6.99 3.70 14.31
N ALA A 119 -6.44 4.89 14.57
CA ALA A 119 -5.98 5.30 15.90
C ALA A 119 -7.05 5.03 16.97
N LYS A 120 -6.57 4.62 18.14
CA LYS A 120 -7.29 4.30 19.38
C LYS A 120 -7.84 2.85 19.39
N ASP A 121 -7.95 2.16 18.25
CA ASP A 121 -8.51 0.80 18.17
C ASP A 121 -7.66 -0.25 18.92
N LYS A 122 -6.33 -0.07 18.97
CA LYS A 122 -5.43 -0.96 19.74
C LYS A 122 -5.41 -0.69 21.25
N THR A 123 -6.26 0.21 21.79
CA THR A 123 -6.45 0.35 23.26
C THR A 123 -6.95 -0.95 23.92
N LEU A 124 -7.73 -1.78 23.21
CA LEU A 124 -8.10 -3.13 23.67
C LEU A 124 -6.95 -4.15 23.62
N GLY A 125 -5.90 -3.87 22.83
CA GLY A 125 -4.63 -4.60 22.82
C GLY A 125 -3.66 -4.07 23.89
N THR A 126 -4.18 -3.29 24.85
CA THR A 126 -3.47 -2.50 25.89
C THR A 126 -2.28 -1.73 25.31
N ARG A 127 -2.58 -0.95 24.27
CA ARG A 127 -1.62 -0.12 23.53
C ARG A 127 -2.11 1.33 23.48
N GLN A 128 -1.48 2.22 24.24
CA GLN A 128 -1.96 3.59 24.49
C GLN A 128 -1.10 4.71 23.90
N ASN A 129 0.21 4.53 23.68
CA ASN A 129 1.03 5.57 23.03
C ASN A 129 0.74 5.64 21.52
N THR A 130 0.47 6.86 21.04
CA THR A 130 0.19 7.15 19.62
C THR A 130 1.43 6.95 18.75
N SER A 131 1.25 6.94 17.43
CA SER A 131 2.34 6.93 16.46
C SER A 131 3.17 8.23 16.49
N ASP A 132 4.50 8.11 16.44
CA ASP A 132 5.41 9.25 16.29
C ASP A 132 5.60 9.70 14.82
N GLY A 133 5.26 8.84 13.85
CA GLY A 133 5.43 9.09 12.41
C GLY A 133 6.86 8.92 11.90
N ARG A 134 7.73 8.22 12.65
CA ARG A 134 9.12 7.92 12.26
C ARG A 134 9.25 6.53 11.59
N CYS A 135 10.42 6.26 11.01
CA CYS A 135 10.82 4.92 10.51
C CYS A 135 11.15 3.99 11.70
N HIS A 136 10.68 2.73 11.62
CA HIS A 136 10.89 1.68 12.64
C HIS A 136 11.03 0.27 12.02
N LEU A 137 11.82 0.14 10.94
CA LEU A 137 12.01 -1.11 10.21
C LEU A 137 13.48 -1.54 10.25
N ASP A 138 13.71 -2.82 10.58
CA ASP A 138 15.05 -3.40 10.81
C ASP A 138 15.36 -4.53 9.80
N ASP A 139 14.77 -5.71 9.99
CA ASP A 139 14.95 -6.92 9.19
C ASP A 139 13.82 -7.13 8.14
N GLY A 140 13.23 -6.02 7.68
CA GLY A 140 12.07 -5.97 6.78
C GLY A 140 10.74 -5.82 7.52
N MET A 141 10.70 -6.11 8.82
CA MET A 141 9.50 -6.00 9.67
C MET A 141 9.36 -4.60 10.29
N TYR A 142 8.13 -4.11 10.41
CA TYR A 142 7.81 -2.91 11.20
C TYR A 142 7.92 -3.27 12.70
N ARG A 143 9.10 -3.07 13.29
CA ARG A 143 9.44 -3.53 14.66
C ARG A 143 8.45 -2.99 15.71
N SER A 144 8.08 -1.73 15.61
CA SER A 144 7.23 -1.07 16.61
C SER A 144 5.73 -1.37 16.43
N ARG A 145 5.31 -2.27 15.51
CA ARG A 145 3.92 -2.75 15.39
C ARG A 145 3.28 -3.27 16.69
N GLY A 146 4.06 -3.55 17.74
CA GLY A 146 3.61 -3.99 19.07
C GLY A 146 3.62 -2.91 20.16
N GLU A 147 4.18 -1.72 19.92
CA GLU A 147 4.39 -0.68 20.96
C GLU A 147 3.53 0.58 20.69
N PRO A 148 3.69 1.35 19.58
CA PRO A 148 2.73 2.39 19.20
C PRO A 148 1.45 1.83 18.56
N ASP A 149 0.34 2.53 18.84
CA ASP A 149 -0.99 2.40 18.23
C ASP A 149 -0.97 2.84 16.75
N TYR A 150 -2.07 2.61 16.02
CA TYR A 150 -2.24 3.08 14.64
C TYR A 150 -2.17 4.62 14.50
N GLN A 151 -1.83 5.08 13.29
CA GLN A 151 -1.84 6.50 12.95
C GLN A 151 -3.24 7.12 12.94
N SER A 152 -3.29 8.45 12.98
CA SER A 152 -4.53 9.20 12.74
C SER A 152 -4.61 9.60 11.25
N VAL A 153 -5.81 9.77 10.69
CA VAL A 153 -5.96 10.13 9.26
C VAL A 153 -5.31 11.50 8.95
N VAL A 154 -5.30 12.41 9.93
CA VAL A 154 -4.62 13.72 9.83
C VAL A 154 -3.10 13.55 9.77
N GLN A 155 -2.53 12.66 10.61
CA GLN A 155 -1.08 12.45 10.66
C GLN A 155 -0.59 11.68 9.41
N LEU A 156 -1.44 10.85 8.78
CA LEU A 156 -1.13 10.29 7.45
C LEU A 156 -1.04 11.44 6.44
N ALA A 157 -2.09 12.28 6.36
CA ALA A 157 -2.24 13.34 5.36
C ALA A 157 -1.07 14.34 5.37
N SER A 158 -0.65 14.81 6.54
CA SER A 158 0.49 15.73 6.68
C SER A 158 1.81 15.07 6.22
N LYS A 159 2.13 13.87 6.73
CA LYS A 159 3.37 13.18 6.36
C LYS A 159 3.42 12.83 4.87
N LEU A 160 2.29 12.43 4.30
CA LEU A 160 2.14 12.13 2.88
C LEU A 160 2.47 13.33 1.98
N ALA A 161 2.05 14.53 2.36
CA ALA A 161 2.36 15.78 1.64
C ALA A 161 3.84 16.19 1.75
N GLU A 162 4.55 15.75 2.81
CA GLU A 162 5.99 15.96 2.98
C GLU A 162 6.79 15.01 2.08
N ASN A 163 6.40 13.74 2.02
CA ASN A 163 7.02 12.75 1.12
C ASN A 163 6.52 12.88 -0.34
N ASN A 164 5.40 13.58 -0.57
CA ASN A 164 4.80 13.87 -1.88
C ASN A 164 4.38 12.60 -2.66
N ILE A 165 3.97 11.56 -1.94
CA ILE A 165 3.55 10.25 -2.48
C ILE A 165 2.06 10.31 -2.89
N GLN A 166 1.61 9.66 -3.97
CA GLN A 166 0.17 9.55 -4.25
C GLN A 166 -0.43 8.15 -3.94
N PRO A 167 -1.21 8.02 -2.85
CA PRO A 167 -2.02 6.85 -2.53
C PRO A 167 -3.31 6.68 -3.36
N ILE A 168 -3.57 5.44 -3.79
CA ILE A 168 -4.85 5.06 -4.40
C ILE A 168 -5.36 3.79 -3.72
N PHE A 169 -6.48 3.91 -3.00
CA PHE A 169 -7.07 2.77 -2.27
C PHE A 169 -7.77 1.80 -3.21
N VAL A 170 -6.99 0.96 -3.86
CA VAL A 170 -7.50 -0.19 -4.64
C VAL A 170 -8.16 -1.26 -3.74
N VAL A 171 -9.50 -1.32 -3.74
CA VAL A 171 -10.32 -2.11 -2.79
C VAL A 171 -11.54 -2.73 -3.50
N PRO A 172 -12.27 -3.72 -2.96
CA PRO A 172 -13.28 -4.46 -3.70
C PRO A 172 -14.64 -3.75 -3.69
N SER A 173 -15.54 -4.17 -4.58
CA SER A 173 -16.89 -3.61 -4.73
C SER A 173 -17.66 -3.49 -3.40
N ARG A 174 -17.53 -4.48 -2.51
CA ARG A 174 -18.17 -4.51 -1.18
C ARG A 174 -17.72 -3.38 -0.22
N MET A 175 -16.55 -2.76 -0.44
CA MET A 175 -15.92 -1.82 0.51
C MET A 175 -15.49 -0.47 -0.10
N VAL A 176 -15.83 -0.17 -1.36
CA VAL A 176 -15.36 1.05 -2.06
C VAL A 176 -15.80 2.33 -1.33
N LYS A 177 -17.00 2.33 -0.74
CA LYS A 177 -17.63 3.54 -0.20
C LYS A 177 -17.17 3.94 1.22
N THR A 178 -16.28 3.16 1.85
CA THR A 178 -15.58 3.58 3.10
C THR A 178 -14.26 4.25 2.75
N TYR A 179 -13.60 3.74 1.72
CA TYR A 179 -12.35 4.27 1.20
C TYR A 179 -12.59 5.57 0.42
N GLU A 180 -13.73 5.71 -0.27
CA GLU A 180 -14.14 6.99 -0.84
C GLU A 180 -14.57 8.00 0.26
N LYS A 181 -14.84 7.54 1.50
CA LYS A 181 -15.04 8.47 2.64
C LYS A 181 -13.69 8.88 3.28
N LEU A 182 -12.68 8.02 3.18
CA LEU A 182 -11.29 8.24 3.62
C LEU A 182 -10.54 9.11 2.59
N THR A 183 -10.99 9.07 1.33
CA THR A 183 -10.48 9.85 0.20
C THR A 183 -11.01 11.29 0.20
N THR A 184 -11.95 11.58 1.09
CA THR A 184 -12.40 12.96 1.39
C THR A 184 -11.86 13.42 2.74
N PHE A 185 -11.38 12.50 3.59
CA PHE A 185 -10.63 12.88 4.80
C PHE A 185 -9.16 13.18 4.46
N ILE A 186 -8.54 12.44 3.53
CA ILE A 186 -7.18 12.68 3.05
C ILE A 186 -7.25 13.34 1.65
N PRO A 187 -6.79 14.59 1.47
CA PRO A 187 -6.90 15.30 0.20
C PRO A 187 -5.95 14.73 -0.86
N LYS A 188 -6.46 14.66 -2.10
CA LYS A 188 -5.79 14.34 -3.39
C LYS A 188 -5.63 12.83 -3.64
N LEU A 189 -5.94 12.00 -2.65
CA LEU A 189 -6.03 10.54 -2.82
C LEU A 189 -7.22 10.14 -3.69
N THR A 190 -7.24 8.87 -4.16
CA THR A 190 -8.43 8.31 -4.79
C THR A 190 -8.61 6.88 -4.29
N ILE A 191 -9.09 6.04 -5.17
CA ILE A 191 -9.60 4.70 -4.97
C ILE A 191 -9.51 3.90 -6.28
N GLY A 192 -9.48 2.58 -6.17
CA GLY A 192 -9.64 1.65 -7.29
C GLY A 192 -10.62 0.54 -6.90
N GLU A 193 -11.30 -0.05 -7.88
CA GLU A 193 -12.14 -1.21 -7.65
C GLU A 193 -11.35 -2.45 -8.09
N LEU A 194 -10.67 -3.05 -7.12
CA LEU A 194 -10.02 -4.37 -7.26
C LEU A 194 -11.05 -5.40 -7.77
N SER A 195 -10.68 -6.16 -8.79
CA SER A 195 -11.43 -7.32 -9.28
C SER A 195 -10.51 -8.23 -10.13
N ASP A 196 -11.08 -9.18 -10.86
CA ASP A 196 -10.35 -10.00 -11.85
C ASP A 196 -9.86 -9.15 -13.05
N ASP A 197 -10.52 -8.01 -13.31
CA ASP A 197 -10.06 -6.99 -14.25
C ASP A 197 -9.25 -5.89 -13.54
N SER A 198 -8.20 -5.41 -14.20
CA SER A 198 -7.24 -4.40 -13.71
C SER A 198 -7.45 -3.01 -14.33
N SER A 199 -8.45 -2.84 -15.20
CA SER A 199 -8.63 -1.66 -16.05
C SER A 199 -8.83 -0.40 -15.22
N ASN A 200 -9.73 -0.45 -14.24
CA ASN A 200 -10.12 0.76 -13.50
C ASN A 200 -8.93 1.34 -12.71
N VAL A 201 -8.17 0.52 -11.99
CA VAL A 201 -6.96 0.96 -11.26
C VAL A 201 -5.87 1.48 -12.21
N ALA A 202 -5.57 0.78 -13.31
CA ALA A 202 -4.56 1.22 -14.28
C ALA A 202 -4.95 2.52 -14.97
N GLN A 203 -6.23 2.82 -15.16
CA GLN A 203 -6.71 4.11 -15.70
C GLN A 203 -6.45 5.31 -14.78
N LEU A 204 -5.98 5.10 -13.55
CA LEU A 204 -5.62 6.15 -12.58
C LEU A 204 -4.11 6.23 -12.44
N ILE A 205 -3.39 5.11 -12.65
CA ILE A 205 -1.92 5.16 -12.80
C ILE A 205 -1.65 5.92 -14.10
N ARG A 206 -2.44 5.59 -15.13
CA ARG A 206 -2.40 6.28 -16.43
C ARG A 206 -2.89 7.72 -16.32
N ASN A 207 -3.98 7.99 -15.57
CA ASN A 207 -4.44 9.39 -15.47
C ASN A 207 -3.42 10.28 -14.72
N ALA A 208 -2.78 9.77 -13.67
CA ALA A 208 -1.79 10.52 -12.90
C ALA A 208 -0.48 10.71 -13.69
N TYR A 209 -0.13 9.75 -14.55
CA TYR A 209 1.00 9.87 -15.47
C TYR A 209 0.79 11.02 -16.47
N SER A 210 -0.43 11.15 -17.01
CA SER A 210 -0.79 12.17 -18.00
C SER A 210 -0.73 13.63 -17.47
N LYS A 211 -0.86 13.84 -16.15
CA LYS A 211 -0.78 15.17 -15.53
C LYS A 211 0.66 15.71 -15.31
N LEU A 212 1.68 14.85 -15.27
CA LEU A 212 3.11 15.23 -15.21
C LEU A 212 3.57 15.73 -16.62
N ASP A 1 8.13 9.50 -21.53
CA ASP A 1 8.68 8.73 -20.37
C ASP A 1 8.54 9.53 -19.07
N ASN A 2 9.65 9.92 -18.42
CA ASN A 2 9.79 10.51 -17.07
C ASN A 2 9.69 9.43 -15.95
N SER A 3 10.37 9.66 -14.84
CA SER A 3 10.51 8.70 -13.74
C SER A 3 9.22 8.51 -12.93
N VAL A 4 8.67 7.28 -12.94
CA VAL A 4 7.58 6.84 -12.07
C VAL A 4 8.10 5.80 -11.09
N ASP A 5 7.88 5.99 -9.80
CA ASP A 5 8.12 5.00 -8.75
C ASP A 5 6.77 4.50 -8.22
N LEU A 6 6.46 3.21 -8.40
CA LEU A 6 5.26 2.61 -7.80
C LEU A 6 5.62 1.60 -6.69
N TYR A 7 5.00 1.76 -5.53
CA TYR A 7 5.05 0.81 -4.43
C TYR A 7 3.67 0.15 -4.27
N PHE A 8 3.68 -1.14 -4.56
CA PHE A 8 2.55 -2.05 -4.47
C PHE A 8 2.46 -2.74 -3.09
N LEU A 9 1.52 -2.29 -2.25
CA LEU A 9 1.25 -2.88 -0.92
C LEU A 9 0.03 -3.82 -0.90
N MET A 10 0.24 -5.12 -0.62
CA MET A 10 -0.81 -6.16 -0.50
C MET A 10 -1.24 -6.45 0.95
N GLY A 11 -2.56 -6.67 1.14
CA GLY A 11 -3.13 -7.20 2.39
C GLY A 11 -3.19 -8.72 2.29
N LEU A 12 -2.49 -9.43 3.18
CA LEU A 12 -2.23 -10.88 3.13
C LEU A 12 -3.04 -11.69 4.17
N SER A 13 -4.16 -11.18 4.67
CA SER A 13 -5.02 -11.93 5.61
C SER A 13 -5.91 -12.98 4.93
N GLY A 14 -6.40 -13.97 5.68
CA GLY A 14 -7.07 -15.18 5.13
C GLY A 14 -8.31 -14.93 4.28
N SER A 15 -9.01 -13.81 4.51
CA SER A 15 -10.11 -13.35 3.64
C SER A 15 -9.64 -13.11 2.20
N ALA A 16 -8.38 -12.71 2.00
CA ALA A 16 -7.76 -12.43 0.70
C ALA A 16 -7.40 -13.70 -0.11
N GLN A 17 -7.71 -14.92 0.34
CA GLN A 17 -7.44 -16.15 -0.44
C GLN A 17 -8.12 -16.14 -1.82
N GLY A 18 -9.41 -15.79 -1.88
CA GLY A 18 -10.13 -15.66 -3.15
C GLY A 18 -9.66 -14.46 -3.96
N HIS A 19 -9.27 -13.38 -3.26
CA HIS A 19 -8.76 -12.15 -3.87
C HIS A 19 -7.29 -12.23 -4.33
N LEU A 20 -6.53 -13.26 -3.93
CA LEU A 20 -5.09 -13.38 -4.20
C LEU A 20 -4.79 -13.39 -5.70
N SER A 21 -5.59 -14.10 -6.48
CA SER A 21 -5.55 -14.06 -7.96
C SER A 21 -5.76 -12.63 -8.49
N ASN A 22 -6.75 -11.91 -7.95
CA ASN A 22 -7.08 -10.53 -8.37
C ASN A 22 -5.92 -9.57 -8.06
N VAL A 23 -5.38 -9.64 -6.84
CA VAL A 23 -4.29 -8.74 -6.39
C VAL A 23 -2.94 -9.10 -7.02
N GLN A 24 -2.63 -10.37 -7.30
CA GLN A 24 -1.41 -10.72 -8.03
C GLN A 24 -1.50 -10.33 -9.51
N THR A 25 -2.67 -10.54 -10.15
CA THR A 25 -2.88 -10.20 -11.56
C THR A 25 -2.75 -8.70 -11.74
N LEU A 26 -3.31 -7.87 -10.84
CA LEU A 26 -3.13 -6.41 -10.87
C LEU A 26 -1.66 -5.99 -10.77
N GLY A 27 -0.80 -6.78 -10.16
CA GLY A 27 0.56 -6.35 -9.81
C GLY A 27 1.51 -6.53 -10.98
N SER A 28 1.37 -7.70 -11.58
CA SER A 28 2.02 -8.05 -12.84
C SER A 28 1.38 -7.27 -13.99
N ASP A 29 0.07 -7.02 -13.92
CA ASP A 29 -0.61 -6.22 -14.95
C ASP A 29 -0.20 -4.75 -14.88
N LEU A 30 0.07 -4.27 -13.66
CA LEU A 30 0.51 -2.90 -13.44
C LEU A 30 1.87 -2.70 -14.09
N LEU A 31 2.92 -3.44 -13.70
CA LEU A 31 4.25 -3.07 -14.19
C LEU A 31 4.49 -3.42 -15.66
N LYS A 32 3.90 -4.48 -16.25
CA LYS A 32 4.04 -4.65 -17.72
C LYS A 32 3.33 -3.51 -18.50
N ALA A 33 2.27 -2.91 -17.95
CA ALA A 33 1.67 -1.69 -18.50
C ALA A 33 2.56 -0.46 -18.26
N LEU A 34 2.94 -0.19 -17.00
CA LEU A 34 3.68 1.04 -16.67
C LEU A 34 5.07 1.07 -17.31
N ASN A 35 5.70 -0.09 -17.55
CA ASN A 35 6.99 -0.21 -18.23
C ASN A 35 6.92 0.22 -19.72
N GLU A 36 5.76 0.12 -20.37
CA GLU A 36 5.64 0.42 -21.81
C GLU A 36 5.40 1.92 -22.09
N ILE A 37 4.74 2.67 -21.19
CA ILE A 37 4.70 4.15 -21.28
C ILE A 37 5.85 4.81 -20.50
N SER A 38 6.46 4.13 -19.53
CA SER A 38 7.63 4.62 -18.79
C SER A 38 8.75 3.57 -18.68
N ARG A 39 9.84 3.76 -19.44
CA ARG A 39 11.09 2.99 -19.30
C ARG A 39 11.72 3.19 -17.90
N SER A 40 11.57 4.40 -17.34
CA SER A 40 11.90 4.75 -15.94
C SER A 40 10.64 4.55 -15.07
N GLY A 41 10.36 3.29 -14.72
CA GLY A 41 9.13 2.80 -14.09
C GLY A 41 9.51 1.71 -13.09
N ARG A 42 9.81 2.13 -11.86
CA ARG A 42 10.40 1.28 -10.83
C ARG A 42 9.31 0.72 -9.95
N ILE A 43 9.42 -0.55 -9.52
CA ILE A 43 8.46 -1.17 -8.62
C ILE A 43 9.09 -1.74 -7.36
N GLY A 44 8.44 -1.51 -6.22
CA GLY A 44 8.75 -2.11 -4.92
C GLY A 44 7.51 -2.80 -4.38
N PHE A 45 7.70 -3.85 -3.59
CA PHE A 45 6.62 -4.68 -3.09
C PHE A 45 6.53 -4.67 -1.55
N GLY A 46 5.33 -4.89 -1.00
CA GLY A 46 5.08 -4.92 0.43
C GLY A 46 3.91 -5.81 0.83
N SER A 47 4.02 -6.41 2.00
CA SER A 47 2.98 -7.24 2.63
C SER A 47 2.53 -6.62 3.97
N ILE A 48 1.28 -6.85 4.36
CA ILE A 48 0.71 -6.49 5.66
C ILE A 48 -0.43 -7.45 5.99
N VAL A 49 -0.64 -7.75 7.27
CA VAL A 49 -1.79 -8.55 7.76
C VAL A 49 -2.36 -7.92 9.03
N ASN A 50 -1.65 -8.14 10.14
CA ASN A 50 -1.86 -7.66 11.52
C ASN A 50 -0.69 -8.19 12.38
N MET A 51 -0.05 -9.29 11.95
CA MET A 51 1.23 -9.81 12.46
C MET A 51 2.26 -8.67 12.53
N THR A 52 2.38 -7.92 11.42
CA THR A 52 3.26 -6.76 11.12
C THR A 52 3.13 -6.36 9.65
N PHE A 53 3.82 -5.27 9.30
CA PHE A 53 4.08 -4.82 7.92
C PHE A 53 5.43 -5.48 7.55
N GLN A 54 5.52 -6.13 6.40
CA GLN A 54 6.75 -6.76 5.92
C GLN A 54 7.16 -6.17 4.57
N HIS A 55 8.35 -5.58 4.51
CA HIS A 55 8.97 -5.11 3.29
C HIS A 55 9.70 -6.25 2.56
N ILE A 56 9.27 -6.59 1.34
CA ILE A 56 9.90 -7.58 0.45
C ILE A 56 10.06 -6.92 -0.91
N LEU A 57 11.29 -6.59 -1.32
CA LEU A 57 11.70 -6.05 -2.64
C LEU A 57 11.60 -4.51 -2.67
N LYS A 58 12.77 -3.88 -2.76
CA LYS A 58 12.97 -2.43 -2.82
C LYS A 58 12.64 -1.92 -4.25
N LEU A 59 12.34 -0.63 -4.46
CA LEU A 59 12.01 -0.07 -5.79
C LEU A 59 13.11 -0.41 -6.81
N THR A 60 12.76 -1.24 -7.81
CA THR A 60 13.69 -1.83 -8.78
C THR A 60 13.19 -1.73 -10.22
N ALA A 61 14.11 -1.89 -11.16
CA ALA A 61 13.86 -1.87 -12.61
C ALA A 61 13.70 -3.26 -13.26
N ASP A 62 13.92 -4.36 -12.51
CA ASP A 62 13.69 -5.74 -12.93
C ASP A 62 12.27 -6.19 -12.52
N SER A 63 11.39 -5.82 -13.42
CA SER A 63 9.93 -6.03 -13.51
C SER A 63 9.64 -7.53 -13.56
N SER A 64 10.44 -8.26 -14.35
CA SER A 64 10.48 -9.71 -14.39
C SER A 64 10.87 -10.33 -13.04
N GLN A 65 11.45 -9.57 -12.10
CA GLN A 65 11.73 -10.12 -10.75
C GLN A 65 10.54 -9.92 -9.80
N PHE A 66 9.99 -8.70 -9.74
CA PHE A 66 8.82 -8.37 -8.92
C PHE A 66 7.67 -9.36 -9.14
N GLN A 67 7.51 -9.81 -10.38
CA GLN A 67 6.38 -10.63 -10.85
C GLN A 67 6.46 -12.06 -10.31
N ARG A 68 7.67 -12.50 -9.97
CA ARG A 68 7.96 -13.83 -9.41
C ARG A 68 7.90 -13.77 -7.89
N GLU A 69 8.15 -12.60 -7.31
CA GLU A 69 8.14 -12.44 -5.84
C GLU A 69 6.71 -12.19 -5.36
N LEU A 70 5.93 -11.43 -6.13
CA LEU A 70 4.52 -11.21 -5.85
C LEU A 70 3.68 -12.47 -6.16
N ARG A 71 4.07 -13.31 -7.14
CA ARG A 71 3.34 -14.57 -7.37
C ARG A 71 3.50 -15.54 -6.17
N LYS A 72 4.69 -15.61 -5.59
CA LYS A 72 5.02 -16.51 -4.46
C LYS A 72 4.34 -16.12 -3.12
N GLN A 73 3.75 -14.93 -3.00
CA GLN A 73 3.09 -14.49 -1.77
C GLN A 73 1.88 -15.38 -1.44
N LEU A 74 1.94 -16.12 -0.33
CA LEU A 74 0.81 -16.87 0.22
C LEU A 74 0.26 -16.19 1.50
N VAL A 75 -0.98 -16.54 1.85
CA VAL A 75 -1.79 -15.88 2.89
C VAL A 75 -1.37 -16.22 4.33
N SER A 76 -1.80 -15.38 5.28
CA SER A 76 -1.71 -15.60 6.74
C SER A 76 -3.11 -15.51 7.40
N GLY A 77 -3.26 -15.85 8.68
CA GLY A 77 -4.55 -15.93 9.39
C GLY A 77 -4.85 -14.78 10.35
N LYS A 78 -6.14 -14.48 10.56
CA LYS A 78 -6.66 -13.47 11.51
C LYS A 78 -8.00 -13.85 12.16
N LEU A 79 -8.30 -13.25 13.33
CA LEU A 79 -9.59 -13.28 14.01
C LEU A 79 -10.52 -12.19 13.43
N ALA A 80 -10.21 -10.92 13.73
CA ALA A 80 -11.08 -9.78 13.44
C ALA A 80 -11.07 -9.39 11.94
N THR A 81 -12.21 -8.87 11.45
CA THR A 81 -12.38 -8.39 10.06
C THR A 81 -11.42 -7.26 9.67
N PRO A 82 -11.21 -6.20 10.49
CA PRO A 82 -10.26 -5.13 10.17
C PRO A 82 -8.81 -5.59 10.16
N LYS A 83 -8.01 -5.12 9.20
CA LYS A 83 -6.55 -5.38 9.08
C LYS A 83 -5.68 -4.13 9.27
N GLY A 84 -4.38 -4.33 9.51
CA GLY A 84 -3.42 -3.30 9.92
C GLY A 84 -2.86 -2.40 8.82
N GLN A 85 -3.71 -2.03 7.87
CA GLN A 85 -3.31 -1.38 6.63
C GLN A 85 -2.65 0.01 6.81
N LEU A 86 -3.15 0.82 7.76
CA LEU A 86 -2.65 2.20 7.91
C LEU A 86 -1.37 2.32 8.75
N ASP A 87 -0.92 1.27 9.45
CA ASP A 87 0.43 1.30 10.05
C ASP A 87 1.47 1.12 8.93
N ALA A 88 1.24 0.13 8.04
CA ALA A 88 2.06 -0.15 6.86
C ALA A 88 2.15 1.04 5.92
N VAL A 89 1.00 1.62 5.54
CA VAL A 89 0.96 2.74 4.58
C VAL A 89 1.84 3.91 5.03
N VAL A 90 1.93 4.21 6.33
CA VAL A 90 2.80 5.30 6.81
C VAL A 90 4.26 4.87 6.89
N GLN A 91 4.60 3.63 7.31
CA GLN A 91 5.99 3.16 7.24
C GLN A 91 6.51 3.37 5.80
N VAL A 92 5.80 2.81 4.82
CA VAL A 92 6.08 2.96 3.38
C VAL A 92 6.23 4.43 2.93
N ALA A 93 5.52 5.37 3.57
CA ALA A 93 5.58 6.79 3.25
C ALA A 93 6.82 7.53 3.79
N ILE A 94 7.53 7.02 4.83
CA ILE A 94 8.66 7.75 5.46
C ILE A 94 10.05 7.09 5.35
N CYS A 95 10.19 5.76 5.31
CA CYS A 95 11.49 5.09 5.11
C CYS A 95 11.94 5.08 3.64
N LEU A 96 12.22 6.29 3.18
CA LEU A 96 12.81 6.67 1.90
C LEU A 96 13.98 5.75 1.51
N GLY A 97 14.80 5.42 2.51
CA GLY A 97 16.04 4.67 2.34
C GLY A 97 15.87 3.17 2.10
N GLU A 98 14.73 2.57 2.49
CA GLU A 98 14.45 1.15 2.22
C GLU A 98 13.49 0.97 1.05
N ILE A 99 12.49 1.85 0.91
CA ILE A 99 11.55 1.77 -0.20
C ILE A 99 12.29 2.13 -1.49
N GLY A 100 13.18 3.12 -1.41
CA GLY A 100 14.07 3.54 -2.50
C GLY A 100 13.50 4.64 -3.38
N TRP A 101 12.53 5.43 -2.88
CA TRP A 101 11.91 6.51 -3.67
C TRP A 101 12.98 7.53 -4.13
N ARG A 102 12.81 8.09 -5.32
CA ARG A 102 13.62 9.22 -5.83
C ARG A 102 12.73 10.40 -6.27
N ASN A 103 13.30 11.37 -6.98
CA ASN A 103 12.67 12.67 -7.28
C ASN A 103 11.53 12.69 -8.34
N GLY A 104 11.00 11.56 -8.81
CA GLY A 104 9.89 11.56 -9.76
C GLY A 104 8.57 11.74 -9.04
N THR A 105 7.61 10.93 -9.48
CA THR A 105 6.26 10.78 -8.90
C THR A 105 6.23 9.47 -8.12
N ARG A 106 5.55 9.43 -6.96
CA ARG A 106 5.67 8.32 -6.03
C ARG A 106 4.28 7.78 -5.72
N PHE A 107 4.01 6.53 -6.07
CA PHE A 107 2.70 5.94 -5.96
C PHE A 107 2.64 4.84 -4.95
N LEU A 108 1.70 4.92 -4.02
CA LEU A 108 1.43 3.80 -3.12
C LEU A 108 0.10 3.15 -3.54
N VAL A 109 0.14 2.08 -4.34
CA VAL A 109 -1.11 1.35 -4.65
C VAL A 109 -1.29 0.40 -3.49
N LEU A 110 -2.46 0.48 -2.85
CA LEU A 110 -2.68 -0.22 -1.60
C LEU A 110 -3.89 -1.12 -1.78
N VAL A 111 -3.73 -2.40 -1.49
CA VAL A 111 -4.77 -3.41 -1.71
C VAL A 111 -5.24 -4.02 -0.40
N THR A 112 -6.56 -4.12 -0.28
CA THR A 112 -7.22 -4.87 0.80
C THR A 112 -8.52 -5.50 0.28
N ASP A 113 -9.33 -6.10 1.16
CA ASP A 113 -10.65 -6.71 0.84
C ASP A 113 -11.71 -6.57 1.95
N ASN A 114 -11.38 -5.82 3.02
CA ASN A 114 -12.28 -5.38 4.09
C ASN A 114 -11.61 -4.21 4.86
N ASP A 115 -12.32 -3.62 5.83
CA ASP A 115 -11.91 -2.39 6.53
C ASP A 115 -10.57 -2.49 7.32
N PHE A 116 -10.21 -1.40 8.00
CA PHE A 116 -8.90 -1.18 8.63
C PHE A 116 -9.00 -0.77 10.12
N HIS A 117 -7.89 -0.95 10.84
CA HIS A 117 -7.72 -0.43 12.20
C HIS A 117 -7.39 1.09 12.15
N LEU A 118 -8.15 1.88 12.92
CA LEU A 118 -7.94 3.32 13.09
C LEU A 118 -7.10 3.58 14.37
N ALA A 119 -6.56 4.79 14.53
CA ALA A 119 -5.95 5.21 15.80
C ALA A 119 -6.95 5.14 16.95
N LYS A 120 -6.43 4.80 18.13
CA LYS A 120 -7.12 4.50 19.41
C LYS A 120 -7.80 3.12 19.44
N ASP A 121 -7.94 2.40 18.31
CA ASP A 121 -8.53 1.06 18.31
C ASP A 121 -7.65 0.03 19.05
N LYS A 122 -6.34 0.29 19.20
CA LYS A 122 -5.43 -0.56 19.97
C LYS A 122 -5.61 -0.51 21.50
N THR A 123 -6.59 0.26 22.00
CA THR A 123 -7.02 0.24 23.40
C THR A 123 -7.46 -1.17 23.84
N LEU A 124 -8.02 -1.98 22.92
CA LEU A 124 -8.39 -3.39 23.17
C LEU A 124 -7.17 -4.25 23.52
N GLY A 125 -6.07 -4.12 22.75
CA GLY A 125 -4.81 -4.84 22.95
C GLY A 125 -3.81 -4.11 23.85
N THR A 126 -4.30 -3.19 24.71
CA THR A 126 -3.57 -2.47 25.77
C THR A 126 -2.34 -1.69 25.28
N ARG A 127 -2.46 -1.05 24.10
CA ARG A 127 -1.49 -0.10 23.56
C ARG A 127 -2.06 1.33 23.68
N GLN A 128 -1.43 2.21 24.45
CA GLN A 128 -1.90 3.59 24.66
C GLN A 128 -1.17 4.61 23.79
N ASN A 129 0.18 4.60 23.77
CA ASN A 129 0.96 5.66 23.13
C ASN A 129 0.75 5.69 21.60
N THR A 130 0.23 6.81 21.09
CA THR A 130 -0.02 7.01 19.64
C THR A 130 1.28 7.26 18.88
N SER A 131 1.26 6.97 17.58
CA SER A 131 2.45 6.97 16.73
C SER A 131 3.13 8.36 16.65
N ASP A 132 4.47 8.35 16.64
CA ASP A 132 5.34 9.50 16.44
C ASP A 132 5.46 9.91 14.95
N GLY A 133 4.95 9.09 14.03
CA GLY A 133 4.88 9.38 12.60
C GLY A 133 6.15 9.10 11.80
N ARG A 134 7.23 8.60 12.44
CA ARG A 134 8.48 8.20 11.76
C ARG A 134 8.70 6.68 11.78
N CYS A 135 9.73 6.22 11.06
CA CYS A 135 9.95 4.81 10.78
C CYS A 135 10.51 4.00 11.95
N HIS A 136 10.04 2.76 12.04
CA HIS A 136 10.46 1.73 13.00
C HIS A 136 10.72 0.38 12.29
N LEU A 137 11.55 0.41 11.25
CA LEU A 137 11.87 -0.73 10.38
C LEU A 137 13.41 -0.86 10.25
N ASP A 138 13.92 -2.08 10.42
CA ASP A 138 15.33 -2.41 10.17
C ASP A 138 15.50 -3.85 9.62
N ASP A 139 14.88 -4.85 10.27
CA ASP A 139 15.00 -6.27 9.90
C ASP A 139 14.18 -6.71 8.68
N GLY A 140 13.31 -5.83 8.17
CA GLY A 140 12.29 -6.14 7.14
C GLY A 140 10.86 -6.19 7.69
N MET A 141 10.67 -6.09 9.02
CA MET A 141 9.35 -6.05 9.69
C MET A 141 9.25 -4.89 10.70
N TYR A 142 8.05 -4.29 10.80
CA TYR A 142 7.75 -3.09 11.60
C TYR A 142 7.77 -3.36 13.12
N ARG A 143 8.95 -3.22 13.75
CA ARG A 143 9.20 -3.63 15.15
C ARG A 143 8.39 -2.87 16.21
N SER A 144 7.79 -1.72 15.87
CA SER A 144 6.94 -0.95 16.80
C SER A 144 5.46 -1.33 16.76
N ARG A 145 5.03 -2.22 15.84
CA ARG A 145 3.65 -2.72 15.78
C ARG A 145 3.13 -3.27 17.14
N GLY A 146 4.04 -3.78 17.98
CA GLY A 146 3.73 -4.34 19.30
C GLY A 146 3.49 -3.32 20.42
N GLU A 147 3.88 -2.04 20.26
CA GLU A 147 3.71 -1.00 21.31
C GLU A 147 3.01 0.28 20.80
N PRO A 148 3.59 1.14 19.91
CA PRO A 148 2.83 2.22 19.29
C PRO A 148 1.50 1.81 18.63
N ASP A 149 0.51 2.69 18.77
CA ASP A 149 -0.82 2.65 18.14
C ASP A 149 -0.75 2.89 16.61
N TYR A 150 -1.92 2.84 15.97
CA TYR A 150 -2.13 3.24 14.59
C TYR A 150 -1.99 4.75 14.39
N GLN A 151 -1.83 5.14 13.13
CA GLN A 151 -1.62 6.53 12.73
C GLN A 151 -2.98 7.18 12.53
N SER A 152 -3.25 8.31 13.18
CA SER A 152 -4.50 9.06 12.98
C SER A 152 -4.58 9.57 11.53
N VAL A 153 -5.80 9.76 11.01
CA VAL A 153 -6.02 10.20 9.61
C VAL A 153 -5.26 11.51 9.29
N VAL A 154 -5.10 12.39 10.29
CA VAL A 154 -4.29 13.63 10.21
C VAL A 154 -2.79 13.33 10.04
N GLN A 155 -2.22 12.40 10.82
CA GLN A 155 -0.79 12.06 10.80
C GLN A 155 -0.42 11.31 9.50
N LEU A 156 -1.34 10.46 9.02
CA LEU A 156 -1.23 9.84 7.71
C LEU A 156 -1.19 10.94 6.63
N ALA A 157 -2.17 11.87 6.63
CA ALA A 157 -2.27 12.93 5.62
C ALA A 157 -1.06 13.87 5.58
N SER A 158 -0.53 14.29 6.73
CA SER A 158 0.67 15.15 6.80
C SER A 158 1.94 14.43 6.31
N LYS A 159 2.12 13.14 6.63
CA LYS A 159 3.31 12.40 6.22
C LYS A 159 3.34 12.10 4.70
N LEU A 160 2.18 11.84 4.09
CA LEU A 160 2.04 11.74 2.62
C LEU A 160 2.42 13.05 1.91
N ALA A 161 2.01 14.19 2.47
CA ALA A 161 2.25 15.52 1.89
C ALA A 161 3.73 15.93 1.92
N GLU A 162 4.45 15.52 2.96
CA GLU A 162 5.85 15.92 3.20
C GLU A 162 6.83 15.11 2.34
N ASN A 163 6.61 13.79 2.17
CA ASN A 163 7.38 12.98 1.23
C ASN A 163 6.79 12.98 -0.21
N ASN A 164 5.61 13.58 -0.40
CA ASN A 164 4.91 13.71 -1.69
C ASN A 164 4.64 12.34 -2.33
N ILE A 165 3.94 11.48 -1.58
CA ILE A 165 3.40 10.19 -2.03
C ILE A 165 1.94 10.37 -2.48
N GLN A 166 1.52 9.76 -3.60
CA GLN A 166 0.08 9.70 -3.90
C GLN A 166 -0.39 8.26 -3.68
N PRO A 167 -1.19 7.95 -2.63
CA PRO A 167 -1.84 6.66 -2.48
C PRO A 167 -2.99 6.47 -3.46
N ILE A 168 -3.21 5.22 -3.86
CA ILE A 168 -4.38 4.80 -4.65
C ILE A 168 -4.96 3.56 -3.98
N PHE A 169 -6.03 3.75 -3.19
CA PHE A 169 -6.66 2.67 -2.43
C PHE A 169 -7.48 1.73 -3.31
N VAL A 170 -6.84 0.81 -4.03
CA VAL A 170 -7.61 -0.19 -4.81
C VAL A 170 -8.16 -1.34 -3.96
N VAL A 171 -9.49 -1.41 -3.91
CA VAL A 171 -10.26 -2.28 -3.00
C VAL A 171 -11.53 -2.82 -3.67
N PRO A 172 -12.10 -3.96 -3.25
CA PRO A 172 -13.22 -4.60 -3.94
C PRO A 172 -14.54 -3.91 -3.61
N SER A 173 -15.48 -4.03 -4.56
CA SER A 173 -16.76 -3.32 -4.64
C SER A 173 -17.45 -3.07 -3.29
N ARG A 174 -17.60 -4.11 -2.46
CA ARG A 174 -18.34 -4.08 -1.19
C ARG A 174 -17.89 -2.98 -0.22
N MET A 175 -16.59 -2.71 -0.15
CA MET A 175 -16.00 -1.70 0.76
C MET A 175 -15.60 -0.38 0.10
N VAL A 176 -15.71 -0.24 -1.23
CA VAL A 176 -15.18 0.92 -1.98
C VAL A 176 -15.74 2.22 -1.39
N LYS A 177 -17.05 2.26 -1.11
CA LYS A 177 -17.73 3.50 -0.74
C LYS A 177 -17.47 3.97 0.71
N THR A 178 -16.73 3.19 1.52
CA THR A 178 -16.20 3.62 2.84
C THR A 178 -14.80 4.18 2.70
N TYR A 179 -13.99 3.66 1.77
CA TYR A 179 -12.69 4.23 1.41
C TYR A 179 -12.89 5.50 0.56
N GLU A 180 -14.01 5.64 -0.15
CA GLU A 180 -14.40 6.90 -0.79
C GLU A 180 -14.67 7.96 0.29
N LYS A 181 -15.04 7.58 1.52
CA LYS A 181 -15.25 8.55 2.63
C LYS A 181 -13.90 8.97 3.23
N LEU A 182 -12.89 8.12 3.06
CA LEU A 182 -11.51 8.31 3.49
C LEU A 182 -10.76 9.15 2.45
N THR A 183 -11.20 9.15 1.18
CA THR A 183 -10.61 10.01 0.12
C THR A 183 -11.05 11.46 0.22
N THR A 184 -12.09 11.74 1.03
CA THR A 184 -12.47 13.11 1.39
C THR A 184 -11.94 13.49 2.77
N PHE A 185 -11.60 12.50 3.63
CA PHE A 185 -10.85 12.83 4.87
C PHE A 185 -9.36 13.11 4.57
N ILE A 186 -8.78 12.46 3.56
CA ILE A 186 -7.41 12.74 3.07
C ILE A 186 -7.46 13.28 1.62
N PRO A 187 -7.19 14.57 1.38
CA PRO A 187 -7.15 15.11 0.03
C PRO A 187 -5.93 14.58 -0.74
N LYS A 188 -6.10 14.38 -2.06
CA LYS A 188 -5.12 14.08 -3.13
C LYS A 188 -4.98 12.59 -3.48
N LEU A 189 -5.38 11.68 -2.59
CA LEU A 189 -5.36 10.23 -2.86
C LEU A 189 -6.54 9.83 -3.77
N THR A 190 -6.55 8.62 -4.35
CA THR A 190 -7.68 8.12 -5.11
C THR A 190 -8.11 6.77 -4.54
N ILE A 191 -8.65 5.93 -5.39
CA ILE A 191 -9.38 4.70 -5.06
C ILE A 191 -9.87 4.03 -6.34
N GLY A 192 -9.62 2.72 -6.46
CA GLY A 192 -10.03 1.89 -7.59
C GLY A 192 -10.81 0.66 -7.14
N GLU A 193 -11.56 0.08 -8.08
CA GLU A 193 -12.25 -1.18 -7.91
C GLU A 193 -11.31 -2.30 -8.33
N LEU A 194 -10.60 -2.80 -7.33
CA LEU A 194 -9.79 -4.02 -7.41
C LEU A 194 -10.73 -5.22 -7.65
N SER A 195 -10.50 -5.96 -8.73
CA SER A 195 -11.32 -7.10 -9.16
C SER A 195 -10.53 -7.98 -10.16
N ASP A 196 -11.20 -8.83 -10.95
CA ASP A 196 -10.56 -9.74 -11.92
C ASP A 196 -9.99 -9.02 -13.16
N ASP A 197 -10.31 -7.74 -13.36
CA ASP A 197 -9.69 -6.86 -14.35
C ASP A 197 -9.13 -5.57 -13.70
N SER A 198 -7.91 -5.21 -14.10
CA SER A 198 -7.14 -4.11 -13.51
C SER A 198 -7.38 -2.74 -14.18
N SER A 199 -8.21 -2.68 -15.22
CA SER A 199 -8.39 -1.51 -16.10
C SER A 199 -8.78 -0.26 -15.29
N ASN A 200 -9.68 -0.45 -14.33
CA ASN A 200 -10.12 0.60 -13.39
C ASN A 200 -8.93 1.19 -12.60
N VAL A 201 -7.96 0.36 -12.18
CA VAL A 201 -6.78 0.76 -11.38
C VAL A 201 -5.71 1.41 -12.26
N ALA A 202 -5.37 0.75 -13.37
CA ALA A 202 -4.32 1.21 -14.27
C ALA A 202 -4.70 2.54 -14.91
N GLN A 203 -5.97 2.84 -15.16
CA GLN A 203 -6.40 4.13 -15.75
C GLN A 203 -6.30 5.30 -14.76
N LEU A 204 -5.91 5.07 -13.51
CA LEU A 204 -5.69 6.10 -12.47
C LEU A 204 -4.20 6.40 -12.41
N ILE A 205 -3.37 5.35 -12.51
CA ILE A 205 -1.91 5.54 -12.57
C ILE A 205 -1.53 6.07 -13.96
N ARG A 206 -2.23 5.59 -15.00
CA ARG A 206 -2.14 6.17 -16.36
C ARG A 206 -2.67 7.62 -16.35
N ASN A 207 -3.71 7.94 -15.55
CA ASN A 207 -4.14 9.36 -15.44
C ASN A 207 -3.09 10.22 -14.70
N ALA A 208 -2.43 9.68 -13.69
CA ALA A 208 -1.39 10.36 -12.93
C ALA A 208 -0.07 10.49 -13.73
N TYR A 209 0.15 9.61 -14.71
CA TYR A 209 1.22 9.73 -15.71
C TYR A 209 0.90 10.89 -16.68
N SER A 210 -0.37 11.04 -17.07
CA SER A 210 -0.84 12.07 -18.02
C SER A 210 -0.79 13.52 -17.45
N LYS A 211 -0.89 13.71 -16.11
CA LYS A 211 -0.87 15.07 -15.52
C LYS A 211 0.52 15.72 -15.50
N LEU A 212 1.59 14.88 -15.66
CA LEU A 212 3.00 15.25 -15.59
C LEU A 212 3.51 16.16 -16.83
N ASP A 1 7.63 10.28 -21.06
CA ASP A 1 8.64 9.37 -20.44
C ASP A 1 9.33 10.03 -19.23
N ASN A 2 8.59 10.28 -18.14
CA ASN A 2 9.14 10.80 -16.87
C ASN A 2 9.49 9.67 -15.89
N SER A 3 10.35 9.96 -14.91
CA SER A 3 10.60 9.03 -13.80
C SER A 3 9.33 8.88 -12.94
N VAL A 4 8.87 7.64 -12.76
CA VAL A 4 7.78 7.23 -11.86
C VAL A 4 8.34 6.18 -10.91
N ASP A 5 7.83 6.15 -9.68
CA ASP A 5 8.09 5.09 -8.75
C ASP A 5 6.77 4.60 -8.13
N LEU A 6 6.51 3.30 -8.25
CA LEU A 6 5.29 2.70 -7.68
C LEU A 6 5.59 1.72 -6.56
N TYR A 7 4.79 1.77 -5.49
CA TYR A 7 4.86 0.81 -4.40
C TYR A 7 3.52 0.11 -4.22
N PHE A 8 3.52 -1.15 -4.62
CA PHE A 8 2.44 -2.12 -4.48
C PHE A 8 2.39 -2.74 -3.06
N LEU A 9 1.44 -2.28 -2.24
CA LEU A 9 1.18 -2.79 -0.88
C LEU A 9 -0.03 -3.75 -0.89
N MET A 10 0.20 -5.04 -0.63
CA MET A 10 -0.83 -6.10 -0.59
C MET A 10 -1.35 -6.46 0.81
N GLY A 11 -2.63 -6.83 0.90
CA GLY A 11 -3.22 -7.43 2.11
C GLY A 11 -3.19 -8.97 2.01
N LEU A 12 -2.59 -9.67 3.00
CA LEU A 12 -2.30 -11.13 2.97
C LEU A 12 -3.07 -11.98 4.01
N SER A 13 -4.26 -11.55 4.40
CA SER A 13 -5.06 -12.15 5.50
C SER A 13 -5.99 -13.28 5.02
N GLY A 14 -6.62 -14.04 5.92
CA GLY A 14 -7.37 -15.27 5.58
C GLY A 14 -8.60 -15.03 4.69
N SER A 15 -9.08 -13.79 4.67
CA SER A 15 -10.09 -13.25 3.76
C SER A 15 -9.58 -13.06 2.32
N ALA A 16 -8.27 -12.83 2.14
CA ALA A 16 -7.64 -12.48 0.86
C ALA A 16 -7.31 -13.69 -0.02
N GLN A 17 -7.33 -14.94 0.47
CA GLN A 17 -7.22 -16.09 -0.44
C GLN A 17 -8.49 -16.16 -1.31
N GLY A 18 -8.31 -16.36 -2.63
CA GLY A 18 -9.37 -16.22 -3.64
C GLY A 18 -9.31 -14.84 -4.29
N HIS A 19 -9.12 -13.78 -3.49
CA HIS A 19 -8.81 -12.43 -3.99
C HIS A 19 -7.34 -12.31 -4.42
N LEU A 20 -6.45 -13.17 -3.88
CA LEU A 20 -5.01 -13.20 -4.14
C LEU A 20 -4.73 -13.15 -5.64
N SER A 21 -5.35 -14.01 -6.45
CA SER A 21 -5.17 -14.00 -7.92
C SER A 21 -5.49 -12.62 -8.54
N ASN A 22 -6.56 -11.95 -8.08
CA ASN A 22 -6.90 -10.57 -8.49
C ASN A 22 -5.77 -9.60 -8.11
N VAL A 23 -5.26 -9.70 -6.88
CA VAL A 23 -4.15 -8.85 -6.38
C VAL A 23 -2.83 -9.13 -7.13
N GLN A 24 -2.54 -10.40 -7.44
CA GLN A 24 -1.35 -10.78 -8.19
C GLN A 24 -1.44 -10.26 -9.62
N THR A 25 -2.55 -10.52 -10.31
CA THR A 25 -2.75 -10.13 -11.71
C THR A 25 -2.78 -8.61 -11.85
N LEU A 26 -3.36 -7.86 -10.92
CA LEU A 26 -3.29 -6.39 -10.96
C LEU A 26 -1.86 -5.88 -10.91
N GLY A 27 -0.96 -6.61 -10.26
CA GLY A 27 0.38 -6.13 -9.93
C GLY A 27 1.35 -6.50 -11.02
N SER A 28 1.16 -7.69 -11.58
CA SER A 28 1.81 -8.19 -12.78
C SER A 28 1.34 -7.38 -14.00
N ASP A 29 0.08 -6.93 -13.98
CA ASP A 29 -0.44 -6.05 -15.04
C ASP A 29 0.08 -4.62 -14.85
N LEU A 30 0.17 -4.16 -13.60
CA LEU A 30 0.66 -2.82 -13.27
C LEU A 30 2.13 -2.69 -13.68
N LEU A 31 2.93 -3.68 -13.29
CA LEU A 31 4.35 -3.84 -13.61
C LEU A 31 4.65 -3.65 -15.09
N LYS A 32 4.01 -4.42 -15.98
CA LYS A 32 4.36 -4.38 -17.40
C LYS A 32 3.68 -3.22 -18.16
N ALA A 33 2.40 -2.93 -17.92
CA ALA A 33 1.70 -1.81 -18.58
C ALA A 33 2.38 -0.46 -18.30
N LEU A 34 2.94 -0.28 -17.10
CA LEU A 34 3.64 0.96 -16.74
C LEU A 34 5.10 1.00 -17.25
N ASN A 35 5.77 -0.15 -17.36
CA ASN A 35 7.07 -0.21 -18.02
C ASN A 35 6.97 -0.10 -19.57
N GLU A 36 5.75 0.01 -20.13
CA GLU A 36 5.52 0.36 -21.55
C GLU A 36 5.37 1.87 -21.72
N ILE A 37 4.57 2.56 -20.87
CA ILE A 37 4.45 4.03 -20.92
C ILE A 37 5.73 4.73 -20.44
N SER A 38 6.49 4.13 -19.52
CA SER A 38 7.76 4.68 -19.02
C SER A 38 8.93 3.69 -19.05
N ARG A 39 10.12 4.20 -19.41
CA ARG A 39 11.40 3.49 -19.28
C ARG A 39 11.99 3.64 -17.87
N SER A 40 11.49 4.57 -17.06
CA SER A 40 11.91 4.80 -15.68
C SER A 40 10.70 4.69 -14.73
N GLY A 41 10.34 3.44 -14.39
CA GLY A 41 9.13 3.03 -13.68
C GLY A 41 9.48 1.94 -12.67
N ARG A 42 10.03 2.35 -11.53
CA ARG A 42 10.62 1.45 -10.53
C ARG A 42 9.50 0.90 -9.68
N ILE A 43 9.49 -0.40 -9.48
CA ILE A 43 8.42 -1.11 -8.75
C ILE A 43 8.94 -1.62 -7.40
N GLY A 44 8.13 -1.50 -6.35
CA GLY A 44 8.40 -2.00 -5.01
C GLY A 44 7.23 -2.80 -4.45
N PHE A 45 7.52 -3.64 -3.46
CA PHE A 45 6.57 -4.64 -2.96
C PHE A 45 6.53 -4.79 -1.43
N GLY A 46 5.31 -4.71 -0.87
CA GLY A 46 5.04 -4.90 0.56
C GLY A 46 3.78 -5.69 0.85
N SER A 47 3.72 -6.24 2.06
CA SER A 47 2.66 -7.13 2.55
C SER A 47 2.18 -6.75 3.95
N ILE A 48 0.87 -6.81 4.24
CA ILE A 48 0.31 -6.51 5.57
C ILE A 48 -0.93 -7.36 5.91
N VAL A 49 -1.13 -7.71 7.18
CA VAL A 49 -2.34 -8.35 7.74
C VAL A 49 -2.72 -7.62 9.05
N ASN A 50 -2.01 -8.01 10.11
CA ASN A 50 -1.87 -7.46 11.47
C ASN A 50 -0.68 -8.15 12.18
N MET A 51 -0.07 -9.20 11.57
CA MET A 51 1.23 -9.79 11.96
C MET A 51 2.35 -8.85 11.43
N THR A 52 2.14 -7.55 11.68
CA THR A 52 2.83 -6.35 11.18
C THR A 52 2.96 -6.29 9.66
N PHE A 53 3.84 -5.41 9.20
CA PHE A 53 4.12 -5.05 7.82
C PHE A 53 5.47 -5.61 7.42
N GLN A 54 5.53 -6.30 6.27
CA GLN A 54 6.78 -6.83 5.72
C GLN A 54 7.07 -6.22 4.35
N HIS A 55 8.20 -5.52 4.27
CA HIS A 55 8.80 -5.04 3.03
C HIS A 55 9.66 -6.16 2.41
N ILE A 56 9.28 -6.68 1.24
CA ILE A 56 9.95 -7.85 0.63
C ILE A 56 10.80 -7.49 -0.61
N LEU A 57 10.52 -6.38 -1.32
CA LEU A 57 11.36 -5.92 -2.44
C LEU A 57 11.39 -4.39 -2.55
N LYS A 58 12.59 -3.84 -2.44
CA LYS A 58 12.91 -2.42 -2.66
C LYS A 58 12.58 -1.96 -4.11
N LEU A 59 12.27 -0.66 -4.29
CA LEU A 59 12.04 -0.05 -5.60
C LEU A 59 13.17 -0.40 -6.57
N THR A 60 12.86 -1.05 -7.70
CA THR A 60 13.85 -1.46 -8.70
C THR A 60 13.24 -1.62 -10.10
N ALA A 61 14.13 -1.79 -11.09
CA ALA A 61 13.84 -1.92 -12.52
C ALA A 61 13.75 -3.37 -13.02
N ASP A 62 14.05 -4.35 -12.15
CA ASP A 62 14.01 -5.79 -12.38
C ASP A 62 12.56 -6.27 -12.23
N SER A 63 11.86 -5.98 -13.31
CA SER A 63 10.43 -6.04 -13.55
C SER A 63 9.92 -7.48 -13.60
N SER A 64 10.68 -8.33 -14.29
CA SER A 64 10.50 -9.78 -14.30
C SER A 64 10.55 -10.33 -12.86
N GLN A 65 11.35 -9.72 -11.97
CA GLN A 65 11.54 -10.34 -10.64
C GLN A 65 10.50 -9.89 -9.62
N PHE A 66 10.04 -8.64 -9.70
CA PHE A 66 8.88 -8.20 -8.91
C PHE A 66 7.68 -9.14 -9.15
N GLN A 67 7.54 -9.66 -10.37
CA GLN A 67 6.41 -10.52 -10.76
C GLN A 67 6.57 -11.92 -10.16
N ARG A 68 7.80 -12.41 -10.03
CA ARG A 68 8.12 -13.69 -9.41
C ARG A 68 7.89 -13.61 -7.91
N GLU A 69 8.24 -12.46 -7.33
CA GLU A 69 8.19 -12.27 -5.87
C GLU A 69 6.75 -11.98 -5.45
N LEU A 70 5.96 -11.36 -6.32
CA LEU A 70 4.52 -11.22 -6.13
C LEU A 70 3.85 -12.60 -6.32
N ARG A 71 4.29 -13.39 -7.31
CA ARG A 71 3.66 -14.70 -7.60
C ARG A 71 3.90 -15.73 -6.48
N LYS A 72 5.04 -15.63 -5.78
CA LYS A 72 5.36 -16.46 -4.60
C LYS A 72 4.45 -16.24 -3.38
N GLN A 73 3.95 -15.00 -3.16
CA GLN A 73 3.27 -14.64 -1.91
C GLN A 73 2.09 -15.55 -1.51
N LEU A 74 2.02 -15.82 -0.20
CA LEU A 74 1.07 -16.75 0.43
C LEU A 74 0.19 -16.02 1.45
N VAL A 75 -0.96 -16.60 1.78
CA VAL A 75 -1.95 -16.00 2.69
C VAL A 75 -1.84 -16.61 4.10
N SER A 76 -1.86 -15.76 5.12
CA SER A 76 -1.90 -16.12 6.55
C SER A 76 -3.29 -15.82 7.15
N GLY A 77 -3.45 -15.64 8.48
CA GLY A 77 -4.77 -15.46 9.12
C GLY A 77 -4.79 -14.74 10.46
N LYS A 78 -5.93 -14.09 10.76
CA LYS A 78 -6.26 -13.51 12.08
C LYS A 78 -7.80 -13.34 12.28
N LEU A 79 -8.22 -13.18 13.54
CA LEU A 79 -9.63 -13.22 13.99
C LEU A 79 -10.47 -12.01 13.54
N ALA A 80 -9.97 -10.79 13.71
CA ALA A 80 -10.70 -9.55 13.41
C ALA A 80 -10.80 -9.29 11.89
N THR A 81 -11.99 -8.86 11.41
CA THR A 81 -12.21 -8.44 10.02
C THR A 81 -11.48 -7.13 9.65
N PRO A 82 -11.41 -6.05 10.48
CA PRO A 82 -10.55 -4.90 10.20
C PRO A 82 -9.07 -5.27 10.28
N LYS A 83 -8.26 -4.55 9.48
CA LYS A 83 -6.84 -4.84 9.26
C LYS A 83 -5.90 -3.68 9.62
N GLY A 84 -4.61 -4.00 9.84
CA GLY A 84 -3.58 -3.02 10.24
C GLY A 84 -2.89 -2.26 9.10
N GLN A 85 -3.47 -2.20 7.89
CA GLN A 85 -2.85 -1.61 6.68
C GLN A 85 -2.26 -0.22 6.91
N LEU A 86 -2.88 0.55 7.80
CA LEU A 86 -2.51 1.93 8.09
C LEU A 86 -1.07 2.08 8.60
N ASP A 87 -0.65 1.17 9.49
CA ASP A 87 0.74 1.12 9.97
C ASP A 87 1.71 0.90 8.80
N ALA A 88 1.35 0.05 7.84
CA ALA A 88 2.16 -0.18 6.64
C ALA A 88 2.24 1.05 5.76
N VAL A 89 1.11 1.68 5.35
CA VAL A 89 1.19 2.89 4.49
C VAL A 89 2.07 3.98 5.12
N VAL A 90 2.04 4.15 6.45
CA VAL A 90 2.89 5.15 7.11
C VAL A 90 4.37 4.74 7.13
N GLN A 91 4.69 3.46 7.36
CA GLN A 91 6.09 3.00 7.26
C GLN A 91 6.61 3.05 5.82
N VAL A 92 5.80 2.64 4.84
CA VAL A 92 6.12 2.80 3.41
C VAL A 92 6.39 4.28 3.08
N ALA A 93 5.61 5.21 3.65
CA ALA A 93 5.74 6.63 3.36
C ALA A 93 7.04 7.26 3.89
N ILE A 94 7.48 6.91 5.10
CA ILE A 94 8.62 7.57 5.78
C ILE A 94 9.94 6.79 5.78
N CYS A 95 9.98 5.52 5.35
CA CYS A 95 11.23 4.79 5.16
C CYS A 95 11.77 4.95 3.73
N LEU A 96 12.19 6.18 3.43
CA LEU A 96 12.80 6.60 2.15
C LEU A 96 13.89 5.63 1.71
N GLY A 97 14.72 5.19 2.67
CA GLY A 97 15.94 4.41 2.43
C GLY A 97 15.73 2.90 2.28
N GLU A 98 14.64 2.35 2.82
CA GLU A 98 14.31 0.91 2.70
C GLU A 98 13.37 0.68 1.52
N ILE A 99 12.35 1.54 1.35
CA ILE A 99 11.46 1.46 0.20
C ILE A 99 12.22 1.76 -1.09
N GLY A 100 13.13 2.74 -1.07
CA GLY A 100 13.97 3.13 -2.22
C GLY A 100 13.39 4.26 -3.07
N TRP A 101 12.53 5.09 -2.48
CA TRP A 101 11.88 6.23 -3.12
C TRP A 101 12.88 7.23 -3.76
N ARG A 102 12.67 7.56 -5.05
CA ARG A 102 13.34 8.65 -5.79
C ARG A 102 12.44 9.90 -5.86
N ASN A 103 12.96 11.01 -6.38
CA ASN A 103 12.22 12.26 -6.58
C ASN A 103 11.53 12.35 -7.97
N GLY A 104 10.66 11.36 -8.29
CA GLY A 104 9.78 11.37 -9.46
C GLY A 104 8.33 11.66 -9.03
N THR A 105 7.43 10.73 -9.33
CA THR A 105 6.03 10.67 -8.84
C THR A 105 5.90 9.36 -8.08
N ARG A 106 5.41 9.38 -6.83
CA ARG A 106 5.49 8.22 -5.93
C ARG A 106 4.10 7.64 -5.66
N PHE A 107 3.82 6.44 -6.18
CA PHE A 107 2.48 5.85 -6.23
C PHE A 107 2.26 4.66 -5.33
N LEU A 108 1.68 4.93 -4.16
CA LEU A 108 1.43 3.93 -3.13
C LEU A 108 0.10 3.20 -3.33
N VAL A 109 0.14 2.06 -4.00
CA VAL A 109 -1.06 1.29 -4.35
C VAL A 109 -1.44 0.44 -3.14
N LEU A 110 -2.61 0.65 -2.54
CA LEU A 110 -2.99 -0.03 -1.30
C LEU A 110 -4.10 -1.03 -1.61
N VAL A 111 -3.79 -2.34 -1.54
CA VAL A 111 -4.75 -3.40 -1.82
C VAL A 111 -5.25 -4.07 -0.55
N THR A 112 -6.59 -4.10 -0.38
CA THR A 112 -7.26 -4.83 0.71
C THR A 112 -8.74 -5.05 0.39
N ASP A 113 -9.33 -6.15 0.88
CA ASP A 113 -10.74 -6.52 0.70
C ASP A 113 -11.63 -6.31 1.94
N ASN A 114 -11.06 -5.84 3.06
CA ASN A 114 -11.78 -5.55 4.30
C ASN A 114 -11.61 -4.07 4.73
N ASP A 115 -12.19 -3.70 5.87
CA ASP A 115 -11.97 -2.42 6.54
C ASP A 115 -10.62 -2.43 7.30
N PHE A 116 -10.37 -1.37 8.07
CA PHE A 116 -9.07 -1.09 8.69
C PHE A 116 -9.19 -0.59 10.13
N HIS A 117 -8.11 -0.76 10.89
CA HIS A 117 -7.94 -0.18 12.21
C HIS A 117 -7.51 1.30 12.10
N LEU A 118 -8.20 2.19 12.83
CA LEU A 118 -7.87 3.61 12.94
C LEU A 118 -7.12 3.85 14.27
N ALA A 119 -6.62 5.07 14.48
CA ALA A 119 -6.09 5.48 15.78
C ALA A 119 -7.09 5.23 16.91
N LYS A 120 -6.56 4.90 18.09
CA LYS A 120 -7.27 4.56 19.35
C LYS A 120 -7.74 3.09 19.40
N ASP A 121 -7.85 2.38 18.28
CA ASP A 121 -8.31 0.98 18.25
C ASP A 121 -7.34 0.02 18.98
N LYS A 122 -6.03 0.28 18.89
CA LYS A 122 -5.01 -0.59 19.50
C LYS A 122 -5.01 -0.56 21.05
N THR A 123 -5.82 0.30 21.69
CA THR A 123 -6.02 0.28 23.16
C THR A 123 -6.77 -0.98 23.65
N LEU A 124 -7.56 -1.64 22.78
CA LEU A 124 -8.13 -2.96 23.10
C LEU A 124 -7.02 -4.02 23.26
N GLY A 125 -5.93 -3.87 22.49
CA GLY A 125 -4.66 -4.62 22.62
C GLY A 125 -3.70 -4.03 23.66
N THR A 126 -4.19 -3.16 24.56
CA THR A 126 -3.51 -2.48 25.69
C THR A 126 -2.49 -1.41 25.30
N ARG A 127 -2.51 -0.93 24.05
CA ARG A 127 -1.56 0.05 23.52
C ARG A 127 -2.15 1.48 23.48
N GLN A 128 -1.68 2.31 24.42
CA GLN A 128 -2.11 3.70 24.62
C GLN A 128 -1.29 4.70 23.78
N ASN A 129 0.04 4.59 23.79
CA ASN A 129 0.92 5.62 23.20
C ASN A 129 0.70 5.82 21.70
N THR A 130 0.56 7.09 21.32
CA THR A 130 0.35 7.55 19.94
C THR A 130 1.54 7.20 19.06
N SER A 131 1.26 6.90 17.81
CA SER A 131 2.22 6.73 16.74
C SER A 131 3.17 7.93 16.56
N ASP A 132 4.49 7.66 16.52
CA ASP A 132 5.52 8.70 16.40
C ASP A 132 5.57 9.31 14.97
N GLY A 133 5.15 8.53 13.97
CA GLY A 133 5.21 8.86 12.54
C GLY A 133 6.54 8.46 11.89
N ARG A 134 7.62 8.39 12.69
CA ARG A 134 8.98 7.99 12.28
C ARG A 134 9.05 6.56 11.72
N CYS A 135 10.15 6.24 11.05
CA CYS A 135 10.48 4.88 10.64
C CYS A 135 10.92 4.02 11.84
N HIS A 136 10.43 2.79 11.89
CA HIS A 136 10.83 1.74 12.84
C HIS A 136 10.96 0.35 12.16
N LEU A 137 11.53 0.31 10.95
CA LEU A 137 11.89 -0.93 10.24
C LEU A 137 13.30 -1.40 10.65
N ASP A 138 13.59 -2.70 10.50
CA ASP A 138 14.92 -3.29 10.69
C ASP A 138 15.15 -4.47 9.71
N ASP A 139 14.64 -5.66 10.05
CA ASP A 139 14.78 -6.90 9.27
C ASP A 139 13.72 -7.04 8.15
N GLY A 140 13.24 -5.89 7.65
CA GLY A 140 12.13 -5.76 6.70
C GLY A 140 10.75 -5.72 7.37
N MET A 141 10.67 -5.99 8.68
CA MET A 141 9.45 -5.90 9.49
C MET A 141 9.34 -4.57 10.23
N TYR A 142 8.11 -4.06 10.40
CA TYR A 142 7.81 -2.93 11.27
C TYR A 142 7.79 -3.36 12.75
N ARG A 143 8.94 -3.18 13.41
CA ARG A 143 9.20 -3.51 14.81
C ARG A 143 8.15 -2.91 15.77
N SER A 144 7.73 -1.68 15.51
CA SER A 144 6.91 -0.90 16.45
C SER A 144 5.38 -1.09 16.36
N ARG A 145 4.84 -1.98 15.50
CA ARG A 145 3.38 -2.28 15.56
C ARG A 145 2.96 -2.78 16.96
N GLY A 146 3.85 -3.51 17.64
CA GLY A 146 3.62 -4.10 18.96
C GLY A 146 3.74 -3.14 20.15
N GLU A 147 4.12 -1.87 19.93
CA GLU A 147 4.12 -0.82 20.96
C GLU A 147 3.24 0.39 20.54
N PRO A 148 3.67 1.38 19.71
CA PRO A 148 2.78 2.40 19.15
C PRO A 148 1.46 1.90 18.52
N ASP A 149 0.40 2.71 18.64
CA ASP A 149 -0.91 2.47 17.99
C ASP A 149 -0.93 2.75 16.47
N TYR A 150 -2.10 2.55 15.84
CA TYR A 150 -2.34 2.97 14.45
C TYR A 150 -2.40 4.51 14.35
N GLN A 151 -1.95 5.07 13.22
CA GLN A 151 -1.91 6.51 13.01
C GLN A 151 -3.31 7.10 12.82
N SER A 152 -3.48 8.39 13.14
CA SER A 152 -4.73 9.11 12.91
C SER A 152 -4.77 9.73 11.50
N VAL A 153 -5.98 9.98 10.96
CA VAL A 153 -6.15 10.37 9.53
C VAL A 153 -5.39 11.67 9.18
N VAL A 154 -5.22 12.57 10.17
CA VAL A 154 -4.45 13.82 10.06
C VAL A 154 -2.95 13.56 9.86
N GLN A 155 -2.38 12.59 10.60
CA GLN A 155 -0.95 12.29 10.60
C GLN A 155 -0.49 11.65 9.27
N LEU A 156 -1.40 10.92 8.61
CA LEU A 156 -1.19 10.41 7.24
C LEU A 156 -1.08 11.58 6.27
N ALA A 157 -2.08 12.47 6.27
CA ALA A 157 -2.18 13.59 5.34
C ALA A 157 -0.93 14.49 5.39
N SER A 158 -0.35 14.69 6.57
CA SER A 158 0.94 15.35 6.76
C SER A 158 2.09 14.60 6.05
N LYS A 159 2.42 13.37 6.48
CA LYS A 159 3.63 12.69 6.01
C LYS A 159 3.54 12.12 4.58
N LEU A 160 2.33 11.94 4.03
CA LEU A 160 2.11 11.64 2.60
C LEU A 160 2.42 12.89 1.75
N ALA A 161 2.01 14.08 2.20
CA ALA A 161 2.26 15.37 1.52
C ALA A 161 3.72 15.84 1.63
N GLU A 162 4.39 15.60 2.77
CA GLU A 162 5.79 15.99 2.99
C GLU A 162 6.73 15.17 2.11
N ASN A 163 6.48 13.86 1.98
CA ASN A 163 7.21 12.98 1.07
C ASN A 163 6.62 12.93 -0.34
N ASN A 164 5.52 13.66 -0.62
CA ASN A 164 4.98 13.86 -1.99
C ASN A 164 4.46 12.55 -2.63
N ILE A 165 3.96 11.61 -1.82
CA ILE A 165 3.48 10.29 -2.26
C ILE A 165 1.95 10.36 -2.49
N GLN A 166 1.43 9.83 -3.60
CA GLN A 166 -0.03 9.72 -3.79
C GLN A 166 -0.51 8.27 -3.67
N PRO A 167 -1.09 7.89 -2.51
CA PRO A 167 -1.78 6.62 -2.35
C PRO A 167 -3.09 6.48 -3.14
N ILE A 168 -3.42 5.21 -3.42
CA ILE A 168 -4.64 4.78 -4.12
C ILE A 168 -5.26 3.62 -3.32
N PHE A 169 -6.42 3.81 -2.67
CA PHE A 169 -7.08 2.66 -2.01
C PHE A 169 -7.79 1.78 -3.04
N VAL A 170 -6.99 0.98 -3.70
CA VAL A 170 -7.40 -0.12 -4.57
C VAL A 170 -8.10 -1.24 -3.79
N VAL A 171 -9.43 -1.38 -3.97
CA VAL A 171 -10.23 -2.27 -3.10
C VAL A 171 -11.43 -2.90 -3.85
N PRO A 172 -11.83 -4.15 -3.53
CA PRO A 172 -13.07 -4.78 -3.99
C PRO A 172 -14.32 -3.97 -3.71
N SER A 173 -15.33 -4.17 -4.56
CA SER A 173 -16.56 -3.38 -4.64
C SER A 173 -17.38 -3.28 -3.34
N ARG A 174 -17.35 -4.28 -2.45
CA ARG A 174 -18.15 -4.27 -1.21
C ARG A 174 -17.85 -3.07 -0.31
N MET A 175 -16.58 -2.63 -0.23
CA MET A 175 -16.13 -1.55 0.67
C MET A 175 -15.55 -0.33 -0.05
N VAL A 176 -15.72 -0.19 -1.37
CA VAL A 176 -15.22 0.98 -2.14
C VAL A 176 -15.69 2.30 -1.52
N LYS A 177 -16.91 2.34 -0.97
CA LYS A 177 -17.49 3.58 -0.44
C LYS A 177 -17.00 3.98 0.97
N THR A 178 -16.36 3.08 1.73
CA THR A 178 -15.76 3.42 3.05
C THR A 178 -14.41 4.11 2.85
N TYR A 179 -13.70 3.70 1.79
CA TYR A 179 -12.43 4.28 1.37
C TYR A 179 -12.67 5.56 0.56
N GLU A 180 -13.72 5.62 -0.27
CA GLU A 180 -14.14 6.88 -0.95
C GLU A 180 -14.57 7.98 0.04
N LYS A 181 -14.79 7.65 1.31
CA LYS A 181 -15.03 8.66 2.37
C LYS A 181 -13.82 8.87 3.30
N LEU A 182 -12.80 8.01 3.23
CA LEU A 182 -11.50 8.19 3.88
C LEU A 182 -10.63 9.14 3.03
N THR A 183 -10.83 9.13 1.71
CA THR A 183 -10.20 10.07 0.75
C THR A 183 -10.85 11.46 0.78
N THR A 184 -12.01 11.58 1.44
CA THR A 184 -12.63 12.86 1.77
C THR A 184 -11.91 13.44 2.98
N PHE A 185 -11.39 12.59 3.86
CA PHE A 185 -10.52 13.04 4.96
C PHE A 185 -9.06 13.25 4.51
N ILE A 186 -8.59 12.54 3.47
CA ILE A 186 -7.24 12.72 2.89
C ILE A 186 -7.35 13.17 1.42
N PRO A 187 -7.48 14.48 1.13
CA PRO A 187 -7.52 15.00 -0.24
C PRO A 187 -6.22 14.73 -1.01
N LYS A 188 -6.37 14.56 -2.33
CA LYS A 188 -5.38 14.19 -3.37
C LYS A 188 -5.24 12.66 -3.57
N LEU A 189 -5.71 11.86 -2.60
CA LEU A 189 -5.74 10.40 -2.72
C LEU A 189 -6.87 9.94 -3.65
N THR A 190 -6.82 8.70 -4.15
CA THR A 190 -7.83 8.15 -5.02
C THR A 190 -8.24 6.80 -4.46
N ILE A 191 -8.85 6.03 -5.34
CA ILE A 191 -9.61 4.80 -5.14
C ILE A 191 -9.74 4.06 -6.47
N GLY A 192 -9.79 2.74 -6.42
CA GLY A 192 -10.15 1.92 -7.59
C GLY A 192 -10.75 0.58 -7.18
N GLU A 193 -11.52 0.00 -8.08
CA GLU A 193 -12.30 -1.21 -7.88
C GLU A 193 -11.49 -2.40 -8.42
N LEU A 194 -10.59 -2.90 -7.57
CA LEU A 194 -9.91 -4.17 -7.85
C LEU A 194 -10.92 -5.32 -7.95
N SER A 195 -10.67 -6.17 -8.93
CA SER A 195 -11.35 -7.43 -9.23
C SER A 195 -10.39 -8.27 -10.10
N ASP A 196 -10.86 -9.31 -10.79
CA ASP A 196 -10.00 -10.03 -11.75
C ASP A 196 -9.64 -9.17 -12.98
N ASP A 197 -10.27 -8.01 -13.15
CA ASP A 197 -9.94 -6.99 -14.15
C ASP A 197 -9.13 -5.83 -13.53
N SER A 198 -7.99 -5.50 -14.15
CA SER A 198 -7.05 -4.46 -13.73
C SER A 198 -7.31 -3.08 -14.38
N SER A 199 -8.27 -2.98 -15.31
CA SER A 199 -8.50 -1.82 -16.18
C SER A 199 -8.76 -0.54 -15.39
N ASN A 200 -9.60 -0.63 -14.35
CA ASN A 200 -10.04 0.54 -13.60
C ASN A 200 -8.87 1.24 -12.90
N VAL A 201 -8.03 0.51 -12.16
CA VAL A 201 -6.90 1.08 -11.39
C VAL A 201 -5.76 1.53 -12.30
N ALA A 202 -5.47 0.80 -13.38
CA ALA A 202 -4.49 1.25 -14.38
C ALA A 202 -4.92 2.58 -15.02
N GLN A 203 -6.22 2.87 -15.14
CA GLN A 203 -6.74 4.14 -15.64
C GLN A 203 -6.52 5.33 -14.68
N LEU A 204 -6.04 5.08 -13.47
CA LEU A 204 -5.77 6.10 -12.43
C LEU A 204 -4.27 6.31 -12.32
N ILE A 205 -3.49 5.25 -12.51
CA ILE A 205 -2.04 5.40 -12.66
C ILE A 205 -1.82 6.15 -13.96
N ARG A 206 -2.48 5.69 -15.03
CA ARG A 206 -2.32 6.29 -16.35
C ARG A 206 -2.98 7.68 -16.44
N ASN A 207 -4.07 7.93 -15.69
CA ASN A 207 -4.62 9.31 -15.67
C ASN A 207 -3.63 10.29 -15.01
N ALA A 208 -3.01 9.91 -13.90
CA ALA A 208 -2.07 10.77 -13.17
C ALA A 208 -0.69 10.85 -13.86
N TYR A 209 -0.30 9.82 -14.60
CA TYR A 209 0.90 9.84 -15.45
C TYR A 209 0.79 10.94 -16.51
N SER A 210 -0.37 11.03 -17.16
CA SER A 210 -0.66 12.03 -18.19
C SER A 210 -0.71 13.49 -17.66
N LYS A 211 -0.93 13.68 -16.36
CA LYS A 211 -1.10 15.00 -15.71
C LYS A 211 0.20 15.77 -15.38
N LEU A 212 1.37 15.11 -15.37
CA LEU A 212 2.70 15.72 -15.14
C LEU A 212 3.60 15.62 -16.40
N ASP A 1 7.34 12.72 -19.86
CA ASP A 1 8.19 11.54 -19.54
C ASP A 1 8.87 11.71 -18.16
N ASN A 2 8.07 11.64 -17.08
CA ASN A 2 8.56 11.71 -15.68
C ASN A 2 8.65 10.29 -15.08
N SER A 3 9.67 10.01 -14.26
CA SER A 3 9.88 8.68 -13.68
C SER A 3 8.82 8.32 -12.62
N VAL A 4 8.27 7.09 -12.67
CA VAL A 4 7.17 6.64 -11.79
C VAL A 4 7.61 5.50 -10.86
N ASP A 5 7.89 5.88 -9.62
CA ASP A 5 8.16 4.96 -8.52
C ASP A 5 6.83 4.39 -8.00
N LEU A 6 6.45 3.20 -8.47
CA LEU A 6 5.25 2.50 -8.01
C LEU A 6 5.54 1.57 -6.83
N TYR A 7 4.88 1.81 -5.71
CA TYR A 7 4.88 0.90 -4.57
C TYR A 7 3.48 0.32 -4.39
N PHE A 8 3.41 -0.95 -4.71
CA PHE A 8 2.25 -1.83 -4.55
C PHE A 8 2.11 -2.35 -3.11
N LEU A 9 1.17 -1.80 -2.33
CA LEU A 9 0.90 -2.25 -0.96
C LEU A 9 -0.44 -3.01 -0.91
N MET A 10 -0.38 -4.32 -0.67
CA MET A 10 -1.59 -5.17 -0.58
C MET A 10 -1.83 -5.87 0.76
N GLY A 11 -3.11 -6.07 1.08
CA GLY A 11 -3.59 -6.89 2.20
C GLY A 11 -3.53 -8.38 1.84
N LEU A 12 -3.02 -9.20 2.76
CA LEU A 12 -2.84 -10.66 2.63
C LEU A 12 -3.93 -11.43 3.40
N SER A 13 -5.12 -10.84 3.53
CA SER A 13 -6.29 -11.39 4.22
C SER A 13 -6.92 -12.59 3.49
N GLY A 14 -7.77 -13.40 4.17
CA GLY A 14 -8.33 -14.64 3.61
C GLY A 14 -9.03 -14.49 2.25
N SER A 15 -9.66 -13.33 2.01
CA SER A 15 -10.30 -12.97 0.74
C SER A 15 -9.33 -12.46 -0.35
N ALA A 16 -8.05 -12.27 -0.04
CA ALA A 16 -6.97 -12.00 -0.99
C ALA A 16 -6.56 -13.27 -1.78
N GLN A 17 -7.04 -14.46 -1.41
CA GLN A 17 -6.88 -15.64 -2.27
C GLN A 17 -7.81 -15.41 -3.48
N GLY A 18 -7.23 -15.48 -4.69
CA GLY A 18 -7.89 -15.06 -5.94
C GLY A 18 -7.29 -13.74 -6.44
N HIS A 19 -7.03 -12.79 -5.54
CA HIS A 19 -6.24 -11.58 -5.85
C HIS A 19 -4.79 -12.03 -6.12
N LEU A 20 -4.22 -12.78 -5.16
CA LEU A 20 -2.81 -13.16 -5.13
C LEU A 20 -2.39 -14.06 -6.30
N SER A 21 -3.32 -14.77 -6.96
CA SER A 21 -3.05 -15.48 -8.21
C SER A 21 -3.04 -14.55 -9.44
N ASN A 22 -4.05 -13.66 -9.59
CA ASN A 22 -4.15 -12.77 -10.75
C ASN A 22 -3.06 -11.69 -10.77
N VAL A 23 -2.59 -11.26 -9.60
CA VAL A 23 -1.54 -10.22 -9.45
C VAL A 23 -0.11 -10.73 -9.76
N GLN A 24 0.05 -12.02 -10.07
CA GLN A 24 1.35 -12.67 -10.30
C GLN A 24 1.95 -12.16 -11.61
N THR A 25 1.10 -12.05 -12.65
CA THR A 25 1.39 -11.47 -13.97
C THR A 25 1.39 -9.94 -13.94
N LEU A 26 0.92 -9.32 -12.85
CA LEU A 26 1.02 -7.90 -12.60
C LEU A 26 2.39 -7.60 -12.03
N GLY A 27 3.23 -7.42 -13.01
CA GLY A 27 4.58 -6.83 -12.90
C GLY A 27 5.10 -6.40 -14.26
N SER A 28 5.08 -7.36 -15.17
CA SER A 28 5.48 -7.22 -16.57
C SER A 28 4.35 -6.63 -17.41
N ASP A 29 3.10 -7.06 -17.18
CA ASP A 29 1.91 -6.52 -17.84
C ASP A 29 1.71 -5.03 -17.47
N LEU A 30 2.05 -4.68 -16.22
CA LEU A 30 1.95 -3.30 -15.77
C LEU A 30 3.03 -2.43 -16.42
N LEU A 31 4.27 -2.91 -16.57
CA LEU A 31 5.28 -2.18 -17.35
C LEU A 31 4.81 -1.91 -18.79
N LYS A 32 4.12 -2.82 -19.48
CA LYS A 32 3.67 -2.58 -20.86
C LYS A 32 2.72 -1.37 -20.93
N ALA A 33 1.88 -1.17 -19.91
CA ALA A 33 1.08 0.05 -19.77
C ALA A 33 1.88 1.28 -19.30
N LEU A 34 2.82 1.14 -18.36
CA LEU A 34 3.63 2.27 -17.86
C LEU A 34 4.72 2.72 -18.84
N ASN A 35 5.21 1.88 -19.76
CA ASN A 35 6.38 2.17 -20.60
C ASN A 35 6.13 3.26 -21.66
N GLU A 36 4.87 3.41 -22.09
CA GLU A 36 4.46 4.51 -22.98
C GLU A 36 4.27 5.80 -22.18
N ILE A 37 3.72 5.71 -20.96
CA ILE A 37 3.68 6.83 -20.01
C ILE A 37 5.09 7.30 -19.61
N SER A 38 6.04 6.37 -19.45
CA SER A 38 7.35 6.66 -18.86
C SER A 38 8.47 5.66 -19.21
N ARG A 39 9.65 6.19 -19.53
CA ARG A 39 10.88 5.41 -19.73
C ARG A 39 11.36 4.70 -18.45
N SER A 40 11.10 5.27 -17.26
CA SER A 40 11.63 4.78 -15.99
C SER A 40 10.50 4.61 -14.95
N GLY A 41 10.20 3.36 -14.61
CA GLY A 41 9.05 2.94 -13.82
C GLY A 41 9.49 1.89 -12.82
N ARG A 42 9.95 2.37 -11.68
CA ARG A 42 10.49 1.57 -10.57
C ARG A 42 9.32 0.85 -9.88
N ILE A 43 9.48 -0.42 -9.50
CA ILE A 43 8.39 -1.21 -8.87
C ILE A 43 8.83 -1.83 -7.54
N GLY A 44 8.01 -1.71 -6.50
CA GLY A 44 8.23 -2.28 -5.15
C GLY A 44 6.94 -2.83 -4.53
N PHE A 45 7.09 -3.71 -3.53
CA PHE A 45 5.98 -4.52 -2.98
C PHE A 45 5.98 -4.61 -1.45
N GLY A 46 4.80 -4.39 -0.84
CA GLY A 46 4.58 -4.50 0.61
C GLY A 46 3.31 -5.26 0.93
N SER A 47 3.35 -6.01 2.03
CA SER A 47 2.29 -6.92 2.44
C SER A 47 1.84 -6.68 3.89
N ILE A 48 0.57 -6.92 4.22
CA ILE A 48 0.01 -6.64 5.56
C ILE A 48 -1.27 -7.42 5.87
N VAL A 49 -1.57 -7.70 7.14
CA VAL A 49 -2.87 -8.24 7.63
C VAL A 49 -3.22 -7.59 8.98
N ASN A 50 -2.68 -8.16 10.06
CA ASN A 50 -2.65 -7.63 11.45
C ASN A 50 -1.37 -8.15 12.12
N MET A 51 -0.78 -9.24 11.58
CA MET A 51 0.58 -9.75 11.87
C MET A 51 1.56 -8.81 11.11
N THR A 52 1.33 -7.51 11.36
CA THR A 52 1.79 -6.26 10.77
C THR A 52 2.09 -6.28 9.27
N PHE A 53 3.05 -5.44 8.91
CA PHE A 53 3.53 -5.10 7.59
C PHE A 53 4.90 -5.76 7.37
N GLN A 54 5.10 -6.32 6.18
CA GLN A 54 6.41 -6.77 5.74
C GLN A 54 6.72 -6.20 4.35
N HIS A 55 7.88 -5.54 4.29
CA HIS A 55 8.48 -4.96 3.11
C HIS A 55 9.33 -6.02 2.40
N ILE A 56 8.96 -6.38 1.17
CA ILE A 56 9.53 -7.54 0.45
C ILE A 56 10.40 -7.08 -0.73
N LEU A 57 9.87 -6.31 -1.68
CA LEU A 57 10.66 -5.72 -2.77
C LEU A 57 10.94 -4.22 -2.56
N LYS A 58 12.22 -3.85 -2.42
CA LYS A 58 12.64 -2.44 -2.51
C LYS A 58 12.34 -1.98 -3.95
N LEU A 59 11.98 -0.72 -4.22
CA LEU A 59 11.67 -0.35 -5.60
C LEU A 59 12.90 -0.56 -6.51
N THR A 60 12.72 -1.31 -7.60
CA THR A 60 13.80 -1.74 -8.51
C THR A 60 13.28 -1.91 -9.95
N ALA A 61 14.19 -2.22 -10.87
CA ALA A 61 13.99 -2.26 -12.31
C ALA A 61 13.44 -3.60 -12.85
N ASP A 62 13.71 -4.69 -12.12
CA ASP A 62 13.36 -6.06 -12.48
C ASP A 62 11.94 -6.37 -11.95
N SER A 63 11.00 -5.89 -12.74
CA SER A 63 9.56 -6.16 -12.67
C SER A 63 9.28 -7.63 -12.97
N SER A 64 10.16 -8.28 -13.73
CA SER A 64 10.14 -9.73 -13.89
C SER A 64 10.53 -10.40 -12.55
N GLN A 65 11.25 -9.68 -11.66
CA GLN A 65 11.53 -10.20 -10.31
C GLN A 65 10.40 -9.89 -9.33
N PHE A 66 9.73 -8.74 -9.45
CA PHE A 66 8.49 -8.43 -8.73
C PHE A 66 7.44 -9.53 -8.91
N GLN A 67 7.49 -10.29 -10.01
CA GLN A 67 6.53 -11.37 -10.27
C GLN A 67 6.86 -12.58 -9.41
N ARG A 68 8.12 -13.02 -9.41
CA ARG A 68 8.54 -14.28 -8.81
C ARG A 68 8.68 -14.20 -7.30
N GLU A 69 8.83 -12.99 -6.74
CA GLU A 69 8.73 -12.90 -5.28
C GLU A 69 7.25 -12.80 -4.88
N LEU A 70 6.42 -12.12 -5.69
CA LEU A 70 4.97 -12.06 -5.41
C LEU A 70 4.34 -13.45 -5.54
N ARG A 71 4.91 -14.33 -6.38
CA ARG A 71 4.53 -15.75 -6.44
C ARG A 71 4.86 -16.54 -5.17
N LYS A 72 5.88 -16.14 -4.38
CA LYS A 72 6.26 -16.81 -3.12
C LYS A 72 5.33 -16.46 -1.95
N GLN A 73 4.70 -15.28 -1.97
CA GLN A 73 3.74 -14.89 -0.93
C GLN A 73 2.55 -15.86 -0.89
N LEU A 74 1.92 -15.95 0.28
CA LEU A 74 0.65 -16.65 0.50
C LEU A 74 -0.17 -15.98 1.61
N VAL A 75 -1.44 -16.37 1.67
CA VAL A 75 -2.51 -15.72 2.46
C VAL A 75 -2.52 -16.10 3.95
N SER A 76 -2.94 -15.16 4.81
CA SER A 76 -3.04 -15.30 6.27
C SER A 76 -4.45 -14.96 6.83
N GLY A 77 -4.75 -15.44 8.04
CA GLY A 77 -6.05 -15.23 8.73
C GLY A 77 -5.99 -14.26 9.92
N LYS A 78 -7.19 -13.77 10.31
CA LYS A 78 -7.45 -12.95 11.52
C LYS A 78 -8.95 -13.05 11.89
N LEU A 79 -9.29 -12.98 13.18
CA LEU A 79 -10.65 -12.97 13.71
C LEU A 79 -11.51 -11.81 13.14
N ALA A 80 -11.27 -10.58 13.61
CA ALA A 80 -12.08 -9.41 13.27
C ALA A 80 -11.92 -8.93 11.82
N THR A 81 -12.96 -8.25 11.29
CA THR A 81 -13.06 -7.77 9.91
C THR A 81 -12.06 -6.66 9.55
N PRO A 82 -11.94 -5.54 10.30
CA PRO A 82 -11.04 -4.46 9.95
C PRO A 82 -9.57 -4.86 10.16
N LYS A 83 -8.65 -4.25 9.39
CA LYS A 83 -7.23 -4.62 9.36
C LYS A 83 -6.25 -3.44 9.46
N GLY A 84 -5.01 -3.74 9.87
CA GLY A 84 -3.97 -2.78 10.26
C GLY A 84 -3.20 -2.08 9.13
N GLN A 85 -3.87 -1.80 8.02
CA GLN A 85 -3.22 -1.33 6.79
C GLN A 85 -2.77 0.13 6.86
N LEU A 86 -3.36 0.91 7.78
CA LEU A 86 -3.00 2.30 8.01
C LEU A 86 -1.50 2.39 8.34
N ASP A 87 -1.02 1.63 9.33
CA ASP A 87 0.38 1.67 9.75
C ASP A 87 1.33 1.19 8.64
N ALA A 88 0.89 0.26 7.79
CA ALA A 88 1.64 -0.11 6.59
C ALA A 88 1.83 1.09 5.67
N VAL A 89 0.78 1.84 5.31
CA VAL A 89 0.97 3.05 4.45
C VAL A 89 1.88 4.09 5.12
N VAL A 90 1.95 4.11 6.45
CA VAL A 90 2.89 4.99 7.17
C VAL A 90 4.32 4.52 7.02
N GLN A 91 4.63 3.27 7.38
CA GLN A 91 5.99 2.76 7.25
C GLN A 91 6.43 2.83 5.78
N VAL A 92 5.49 2.59 4.85
CA VAL A 92 5.74 2.76 3.43
C VAL A 92 6.11 4.20 3.04
N ALA A 93 5.58 5.22 3.74
CA ALA A 93 6.01 6.60 3.57
C ALA A 93 7.37 6.92 4.23
N ILE A 94 7.57 6.59 5.52
CA ILE A 94 8.76 7.07 6.27
C ILE A 94 10.07 6.39 5.83
N CYS A 95 10.03 5.20 5.24
CA CYS A 95 11.23 4.40 4.92
C CYS A 95 11.84 4.79 3.57
N LEU A 96 12.27 6.05 3.45
CA LEU A 96 12.92 6.64 2.25
C LEU A 96 14.01 5.70 1.72
N GLY A 97 14.81 5.19 2.65
CA GLY A 97 16.03 4.41 2.38
C GLY A 97 15.83 2.89 2.27
N GLU A 98 14.77 2.34 2.89
CA GLU A 98 14.47 0.91 2.77
C GLU A 98 13.58 0.64 1.57
N ILE A 99 12.57 1.48 1.31
CA ILE A 99 11.72 1.33 0.13
C ILE A 99 12.41 1.88 -1.11
N GLY A 100 13.25 2.91 -0.97
CA GLY A 100 14.14 3.38 -2.05
C GLY A 100 13.47 4.39 -2.98
N TRP A 101 12.53 5.18 -2.47
CA TRP A 101 11.84 6.24 -3.21
C TRP A 101 12.82 7.24 -3.86
N ARG A 102 12.78 7.39 -5.19
CA ARG A 102 13.47 8.46 -5.92
C ARG A 102 12.74 9.80 -5.78
N ASN A 103 13.35 10.89 -6.22
CA ASN A 103 12.70 12.20 -6.37
C ASN A 103 12.06 12.38 -7.77
N GLY A 104 11.22 11.41 -8.18
CA GLY A 104 10.34 11.50 -9.35
C GLY A 104 8.97 11.90 -8.82
N THR A 105 7.98 11.03 -9.04
CA THR A 105 6.65 11.09 -8.41
C THR A 105 6.47 9.73 -7.75
N ARG A 106 6.05 9.69 -6.49
CA ARG A 106 6.08 8.48 -5.68
C ARG A 106 4.64 7.99 -5.63
N PHE A 107 4.41 6.69 -5.77
CA PHE A 107 3.07 6.20 -5.99
C PHE A 107 2.68 4.97 -5.20
N LEU A 108 1.86 5.19 -4.17
CA LEU A 108 1.45 4.17 -3.24
C LEU A 108 0.08 3.62 -3.62
N VAL A 109 0.08 2.45 -4.24
CA VAL A 109 -1.16 1.69 -4.46
C VAL A 109 -1.51 1.12 -3.09
N LEU A 110 -2.73 1.32 -2.62
CA LEU A 110 -3.18 0.59 -1.44
C LEU A 110 -4.33 -0.29 -1.83
N VAL A 111 -4.27 -1.57 -1.47
CA VAL A 111 -5.35 -2.48 -1.83
C VAL A 111 -5.72 -3.51 -0.78
N THR A 112 -7.04 -3.55 -0.52
CA THR A 112 -7.67 -4.37 0.54
C THR A 112 -9.06 -4.85 0.11
N ASP A 113 -9.78 -5.53 1.01
CA ASP A 113 -11.15 -6.04 0.83
C ASP A 113 -12.10 -5.69 2.01
N ASN A 114 -11.58 -5.12 3.11
CA ASN A 114 -12.37 -4.64 4.26
C ASN A 114 -11.70 -3.44 4.99
N ASP A 115 -12.46 -2.82 5.90
CA ASP A 115 -12.17 -1.56 6.61
C ASP A 115 -10.81 -1.50 7.34
N PHE A 116 -10.41 -0.29 7.76
CA PHE A 116 -9.20 -0.07 8.57
C PHE A 116 -9.46 -0.05 10.07
N HIS A 117 -8.36 -0.20 10.83
CA HIS A 117 -8.30 0.09 12.26
C HIS A 117 -7.60 1.47 12.36
N LEU A 118 -8.24 2.44 13.01
CA LEU A 118 -7.79 3.84 13.07
C LEU A 118 -7.16 4.16 14.44
N ALA A 119 -6.65 5.38 14.62
CA ALA A 119 -6.05 5.81 15.89
C ALA A 119 -6.95 5.50 17.11
N LYS A 120 -6.29 5.18 18.22
CA LYS A 120 -6.83 4.67 19.48
C LYS A 120 -7.67 3.36 19.40
N ASP A 121 -7.85 2.72 18.25
CA ASP A 121 -8.47 1.37 18.18
C ASP A 121 -7.62 0.29 18.85
N LYS A 122 -6.28 0.44 18.89
CA LYS A 122 -5.41 -0.53 19.57
C LYS A 122 -5.41 -0.43 21.12
N THR A 123 -6.31 0.41 21.68
CA THR A 123 -6.62 0.45 23.12
C THR A 123 -7.40 -0.81 23.56
N LEU A 124 -8.02 -1.54 22.61
CA LEU A 124 -8.61 -2.87 22.85
C LEU A 124 -7.55 -3.94 23.20
N GLY A 125 -6.29 -3.71 22.80
CA GLY A 125 -5.12 -4.48 23.25
C GLY A 125 -4.60 -3.78 24.52
N THR A 126 -3.29 -3.50 24.59
CA THR A 126 -2.69 -2.64 25.63
C THR A 126 -1.58 -1.80 25.01
N ARG A 127 -1.99 -0.87 24.13
CA ARG A 127 -1.12 0.00 23.32
C ARG A 127 -1.65 1.44 23.40
N GLN A 128 -1.32 2.14 24.49
CA GLN A 128 -1.81 3.50 24.75
C GLN A 128 -1.03 4.56 23.95
N ASN A 129 0.29 4.47 23.93
CA ASN A 129 1.16 5.49 23.36
C ASN A 129 0.83 5.75 21.88
N THR A 130 0.45 6.99 21.55
CA THR A 130 0.16 7.38 20.17
C THR A 130 1.41 7.45 19.33
N SER A 131 1.22 7.27 18.05
CA SER A 131 2.22 7.10 17.02
C SER A 131 3.18 8.30 16.81
N ASP A 132 4.47 8.01 16.61
CA ASP A 132 5.53 9.01 16.49
C ASP A 132 5.78 9.53 15.06
N GLY A 133 5.30 8.83 14.03
CA GLY A 133 5.55 9.16 12.61
C GLY A 133 6.98 8.86 12.14
N ARG A 134 7.73 8.02 12.88
CA ARG A 134 9.07 7.52 12.52
C ARG A 134 8.97 6.13 11.89
N CYS A 135 9.98 5.71 11.12
CA CYS A 135 10.08 4.31 10.65
C CYS A 135 10.81 3.40 11.63
N HIS A 136 10.37 2.15 11.68
CA HIS A 136 10.79 1.10 12.62
C HIS A 136 10.92 -0.26 11.91
N LEU A 137 11.73 -0.27 10.84
CA LEU A 137 11.95 -1.38 9.90
C LEU A 137 13.46 -1.59 9.74
N ASP A 138 13.95 -2.83 9.87
CA ASP A 138 15.33 -3.21 9.54
C ASP A 138 15.45 -4.64 8.96
N ASP A 139 14.86 -5.65 9.61
CA ASP A 139 14.83 -7.04 9.16
C ASP A 139 13.88 -7.30 7.97
N GLY A 140 12.92 -6.39 7.75
CA GLY A 140 11.83 -6.49 6.78
C GLY A 140 10.44 -6.20 7.35
N MET A 141 10.24 -6.22 8.68
CA MET A 141 8.93 -5.99 9.33
C MET A 141 8.85 -4.71 10.15
N TYR A 142 7.62 -4.21 10.37
CA TYR A 142 7.35 -3.11 11.30
C TYR A 142 7.46 -3.57 12.76
N ARG A 143 8.64 -3.42 13.35
CA ARG A 143 8.94 -3.82 14.73
C ARG A 143 7.98 -3.21 15.75
N SER A 144 7.59 -1.95 15.53
CA SER A 144 6.79 -1.17 16.50
C SER A 144 5.29 -1.47 16.48
N ARG A 145 4.78 -2.41 15.65
CA ARG A 145 3.39 -2.91 15.73
C ARG A 145 2.95 -3.15 17.18
N GLY A 146 3.80 -3.79 17.98
CA GLY A 146 3.50 -4.24 19.34
C GLY A 146 3.56 -3.15 20.42
N GLU A 147 4.01 -1.94 20.09
CA GLU A 147 4.21 -0.86 21.07
C GLU A 147 3.26 0.34 20.81
N PRO A 148 3.47 1.28 19.86
CA PRO A 148 2.46 2.28 19.52
C PRO A 148 1.19 1.67 18.90
N ASP A 149 0.09 2.43 18.99
CA ASP A 149 -1.19 2.16 18.32
C ASP A 149 -1.18 2.52 16.82
N TYR A 150 -2.38 2.54 16.19
CA TYR A 150 -2.54 3.01 14.82
C TYR A 150 -2.34 4.53 14.67
N GLN A 151 -1.77 4.94 13.53
CA GLN A 151 -1.59 6.34 13.21
C GLN A 151 -2.92 7.10 12.99
N SER A 152 -2.93 8.41 13.23
CA SER A 152 -4.10 9.27 12.99
C SER A 152 -4.19 9.78 11.53
N VAL A 153 -5.40 10.03 11.04
CA VAL A 153 -5.65 10.46 9.64
C VAL A 153 -4.84 11.73 9.31
N VAL A 154 -4.82 12.73 10.20
CA VAL A 154 -4.11 14.00 9.94
C VAL A 154 -2.58 13.87 10.08
N GLN A 155 -2.06 12.92 10.87
CA GLN A 155 -0.62 12.63 10.87
C GLN A 155 -0.18 12.14 9.48
N LEU A 156 -1.06 11.43 8.75
CA LEU A 156 -0.72 10.86 7.45
C LEU A 156 -0.88 11.88 6.31
N ALA A 157 -1.84 12.79 6.41
CA ALA A 157 -1.93 13.95 5.51
C ALA A 157 -0.65 14.81 5.59
N SER A 158 -0.23 15.11 6.82
CA SER A 158 1.03 15.82 7.12
C SER A 158 2.23 15.09 6.49
N LYS A 159 2.36 13.78 6.74
CA LYS A 159 3.54 13.02 6.33
C LYS A 159 3.60 12.73 4.83
N LEU A 160 2.53 12.23 4.20
CA LEU A 160 2.61 11.80 2.80
C LEU A 160 2.70 12.99 1.83
N ALA A 161 2.32 14.20 2.25
CA ALA A 161 2.58 15.44 1.49
C ALA A 161 4.03 15.95 1.67
N GLU A 162 4.66 15.70 2.83
CA GLU A 162 6.08 16.01 3.11
C GLU A 162 6.98 15.08 2.28
N ASN A 163 6.68 13.79 2.30
CA ASN A 163 7.40 12.75 1.56
C ASN A 163 6.95 12.69 0.07
N ASN A 164 5.90 13.42 -0.30
CA ASN A 164 5.39 13.67 -1.65
C ASN A 164 5.00 12.36 -2.38
N ILE A 165 4.21 11.54 -1.68
CA ILE A 165 3.67 10.24 -2.15
C ILE A 165 2.25 10.44 -2.68
N GLN A 166 1.78 9.69 -3.69
CA GLN A 166 0.36 9.68 -4.03
C GLN A 166 -0.27 8.35 -3.57
N PRO A 167 -1.02 8.31 -2.44
CA PRO A 167 -1.83 7.17 -2.03
C PRO A 167 -3.14 7.05 -2.82
N ILE A 168 -3.34 5.88 -3.42
CA ILE A 168 -4.56 5.53 -4.13
C ILE A 168 -5.21 4.33 -3.45
N PHE A 169 -6.35 4.51 -2.77
CA PHE A 169 -7.05 3.37 -2.16
C PHE A 169 -7.82 2.55 -3.19
N VAL A 170 -7.10 1.80 -3.99
CA VAL A 170 -7.66 0.75 -4.87
C VAL A 170 -8.39 -0.32 -4.00
N VAL A 171 -9.73 -0.32 -3.96
CA VAL A 171 -10.48 -1.21 -3.05
C VAL A 171 -11.87 -1.63 -3.61
N PRO A 172 -12.39 -2.84 -3.31
CA PRO A 172 -13.69 -3.34 -3.75
C PRO A 172 -14.91 -2.50 -3.36
N SER A 173 -15.96 -2.62 -4.19
CA SER A 173 -17.17 -1.78 -4.18
C SER A 173 -17.88 -1.62 -2.82
N ARG A 174 -18.26 -2.70 -2.12
CA ARG A 174 -19.06 -2.60 -0.88
C ARG A 174 -18.38 -1.80 0.26
N MET A 175 -17.09 -1.53 0.11
CA MET A 175 -16.24 -0.70 0.98
C MET A 175 -15.89 0.68 0.39
N VAL A 176 -16.04 0.97 -0.92
CA VAL A 176 -15.49 2.23 -1.49
C VAL A 176 -16.13 3.48 -0.88
N LYS A 177 -17.36 3.37 -0.35
CA LYS A 177 -18.08 4.50 0.24
C LYS A 177 -17.34 5.14 1.43
N THR A 178 -16.54 4.36 2.17
CA THR A 178 -15.80 4.85 3.36
C THR A 178 -14.41 5.33 2.98
N TYR A 179 -13.78 4.70 1.99
CA TYR A 179 -12.49 5.12 1.45
C TYR A 179 -12.65 6.44 0.68
N GLU A 180 -13.82 6.65 0.05
CA GLU A 180 -14.23 7.94 -0.53
C GLU A 180 -14.50 9.01 0.54
N LYS A 181 -14.58 8.64 1.83
CA LYS A 181 -14.71 9.58 2.96
C LYS A 181 -13.34 9.85 3.61
N LEU A 182 -12.40 8.90 3.57
CA LEU A 182 -11.03 9.06 4.10
C LEU A 182 -10.23 10.01 3.18
N THR A 183 -10.60 10.09 1.90
CA THR A 183 -10.01 11.06 0.94
C THR A 183 -10.60 12.47 1.06
N THR A 184 -11.74 12.61 1.74
CA THR A 184 -12.22 13.97 2.07
C THR A 184 -11.49 14.49 3.31
N PHE A 185 -10.90 13.57 4.10
CA PHE A 185 -10.00 13.93 5.20
C PHE A 185 -8.53 14.07 4.77
N ILE A 186 -8.05 13.29 3.78
CA ILE A 186 -6.67 13.41 3.24
C ILE A 186 -6.70 14.20 1.90
N PRO A 187 -6.16 15.44 1.81
CA PRO A 187 -6.34 16.36 0.69
C PRO A 187 -5.73 16.03 -0.69
N LYS A 188 -5.04 14.89 -0.89
CA LYS A 188 -4.38 14.57 -2.18
C LYS A 188 -4.70 13.19 -2.79
N LEU A 189 -5.48 12.33 -2.12
CA LEU A 189 -5.63 10.92 -2.54
C LEU A 189 -6.67 10.72 -3.64
N THR A 190 -6.74 9.49 -4.15
CA THR A 190 -7.78 8.99 -5.01
C THR A 190 -7.99 7.54 -4.53
N ILE A 191 -8.85 6.85 -5.23
CA ILE A 191 -9.50 5.57 -4.97
C ILE A 191 -9.97 4.95 -6.29
N GLY A 192 -9.74 3.64 -6.42
CA GLY A 192 -10.24 2.84 -7.55
C GLY A 192 -11.17 1.74 -7.05
N GLU A 193 -12.17 1.37 -7.84
CA GLU A 193 -13.08 0.26 -7.56
C GLU A 193 -12.44 -1.01 -8.14
N LEU A 194 -11.62 -1.62 -7.30
CA LEU A 194 -11.07 -2.95 -7.54
C LEU A 194 -12.20 -3.98 -7.75
N SER A 195 -12.00 -4.97 -8.63
CA SER A 195 -12.90 -6.12 -8.75
C SER A 195 -12.49 -7.23 -7.76
N ASP A 196 -13.40 -8.13 -7.38
CA ASP A 196 -13.20 -9.12 -6.30
C ASP A 196 -12.04 -10.11 -6.55
N ASP A 197 -11.65 -10.34 -7.80
CA ASP A 197 -10.51 -11.17 -8.23
C ASP A 197 -9.22 -10.37 -8.52
N SER A 198 -9.32 -9.03 -8.54
CA SER A 198 -8.27 -7.99 -8.56
C SER A 198 -7.70 -7.58 -9.92
N SER A 199 -8.02 -8.30 -10.98
CA SER A 199 -7.37 -8.13 -12.31
C SER A 199 -7.63 -6.79 -12.99
N ASN A 200 -8.59 -6.04 -12.48
CA ASN A 200 -8.82 -4.64 -12.85
C ASN A 200 -7.66 -3.71 -12.40
N VAL A 201 -6.81 -4.14 -11.45
CA VAL A 201 -5.80 -3.30 -10.75
C VAL A 201 -4.96 -2.40 -11.66
N ALA A 202 -4.40 -2.92 -12.78
CA ALA A 202 -3.53 -2.14 -13.67
C ALA A 202 -4.26 -1.00 -14.36
N GLN A 203 -5.54 -1.15 -14.70
CA GLN A 203 -6.26 0.00 -15.30
C GLN A 203 -6.60 1.11 -14.28
N LEU A 204 -6.33 0.88 -13.00
CA LEU A 204 -6.57 1.80 -11.87
C LEU A 204 -5.25 2.48 -11.53
N ILE A 205 -4.13 1.76 -11.69
CA ILE A 205 -2.77 2.31 -11.64
C ILE A 205 -2.67 3.31 -12.78
N ARG A 206 -3.01 2.82 -13.98
CA ARG A 206 -2.94 3.67 -15.17
C ARG A 206 -3.94 4.82 -15.05
N ASN A 207 -5.15 4.56 -14.53
CA ASN A 207 -6.13 5.67 -14.46
C ASN A 207 -5.80 6.71 -13.37
N ALA A 208 -5.14 6.34 -12.27
CA ALA A 208 -4.82 7.27 -11.18
C ALA A 208 -3.58 8.12 -11.44
N TYR A 209 -2.63 7.63 -12.26
CA TYR A 209 -1.50 8.47 -12.70
C TYR A 209 -1.99 9.68 -13.54
N SER A 210 -3.05 9.49 -14.33
CA SER A 210 -3.69 10.58 -15.09
C SER A 210 -4.49 11.56 -14.21
N LYS A 211 -4.95 11.15 -13.02
CA LYS A 211 -5.57 12.07 -12.05
C LYS A 211 -4.51 13.05 -11.49
N LEU A 212 -3.47 12.50 -10.86
CA LEU A 212 -2.43 13.20 -10.08
C LEU A 212 -2.97 14.26 -9.03
N ASP A 1 8.13 11.79 -20.05
CA ASP A 1 9.09 10.68 -19.83
C ASP A 1 10.00 10.95 -18.62
N ASN A 2 9.49 10.69 -17.41
CA ASN A 2 10.25 10.68 -16.14
C ASN A 2 9.90 9.40 -15.35
N SER A 3 10.86 8.85 -14.59
CA SER A 3 10.68 7.52 -13.97
C SER A 3 9.52 7.49 -12.95
N VAL A 4 8.72 6.41 -13.00
CA VAL A 4 7.47 6.26 -12.23
C VAL A 4 7.64 5.19 -11.15
N ASP A 5 7.96 5.61 -9.93
CA ASP A 5 8.07 4.69 -8.80
C ASP A 5 6.68 4.29 -8.30
N LEU A 6 6.38 3.00 -8.36
CA LEU A 6 5.18 2.44 -7.72
C LEU A 6 5.59 1.61 -6.50
N TYR A 7 4.85 1.74 -5.40
CA TYR A 7 4.97 0.86 -4.25
C TYR A 7 3.64 0.21 -3.97
N PHE A 8 3.57 -1.08 -4.25
CA PHE A 8 2.44 -1.94 -3.95
C PHE A 8 2.48 -2.45 -2.49
N LEU A 9 1.56 -1.98 -1.67
CA LEU A 9 1.31 -2.50 -0.32
C LEU A 9 0.06 -3.38 -0.30
N MET A 10 0.20 -4.63 0.15
CA MET A 10 -0.83 -5.67 0.04
C MET A 10 -1.29 -6.28 1.37
N GLY A 11 -2.61 -6.51 1.51
CA GLY A 11 -3.22 -7.22 2.64
C GLY A 11 -3.10 -8.74 2.50
N LEU A 12 -2.69 -9.43 3.57
CA LEU A 12 -2.38 -10.87 3.62
C LEU A 12 -3.28 -11.66 4.59
N SER A 13 -4.49 -11.18 4.86
CA SER A 13 -5.47 -11.83 5.76
C SER A 13 -5.99 -13.17 5.24
N GLY A 14 -6.59 -13.99 6.13
CA GLY A 14 -7.14 -15.31 5.77
C GLY A 14 -8.32 -15.23 4.79
N SER A 15 -8.98 -14.07 4.72
CA SER A 15 -9.99 -13.74 3.72
C SER A 15 -9.38 -13.37 2.35
N ALA A 16 -8.08 -13.02 2.28
CA ALA A 16 -7.40 -12.60 1.04
C ALA A 16 -6.92 -13.78 0.16
N GLN A 17 -7.02 -15.04 0.59
CA GLN A 17 -6.79 -16.17 -0.32
C GLN A 17 -7.99 -16.25 -1.29
N GLY A 18 -7.68 -16.34 -2.60
CA GLY A 18 -8.64 -16.18 -3.69
C GLY A 18 -8.56 -14.78 -4.29
N HIS A 19 -8.31 -13.76 -3.45
CA HIS A 19 -7.98 -12.39 -3.88
C HIS A 19 -6.48 -12.27 -4.22
N LEU A 20 -5.62 -13.13 -3.65
CA LEU A 20 -4.18 -13.20 -3.94
C LEU A 20 -3.91 -13.36 -5.44
N SER A 21 -4.67 -14.17 -6.16
CA SER A 21 -4.52 -14.30 -7.62
C SER A 21 -4.78 -12.97 -8.37
N ASN A 22 -5.72 -12.14 -7.88
CA ASN A 22 -6.03 -10.83 -8.47
C ASN A 22 -4.86 -9.84 -8.28
N VAL A 23 -4.27 -9.78 -7.08
CA VAL A 23 -3.10 -8.90 -6.79
C VAL A 23 -1.78 -9.37 -7.42
N GLN A 24 -1.67 -10.64 -7.80
CA GLN A 24 -0.48 -11.27 -8.41
C GLN A 24 -0.32 -10.72 -9.84
N THR A 25 -1.44 -10.52 -10.53
CA THR A 25 -1.59 -9.96 -11.87
C THR A 25 -1.45 -8.43 -11.90
N LEU A 26 -1.45 -7.76 -10.74
CA LEU A 26 -1.33 -6.30 -10.61
C LEU A 26 0.14 -5.86 -10.56
N GLY A 27 0.93 -6.36 -11.49
CA GLY A 27 2.31 -5.88 -11.71
C GLY A 27 2.74 -5.78 -13.16
N SER A 28 2.46 -6.80 -13.95
CA SER A 28 2.88 -6.89 -15.36
C SER A 28 1.83 -6.26 -16.28
N ASP A 29 0.58 -6.17 -15.81
CA ASP A 29 -0.43 -5.44 -16.58
C ASP A 29 -0.19 -3.91 -16.49
N LEU A 30 0.30 -3.49 -15.30
CA LEU A 30 0.74 -2.12 -15.06
C LEU A 30 1.94 -1.79 -15.97
N LEU A 31 2.96 -2.65 -16.06
CA LEU A 31 4.09 -2.46 -17.00
C LEU A 31 3.65 -2.12 -18.43
N LYS A 32 2.76 -2.91 -19.04
CA LYS A 32 2.41 -2.72 -20.45
C LYS A 32 1.81 -1.34 -20.71
N ALA A 33 1.01 -0.84 -19.76
CA ALA A 33 0.56 0.56 -19.80
C ALA A 33 1.71 1.57 -19.59
N LEU A 34 2.48 1.43 -18.52
CA LEU A 34 3.45 2.45 -18.11
C LEU A 34 4.72 2.50 -18.98
N ASN A 35 5.07 1.42 -19.67
CA ASN A 35 6.22 1.34 -20.60
C ASN A 35 6.09 2.32 -21.79
N GLU A 36 4.85 2.68 -22.13
CA GLU A 36 4.55 3.65 -23.19
C GLU A 36 4.58 5.10 -22.65
N ILE A 37 4.16 5.29 -21.39
CA ILE A 37 4.33 6.59 -20.69
C ILE A 37 5.81 6.90 -20.46
N SER A 38 6.62 5.92 -20.03
CA SER A 38 8.01 6.18 -19.57
C SER A 38 8.97 4.98 -19.73
N ARG A 39 10.27 5.25 -19.96
CA ARG A 39 11.31 4.23 -20.09
C ARG A 39 11.48 3.39 -18.81
N SER A 40 11.59 4.05 -17.65
CA SER A 40 11.66 3.40 -16.34
C SER A 40 10.42 3.69 -15.49
N GLY A 41 10.08 2.71 -14.65
CA GLY A 41 8.91 2.68 -13.80
C GLY A 41 9.13 1.51 -12.85
N ARG A 42 9.68 1.81 -11.67
CA ARG A 42 10.18 0.78 -10.75
C ARG A 42 9.09 0.38 -9.76
N ILE A 43 9.09 -0.87 -9.34
CA ILE A 43 8.02 -1.45 -8.52
C ILE A 43 8.62 -2.00 -7.21
N GLY A 44 8.04 -1.63 -6.06
CA GLY A 44 8.36 -2.17 -4.74
C GLY A 44 7.13 -2.86 -4.13
N PHE A 45 7.36 -3.76 -3.18
CA PHE A 45 6.32 -4.65 -2.66
C PHE A 45 6.42 -4.88 -1.15
N GLY A 46 5.28 -4.73 -0.44
CA GLY A 46 5.16 -4.97 0.99
C GLY A 46 3.87 -5.68 1.37
N SER A 47 3.90 -6.37 2.51
CA SER A 47 2.79 -7.17 3.04
C SER A 47 2.32 -6.65 4.40
N ILE A 48 1.01 -6.62 4.68
CA ILE A 48 0.43 -6.31 6.01
C ILE A 48 -0.80 -7.17 6.30
N VAL A 49 -1.17 -7.35 7.58
CA VAL A 49 -2.39 -8.10 7.97
C VAL A 49 -2.90 -7.75 9.39
N ASN A 50 -2.05 -7.95 10.41
CA ASN A 50 -2.18 -7.58 11.84
C ASN A 50 -0.91 -8.04 12.56
N MET A 51 -0.30 -9.13 12.03
CA MET A 51 1.06 -9.58 12.33
C MET A 51 1.92 -8.58 11.50
N THR A 52 1.90 -7.33 11.99
CA THR A 52 2.38 -6.05 11.44
C THR A 52 2.57 -5.99 9.92
N PHE A 53 3.65 -5.35 9.49
CA PHE A 53 4.08 -5.08 8.13
C PHE A 53 5.41 -5.78 7.85
N GLN A 54 5.62 -6.24 6.61
CA GLN A 54 6.92 -6.73 6.14
C GLN A 54 7.26 -6.15 4.76
N HIS A 55 8.42 -5.49 4.67
CA HIS A 55 9.02 -5.05 3.41
C HIS A 55 9.88 -6.19 2.83
N ILE A 56 9.34 -6.94 1.86
CA ILE A 56 10.03 -8.07 1.22
C ILE A 56 10.94 -7.61 0.06
N LEU A 57 10.36 -7.04 -1.00
CA LEU A 57 11.06 -6.73 -2.25
C LEU A 57 11.22 -5.21 -2.41
N LYS A 58 12.48 -4.75 -2.44
CA LYS A 58 12.83 -3.36 -2.72
C LYS A 58 12.35 -2.91 -4.11
N LEU A 59 11.99 -1.63 -4.21
CA LEU A 59 11.65 -0.91 -5.43
C LEU A 59 12.72 -1.13 -6.53
N THR A 60 12.36 -1.79 -7.64
CA THR A 60 13.28 -2.27 -8.68
C THR A 60 12.59 -2.43 -10.04
N ALA A 61 13.34 -2.78 -11.09
CA ALA A 61 12.89 -2.83 -12.49
C ALA A 61 12.26 -4.17 -12.92
N ASP A 62 12.43 -5.24 -12.13
CA ASP A 62 12.00 -6.60 -12.42
C ASP A 62 10.55 -6.77 -11.93
N SER A 63 9.65 -6.20 -12.71
CA SER A 63 8.22 -6.11 -12.45
C SER A 63 7.49 -7.40 -12.83
N SER A 64 8.08 -8.24 -13.70
CA SER A 64 7.59 -9.60 -13.89
C SER A 64 8.01 -10.44 -12.66
N GLN A 65 9.11 -10.04 -11.97
CA GLN A 65 9.58 -10.73 -10.77
C GLN A 65 8.77 -10.29 -9.55
N PHE A 66 8.26 -9.05 -9.54
CA PHE A 66 7.28 -8.60 -8.56
C PHE A 66 6.08 -9.53 -8.52
N GLN A 67 5.71 -10.11 -9.66
CA GLN A 67 4.58 -11.06 -9.72
C GLN A 67 5.00 -12.37 -9.09
N ARG A 68 6.25 -12.79 -9.27
CA ARG A 68 6.80 -14.04 -8.77
C ARG A 68 7.01 -13.97 -7.26
N GLU A 69 7.35 -12.79 -6.75
CA GLU A 69 7.51 -12.61 -5.30
C GLU A 69 6.15 -12.54 -4.63
N LEU A 70 5.18 -11.92 -5.32
CA LEU A 70 3.80 -11.85 -4.85
C LEU A 70 3.12 -13.23 -5.01
N ARG A 71 3.55 -14.06 -5.99
CA ARG A 71 3.11 -15.46 -6.12
C ARG A 71 3.68 -16.36 -5.00
N LYS A 72 4.90 -16.09 -4.52
CA LYS A 72 5.54 -16.84 -3.42
C LYS A 72 4.89 -16.57 -2.05
N GLN A 73 4.28 -15.40 -1.84
CA GLN A 73 3.65 -15.05 -0.56
C GLN A 73 2.44 -15.96 -0.25
N LEU A 74 2.15 -16.12 1.05
CA LEU A 74 1.13 -17.01 1.59
C LEU A 74 0.36 -16.24 2.67
N VAL A 75 -0.98 -16.29 2.64
CA VAL A 75 -1.85 -15.63 3.64
C VAL A 75 -1.60 -16.12 5.06
N SER A 76 -1.92 -15.29 6.07
CA SER A 76 -1.94 -15.69 7.48
C SER A 76 -3.39 -15.92 7.99
N GLY A 77 -3.64 -15.70 9.29
CA GLY A 77 -4.97 -15.74 9.91
C GLY A 77 -5.11 -14.68 11.00
N LYS A 78 -6.31 -14.07 11.07
CA LYS A 78 -6.74 -13.13 12.11
C LYS A 78 -8.27 -13.18 12.30
N LEU A 79 -8.76 -13.00 13.53
CA LEU A 79 -10.17 -13.24 13.87
C LEU A 79 -11.05 -12.00 13.66
N ALA A 80 -10.56 -10.80 13.99
CA ALA A 80 -11.23 -9.54 13.61
C ALA A 80 -10.99 -9.27 12.11
N THR A 81 -11.99 -8.80 11.37
CA THR A 81 -11.88 -8.54 9.91
C THR A 81 -11.10 -7.27 9.53
N PRO A 82 -11.19 -6.12 10.24
CA PRO A 82 -10.32 -4.99 9.98
C PRO A 82 -8.84 -5.29 10.27
N LYS A 83 -7.97 -4.85 9.35
CA LYS A 83 -6.50 -5.01 9.42
C LYS A 83 -5.77 -3.73 9.88
N GLY A 84 -4.53 -3.88 10.34
CA GLY A 84 -3.66 -2.76 10.76
C GLY A 84 -3.04 -1.96 9.62
N GLN A 85 -3.63 -1.99 8.42
CA GLN A 85 -3.11 -1.48 7.14
C GLN A 85 -2.52 -0.07 7.22
N LEU A 86 -3.08 0.81 8.07
CA LEU A 86 -2.58 2.17 8.23
C LEU A 86 -1.13 2.21 8.71
N ASP A 87 -0.68 1.25 9.53
CA ASP A 87 0.72 1.17 9.97
C ASP A 87 1.66 1.08 8.78
N ALA A 88 1.39 0.12 7.88
CA ALA A 88 2.19 0.01 6.68
C ALA A 88 2.12 1.29 5.84
N VAL A 89 0.94 1.86 5.53
CA VAL A 89 0.89 2.97 4.53
C VAL A 89 1.80 4.16 4.86
N VAL A 90 1.93 4.53 6.14
CA VAL A 90 2.77 5.67 6.54
C VAL A 90 4.23 5.26 6.78
N GLN A 91 4.53 4.10 7.36
CA GLN A 91 5.93 3.65 7.37
C GLN A 91 6.42 3.48 5.93
N VAL A 92 5.67 2.87 5.01
CA VAL A 92 6.06 2.79 3.59
C VAL A 92 6.10 4.16 2.88
N ALA A 93 5.71 5.25 3.54
CA ALA A 93 5.91 6.62 3.07
C ALA A 93 7.11 7.33 3.73
N ILE A 94 7.61 6.83 4.86
CA ILE A 94 8.79 7.36 5.60
C ILE A 94 10.05 6.48 5.40
N CYS A 95 9.91 5.22 4.97
CA CYS A 95 10.98 4.24 4.67
C CYS A 95 11.76 4.55 3.37
N LEU A 96 12.11 5.81 3.10
CA LEU A 96 12.74 6.27 1.85
C LEU A 96 13.96 5.40 1.49
N GLY A 97 14.76 5.06 2.51
CA GLY A 97 16.03 4.34 2.35
C GLY A 97 15.90 2.82 2.23
N GLU A 98 14.84 2.23 2.79
CA GLU A 98 14.59 0.78 2.74
C GLU A 98 13.78 0.43 1.48
N ILE A 99 12.78 1.25 1.16
CA ILE A 99 11.96 1.06 -0.04
C ILE A 99 12.72 1.49 -1.28
N GLY A 100 13.50 2.57 -1.23
CA GLY A 100 14.29 3.06 -2.37
C GLY A 100 13.61 4.15 -3.21
N TRP A 101 12.61 4.85 -2.66
CA TRP A 101 11.88 5.94 -3.31
C TRP A 101 12.81 7.03 -3.90
N ARG A 102 12.68 7.35 -5.20
CA ARG A 102 13.44 8.41 -5.90
C ARG A 102 12.65 9.73 -6.02
N ASN A 103 13.30 10.77 -6.55
CA ASN A 103 12.79 12.16 -6.66
C ASN A 103 11.67 12.41 -7.69
N GLY A 104 11.17 11.41 -8.43
CA GLY A 104 10.13 11.60 -9.44
C GLY A 104 8.76 11.63 -8.79
N THR A 105 7.85 10.90 -9.42
CA THR A 105 6.47 10.68 -8.94
C THR A 105 6.43 9.34 -8.21
N ARG A 106 5.66 9.21 -7.12
CA ARG A 106 5.74 8.02 -6.28
C ARG A 106 4.36 7.62 -5.79
N PHE A 107 3.94 6.41 -6.17
CA PHE A 107 2.57 5.94 -5.99
C PHE A 107 2.42 4.71 -5.11
N LEU A 108 1.85 4.91 -3.92
CA LEU A 108 1.54 3.83 -2.99
C LEU A 108 0.22 3.16 -3.41
N VAL A 109 0.27 2.05 -4.15
CA VAL A 109 -0.95 1.29 -4.48
C VAL A 109 -1.24 0.43 -3.26
N LEU A 110 -2.40 0.64 -2.64
CA LEU A 110 -2.76 -0.04 -1.41
C LEU A 110 -3.85 -1.07 -1.67
N VAL A 111 -3.67 -2.31 -1.23
CA VAL A 111 -4.67 -3.36 -1.40
C VAL A 111 -5.19 -4.00 -0.13
N THR A 112 -6.53 -4.13 -0.12
CA THR A 112 -7.32 -4.91 0.86
C THR A 112 -8.70 -5.20 0.28
N ASP A 113 -9.44 -6.10 0.90
CA ASP A 113 -10.84 -6.46 0.59
C ASP A 113 -11.81 -6.34 1.79
N ASN A 114 -11.34 -5.78 2.92
CA ASN A 114 -12.15 -5.47 4.11
C ASN A 114 -11.73 -4.12 4.76
N ASP A 115 -12.35 -3.78 5.88
CA ASP A 115 -12.06 -2.65 6.77
C ASP A 115 -10.60 -2.61 7.29
N PHE A 116 -10.31 -1.57 8.06
CA PHE A 116 -9.01 -1.26 8.64
C PHE A 116 -9.18 -0.75 10.09
N HIS A 117 -8.12 -0.83 10.89
CA HIS A 117 -8.05 -0.21 12.21
C HIS A 117 -7.58 1.25 12.11
N LEU A 118 -8.37 2.17 12.69
CA LEU A 118 -8.04 3.59 12.85
C LEU A 118 -7.35 3.78 14.21
N ALA A 119 -6.91 5.00 14.51
CA ALA A 119 -6.42 5.38 15.84
C ALA A 119 -7.46 5.09 16.93
N LYS A 120 -6.96 4.78 18.13
CA LYS A 120 -7.71 4.40 19.35
C LYS A 120 -8.24 2.95 19.31
N ASP A 121 -8.26 2.26 18.17
CA ASP A 121 -8.56 0.81 18.14
C ASP A 121 -7.45 -0.01 18.86
N LYS A 122 -6.25 0.58 19.04
CA LYS A 122 -5.10 -0.08 19.69
C LYS A 122 -5.29 -0.37 21.20
N THR A 123 -6.16 0.36 21.91
CA THR A 123 -6.30 0.24 23.39
C THR A 123 -7.04 -1.04 23.81
N LEU A 124 -7.69 -1.74 22.85
CA LEU A 124 -8.21 -3.10 23.07
C LEU A 124 -7.07 -4.08 23.45
N GLY A 125 -5.88 -3.88 22.87
CA GLY A 125 -4.62 -4.58 23.21
C GLY A 125 -3.78 -3.85 24.27
N THR A 126 -4.39 -2.87 24.97
CA THR A 126 -3.80 -1.97 25.99
C THR A 126 -2.42 -1.39 25.60
N ARG A 127 -2.44 -0.78 24.42
CA ARG A 127 -1.39 0.07 23.85
C ARG A 127 -1.91 1.52 24.00
N GLN A 128 -1.12 2.48 24.51
CA GLN A 128 -1.55 3.89 24.60
C GLN A 128 -0.75 4.84 23.69
N ASN A 129 0.56 4.61 23.51
CA ASN A 129 1.46 5.45 22.70
C ASN A 129 0.85 5.77 21.32
N THR A 130 0.57 7.05 21.01
CA THR A 130 0.21 7.49 19.64
C THR A 130 1.36 7.21 18.67
N SER A 131 1.06 7.10 17.38
CA SER A 131 2.13 6.98 16.37
C SER A 131 2.94 8.29 16.29
N ASP A 132 4.28 8.17 16.28
CA ASP A 132 5.20 9.31 16.23
C ASP A 132 5.39 9.88 14.81
N GLY A 133 4.93 9.15 13.78
CA GLY A 133 5.08 9.54 12.37
C GLY A 133 6.52 9.45 11.85
N ARG A 134 7.37 8.59 12.45
CA ARG A 134 8.72 8.24 11.95
C ARG A 134 8.91 6.73 11.80
N CYS A 135 10.08 6.27 11.32
CA CYS A 135 10.31 4.87 10.92
C CYS A 135 11.02 3.97 11.94
N HIS A 136 10.62 2.69 11.92
CA HIS A 136 10.97 1.66 12.93
C HIS A 136 10.99 0.22 12.34
N LEU A 137 11.78 -0.04 11.29
CA LEU A 137 12.06 -1.41 10.79
C LEU A 137 13.55 -1.61 10.50
N ASP A 138 14.02 -2.85 10.62
CA ASP A 138 15.45 -3.20 10.60
C ASP A 138 15.73 -4.59 9.98
N ASP A 139 15.03 -5.64 10.41
CA ASP A 139 15.04 -6.96 9.76
C ASP A 139 14.10 -7.03 8.52
N GLY A 140 13.28 -5.99 8.33
CA GLY A 140 12.20 -5.91 7.35
C GLY A 140 10.80 -5.89 7.95
N MET A 141 10.63 -6.13 9.26
CA MET A 141 9.36 -6.03 9.98
C MET A 141 9.24 -4.70 10.74
N TYR A 142 8.08 -4.04 10.67
CA TYR A 142 7.77 -2.86 11.49
C TYR A 142 7.67 -3.20 12.99
N ARG A 143 8.78 -3.00 13.71
CA ARG A 143 8.97 -3.27 15.15
C ARG A 143 7.90 -2.62 16.03
N SER A 144 7.60 -1.36 15.75
CA SER A 144 6.79 -0.48 16.61
C SER A 144 5.29 -0.85 16.75
N ARG A 145 4.68 -1.63 15.84
CA ARG A 145 3.26 -2.07 15.95
C ARG A 145 2.89 -2.65 17.34
N GLY A 146 3.83 -3.35 17.99
CA GLY A 146 3.61 -4.01 19.29
C GLY A 146 3.49 -3.01 20.45
N GLU A 147 3.94 -1.76 20.26
CA GLU A 147 3.90 -0.69 21.25
C GLU A 147 3.01 0.48 20.75
N PRO A 148 3.44 1.46 19.91
CA PRO A 148 2.55 2.45 19.29
C PRO A 148 1.30 1.98 18.52
N ASP A 149 0.36 2.94 18.43
CA ASP A 149 -0.97 2.96 17.82
C ASP A 149 -0.99 3.09 16.28
N TYR A 150 -2.17 2.83 15.75
CA TYR A 150 -2.51 3.15 14.38
C TYR A 150 -2.65 4.68 14.36
N GLN A 151 -1.89 5.35 13.51
CA GLN A 151 -1.98 6.78 13.20
C GLN A 151 -3.42 7.20 12.84
N SER A 152 -3.79 8.43 13.19
CA SER A 152 -5.08 8.99 12.77
C SER A 152 -5.02 9.63 11.37
N VAL A 153 -6.20 9.90 10.81
CA VAL A 153 -6.38 10.29 9.39
C VAL A 153 -5.60 11.53 8.94
N VAL A 154 -5.28 12.47 9.85
CA VAL A 154 -4.45 13.66 9.55
C VAL A 154 -2.94 13.39 9.63
N GLN A 155 -2.50 12.39 10.43
CA GLN A 155 -1.08 11.99 10.49
C GLN A 155 -0.65 11.34 9.18
N LEU A 156 -1.56 10.60 8.52
CA LEU A 156 -1.35 10.10 7.16
C LEU A 156 -1.11 11.27 6.19
N ALA A 157 -2.08 12.19 6.08
CA ALA A 157 -2.01 13.31 5.14
C ALA A 157 -0.74 14.17 5.29
N SER A 158 -0.27 14.35 6.53
CA SER A 158 0.98 15.06 6.84
C SER A 158 2.21 14.42 6.17
N LYS A 159 2.47 13.13 6.43
CA LYS A 159 3.68 12.46 5.93
C LYS A 159 3.57 11.98 4.47
N LEU A 160 2.35 11.78 3.96
CA LEU A 160 2.07 11.55 2.52
C LEU A 160 2.53 12.77 1.71
N ALA A 161 2.15 13.98 2.15
CA ALA A 161 2.46 15.24 1.45
C ALA A 161 3.90 15.74 1.65
N GLU A 162 4.56 15.40 2.78
CA GLU A 162 5.96 15.76 3.04
C GLU A 162 6.88 14.99 2.10
N ASN A 163 6.71 13.67 2.02
CA ASN A 163 7.47 12.82 1.10
C ASN A 163 6.88 12.77 -0.30
N ASN A 164 5.74 13.45 -0.57
CA ASN A 164 5.21 13.66 -1.94
C ASN A 164 4.79 12.32 -2.61
N ILE A 165 4.34 11.36 -1.81
CA ILE A 165 3.86 10.04 -2.28
C ILE A 165 2.34 10.08 -2.37
N GLN A 166 1.74 9.72 -3.50
CA GLN A 166 0.26 9.68 -3.56
C GLN A 166 -0.28 8.24 -3.49
N PRO A 167 -1.04 7.87 -2.42
CA PRO A 167 -1.70 6.58 -2.33
C PRO A 167 -2.98 6.43 -3.18
N ILE A 168 -3.25 5.17 -3.54
CA ILE A 168 -4.43 4.72 -4.28
C ILE A 168 -5.06 3.52 -3.57
N PHE A 169 -6.26 3.67 -3.01
CA PHE A 169 -7.00 2.57 -2.37
C PHE A 169 -7.53 1.53 -3.38
N VAL A 170 -6.65 0.78 -4.01
CA VAL A 170 -7.00 -0.38 -4.87
C VAL A 170 -7.67 -1.51 -4.03
N VAL A 171 -9.00 -1.63 -4.10
CA VAL A 171 -9.75 -2.58 -3.27
C VAL A 171 -10.93 -3.20 -4.05
N PRO A 172 -11.29 -4.48 -3.83
CA PRO A 172 -12.47 -5.10 -4.40
C PRO A 172 -13.75 -4.36 -4.07
N SER A 173 -14.72 -4.45 -4.98
CA SER A 173 -15.96 -3.66 -5.01
C SER A 173 -16.69 -3.59 -3.66
N ARG A 174 -16.82 -4.72 -2.95
CA ARG A 174 -17.56 -4.81 -1.67
C ARG A 174 -17.12 -3.79 -0.60
N MET A 175 -15.85 -3.35 -0.64
CA MET A 175 -15.24 -2.41 0.31
C MET A 175 -15.03 -0.99 -0.26
N VAL A 176 -15.30 -0.75 -1.55
CA VAL A 176 -14.94 0.50 -2.25
C VAL A 176 -15.64 1.74 -1.68
N LYS A 177 -16.90 1.59 -1.25
CA LYS A 177 -17.71 2.73 -0.77
C LYS A 177 -17.21 3.34 0.55
N THR A 178 -16.42 2.58 1.32
CA THR A 178 -15.87 2.98 2.63
C THR A 178 -14.56 3.69 2.46
N TYR A 179 -13.70 3.22 1.55
CA TYR A 179 -12.44 3.87 1.24
C TYR A 179 -12.66 5.18 0.52
N GLU A 180 -13.76 5.36 -0.21
CA GLU A 180 -14.10 6.70 -0.72
C GLU A 180 -14.48 7.67 0.42
N LYS A 181 -14.79 7.18 1.63
CA LYS A 181 -14.94 8.07 2.80
C LYS A 181 -13.57 8.41 3.42
N LEU A 182 -12.59 7.51 3.31
CA LEU A 182 -11.20 7.72 3.77
C LEU A 182 -10.46 8.64 2.79
N THR A 183 -10.90 8.64 1.54
CA THR A 183 -10.38 9.49 0.44
C THR A 183 -10.96 10.90 0.50
N THR A 184 -12.05 11.09 1.26
CA THR A 184 -12.59 12.42 1.57
C THR A 184 -11.89 12.99 2.81
N PHE A 185 -11.41 12.12 3.71
CA PHE A 185 -10.61 12.58 4.86
C PHE A 185 -9.15 12.90 4.47
N ILE A 186 -8.62 12.26 3.42
CA ILE A 186 -7.23 12.48 2.94
C ILE A 186 -7.25 13.06 1.51
N PRO A 187 -7.14 14.40 1.34
CA PRO A 187 -7.06 15.06 0.04
C PRO A 187 -5.98 14.48 -0.88
N LYS A 188 -6.33 14.36 -2.17
CA LYS A 188 -5.51 13.91 -3.32
C LYS A 188 -5.30 12.38 -3.37
N LEU A 189 -5.68 11.66 -2.32
CA LEU A 189 -5.75 10.18 -2.31
C LEU A 189 -6.95 9.76 -3.18
N THR A 190 -6.90 8.57 -3.81
CA THR A 190 -7.98 8.10 -4.66
C THR A 190 -8.36 6.67 -4.25
N ILE A 191 -8.62 5.82 -5.22
CA ILE A 191 -9.22 4.48 -5.09
C ILE A 191 -9.19 3.76 -6.44
N GLY A 192 -9.32 2.43 -6.42
CA GLY A 192 -9.52 1.61 -7.62
C GLY A 192 -10.31 0.35 -7.30
N GLU A 193 -11.11 -0.12 -8.25
CA GLU A 193 -11.85 -1.37 -8.16
C GLU A 193 -10.93 -2.50 -8.62
N LEU A 194 -10.21 -3.04 -7.65
CA LEU A 194 -9.44 -4.28 -7.83
C LEU A 194 -10.38 -5.43 -8.24
N SER A 195 -9.92 -6.28 -9.15
CA SER A 195 -10.53 -7.54 -9.53
C SER A 195 -9.49 -8.38 -10.30
N ASP A 196 -9.93 -9.43 -11.01
CA ASP A 196 -9.08 -10.16 -11.96
C ASP A 196 -8.67 -9.29 -13.17
N ASP A 197 -9.27 -8.11 -13.31
CA ASP A 197 -8.97 -7.08 -14.32
C ASP A 197 -8.30 -5.85 -13.66
N SER A 198 -7.31 -5.27 -14.36
CA SER A 198 -6.48 -4.15 -13.90
C SER A 198 -6.86 -2.80 -14.54
N SER A 199 -7.96 -2.73 -15.30
CA SER A 199 -8.33 -1.58 -16.14
C SER A 199 -8.51 -0.32 -15.31
N ASN A 200 -9.35 -0.39 -14.27
CA ASN A 200 -9.74 0.75 -13.44
C ASN A 200 -8.58 1.30 -12.59
N VAL A 201 -7.62 0.44 -12.21
CA VAL A 201 -6.47 0.78 -11.35
C VAL A 201 -5.34 1.45 -12.17
N ALA A 202 -5.06 0.92 -13.38
CA ALA A 202 -4.12 1.55 -14.32
C ALA A 202 -4.69 2.84 -14.91
N GLN A 203 -6.01 2.98 -15.06
CA GLN A 203 -6.74 4.19 -15.52
C GLN A 203 -6.90 5.24 -14.40
N LEU A 204 -5.88 5.27 -13.54
CA LEU A 204 -5.63 6.27 -12.52
C LEU A 204 -4.12 6.53 -12.45
N ILE A 205 -3.28 5.52 -12.63
CA ILE A 205 -1.82 5.76 -12.78
C ILE A 205 -1.55 6.46 -14.13
N ARG A 206 -2.22 5.97 -15.19
CA ARG A 206 -2.26 6.56 -16.53
C ARG A 206 -2.91 7.95 -16.55
N ASN A 207 -3.78 8.30 -15.59
CA ASN A 207 -4.29 9.68 -15.44
C ASN A 207 -3.46 10.58 -14.47
N ALA A 208 -2.78 10.01 -13.47
CA ALA A 208 -1.95 10.77 -12.53
C ALA A 208 -0.57 11.14 -13.12
N TYR A 209 -0.13 10.44 -14.18
CA TYR A 209 1.06 10.90 -14.91
C TYR A 209 0.74 12.15 -15.77
N SER A 210 -0.38 12.14 -16.51
CA SER A 210 -0.72 13.22 -17.45
C SER A 210 -1.12 14.56 -16.79
N LYS A 211 -1.32 14.60 -15.45
CA LYS A 211 -1.49 15.88 -14.72
C LYS A 211 -0.16 16.65 -14.52
N LEU A 212 1.00 16.00 -14.73
CA LEU A 212 2.34 16.62 -14.67
C LEU A 212 2.69 17.42 -15.96
N ASP A 1 8.96 10.21 -21.59
CA ASP A 1 8.62 9.50 -20.33
C ASP A 1 9.34 10.11 -19.11
N ASN A 2 8.66 10.19 -17.97
CA ASN A 2 9.22 10.62 -16.68
C ASN A 2 9.58 9.39 -15.80
N SER A 3 10.53 9.53 -14.88
CA SER A 3 10.77 8.47 -13.88
C SER A 3 9.59 8.39 -12.89
N VAL A 4 9.02 7.21 -12.65
CA VAL A 4 7.82 7.06 -11.78
C VAL A 4 7.92 5.81 -10.90
N ASP A 5 7.94 6.01 -9.57
CA ASP A 5 8.13 4.93 -8.61
C ASP A 5 6.78 4.41 -8.13
N LEU A 6 6.55 3.10 -8.32
CA LEU A 6 5.33 2.44 -7.85
C LEU A 6 5.64 1.54 -6.65
N TYR A 7 5.03 1.79 -5.49
CA TYR A 7 5.12 0.87 -4.36
C TYR A 7 3.76 0.25 -4.08
N PHE A 8 3.70 -1.00 -4.48
CA PHE A 8 2.61 -1.93 -4.31
C PHE A 8 2.54 -2.47 -2.88
N LEU A 9 1.44 -2.19 -2.18
CA LEU A 9 1.21 -2.59 -0.79
C LEU A 9 -0.02 -3.50 -0.69
N MET A 10 0.18 -4.79 -0.38
CA MET A 10 -0.94 -5.76 -0.37
C MET A 10 -1.37 -6.39 0.96
N GLY A 11 -2.68 -6.48 1.17
CA GLY A 11 -3.32 -7.21 2.27
C GLY A 11 -3.20 -8.71 2.05
N LEU A 12 -2.43 -9.36 2.92
CA LEU A 12 -2.04 -10.78 2.83
C LEU A 12 -2.94 -11.68 3.73
N SER A 13 -4.18 -11.27 3.97
CA SER A 13 -5.09 -11.90 4.95
C SER A 13 -5.77 -13.19 4.44
N GLY A 14 -6.35 -13.98 5.35
CA GLY A 14 -7.10 -15.20 5.00
C GLY A 14 -8.36 -14.89 4.20
N SER A 15 -8.99 -13.75 4.46
CA SER A 15 -10.09 -13.21 3.65
C SER A 15 -9.64 -12.98 2.20
N ALA A 16 -8.42 -12.47 1.99
CA ALA A 16 -7.81 -12.21 0.69
C ALA A 16 -7.28 -13.47 -0.03
N GLN A 17 -7.55 -14.71 0.41
CA GLN A 17 -7.10 -15.90 -0.34
C GLN A 17 -7.83 -16.06 -1.68
N GLY A 18 -9.14 -15.74 -1.74
CA GLY A 18 -9.89 -15.70 -3.00
C GLY A 18 -9.47 -14.51 -3.86
N HIS A 19 -9.10 -13.40 -3.22
CA HIS A 19 -8.58 -12.19 -3.88
C HIS A 19 -7.10 -12.30 -4.33
N LEU A 20 -6.34 -13.34 -3.92
CA LEU A 20 -4.90 -13.50 -4.20
C LEU A 20 -4.59 -13.44 -5.69
N SER A 21 -5.28 -14.22 -6.52
CA SER A 21 -5.05 -14.15 -7.96
C SER A 21 -5.47 -12.79 -8.56
N ASN A 22 -6.44 -12.11 -7.94
CA ASN A 22 -6.84 -10.75 -8.35
C ASN A 22 -5.83 -9.67 -7.90
N VAL A 23 -5.22 -9.78 -6.72
CA VAL A 23 -4.09 -8.91 -6.34
C VAL A 23 -2.85 -9.22 -7.17
N GLN A 24 -2.58 -10.49 -7.53
CA GLN A 24 -1.39 -10.76 -8.35
C GLN A 24 -1.57 -10.30 -9.81
N THR A 25 -2.79 -10.38 -10.37
CA THR A 25 -3.02 -10.02 -11.78
C THR A 25 -2.91 -8.52 -11.98
N LEU A 26 -3.49 -7.67 -11.11
CA LEU A 26 -3.24 -6.22 -11.15
C LEU A 26 -1.80 -5.90 -10.81
N GLY A 27 -1.05 -6.82 -10.18
CA GLY A 27 0.29 -6.54 -9.67
C GLY A 27 1.26 -6.69 -10.82
N SER A 28 1.16 -7.83 -11.49
CA SER A 28 1.86 -8.21 -12.70
C SER A 28 1.42 -7.36 -13.91
N ASP A 29 0.15 -6.94 -13.93
CA ASP A 29 -0.33 -6.03 -14.98
C ASP A 29 0.18 -4.61 -14.75
N LEU A 30 0.33 -4.22 -13.47
CA LEU A 30 0.78 -2.86 -13.14
C LEU A 30 2.21 -2.63 -13.64
N LEU A 31 3.07 -3.64 -13.54
CA LEU A 31 4.45 -3.60 -14.05
C LEU A 31 4.47 -3.48 -15.57
N LYS A 32 3.91 -4.47 -16.27
CA LYS A 32 4.08 -4.58 -17.72
C LYS A 32 3.45 -3.42 -18.47
N ALA A 33 2.23 -3.03 -18.10
CA ALA A 33 1.56 -1.90 -18.75
C ALA A 33 2.28 -0.58 -18.46
N LEU A 34 2.85 -0.37 -17.26
CA LEU A 34 3.53 0.88 -16.96
C LEU A 34 5.01 0.93 -17.40
N ASN A 35 5.62 -0.22 -17.72
CA ASN A 35 6.92 -0.27 -18.40
C ASN A 35 6.81 0.23 -19.86
N GLU A 36 5.61 0.24 -20.44
CA GLU A 36 5.34 0.66 -21.82
C GLU A 36 5.25 2.20 -21.91
N ILE A 37 4.52 2.83 -20.98
CA ILE A 37 4.48 4.32 -20.86
C ILE A 37 5.79 4.89 -20.29
N SER A 38 6.57 4.13 -19.52
CA SER A 38 7.89 4.62 -19.04
C SER A 38 8.98 3.54 -18.90
N ARG A 39 10.18 3.87 -19.39
CA ARG A 39 11.37 3.02 -19.35
C ARG A 39 11.93 2.88 -17.94
N SER A 40 11.99 3.99 -17.20
CA SER A 40 12.38 4.02 -15.78
C SER A 40 11.12 4.19 -14.92
N GLY A 41 10.60 3.05 -14.48
CA GLY A 41 9.37 2.90 -13.71
C GLY A 41 9.68 1.86 -12.65
N ARG A 42 10.14 2.34 -11.49
CA ARG A 42 10.69 1.52 -10.42
C ARG A 42 9.52 0.86 -9.71
N ILE A 43 9.67 -0.37 -9.25
CA ILE A 43 8.57 -1.11 -8.65
C ILE A 43 9.02 -1.83 -7.39
N GLY A 44 8.31 -1.62 -6.30
CA GLY A 44 8.61 -2.08 -4.95
C GLY A 44 7.39 -2.73 -4.32
N PHE A 45 7.63 -3.70 -3.44
CA PHE A 45 6.62 -4.60 -2.90
C PHE A 45 6.63 -4.71 -1.37
N GLY A 46 5.45 -4.58 -0.75
CA GLY A 46 5.24 -4.83 0.67
C GLY A 46 3.92 -5.55 0.87
N SER A 47 3.82 -6.31 1.95
CA SER A 47 2.60 -7.03 2.32
C SER A 47 2.24 -6.78 3.79
N ILE A 48 0.95 -6.89 4.14
CA ILE A 48 0.42 -6.48 5.45
C ILE A 48 -0.80 -7.28 5.89
N VAL A 49 -0.94 -7.63 7.19
CA VAL A 49 -2.19 -8.21 7.76
C VAL A 49 -2.53 -7.58 9.13
N ASN A 50 -1.93 -8.09 10.21
CA ASN A 50 -1.88 -7.58 11.60
C ASN A 50 -0.66 -8.16 12.37
N MET A 51 0.09 -9.09 11.74
CA MET A 51 1.48 -9.45 12.09
C MET A 51 2.24 -8.40 11.19
N THR A 52 1.67 -7.18 11.27
CA THR A 52 1.71 -5.92 10.53
C THR A 52 2.33 -5.97 9.16
N PHE A 53 3.46 -5.31 9.00
CA PHE A 53 4.06 -5.05 7.70
C PHE A 53 5.38 -5.80 7.51
N GLN A 54 5.55 -6.37 6.31
CA GLN A 54 6.81 -6.93 5.85
C GLN A 54 7.16 -6.27 4.51
N HIS A 55 8.32 -5.61 4.49
CA HIS A 55 8.95 -5.08 3.29
C HIS A 55 9.80 -6.18 2.60
N ILE A 56 9.26 -6.83 1.55
CA ILE A 56 9.94 -7.97 0.89
C ILE A 56 10.92 -7.53 -0.23
N LEU A 57 10.65 -6.45 -0.97
CA LEU A 57 11.49 -6.00 -2.10
C LEU A 57 11.35 -4.50 -2.34
N LYS A 58 12.47 -3.77 -2.43
CA LYS A 58 12.46 -2.32 -2.70
C LYS A 58 12.22 -1.96 -4.18
N LEU A 59 11.99 -0.67 -4.43
CA LEU A 59 11.82 -0.07 -5.77
C LEU A 59 12.98 -0.44 -6.72
N THR A 60 12.77 -1.40 -7.62
CA THR A 60 13.75 -1.89 -8.60
C THR A 60 13.27 -1.70 -10.05
N ALA A 61 14.18 -1.86 -11.01
CA ALA A 61 13.91 -1.88 -12.46
C ALA A 61 13.56 -3.28 -13.01
N ASP A 62 13.78 -4.33 -12.21
CA ASP A 62 13.62 -5.75 -12.51
C ASP A 62 12.15 -6.15 -12.24
N SER A 63 11.37 -5.84 -13.25
CA SER A 63 9.93 -6.03 -13.38
C SER A 63 9.58 -7.52 -13.36
N SER A 64 10.25 -8.33 -14.19
CA SER A 64 10.07 -9.79 -14.17
C SER A 64 10.58 -10.40 -12.85
N GLN A 65 11.39 -9.66 -12.06
CA GLN A 65 11.78 -10.14 -10.72
C GLN A 65 10.64 -9.93 -9.72
N PHE A 66 10.02 -8.74 -9.73
CA PHE A 66 8.83 -8.44 -8.93
C PHE A 66 7.71 -9.45 -9.20
N GLN A 67 7.58 -9.95 -10.43
CA GLN A 67 6.49 -10.88 -10.83
C GLN A 67 6.61 -12.19 -10.07
N ARG A 68 7.85 -12.64 -9.90
CA ARG A 68 8.20 -13.91 -9.28
C ARG A 68 8.03 -13.79 -7.77
N GLU A 69 8.18 -12.57 -7.25
CA GLU A 69 8.05 -12.33 -5.81
C GLU A 69 6.58 -12.11 -5.45
N LEU A 70 5.83 -11.44 -6.32
CA LEU A 70 4.39 -11.23 -6.13
C LEU A 70 3.67 -12.57 -6.28
N ARG A 71 3.99 -13.35 -7.34
CA ARG A 71 3.20 -14.56 -7.65
C ARG A 71 3.27 -15.62 -6.54
N LYS A 72 4.42 -15.69 -5.84
CA LYS A 72 4.69 -16.65 -4.77
C LYS A 72 4.17 -16.21 -3.37
N GLN A 73 3.60 -15.01 -3.21
CA GLN A 73 2.99 -14.60 -1.94
C GLN A 73 1.81 -15.52 -1.59
N LEU A 74 1.82 -16.13 -0.40
CA LEU A 74 0.68 -16.89 0.17
C LEU A 74 0.21 -16.24 1.48
N VAL A 75 -1.09 -16.33 1.73
CA VAL A 75 -1.79 -15.58 2.81
C VAL A 75 -1.72 -16.19 4.22
N SER A 76 -1.96 -15.33 5.20
CA SER A 76 -1.96 -15.59 6.65
C SER A 76 -3.40 -15.73 7.22
N GLY A 77 -3.63 -15.38 8.50
CA GLY A 77 -4.94 -15.42 9.19
C GLY A 77 -5.04 -14.54 10.44
N LYS A 78 -6.26 -14.14 10.81
CA LYS A 78 -6.60 -13.38 12.04
C LYS A 78 -8.10 -13.46 12.39
N LEU A 79 -8.44 -13.13 13.65
CA LEU A 79 -9.79 -13.20 14.22
C LEU A 79 -10.65 -11.98 13.80
N ALA A 80 -10.14 -10.76 14.00
CA ALA A 80 -10.79 -9.53 13.56
C ALA A 80 -10.73 -9.35 12.02
N THR A 81 -11.85 -8.95 11.42
CA THR A 81 -11.98 -8.71 9.97
C THR A 81 -11.27 -7.43 9.49
N PRO A 82 -11.43 -6.25 10.12
CA PRO A 82 -10.61 -5.09 9.78
C PRO A 82 -9.14 -5.34 10.12
N LYS A 83 -8.24 -4.73 9.34
CA LYS A 83 -6.79 -5.01 9.33
C LYS A 83 -5.95 -3.73 9.60
N GLY A 84 -4.62 -3.85 9.73
CA GLY A 84 -3.74 -2.75 10.20
C GLY A 84 -3.01 -1.98 9.10
N GLN A 85 -3.48 -1.97 7.85
CA GLN A 85 -2.69 -1.45 6.71
C GLN A 85 -2.31 0.04 6.77
N LEU A 86 -2.99 0.84 7.61
CA LEU A 86 -2.62 2.23 7.82
C LEU A 86 -1.30 2.40 8.59
N ASP A 87 -0.80 1.34 9.23
CA ASP A 87 0.56 1.30 9.78
C ASP A 87 1.56 1.18 8.64
N ALA A 88 1.30 0.23 7.74
CA ALA A 88 2.14 0.01 6.58
C ALA A 88 2.17 1.23 5.67
N VAL A 89 1.04 1.83 5.26
CA VAL A 89 1.07 2.99 4.33
C VAL A 89 2.00 4.10 4.82
N VAL A 90 2.09 4.30 6.14
CA VAL A 90 2.92 5.33 6.74
C VAL A 90 4.36 4.87 7.00
N GLN A 91 4.63 3.63 7.42
CA GLN A 91 6.03 3.15 7.42
C GLN A 91 6.58 3.19 5.99
N VAL A 92 5.81 2.69 5.03
CA VAL A 92 6.10 2.71 3.59
C VAL A 92 6.38 4.14 3.08
N ALA A 93 5.63 5.15 3.54
CA ALA A 93 5.86 6.54 3.19
C ALA A 93 7.11 7.13 3.86
N ILE A 94 7.34 6.86 5.15
CA ILE A 94 8.43 7.45 5.96
C ILE A 94 9.81 6.83 5.65
N CYS A 95 9.88 5.52 5.43
CA CYS A 95 11.11 4.73 5.33
C CYS A 95 11.73 4.87 3.92
N LEU A 96 12.08 6.11 3.59
CA LEU A 96 12.54 6.60 2.27
C LEU A 96 13.67 5.75 1.73
N GLY A 97 14.62 5.43 2.61
CA GLY A 97 15.84 4.68 2.27
C GLY A 97 15.62 3.18 2.13
N GLU A 98 14.56 2.65 2.76
CA GLU A 98 14.22 1.22 2.73
C GLU A 98 13.35 0.91 1.52
N ILE A 99 12.30 1.70 1.27
CA ILE A 99 11.46 1.56 0.06
C ILE A 99 12.22 2.00 -1.20
N GLY A 100 13.09 3.00 -1.09
CA GLY A 100 14.03 3.44 -2.13
C GLY A 100 13.51 4.60 -2.99
N TRP A 101 12.68 5.50 -2.43
CA TRP A 101 12.03 6.59 -3.18
C TRP A 101 13.05 7.51 -3.87
N ARG A 102 12.87 7.68 -5.19
CA ARG A 102 13.55 8.65 -6.05
C ARG A 102 12.82 10.01 -6.05
N ASN A 103 13.32 10.95 -6.85
CA ASN A 103 12.75 12.30 -7.04
C ASN A 103 11.84 12.45 -8.28
N GLY A 104 11.20 11.37 -8.76
CA GLY A 104 10.16 11.45 -9.77
C GLY A 104 8.83 11.76 -9.05
N THR A 105 7.84 10.91 -9.39
CA THR A 105 6.56 10.81 -8.64
C THR A 105 6.52 9.42 -7.98
N ARG A 106 5.80 9.29 -6.85
CA ARG A 106 5.85 8.12 -5.96
C ARG A 106 4.45 7.62 -5.65
N PHE A 107 4.14 6.32 -5.78
CA PHE A 107 2.76 5.82 -5.73
C PHE A 107 2.51 4.71 -4.73
N LEU A 108 1.55 4.89 -3.83
CA LEU A 108 1.06 3.80 -2.97
C LEU A 108 -0.21 3.16 -3.50
N VAL A 109 -0.03 1.98 -4.08
CA VAL A 109 -1.15 1.17 -4.55
C VAL A 109 -1.53 0.26 -3.38
N LEU A 110 -2.52 0.66 -2.57
CA LEU A 110 -2.87 -0.10 -1.37
C LEU A 110 -4.00 -1.04 -1.74
N VAL A 111 -3.81 -2.34 -1.52
CA VAL A 111 -4.90 -3.31 -1.64
C VAL A 111 -5.31 -3.98 -0.35
N THR A 112 -6.64 -4.11 -0.22
CA THR A 112 -7.34 -4.88 0.83
C THR A 112 -8.79 -5.11 0.42
N ASP A 113 -9.43 -6.15 0.96
CA ASP A 113 -10.81 -6.56 0.64
C ASP A 113 -11.82 -6.24 1.76
N ASN A 114 -11.38 -5.65 2.87
CA ASN A 114 -12.21 -5.26 4.01
C ASN A 114 -11.73 -3.94 4.65
N ASP A 115 -12.43 -3.50 5.71
CA ASP A 115 -12.10 -2.29 6.48
C ASP A 115 -10.73 -2.40 7.21
N PHE A 116 -10.47 -1.37 8.01
CA PHE A 116 -9.20 -1.09 8.65
C PHE A 116 -9.35 -0.68 10.12
N HIS A 117 -8.25 -0.85 10.86
CA HIS A 117 -8.08 -0.34 12.21
C HIS A 117 -7.55 1.10 12.17
N LEU A 118 -8.20 2.00 12.91
CA LEU A 118 -7.82 3.41 13.04
C LEU A 118 -7.26 3.71 14.44
N ALA A 119 -6.70 4.91 14.62
CA ALA A 119 -6.11 5.33 15.90
C ALA A 119 -7.11 5.19 17.05
N LYS A 120 -6.62 4.60 18.14
CA LYS A 120 -7.27 4.18 19.38
C LYS A 120 -7.75 2.73 19.35
N ASP A 121 -7.87 2.05 18.20
CA ASP A 121 -8.30 0.64 18.15
C ASP A 121 -7.30 -0.31 18.85
N LYS A 122 -6.00 0.03 18.87
CA LYS A 122 -4.98 -0.75 19.57
C LYS A 122 -5.12 -0.68 21.13
N THR A 123 -6.05 0.12 21.67
CA THR A 123 -6.35 0.19 23.11
C THR A 123 -6.89 -1.13 23.67
N LEU A 124 -7.66 -1.89 22.87
CA LEU A 124 -8.10 -3.25 23.24
C LEU A 124 -6.93 -4.25 23.28
N GLY A 125 -5.88 -4.01 22.48
CA GLY A 125 -4.60 -4.73 22.53
C GLY A 125 -3.65 -4.22 23.64
N THR A 126 -4.10 -3.27 24.46
CA THR A 126 -3.43 -2.69 25.65
C THR A 126 -2.31 -1.72 25.25
N ARG A 127 -2.48 -1.03 24.10
CA ARG A 127 -1.52 -0.07 23.56
C ARG A 127 -2.10 1.35 23.54
N GLN A 128 -1.54 2.19 24.40
CA GLN A 128 -1.98 3.57 24.65
C GLN A 128 -1.16 4.59 23.84
N ASN A 129 0.16 4.43 23.73
CA ASN A 129 1.01 5.43 23.08
C ASN A 129 0.69 5.53 21.59
N THR A 130 0.34 6.74 21.11
CA THR A 130 0.09 7.04 19.70
C THR A 130 1.38 6.90 18.89
N SER A 131 1.25 6.58 17.60
CA SER A 131 2.42 6.54 16.70
C SER A 131 3.00 7.94 16.44
N ASP A 132 4.33 8.01 16.45
CA ASP A 132 5.13 9.23 16.30
C ASP A 132 5.34 9.67 14.84
N GLY A 133 5.04 8.80 13.87
CA GLY A 133 5.25 9.07 12.45
C GLY A 133 6.73 9.04 12.06
N ARG A 134 7.55 8.21 12.72
CA ARG A 134 8.97 7.96 12.39
C ARG A 134 9.21 6.58 11.77
N CYS A 135 10.39 6.40 11.16
CA CYS A 135 10.87 5.12 10.62
C CYS A 135 11.14 4.12 11.76
N HIS A 136 10.43 2.98 11.74
CA HIS A 136 10.61 1.85 12.64
C HIS A 136 10.88 0.53 11.88
N LEU A 137 11.69 0.64 10.82
CA LEU A 137 12.11 -0.47 9.96
C LEU A 137 13.65 -0.54 9.97
N ASP A 138 14.20 -1.66 10.45
CA ASP A 138 15.65 -1.93 10.47
C ASP A 138 15.94 -3.21 9.66
N ASP A 139 15.16 -4.25 9.94
CA ASP A 139 15.06 -5.48 9.16
C ASP A 139 13.99 -5.27 8.05
N GLY A 140 13.05 -6.20 7.90
CA GLY A 140 11.90 -6.12 6.99
C GLY A 140 10.57 -5.86 7.69
N MET A 141 10.46 -6.18 8.99
CA MET A 141 9.22 -5.97 9.76
C MET A 141 9.20 -4.63 10.50
N TYR A 142 8.01 -4.02 10.54
CA TYR A 142 7.71 -2.85 11.37
C TYR A 142 7.82 -3.20 12.87
N ARG A 143 8.95 -2.83 13.50
CA ARG A 143 9.27 -3.19 14.89
C ARG A 143 8.26 -2.64 15.90
N SER A 144 7.81 -1.40 15.68
CA SER A 144 6.94 -0.69 16.62
C SER A 144 5.44 -1.05 16.48
N ARG A 145 5.07 -2.04 15.66
CA ARG A 145 3.71 -2.61 15.62
C ARG A 145 3.20 -2.94 17.04
N GLY A 146 4.04 -3.67 17.79
CA GLY A 146 3.67 -4.28 19.07
C GLY A 146 3.47 -3.25 20.19
N GLU A 147 4.23 -2.15 20.15
CA GLU A 147 4.16 -1.07 21.15
C GLU A 147 3.15 0.04 20.73
N PRO A 148 3.46 1.09 19.92
CA PRO A 148 2.48 2.13 19.61
C PRO A 148 1.26 1.69 18.77
N ASP A 149 0.19 2.46 18.93
CA ASP A 149 -1.13 2.41 18.28
C ASP A 149 -1.11 2.88 16.81
N TYR A 150 -2.14 2.52 16.04
CA TYR A 150 -2.37 3.01 14.68
C TYR A 150 -2.34 4.55 14.63
N GLN A 151 -1.72 5.14 13.61
CA GLN A 151 -1.64 6.60 13.43
C GLN A 151 -2.92 7.16 12.77
N SER A 152 -3.32 8.37 13.19
CA SER A 152 -4.57 9.02 12.76
C SER A 152 -4.49 9.59 11.34
N VAL A 153 -5.60 9.63 10.59
CA VAL A 153 -5.63 10.09 9.18
C VAL A 153 -5.15 11.55 8.99
N VAL A 154 -5.18 12.39 10.04
CA VAL A 154 -4.53 13.73 10.04
C VAL A 154 -3.00 13.62 9.93
N GLN A 155 -2.37 12.70 10.68
CA GLN A 155 -0.93 12.49 10.66
C GLN A 155 -0.52 11.71 9.40
N LEU A 156 -1.39 10.86 8.87
CA LEU A 156 -1.14 10.22 7.59
C LEU A 156 -1.06 11.29 6.49
N ALA A 157 -2.01 12.23 6.47
CA ALA A 157 -2.03 13.37 5.54
C ALA A 157 -0.71 14.17 5.56
N SER A 158 -0.20 14.48 6.77
CA SER A 158 0.98 15.32 6.92
C SER A 158 2.27 14.65 6.43
N LYS A 159 2.45 13.34 6.66
CA LYS A 159 3.59 12.59 6.10
C LYS A 159 3.44 12.36 4.59
N LEU A 160 2.27 11.93 4.10
CA LEU A 160 2.03 11.71 2.66
C LEU A 160 2.37 12.94 1.80
N ALA A 161 2.03 14.14 2.28
CA ALA A 161 2.28 15.41 1.57
C ALA A 161 3.74 15.89 1.67
N GLU A 162 4.49 15.55 2.73
CA GLU A 162 5.91 15.91 2.84
C GLU A 162 6.81 14.92 2.08
N ASN A 163 6.41 13.64 2.07
CA ASN A 163 7.05 12.61 1.25
C ASN A 163 6.70 12.76 -0.25
N ASN A 164 5.63 13.51 -0.59
CA ASN A 164 5.17 13.80 -1.96
C ASN A 164 4.73 12.52 -2.72
N ILE A 165 4.04 11.61 -2.02
CA ILE A 165 3.61 10.30 -2.56
C ILE A 165 2.10 10.33 -2.85
N GLN A 166 1.57 9.68 -3.90
CA GLN A 166 0.10 9.57 -4.02
C GLN A 166 -0.43 8.16 -3.69
N PRO A 167 -1.23 7.99 -2.61
CA PRO A 167 -1.93 6.73 -2.37
C PRO A 167 -3.22 6.58 -3.19
N ILE A 168 -3.52 5.34 -3.50
CA ILE A 168 -4.64 4.91 -4.34
C ILE A 168 -5.29 3.70 -3.65
N PHE A 169 -6.50 3.86 -3.12
CA PHE A 169 -7.20 2.77 -2.41
C PHE A 169 -7.71 1.70 -3.37
N VAL A 170 -6.82 0.88 -3.91
CA VAL A 170 -7.15 -0.31 -4.72
C VAL A 170 -7.88 -1.39 -3.89
N VAL A 171 -9.22 -1.38 -3.87
CA VAL A 171 -9.99 -2.28 -2.99
C VAL A 171 -11.21 -2.85 -3.72
N PRO A 172 -11.56 -4.14 -3.57
CA PRO A 172 -12.77 -4.72 -4.13
C PRO A 172 -14.06 -4.04 -3.67
N SER A 173 -15.08 -4.12 -4.52
CA SER A 173 -16.34 -3.38 -4.45
C SER A 173 -17.03 -3.32 -3.07
N ARG A 174 -17.11 -4.43 -2.31
CA ARG A 174 -17.91 -4.50 -1.07
C ARG A 174 -17.61 -3.35 -0.09
N MET A 175 -16.33 -2.98 0.07
CA MET A 175 -15.88 -1.86 0.93
C MET A 175 -15.44 -0.60 0.15
N VAL A 176 -15.64 -0.50 -1.17
CA VAL A 176 -15.17 0.69 -1.93
C VAL A 176 -15.79 1.97 -1.39
N LYS A 177 -17.09 1.98 -1.09
CA LYS A 177 -17.79 3.21 -0.67
C LYS A 177 -17.38 3.74 0.71
N THR A 178 -16.68 2.93 1.53
CA THR A 178 -16.11 3.39 2.81
C THR A 178 -14.67 3.88 2.68
N TYR A 179 -13.91 3.38 1.71
CA TYR A 179 -12.62 3.97 1.36
C TYR A 179 -12.83 5.26 0.55
N GLU A 180 -13.94 5.37 -0.22
CA GLU A 180 -14.38 6.63 -0.85
C GLU A 180 -14.61 7.73 0.20
N LYS A 181 -14.93 7.34 1.45
CA LYS A 181 -15.17 8.31 2.53
C LYS A 181 -13.83 8.82 3.07
N LEU A 182 -12.84 7.94 3.23
CA LEU A 182 -11.55 8.27 3.83
C LEU A 182 -10.64 8.98 2.84
N THR A 183 -10.92 8.88 1.54
CA THR A 183 -10.23 9.73 0.54
C THR A 183 -10.79 11.17 0.60
N THR A 184 -11.91 11.39 1.30
CA THR A 184 -12.41 12.73 1.64
C THR A 184 -11.73 13.22 2.93
N PHE A 185 -11.35 12.28 3.82
CA PHE A 185 -10.58 12.63 5.02
C PHE A 185 -9.09 12.88 4.70
N ILE A 186 -8.55 12.27 3.62
CA ILE A 186 -7.21 12.57 3.07
C ILE A 186 -7.31 12.96 1.58
N PRO A 187 -7.46 14.26 1.27
CA PRO A 187 -7.44 14.80 -0.09
C PRO A 187 -6.16 14.44 -0.87
N LYS A 188 -6.30 14.40 -2.21
CA LYS A 188 -5.34 14.08 -3.28
C LYS A 188 -5.28 12.58 -3.62
N LEU A 189 -5.75 11.73 -2.70
CA LEU A 189 -5.84 10.28 -2.90
C LEU A 189 -6.93 9.96 -3.93
N THR A 190 -6.91 8.73 -4.45
CA THR A 190 -7.98 8.18 -5.27
C THR A 190 -8.44 6.90 -4.58
N ILE A 191 -8.81 5.94 -5.40
CA ILE A 191 -9.51 4.69 -5.10
C ILE A 191 -9.74 3.94 -6.43
N GLY A 192 -9.54 2.63 -6.41
CA GLY A 192 -9.80 1.76 -7.56
C GLY A 192 -10.59 0.53 -7.12
N GLU A 193 -11.50 0.06 -7.95
CA GLU A 193 -12.26 -1.15 -7.73
C GLU A 193 -11.45 -2.31 -8.29
N LEU A 194 -10.61 -2.88 -7.43
CA LEU A 194 -9.94 -4.13 -7.77
C LEU A 194 -10.97 -5.26 -7.99
N SER A 195 -10.79 -6.02 -9.06
CA SER A 195 -11.56 -7.23 -9.40
C SER A 195 -10.64 -8.16 -10.22
N ASP A 196 -11.20 -9.09 -11.00
CA ASP A 196 -10.42 -9.85 -11.99
C ASP A 196 -9.84 -8.90 -13.07
N ASP A 197 -10.49 -7.75 -13.26
CA ASP A 197 -10.07 -6.63 -14.10
C ASP A 197 -9.10 -5.67 -13.39
N SER A 198 -8.05 -5.28 -14.10
CA SER A 198 -7.05 -4.28 -13.70
C SER A 198 -7.29 -2.88 -14.31
N SER A 199 -8.34 -2.73 -15.11
CA SER A 199 -8.62 -1.57 -15.96
C SER A 199 -8.76 -0.25 -15.20
N ASN A 200 -9.66 -0.23 -14.21
CA ASN A 200 -10.00 1.04 -13.53
C ASN A 200 -8.82 1.54 -12.66
N VAL A 201 -8.09 0.61 -12.02
CA VAL A 201 -6.89 0.93 -11.22
C VAL A 201 -5.77 1.50 -12.11
N ALA A 202 -5.46 0.81 -13.22
CA ALA A 202 -4.41 1.25 -14.14
C ALA A 202 -4.79 2.55 -14.85
N GLN A 203 -6.07 2.83 -15.10
CA GLN A 203 -6.52 4.10 -15.70
C GLN A 203 -6.47 5.27 -14.71
N LEU A 204 -6.08 5.07 -13.45
CA LEU A 204 -5.89 6.16 -12.48
C LEU A 204 -4.41 6.45 -12.30
N ILE A 205 -3.57 5.41 -12.41
CA ILE A 205 -2.13 5.62 -12.46
C ILE A 205 -1.79 6.17 -13.85
N ARG A 206 -2.42 5.67 -14.90
CA ARG A 206 -2.28 6.27 -16.24
C ARG A 206 -2.88 7.69 -16.29
N ASN A 207 -3.97 7.96 -15.54
CA ASN A 207 -4.48 9.36 -15.45
C ASN A 207 -3.55 10.28 -14.63
N ALA A 208 -2.74 9.72 -13.72
CA ALA A 208 -1.72 10.47 -13.01
C ALA A 208 -0.48 10.72 -13.89
N TYR A 209 -0.08 9.77 -14.74
CA TYR A 209 1.00 9.98 -15.71
C TYR A 209 0.66 11.10 -16.71
N SER A 210 -0.62 11.28 -17.05
CA SER A 210 -1.06 12.40 -17.91
C SER A 210 -1.08 13.78 -17.20
N LYS A 211 -0.94 13.83 -15.87
CA LYS A 211 -0.72 15.11 -15.15
C LYS A 211 0.70 15.66 -15.42
N LEU A 212 1.71 14.78 -15.54
CA LEU A 212 3.12 15.17 -15.76
C LEU A 212 3.46 15.57 -17.26
N ASP A 1 9.02 10.26 -21.54
CA ASP A 1 9.04 9.29 -20.41
C ASP A 1 9.64 9.94 -19.15
N ASN A 2 8.83 10.14 -18.10
CA ASN A 2 9.28 10.67 -16.80
C ASN A 2 9.66 9.53 -15.83
N SER A 3 10.43 9.83 -14.78
CA SER A 3 10.66 8.88 -13.68
C SER A 3 9.36 8.60 -12.90
N VAL A 4 8.99 7.33 -12.73
CA VAL A 4 7.88 6.88 -11.88
C VAL A 4 8.40 5.85 -10.86
N ASP A 5 7.99 5.99 -9.61
CA ASP A 5 8.18 5.00 -8.55
C ASP A 5 6.81 4.48 -8.15
N LEU A 6 6.54 3.20 -8.44
CA LEU A 6 5.34 2.53 -7.93
C LEU A 6 5.64 1.65 -6.72
N TYR A 7 4.86 1.77 -5.65
CA TYR A 7 4.88 0.85 -4.52
C TYR A 7 3.52 0.21 -4.34
N PHE A 8 3.49 -1.08 -4.64
CA PHE A 8 2.37 -1.98 -4.47
C PHE A 8 2.34 -2.61 -3.07
N LEU A 9 1.39 -2.18 -2.23
CA LEU A 9 1.14 -2.71 -0.88
C LEU A 9 -0.04 -3.68 -0.86
N MET A 10 0.20 -4.93 -0.45
CA MET A 10 -0.82 -5.99 -0.31
C MET A 10 -1.28 -6.31 1.11
N GLY A 11 -2.57 -6.60 1.26
CA GLY A 11 -3.19 -7.17 2.47
C GLY A 11 -3.24 -8.70 2.36
N LEU A 12 -2.52 -9.41 3.23
CA LEU A 12 -2.33 -10.87 3.23
C LEU A 12 -3.26 -11.58 4.24
N SER A 13 -4.47 -11.07 4.41
CA SER A 13 -5.48 -11.61 5.34
C SER A 13 -6.16 -12.88 4.84
N GLY A 14 -6.66 -13.76 5.74
CA GLY A 14 -7.29 -15.03 5.36
C GLY A 14 -8.51 -14.87 4.43
N SER A 15 -9.18 -13.73 4.52
CA SER A 15 -10.24 -13.30 3.59
C SER A 15 -9.75 -13.03 2.16
N ALA A 16 -8.47 -12.69 1.99
CA ALA A 16 -7.83 -12.40 0.70
C ALA A 16 -7.41 -13.66 -0.09
N GLN A 17 -7.58 -14.90 0.41
CA GLN A 17 -7.38 -16.05 -0.47
C GLN A 17 -8.55 -16.10 -1.47
N GLY A 18 -8.25 -16.37 -2.76
CA GLY A 18 -9.19 -16.22 -3.88
C GLY A 18 -8.97 -14.84 -4.51
N HIS A 19 -8.96 -13.80 -3.67
CA HIS A 19 -8.55 -12.44 -4.06
C HIS A 19 -7.04 -12.38 -4.35
N LEU A 20 -6.23 -13.34 -3.86
CA LEU A 20 -4.79 -13.48 -4.12
C LEU A 20 -4.52 -13.38 -5.62
N SER A 21 -5.25 -14.13 -6.45
CA SER A 21 -5.13 -14.02 -7.91
C SER A 21 -5.54 -12.62 -8.44
N ASN A 22 -6.56 -11.97 -7.88
CA ASN A 22 -6.91 -10.57 -8.22
C ASN A 22 -5.77 -9.60 -7.85
N VAL A 23 -5.14 -9.77 -6.69
CA VAL A 23 -3.96 -9.00 -6.22
C VAL A 23 -2.63 -9.64 -6.71
N GLN A 24 -2.70 -10.45 -7.77
CA GLN A 24 -1.55 -10.99 -8.48
C GLN A 24 -1.60 -10.52 -9.94
N THR A 25 -2.76 -10.67 -10.62
CA THR A 25 -2.99 -10.05 -11.94
C THR A 25 -2.85 -8.53 -11.85
N LEU A 26 -3.30 -7.93 -10.75
CA LEU A 26 -3.06 -6.56 -10.36
C LEU A 26 -1.88 -6.64 -9.41
N GLY A 27 -0.81 -6.19 -10.01
CA GLY A 27 0.55 -6.00 -9.51
C GLY A 27 1.47 -6.26 -10.68
N SER A 28 1.25 -7.38 -11.36
CA SER A 28 1.95 -7.80 -12.57
C SER A 28 1.47 -7.04 -13.82
N ASP A 29 0.17 -6.72 -13.92
CA ASP A 29 -0.35 -5.82 -14.95
C ASP A 29 0.14 -4.38 -14.77
N LEU A 30 0.47 -3.97 -13.53
CA LEU A 30 1.09 -2.64 -13.35
C LEU A 30 2.46 -2.62 -14.03
N LEU A 31 3.38 -3.53 -13.66
CA LEU A 31 4.76 -3.57 -14.18
C LEU A 31 4.82 -3.45 -15.71
N LYS A 32 4.09 -4.34 -16.40
CA LYS A 32 4.22 -4.48 -17.85
C LYS A 32 3.65 -3.28 -18.61
N ALA A 33 2.48 -2.78 -18.18
CA ALA A 33 1.89 -1.59 -18.79
C ALA A 33 2.71 -0.32 -18.44
N LEU A 34 3.19 -0.18 -17.19
CA LEU A 34 3.94 1.02 -16.77
C LEU A 34 5.31 1.08 -17.45
N ASN A 35 5.97 -0.06 -17.65
CA ASN A 35 7.24 -0.17 -18.39
C ASN A 35 7.11 0.30 -19.86
N GLU A 36 5.89 0.23 -20.41
CA GLU A 36 5.57 0.68 -21.76
C GLU A 36 5.28 2.19 -21.80
N ILE A 37 4.53 2.70 -20.80
CA ILE A 37 4.31 4.15 -20.62
C ILE A 37 5.64 4.88 -20.28
N SER A 38 6.55 4.26 -19.55
CA SER A 38 7.81 4.91 -19.14
C SER A 38 8.99 3.96 -18.84
N ARG A 39 10.16 4.31 -19.38
CA ARG A 39 11.44 3.58 -19.25
C ARG A 39 11.92 3.46 -17.79
N SER A 40 11.94 4.57 -17.05
CA SER A 40 12.27 4.57 -15.61
C SER A 40 10.97 4.53 -14.77
N GLY A 41 10.42 3.32 -14.62
CA GLY A 41 9.17 2.99 -13.93
C GLY A 41 9.47 1.84 -12.98
N ARG A 42 9.98 2.21 -11.81
CA ARG A 42 10.55 1.31 -10.80
C ARG A 42 9.41 0.81 -9.94
N ILE A 43 9.48 -0.43 -9.47
CA ILE A 43 8.43 -0.99 -8.60
C ILE A 43 8.99 -1.77 -7.41
N GLY A 44 8.31 -1.61 -6.28
CA GLY A 44 8.63 -2.15 -4.95
C GLY A 44 7.39 -2.79 -4.34
N PHE A 45 7.60 -3.79 -3.50
CA PHE A 45 6.55 -4.67 -3.00
C PHE A 45 6.50 -4.79 -1.46
N GLY A 46 5.30 -4.61 -0.88
CA GLY A 46 5.06 -4.71 0.55
C GLY A 46 3.90 -5.65 0.88
N SER A 47 4.02 -6.33 2.01
CA SER A 47 3.00 -7.21 2.59
C SER A 47 2.58 -6.70 3.97
N ILE A 48 1.31 -6.82 4.33
CA ILE A 48 0.77 -6.45 5.64
C ILE A 48 -0.43 -7.35 5.93
N VAL A 49 -0.71 -7.62 7.22
CA VAL A 49 -1.97 -8.29 7.63
C VAL A 49 -2.47 -7.95 9.05
N ASN A 50 -1.60 -7.42 9.92
CA ASN A 50 -1.73 -7.16 11.39
C ASN A 50 -0.70 -7.98 12.21
N MET A 51 0.00 -8.95 11.59
CA MET A 51 1.17 -9.64 12.20
C MET A 51 2.28 -8.60 12.44
N THR A 52 2.47 -7.76 11.41
CA THR A 52 3.23 -6.51 11.20
C THR A 52 3.04 -6.17 9.72
N PHE A 53 3.88 -5.28 9.23
CA PHE A 53 4.11 -4.94 7.84
C PHE A 53 5.50 -5.51 7.52
N GLN A 54 5.65 -6.22 6.40
CA GLN A 54 6.94 -6.66 5.89
C GLN A 54 7.20 -6.06 4.51
N HIS A 55 8.31 -5.34 4.43
CA HIS A 55 8.88 -4.86 3.19
C HIS A 55 9.68 -5.99 2.51
N ILE A 56 9.18 -6.50 1.38
CA ILE A 56 9.73 -7.66 0.68
C ILE A 56 10.73 -7.25 -0.42
N LEU A 57 10.35 -6.36 -1.36
CA LEU A 57 11.18 -5.96 -2.50
C LEU A 57 11.35 -4.43 -2.58
N LYS A 58 12.59 -3.96 -2.59
CA LYS A 58 12.96 -2.54 -2.78
C LYS A 58 12.46 -1.99 -4.14
N LEU A 59 12.23 -0.67 -4.29
CA LEU A 59 11.91 -0.05 -5.60
C LEU A 59 13.05 -0.29 -6.62
N THR A 60 12.81 -1.11 -7.65
CA THR A 60 13.81 -1.49 -8.67
C THR A 60 13.21 -1.63 -10.06
N ALA A 61 14.08 -1.74 -11.07
CA ALA A 61 13.76 -1.86 -12.50
C ALA A 61 13.50 -3.30 -12.97
N ASP A 62 13.77 -4.29 -12.12
CA ASP A 62 13.58 -5.72 -12.36
C ASP A 62 12.12 -6.11 -12.11
N SER A 63 11.34 -5.75 -13.11
CA SER A 63 9.91 -6.03 -13.33
C SER A 63 9.70 -7.56 -13.34
N SER A 64 10.53 -8.27 -14.11
CA SER A 64 10.55 -9.73 -14.15
C SER A 64 10.91 -10.34 -12.79
N GLN A 65 11.48 -9.54 -11.86
CA GLN A 65 11.73 -10.04 -10.49
C GLN A 65 10.52 -9.82 -9.57
N PHE A 66 9.87 -8.66 -9.64
CA PHE A 66 8.62 -8.41 -8.93
C PHE A 66 7.53 -9.43 -9.30
N GLN A 67 7.51 -9.92 -10.55
CA GLN A 67 6.45 -10.82 -11.07
C GLN A 67 6.45 -12.12 -10.29
N ARG A 68 7.66 -12.64 -10.07
CA ARG A 68 7.90 -13.93 -9.44
C ARG A 68 7.69 -13.79 -7.94
N GLU A 69 8.03 -12.62 -7.39
CA GLU A 69 7.97 -12.42 -5.95
C GLU A 69 6.53 -12.08 -5.53
N LEU A 70 5.77 -11.44 -6.42
CA LEU A 70 4.33 -11.26 -6.25
C LEU A 70 3.63 -12.62 -6.34
N ARG A 71 4.04 -13.47 -7.29
CA ARG A 71 3.40 -14.78 -7.49
C ARG A 71 3.63 -15.75 -6.33
N LYS A 72 4.77 -15.66 -5.64
CA LYS A 72 5.12 -16.48 -4.47
C LYS A 72 4.34 -16.15 -3.17
N GLN A 73 3.68 -14.99 -3.09
CA GLN A 73 3.05 -14.52 -1.84
C GLN A 73 1.98 -15.49 -1.32
N LEU A 74 2.00 -15.73 0.01
CA LEU A 74 1.12 -16.69 0.69
C LEU A 74 0.41 -16.01 1.88
N VAL A 75 -0.89 -16.26 1.97
CA VAL A 75 -1.86 -15.65 2.90
C VAL A 75 -1.66 -16.11 4.37
N SER A 76 -1.91 -15.21 5.33
CA SER A 76 -1.94 -15.48 6.78
C SER A 76 -3.37 -15.84 7.29
N GLY A 77 -3.65 -15.76 8.61
CA GLY A 77 -4.97 -16.09 9.19
C GLY A 77 -5.24 -15.49 10.57
N LYS A 78 -6.36 -14.75 10.72
CA LYS A 78 -6.74 -13.97 11.92
C LYS A 78 -8.27 -13.94 12.14
N LEU A 79 -8.71 -13.50 13.34
CA LEU A 79 -10.10 -13.59 13.80
C LEU A 79 -10.93 -12.32 13.54
N ALA A 80 -10.42 -11.14 13.91
CA ALA A 80 -11.10 -9.87 13.67
C ALA A 80 -11.01 -9.45 12.19
N THR A 81 -12.13 -8.97 11.62
CA THR A 81 -12.22 -8.59 10.20
C THR A 81 -11.32 -7.41 9.77
N PRO A 82 -11.15 -6.29 10.51
CA PRO A 82 -10.27 -5.19 10.07
C PRO A 82 -8.79 -5.57 10.10
N LYS A 83 -7.99 -4.97 9.18
CA LYS A 83 -6.52 -5.11 9.15
C LYS A 83 -5.82 -3.86 9.73
N GLY A 84 -4.52 -3.98 10.03
CA GLY A 84 -3.62 -2.88 10.44
C GLY A 84 -2.92 -2.23 9.25
N GLN A 85 -3.68 -1.89 8.20
CA GLN A 85 -3.16 -1.47 6.90
C GLN A 85 -2.46 -0.11 6.92
N LEU A 86 -3.01 0.91 7.58
CA LEU A 86 -2.37 2.22 7.52
C LEU A 86 -1.07 2.29 8.33
N ASP A 87 -0.79 1.36 9.24
CA ASP A 87 0.55 1.24 9.86
C ASP A 87 1.58 1.03 8.75
N ALA A 88 1.34 0.08 7.84
CA ALA A 88 2.15 -0.10 6.63
C ALA A 88 2.20 1.19 5.81
N VAL A 89 1.05 1.85 5.60
CA VAL A 89 1.02 3.14 4.86
C VAL A 89 1.92 4.20 5.50
N VAL A 90 1.97 4.33 6.84
CA VAL A 90 2.94 5.22 7.51
C VAL A 90 4.37 4.80 7.15
N GLN A 91 4.70 3.51 7.36
CA GLN A 91 6.06 3.01 7.17
C GLN A 91 6.50 3.18 5.71
N VAL A 92 5.72 2.70 4.76
CA VAL A 92 6.01 2.85 3.32
C VAL A 92 6.18 4.32 2.92
N ALA A 93 5.53 5.26 3.63
CA ALA A 93 5.67 6.68 3.34
C ALA A 93 6.88 7.38 3.99
N ILE A 94 7.31 6.95 5.18
CA ILE A 94 8.39 7.62 5.96
C ILE A 94 9.77 6.95 5.72
N CYS A 95 9.80 5.64 5.47
CA CYS A 95 11.00 4.80 5.40
C CYS A 95 11.65 4.90 4.00
N LEU A 96 12.04 6.12 3.64
CA LEU A 96 12.49 6.51 2.29
C LEU A 96 13.72 5.71 1.84
N GLY A 97 14.63 5.42 2.76
CA GLY A 97 15.90 4.76 2.46
C GLY A 97 15.77 3.28 2.12
N GLU A 98 14.80 2.60 2.72
CA GLU A 98 14.54 1.18 2.55
C GLU A 98 13.46 0.94 1.49
N ILE A 99 12.40 1.75 1.39
CA ILE A 99 11.49 1.66 0.22
C ILE A 99 12.26 2.03 -1.06
N GLY A 100 13.17 3.01 -0.95
CA GLY A 100 14.07 3.45 -2.02
C GLY A 100 13.48 4.53 -2.92
N TRP A 101 12.56 5.37 -2.42
CA TRP A 101 11.93 6.42 -3.22
C TRP A 101 13.00 7.37 -3.83
N ARG A 102 13.04 7.44 -5.16
CA ARG A 102 13.82 8.38 -5.97
C ARG A 102 13.05 9.71 -6.09
N ASN A 103 13.35 10.51 -7.11
CA ASN A 103 12.52 11.67 -7.50
C ASN A 103 11.34 11.13 -8.37
N GLY A 104 10.68 11.92 -9.23
CA GLY A 104 9.54 11.49 -9.97
C GLY A 104 8.33 11.51 -9.06
N THR A 105 7.31 11.07 -9.74
CA THR A 105 6.01 10.70 -9.17
C THR A 105 6.23 9.44 -8.33
N ARG A 106 5.70 9.41 -7.11
CA ARG A 106 5.88 8.30 -6.15
C ARG A 106 4.48 7.82 -5.85
N PHE A 107 4.23 6.51 -5.83
CA PHE A 107 2.86 6.01 -5.82
C PHE A 107 2.61 4.84 -4.91
N LEU A 108 1.63 4.96 -4.01
CA LEU A 108 1.27 3.86 -3.12
C LEU A 108 -0.05 3.21 -3.55
N VAL A 109 0.00 2.10 -4.28
CA VAL A 109 -1.22 1.31 -4.53
C VAL A 109 -1.47 0.49 -3.28
N LEU A 110 -2.64 0.65 -2.66
CA LEU A 110 -2.98 -0.08 -1.44
C LEU A 110 -4.06 -1.08 -1.80
N VAL A 111 -3.79 -2.37 -1.58
CA VAL A 111 -4.77 -3.44 -1.82
C VAL A 111 -5.24 -4.08 -0.53
N THR A 112 -6.57 -4.23 -0.40
CA THR A 112 -7.23 -4.98 0.69
C THR A 112 -8.58 -5.57 0.22
N ASP A 113 -9.29 -6.29 1.10
CA ASP A 113 -10.63 -6.85 0.90
C ASP A 113 -11.67 -6.44 1.99
N ASN A 114 -11.20 -5.88 3.11
CA ASN A 114 -11.99 -5.60 4.32
C ASN A 114 -11.69 -4.21 4.93
N ASP A 115 -12.48 -3.83 5.95
CA ASP A 115 -12.32 -2.59 6.72
C ASP A 115 -10.96 -2.47 7.47
N PHE A 116 -10.80 -1.49 8.36
CA PHE A 116 -9.48 -1.15 8.88
C PHE A 116 -9.46 -0.56 10.30
N HIS A 117 -8.39 -0.89 11.05
CA HIS A 117 -8.12 -0.37 12.39
C HIS A 117 -7.44 1.03 12.39
N LEU A 118 -8.22 2.10 12.48
CA LEU A 118 -7.70 3.47 12.70
C LEU A 118 -7.26 3.72 14.16
N ALA A 119 -6.64 4.89 14.44
CA ALA A 119 -6.19 5.26 15.80
C ALA A 119 -7.27 5.04 16.87
N LYS A 120 -6.80 4.73 18.09
CA LYS A 120 -7.50 4.36 19.33
C LYS A 120 -8.01 2.91 19.37
N ASP A 121 -8.11 2.22 18.24
CA ASP A 121 -8.68 0.86 18.16
C ASP A 121 -7.88 -0.17 18.97
N LYS A 122 -6.54 -0.10 18.99
CA LYS A 122 -5.72 -1.09 19.69
C LYS A 122 -5.48 -0.83 21.19
N THR A 123 -6.21 0.09 21.81
CA THR A 123 -6.24 0.23 23.29
C THR A 123 -6.81 -1.07 23.89
N LEU A 124 -7.64 -1.81 23.14
CA LEU A 124 -8.09 -3.17 23.48
C LEU A 124 -6.92 -4.18 23.56
N GLY A 125 -5.92 -4.02 22.68
CA GLY A 125 -4.63 -4.72 22.70
C GLY A 125 -3.57 -4.05 23.58
N THR A 126 -4.01 -3.26 24.58
CA THR A 126 -3.23 -2.53 25.60
C THR A 126 -2.15 -1.59 25.02
N ARG A 127 -2.38 -1.08 23.80
CA ARG A 127 -1.46 -0.25 23.02
C ARG A 127 -1.88 1.24 23.11
N GLN A 128 -1.42 1.94 24.15
CA GLN A 128 -1.82 3.32 24.46
C GLN A 128 -1.08 4.38 23.62
N ASN A 129 0.25 4.24 23.49
CA ASN A 129 1.13 5.26 22.91
C ASN A 129 0.75 5.56 21.45
N THR A 130 0.40 6.81 21.08
CA THR A 130 0.04 7.18 19.69
C THR A 130 1.28 7.11 18.77
N SER A 131 1.11 6.69 17.51
CA SER A 131 2.24 6.65 16.56
C SER A 131 2.88 8.04 16.37
N ASP A 132 4.21 8.09 16.48
CA ASP A 132 5.02 9.28 16.26
C ASP A 132 5.23 9.64 14.77
N GLY A 133 4.85 8.74 13.85
CA GLY A 133 4.98 8.94 12.41
C GLY A 133 6.42 8.87 11.89
N ARG A 134 7.34 8.22 12.61
CA ARG A 134 8.76 8.04 12.26
C ARG A 134 9.05 6.65 11.65
N CYS A 135 10.25 6.47 11.06
CA CYS A 135 10.73 5.17 10.59
C CYS A 135 11.04 4.22 11.76
N HIS A 136 10.62 2.95 11.62
CA HIS A 136 10.77 1.86 12.60
C HIS A 136 10.92 0.47 11.91
N LEU A 137 11.62 0.42 10.77
CA LEU A 137 11.88 -0.80 10.01
C LEU A 137 13.32 -1.29 10.23
N ASP A 138 13.47 -2.60 10.44
CA ASP A 138 14.76 -3.31 10.48
C ASP A 138 14.57 -4.79 10.12
N ASP A 139 15.44 -5.32 9.26
CA ASP A 139 15.33 -6.65 8.61
C ASP A 139 13.96 -6.85 7.89
N GLY A 140 13.37 -5.73 7.44
CA GLY A 140 12.12 -5.67 6.69
C GLY A 140 10.86 -5.59 7.54
N MET A 141 10.94 -5.72 8.86
CA MET A 141 9.76 -5.79 9.75
C MET A 141 9.43 -4.45 10.43
N TYR A 142 8.13 -4.15 10.58
CA TYR A 142 7.64 -3.03 11.40
C TYR A 142 7.71 -3.38 12.91
N ARG A 143 8.90 -3.23 13.49
CA ARG A 143 9.22 -3.58 14.89
C ARG A 143 8.22 -2.98 15.88
N SER A 144 7.88 -1.71 15.69
CA SER A 144 7.08 -0.95 16.66
C SER A 144 5.57 -1.23 16.60
N ARG A 145 5.06 -2.12 15.73
CA ARG A 145 3.65 -2.57 15.76
C ARG A 145 3.16 -2.93 17.19
N GLY A 146 4.00 -3.58 18.01
CA GLY A 146 3.61 -3.99 19.37
C GLY A 146 3.51 -2.84 20.38
N GLU A 147 4.13 -1.68 20.11
CA GLU A 147 4.30 -0.58 21.09
C GLU A 147 3.47 0.69 20.74
N PRO A 148 3.74 1.49 19.68
CA PRO A 148 2.82 2.54 19.24
C PRO A 148 1.57 2.03 18.50
N ASP A 149 0.48 2.75 18.69
CA ASP A 149 -0.84 2.58 18.10
C ASP A 149 -0.96 3.09 16.65
N TYR A 150 -2.06 2.73 15.97
CA TYR A 150 -2.35 3.16 14.60
C TYR A 150 -2.30 4.67 14.45
N GLN A 151 -1.91 5.14 13.25
CA GLN A 151 -1.89 6.56 12.93
C GLN A 151 -3.29 7.19 13.00
N SER A 152 -3.34 8.50 13.17
CA SER A 152 -4.57 9.27 13.02
C SER A 152 -4.68 9.65 11.53
N VAL A 153 -5.89 9.79 10.97
CA VAL A 153 -6.08 10.07 9.52
C VAL A 153 -5.34 11.36 9.10
N VAL A 154 -5.23 12.32 10.02
CA VAL A 154 -4.46 13.58 9.90
C VAL A 154 -2.94 13.35 9.76
N GLN A 155 -2.36 12.34 10.44
CA GLN A 155 -0.92 12.07 10.37
C GLN A 155 -0.53 11.38 9.05
N LEU A 156 -1.46 10.64 8.42
CA LEU A 156 -1.21 10.18 7.05
C LEU A 156 -1.16 11.38 6.11
N ALA A 157 -2.13 12.29 6.21
CA ALA A 157 -2.19 13.50 5.37
C ALA A 157 -0.91 14.36 5.48
N SER A 158 -0.31 14.49 6.66
CA SER A 158 0.94 15.25 6.85
C SER A 158 2.17 14.55 6.24
N LYS A 159 2.42 13.27 6.52
CA LYS A 159 3.59 12.54 5.99
C LYS A 159 3.51 12.26 4.48
N LEU A 160 2.32 11.97 3.95
CA LEU A 160 2.12 11.73 2.51
C LEU A 160 2.32 13.02 1.68
N ALA A 161 1.92 14.18 2.21
CA ALA A 161 2.11 15.48 1.55
C ALA A 161 3.58 15.94 1.55
N GLU A 162 4.36 15.62 2.59
CA GLU A 162 5.76 16.06 2.70
C GLU A 162 6.69 15.18 1.84
N ASN A 163 6.48 13.86 1.88
CA ASN A 163 7.24 12.92 1.04
C ASN A 163 6.65 12.76 -0.39
N ASN A 164 5.54 13.46 -0.70
CA ASN A 164 4.94 13.66 -2.04
C ASN A 164 4.30 12.40 -2.68
N ILE A 165 4.04 11.35 -1.91
CA ILE A 165 3.53 10.05 -2.43
C ILE A 165 2.05 10.17 -2.80
N GLN A 166 1.60 9.57 -3.92
CA GLN A 166 0.18 9.50 -4.30
C GLN A 166 -0.39 8.11 -3.92
N PRO A 167 -1.05 7.93 -2.76
CA PRO A 167 -1.79 6.69 -2.51
C PRO A 167 -3.09 6.57 -3.29
N ILE A 168 -3.40 5.32 -3.69
CA ILE A 168 -4.69 4.93 -4.26
C ILE A 168 -5.23 3.68 -3.55
N PHE A 169 -6.39 3.82 -2.90
CA PHE A 169 -7.03 2.69 -2.23
C PHE A 169 -7.77 1.75 -3.18
N VAL A 170 -7.00 0.94 -3.89
CA VAL A 170 -7.51 -0.18 -4.69
C VAL A 170 -8.18 -1.29 -3.82
N VAL A 171 -9.51 -1.32 -3.81
CA VAL A 171 -10.31 -2.15 -2.87
C VAL A 171 -11.58 -2.71 -3.55
N PRO A 172 -12.22 -3.81 -3.08
CA PRO A 172 -13.30 -4.47 -3.78
C PRO A 172 -14.60 -3.67 -3.69
N SER A 173 -15.57 -4.02 -4.54
CA SER A 173 -16.86 -3.33 -4.65
C SER A 173 -17.59 -3.16 -3.31
N ARG A 174 -17.55 -4.19 -2.43
CA ARG A 174 -18.17 -4.13 -1.10
C ARG A 174 -17.58 -3.06 -0.16
N MET A 175 -16.33 -2.64 -0.40
CA MET A 175 -15.60 -1.64 0.42
C MET A 175 -15.49 -0.23 -0.16
N VAL A 176 -15.61 -0.03 -1.47
CA VAL A 176 -15.28 1.27 -2.12
C VAL A 176 -16.07 2.43 -1.52
N LYS A 177 -17.26 2.16 -0.96
CA LYS A 177 -18.10 3.13 -0.24
C LYS A 177 -17.46 3.69 1.06
N THR A 178 -16.62 2.92 1.74
CA THR A 178 -15.99 3.31 3.03
C THR A 178 -14.63 3.94 2.83
N TYR A 179 -13.85 3.45 1.89
CA TYR A 179 -12.57 4.07 1.57
C TYR A 179 -12.78 5.37 0.81
N GLU A 180 -13.88 5.51 0.04
CA GLU A 180 -14.22 6.81 -0.57
C GLU A 180 -14.60 7.88 0.48
N LYS A 181 -14.80 7.49 1.75
CA LYS A 181 -14.95 8.47 2.87
C LYS A 181 -13.66 8.67 3.70
N LEU A 182 -12.60 7.87 3.45
CA LEU A 182 -11.24 8.07 3.98
C LEU A 182 -10.47 9.01 3.03
N THR A 183 -10.79 9.00 1.73
CA THR A 183 -10.13 9.88 0.71
C THR A 183 -10.80 11.26 0.62
N THR A 184 -12.02 11.41 1.17
CA THR A 184 -12.62 12.76 1.32
C THR A 184 -11.98 13.43 2.54
N PHE A 185 -11.47 12.62 3.49
CA PHE A 185 -10.68 13.14 4.60
C PHE A 185 -9.22 13.39 4.17
N ILE A 186 -8.58 12.45 3.46
CA ILE A 186 -7.16 12.59 3.06
C ILE A 186 -7.07 13.19 1.64
N PRO A 187 -6.68 14.46 1.47
CA PRO A 187 -6.70 15.13 0.17
C PRO A 187 -5.65 14.53 -0.78
N LYS A 188 -5.99 14.52 -2.08
CA LYS A 188 -5.15 14.16 -3.25
C LYS A 188 -5.10 12.63 -3.51
N LEU A 189 -5.59 11.81 -2.58
CA LEU A 189 -5.67 10.36 -2.77
C LEU A 189 -6.79 10.03 -3.76
N THR A 190 -6.84 8.79 -4.27
CA THR A 190 -7.96 8.29 -5.03
C THR A 190 -8.12 6.83 -4.63
N ILE A 191 -8.81 6.06 -5.45
CA ILE A 191 -9.36 4.71 -5.22
C ILE A 191 -9.66 4.00 -6.53
N GLY A 192 -9.41 2.68 -6.54
CA GLY A 192 -9.83 1.79 -7.63
C GLY A 192 -10.67 0.62 -7.10
N GLU A 193 -11.40 -0.02 -8.00
CA GLU A 193 -12.17 -1.23 -7.76
C GLU A 193 -11.28 -2.42 -8.12
N LEU A 194 -10.73 -3.01 -7.07
CA LEU A 194 -10.04 -4.31 -7.14
C LEU A 194 -11.05 -5.39 -7.57
N SER A 195 -10.70 -6.19 -8.57
CA SER A 195 -11.44 -7.40 -8.99
C SER A 195 -10.61 -8.19 -10.04
N ASP A 196 -11.25 -9.02 -10.86
CA ASP A 196 -10.59 -9.84 -11.89
C ASP A 196 -10.03 -9.03 -13.08
N ASP A 197 -10.50 -7.79 -13.29
CA ASP A 197 -9.96 -6.84 -14.26
C ASP A 197 -9.21 -5.67 -13.58
N SER A 198 -8.02 -5.36 -14.10
CA SER A 198 -7.12 -4.33 -13.58
C SER A 198 -7.34 -2.94 -14.21
N SER A 199 -8.29 -2.82 -15.14
CA SER A 199 -8.52 -1.65 -16.00
C SER A 199 -8.79 -0.37 -15.23
N ASN A 200 -9.67 -0.45 -14.23
CA ASN A 200 -10.19 0.73 -13.53
C ASN A 200 -9.10 1.51 -12.79
N VAL A 201 -8.16 0.85 -12.07
CA VAL A 201 -7.04 1.56 -11.43
C VAL A 201 -5.88 1.84 -12.40
N ALA A 202 -5.60 0.98 -13.38
CA ALA A 202 -4.56 1.31 -14.38
C ALA A 202 -4.92 2.59 -15.15
N GLN A 203 -6.19 2.89 -15.35
CA GLN A 203 -6.67 4.16 -15.95
C GLN A 203 -6.40 5.40 -15.08
N LEU A 204 -6.07 5.22 -13.80
CA LEU A 204 -5.81 6.27 -12.79
C LEU A 204 -4.31 6.40 -12.56
N ILE A 205 -3.61 5.27 -12.63
CA ILE A 205 -2.14 5.20 -12.60
C ILE A 205 -1.61 5.82 -13.90
N ARG A 206 -2.32 5.54 -15.01
CA ARG A 206 -2.07 6.15 -16.31
C ARG A 206 -2.54 7.60 -16.32
N ASN A 207 -3.72 7.91 -15.76
CA ASN A 207 -4.16 9.33 -15.80
C ASN A 207 -3.46 10.25 -14.78
N ALA A 208 -2.74 9.67 -13.81
CA ALA A 208 -1.83 10.40 -12.91
C ALA A 208 -0.46 10.59 -13.59
N TYR A 209 -0.03 9.65 -14.45
CA TYR A 209 1.16 9.82 -15.30
C TYR A 209 0.94 10.94 -16.34
N SER A 210 -0.23 10.96 -17.02
CA SER A 210 -0.53 11.97 -18.04
C SER A 210 -0.71 13.40 -17.47
N LYS A 211 -0.75 13.57 -16.14
CA LYS A 211 -0.83 14.88 -15.49
C LYS A 211 0.49 15.69 -15.55
N LEU A 212 1.66 15.03 -15.53
CA LEU A 212 2.99 15.65 -15.73
C LEU A 212 3.52 15.51 -17.20
N ASP A 1 8.43 9.96 -21.74
CA ASP A 1 8.64 9.10 -20.53
C ASP A 1 9.20 9.93 -19.36
N ASN A 2 8.60 9.79 -18.17
CA ASN A 2 9.01 10.47 -16.93
C ASN A 2 9.30 9.45 -15.81
N SER A 3 10.20 9.74 -14.88
CA SER A 3 10.53 8.84 -13.76
C SER A 3 9.31 8.58 -12.87
N VAL A 4 8.78 7.34 -12.88
CA VAL A 4 7.69 6.89 -12.00
C VAL A 4 8.23 5.87 -11.00
N ASP A 5 7.81 5.97 -9.75
CA ASP A 5 8.03 4.99 -8.70
C ASP A 5 6.67 4.44 -8.24
N LEU A 6 6.42 3.14 -8.41
CA LEU A 6 5.22 2.51 -7.78
C LEU A 6 5.62 1.55 -6.65
N TYR A 7 4.96 1.70 -5.49
CA TYR A 7 5.03 0.75 -4.39
C TYR A 7 3.64 0.15 -4.17
N PHE A 8 3.60 -1.15 -4.44
CA PHE A 8 2.46 -2.04 -4.27
C PHE A 8 2.40 -2.65 -2.86
N LEU A 9 1.44 -2.20 -2.04
CA LEU A 9 1.12 -2.83 -0.73
C LEU A 9 0.00 -3.87 -0.86
N MET A 10 0.27 -5.12 -0.47
CA MET A 10 -0.71 -6.20 -0.40
C MET A 10 -1.22 -6.57 1.00
N GLY A 11 -2.55 -6.69 1.15
CA GLY A 11 -3.20 -7.26 2.33
C GLY A 11 -3.19 -8.80 2.18
N LEU A 12 -2.46 -9.50 3.05
CA LEU A 12 -2.20 -10.97 2.96
C LEU A 12 -3.07 -11.81 3.93
N SER A 13 -4.20 -11.30 4.41
CA SER A 13 -4.95 -11.96 5.49
C SER A 13 -5.90 -13.04 4.98
N GLY A 14 -6.47 -13.88 5.88
CA GLY A 14 -7.24 -15.08 5.51
C GLY A 14 -8.40 -14.80 4.57
N SER A 15 -9.02 -13.63 4.69
CA SER A 15 -10.07 -13.15 3.80
C SER A 15 -9.59 -12.94 2.36
N ALA A 16 -8.34 -12.51 2.17
CA ALA A 16 -7.71 -12.25 0.86
C ALA A 16 -7.31 -13.52 0.08
N GLN A 17 -7.55 -14.72 0.62
CA GLN A 17 -7.22 -16.01 -0.04
C GLN A 17 -7.82 -16.12 -1.45
N GLY A 18 -9.12 -15.81 -1.61
CA GLY A 18 -9.78 -15.81 -2.93
C GLY A 18 -9.41 -14.59 -3.79
N HIS A 19 -9.05 -13.48 -3.15
CA HIS A 19 -8.65 -12.22 -3.79
C HIS A 19 -7.18 -12.20 -4.25
N LEU A 20 -6.34 -13.14 -3.81
CA LEU A 20 -4.91 -13.23 -4.14
C LEU A 20 -4.66 -13.26 -5.64
N SER A 21 -5.40 -14.08 -6.40
CA SER A 21 -5.26 -14.10 -7.87
C SER A 21 -5.56 -12.71 -8.46
N ASN A 22 -6.58 -12.03 -7.94
CA ASN A 22 -6.97 -10.69 -8.36
C ASN A 22 -5.97 -9.60 -7.93
N VAL A 23 -5.11 -9.86 -6.93
CA VAL A 23 -3.98 -8.98 -6.56
C VAL A 23 -2.60 -9.51 -6.96
N GLN A 24 -2.55 -10.52 -7.83
CA GLN A 24 -1.31 -10.93 -8.50
C GLN A 24 -1.44 -10.53 -9.98
N THR A 25 -2.65 -10.57 -10.56
CA THR A 25 -2.93 -9.99 -11.88
C THR A 25 -2.71 -8.48 -11.82
N LEU A 26 -3.29 -7.78 -10.82
CA LEU A 26 -2.96 -6.40 -10.52
C LEU A 26 -1.75 -6.48 -9.61
N GLY A 27 -0.69 -6.20 -10.30
CA GLY A 27 0.68 -5.93 -9.84
C GLY A 27 1.63 -6.30 -10.94
N SER A 28 1.32 -7.41 -11.61
CA SER A 28 2.00 -7.89 -12.81
C SER A 28 1.55 -7.07 -14.03
N ASP A 29 0.23 -6.86 -14.17
CA ASP A 29 -0.37 -6.07 -15.24
C ASP A 29 0.03 -4.60 -15.12
N LEU A 30 0.05 -4.03 -13.90
CA LEU A 30 0.34 -2.59 -13.77
C LEU A 30 1.80 -2.30 -14.14
N LEU A 31 2.71 -3.15 -13.67
CA LEU A 31 4.14 -3.04 -13.91
C LEU A 31 4.45 -3.15 -15.41
N LYS A 32 3.99 -4.22 -16.08
CA LYS A 32 4.25 -4.40 -17.52
C LYS A 32 3.54 -3.37 -18.40
N ALA A 33 2.36 -2.88 -18.01
CA ALA A 33 1.68 -1.78 -18.71
C ALA A 33 2.50 -0.48 -18.65
N LEU A 34 2.96 -0.07 -17.47
CA LEU A 34 3.69 1.19 -17.29
C LEU A 34 5.19 1.11 -17.62
N ASN A 35 5.80 -0.07 -17.77
CA ASN A 35 7.18 -0.20 -18.28
C ASN A 35 7.35 0.36 -19.70
N GLU A 36 6.29 0.28 -20.52
CA GLU A 36 6.31 0.76 -21.90
C GLU A 36 5.75 2.19 -22.03
N ILE A 37 4.85 2.61 -21.13
CA ILE A 37 4.46 4.04 -21.05
C ILE A 37 5.61 4.86 -20.44
N SER A 38 6.44 4.26 -19.58
CA SER A 38 7.69 4.88 -19.11
C SER A 38 8.84 3.89 -18.81
N ARG A 39 10.00 4.17 -19.42
CA ARG A 39 11.23 3.38 -19.33
C ARG A 39 11.88 3.46 -17.94
N SER A 40 11.65 4.56 -17.20
CA SER A 40 12.03 4.74 -15.80
C SER A 40 10.78 4.61 -14.92
N GLY A 41 10.52 3.39 -14.45
CA GLY A 41 9.31 2.93 -13.78
C GLY A 41 9.69 1.86 -12.77
N ARG A 42 10.09 2.28 -11.56
CA ARG A 42 10.66 1.39 -10.56
C ARG A 42 9.55 0.86 -9.66
N ILE A 43 9.58 -0.44 -9.39
CA ILE A 43 8.51 -1.17 -8.70
C ILE A 43 9.01 -1.73 -7.36
N GLY A 44 8.18 -1.66 -6.32
CA GLY A 44 8.44 -2.27 -5.01
C GLY A 44 7.22 -2.95 -4.42
N PHE A 45 7.48 -3.86 -3.48
CA PHE A 45 6.52 -4.80 -2.92
C PHE A 45 6.53 -4.87 -1.39
N GLY A 46 5.35 -4.73 -0.76
CA GLY A 46 5.16 -4.83 0.69
C GLY A 46 3.99 -5.73 1.09
N SER A 47 4.16 -6.44 2.20
CA SER A 47 3.19 -7.40 2.75
C SER A 47 2.64 -6.93 4.09
N ILE A 48 1.33 -7.04 4.34
CA ILE A 48 0.73 -6.58 5.60
C ILE A 48 -0.60 -7.30 5.90
N VAL A 49 -0.91 -7.45 7.21
CA VAL A 49 -2.11 -8.18 7.73
C VAL A 49 -2.57 -7.60 9.07
N ASN A 50 -1.74 -7.78 10.10
CA ASN A 50 -1.68 -7.25 11.47
C ASN A 50 -0.64 -8.00 12.34
N MET A 51 -0.16 -9.16 11.85
CA MET A 51 1.04 -9.86 12.36
C MET A 51 2.18 -8.82 12.47
N THR A 52 2.21 -7.93 11.45
CA THR A 52 2.95 -6.66 11.24
C THR A 52 2.90 -6.29 9.74
N PHE A 53 3.78 -5.39 9.33
CA PHE A 53 4.11 -5.03 7.94
C PHE A 53 5.51 -5.61 7.68
N GLN A 54 5.71 -6.30 6.55
CA GLN A 54 7.03 -6.69 6.12
C GLN A 54 7.25 -6.26 4.67
N HIS A 55 8.34 -5.52 4.47
CA HIS A 55 8.88 -5.17 3.18
C HIS A 55 9.71 -6.34 2.60
N ILE A 56 9.50 -6.72 1.33
CA ILE A 56 10.28 -7.82 0.69
C ILE A 56 10.94 -7.46 -0.66
N LEU A 57 10.54 -6.39 -1.36
CA LEU A 57 11.21 -5.98 -2.61
C LEU A 57 11.29 -4.45 -2.76
N LYS A 58 12.49 -3.89 -2.62
CA LYS A 58 12.79 -2.46 -2.79
C LYS A 58 12.50 -1.97 -4.23
N LEU A 59 12.21 -0.66 -4.43
CA LEU A 59 12.02 -0.07 -5.75
C LEU A 59 13.17 -0.42 -6.72
N THR A 60 12.89 -1.23 -7.76
CA THR A 60 13.86 -1.63 -8.80
C THR A 60 13.20 -1.74 -10.18
N ALA A 61 14.01 -1.93 -11.22
CA ALA A 61 13.61 -1.86 -12.63
C ALA A 61 13.55 -3.23 -13.37
N ASP A 62 13.99 -4.30 -12.71
CA ASP A 62 13.86 -5.69 -13.14
C ASP A 62 12.51 -6.18 -12.61
N SER A 63 11.58 -6.03 -13.52
CA SER A 63 10.14 -6.13 -13.44
C SER A 63 9.63 -7.57 -13.39
N SER A 64 10.19 -8.44 -14.23
CA SER A 64 9.94 -9.89 -14.15
C SER A 64 10.40 -10.43 -12.78
N GLN A 65 11.31 -9.72 -12.08
CA GLN A 65 11.72 -10.15 -10.74
C GLN A 65 10.58 -9.92 -9.73
N PHE A 66 10.02 -8.70 -9.69
CA PHE A 66 8.83 -8.39 -8.92
C PHE A 66 7.67 -9.33 -9.25
N GLN A 67 7.52 -9.72 -10.50
CA GLN A 67 6.36 -10.47 -11.01
C GLN A 67 6.37 -11.89 -10.41
N ARG A 68 7.57 -12.48 -10.31
CA ARG A 68 7.81 -13.79 -9.70
C ARG A 68 7.65 -13.70 -8.19
N GLU A 69 8.01 -12.55 -7.60
CA GLU A 69 8.04 -12.36 -6.14
C GLU A 69 6.64 -12.09 -5.63
N LEU A 70 5.83 -11.48 -6.48
CA LEU A 70 4.42 -11.24 -6.25
C LEU A 70 3.69 -12.58 -6.28
N ARG A 71 3.83 -13.36 -7.36
CA ARG A 71 2.92 -14.54 -7.48
C ARG A 71 3.24 -15.73 -6.55
N LYS A 72 4.43 -15.80 -5.95
CA LYS A 72 4.73 -16.78 -4.87
C LYS A 72 4.34 -16.30 -3.45
N GLN A 73 3.74 -15.12 -3.29
CA GLN A 73 3.18 -14.70 -2.00
C GLN A 73 2.08 -15.67 -1.52
N LEU A 74 1.88 -15.68 -0.19
CA LEU A 74 0.96 -16.58 0.51
C LEU A 74 0.24 -15.84 1.64
N VAL A 75 -0.93 -16.36 2.03
CA VAL A 75 -1.88 -15.71 2.93
C VAL A 75 -1.80 -16.31 4.35
N SER A 76 -1.92 -15.46 5.38
CA SER A 76 -1.93 -15.83 6.80
C SER A 76 -3.38 -16.02 7.36
N GLY A 77 -3.64 -15.63 8.62
CA GLY A 77 -4.97 -15.70 9.25
C GLY A 77 -5.10 -14.89 10.54
N LYS A 78 -6.29 -14.31 10.75
CA LYS A 78 -6.69 -13.56 11.96
C LYS A 78 -8.20 -13.69 12.28
N LEU A 79 -8.60 -13.33 13.51
CA LEU A 79 -9.99 -13.25 13.96
C LEU A 79 -10.71 -12.00 13.41
N ALA A 80 -10.21 -10.80 13.72
CA ALA A 80 -10.86 -9.53 13.39
C ALA A 80 -10.88 -9.27 11.87
N THR A 81 -12.03 -8.80 11.33
CA THR A 81 -12.16 -8.45 9.91
C THR A 81 -11.48 -7.12 9.54
N PRO A 82 -11.43 -6.06 10.38
CA PRO A 82 -10.58 -4.91 10.09
C PRO A 82 -9.12 -5.32 10.23
N LYS A 83 -8.27 -4.83 9.34
CA LYS A 83 -6.84 -5.18 9.28
C LYS A 83 -5.94 -4.06 9.84
N GLY A 84 -4.61 -4.24 9.80
CA GLY A 84 -3.61 -3.27 10.29
C GLY A 84 -3.06 -2.32 9.23
N GLN A 85 -3.67 -2.32 8.04
CA GLN A 85 -3.24 -1.67 6.77
C GLN A 85 -2.51 -0.32 6.84
N LEU A 86 -3.07 0.74 7.47
CA LEU A 86 -2.39 2.06 7.40
C LEU A 86 -1.06 2.08 8.16
N ASP A 87 -0.77 1.15 9.07
CA ASP A 87 0.58 1.02 9.64
C ASP A 87 1.64 0.65 8.58
N ALA A 88 1.27 0.01 7.46
CA ALA A 88 2.22 -0.09 6.36
C ALA A 88 2.24 1.25 5.61
N VAL A 89 1.08 1.84 5.36
CA VAL A 89 0.96 3.14 4.66
C VAL A 89 1.83 4.22 5.32
N VAL A 90 1.90 4.30 6.66
CA VAL A 90 2.86 5.19 7.34
C VAL A 90 4.31 4.77 7.05
N GLN A 91 4.69 3.52 7.32
CA GLN A 91 6.10 3.10 7.26
C GLN A 91 6.62 3.16 5.83
N VAL A 92 5.83 2.71 4.85
CA VAL A 92 6.12 2.85 3.41
C VAL A 92 6.22 4.32 3.00
N ALA A 93 5.47 5.24 3.61
CA ALA A 93 5.62 6.66 3.31
C ALA A 93 6.99 7.20 3.80
N ILE A 94 7.39 6.91 5.05
CA ILE A 94 8.56 7.56 5.68
C ILE A 94 9.88 6.76 5.62
N CYS A 95 9.89 5.47 5.27
CA CYS A 95 11.13 4.68 5.03
C CYS A 95 11.73 4.95 3.65
N LEU A 96 12.10 6.20 3.41
CA LEU A 96 12.64 6.71 2.14
C LEU A 96 13.81 5.86 1.64
N GLY A 97 14.67 5.44 2.57
CA GLY A 97 15.87 4.65 2.29
C GLY A 97 15.63 3.15 2.05
N GLU A 98 14.61 2.57 2.69
CA GLU A 98 14.31 1.13 2.57
C GLU A 98 13.35 0.87 1.40
N ILE A 99 12.34 1.73 1.20
CA ILE A 99 11.51 1.67 -0.02
C ILE A 99 12.36 2.00 -1.24
N GLY A 100 13.28 2.96 -1.12
CA GLY A 100 14.15 3.41 -2.20
C GLY A 100 13.51 4.49 -3.08
N TRP A 101 12.58 5.29 -2.53
CA TRP A 101 11.90 6.38 -3.25
C TRP A 101 12.90 7.40 -3.83
N ARG A 102 12.73 7.73 -5.12
CA ARG A 102 13.54 8.67 -5.91
C ARG A 102 12.82 10.01 -6.14
N ASN A 103 13.33 10.85 -7.04
CA ASN A 103 12.91 12.26 -7.20
C ASN A 103 11.70 12.51 -8.13
N GLY A 104 11.08 11.50 -8.76
CA GLY A 104 9.97 11.70 -9.68
C GLY A 104 8.63 11.74 -8.92
N THR A 105 7.67 10.99 -9.44
CA THR A 105 6.35 10.77 -8.83
C THR A 105 6.35 9.43 -8.11
N ARG A 106 5.60 9.31 -7.02
CA ARG A 106 5.69 8.17 -6.11
C ARG A 106 4.28 7.68 -5.81
N PHE A 107 3.99 6.40 -6.05
CA PHE A 107 2.64 5.86 -6.02
C PHE A 107 2.48 4.68 -5.08
N LEU A 108 1.76 4.91 -3.99
CA LEU A 108 1.43 3.85 -3.05
C LEU A 108 0.08 3.23 -3.40
N VAL A 109 0.09 2.09 -4.10
CA VAL A 109 -1.16 1.35 -4.37
C VAL A 109 -1.45 0.48 -3.14
N LEU A 110 -2.64 0.64 -2.56
CA LEU A 110 -3.01 -0.04 -1.34
C LEU A 110 -4.05 -1.11 -1.62
N VAL A 111 -3.70 -2.39 -1.47
CA VAL A 111 -4.63 -3.51 -1.55
C VAL A 111 -5.15 -3.92 -0.18
N THR A 112 -6.46 -4.09 -0.11
CA THR A 112 -7.15 -4.73 1.03
C THR A 112 -8.58 -5.07 0.65
N ASP A 113 -9.15 -6.12 1.25
CA ASP A 113 -10.50 -6.62 0.97
C ASP A 113 -11.52 -6.40 2.11
N ASN A 114 -11.11 -5.71 3.18
CA ASN A 114 -11.94 -5.39 4.35
C ASN A 114 -11.70 -3.97 4.90
N ASP A 115 -12.40 -3.63 6.00
CA ASP A 115 -12.19 -2.43 6.80
C ASP A 115 -10.77 -2.36 7.42
N PHE A 116 -10.51 -1.32 8.22
CA PHE A 116 -9.22 -1.03 8.82
C PHE A 116 -9.35 -0.52 10.27
N HIS A 117 -8.36 -0.82 11.12
CA HIS A 117 -8.24 -0.32 12.49
C HIS A 117 -7.66 1.12 12.58
N LEU A 118 -8.49 2.17 12.52
CA LEU A 118 -8.05 3.56 12.70
C LEU A 118 -7.40 3.79 14.09
N ALA A 119 -6.69 4.91 14.26
CA ALA A 119 -6.18 5.36 15.56
C ALA A 119 -7.25 5.29 16.66
N LYS A 120 -6.81 4.86 17.86
CA LYS A 120 -7.58 4.56 19.09
C LYS A 120 -8.08 3.10 19.16
N ASP A 121 -8.00 2.32 18.07
CA ASP A 121 -8.24 0.86 18.11
C ASP A 121 -7.12 0.09 18.84
N LYS A 122 -5.98 0.76 19.14
CA LYS A 122 -4.90 0.29 20.03
C LYS A 122 -5.39 -0.25 21.39
N THR A 123 -6.52 0.30 21.87
CA THR A 123 -7.07 0.14 23.22
C THR A 123 -7.50 -1.28 23.52
N LEU A 124 -7.96 -2.04 22.52
CA LEU A 124 -8.28 -3.47 22.67
C LEU A 124 -7.02 -4.31 22.91
N GLY A 125 -5.89 -3.92 22.31
CA GLY A 125 -4.54 -4.47 22.57
C GLY A 125 -3.83 -3.82 23.77
N THR A 126 -4.53 -2.96 24.54
CA THR A 126 -4.14 -2.31 25.82
C THR A 126 -2.91 -1.38 25.75
N ARG A 127 -2.49 -0.98 24.55
CA ARG A 127 -1.36 -0.05 24.37
C ARG A 127 -1.89 1.37 24.12
N GLN A 128 -1.21 2.40 24.63
CA GLN A 128 -1.71 3.79 24.65
C GLN A 128 -0.78 4.84 24.03
N ASN A 129 0.46 4.50 23.68
CA ASN A 129 1.31 5.41 22.90
C ASN A 129 0.77 5.50 21.46
N THR A 130 0.36 6.69 21.01
CA THR A 130 0.00 6.92 19.60
C THR A 130 1.25 7.04 18.73
N SER A 131 1.10 6.94 17.42
CA SER A 131 2.23 6.90 16.47
C SER A 131 3.06 8.20 16.47
N ASP A 132 4.39 8.08 16.42
CA ASP A 132 5.30 9.23 16.29
C ASP A 132 5.47 9.73 14.84
N GLY A 133 5.02 8.94 13.85
CA GLY A 133 5.12 9.24 12.42
C GLY A 133 6.52 9.06 11.83
N ARG A 134 7.46 8.46 12.58
CA ARG A 134 8.79 8.07 12.09
C ARG A 134 8.86 6.56 11.82
N CYS A 135 10.00 6.09 11.30
CA CYS A 135 10.14 4.72 10.78
C CYS A 135 10.88 3.77 11.72
N HIS A 136 10.43 2.53 11.76
CA HIS A 136 10.82 1.50 12.73
C HIS A 136 10.93 0.08 12.10
N LEU A 137 11.71 -0.06 11.03
CA LEU A 137 12.08 -1.37 10.45
C LEU A 137 13.55 -1.38 9.99
N ASP A 138 14.40 -2.05 10.76
CA ASP A 138 15.82 -2.27 10.45
C ASP A 138 16.02 -3.54 9.62
N ASP A 139 15.37 -4.64 10.03
CA ASP A 139 15.39 -5.97 9.42
C ASP A 139 14.19 -6.25 8.49
N GLY A 140 13.38 -5.22 8.20
CA GLY A 140 12.31 -5.21 7.19
C GLY A 140 10.91 -5.45 7.73
N MET A 141 10.78 -5.89 8.98
CA MET A 141 9.51 -6.01 9.71
C MET A 141 9.28 -4.78 10.60
N TYR A 142 8.08 -4.19 10.56
CA TYR A 142 7.73 -3.03 11.41
C TYR A 142 7.73 -3.39 12.91
N ARG A 143 8.82 -3.06 13.59
CA ARG A 143 9.12 -3.47 14.97
C ARG A 143 8.17 -2.86 16.00
N SER A 144 7.75 -1.61 15.78
CA SER A 144 6.88 -0.91 16.72
C SER A 144 5.38 -1.19 16.52
N ARG A 145 4.99 -2.10 15.60
CA ARG A 145 3.58 -2.57 15.52
C ARG A 145 3.03 -3.02 16.88
N GLY A 146 3.86 -3.76 17.63
CA GLY A 146 3.49 -4.32 18.94
C GLY A 146 3.34 -3.25 20.01
N GLU A 147 4.15 -2.16 19.96
CA GLU A 147 4.09 -1.05 20.93
C GLU A 147 3.10 0.07 20.49
N PRO A 148 3.44 1.14 19.73
CA PRO A 148 2.50 2.20 19.38
C PRO A 148 1.31 1.77 18.49
N ASP A 149 0.25 2.57 18.59
CA ASP A 149 -1.02 2.55 17.84
C ASP A 149 -0.88 2.79 16.33
N TYR A 150 -1.99 2.48 15.65
CA TYR A 150 -2.22 2.86 14.28
C TYR A 150 -2.24 4.40 14.26
N GLN A 151 -1.53 5.02 13.32
CA GLN A 151 -1.60 6.46 13.08
C GLN A 151 -3.01 6.97 12.75
N SER A 152 -3.27 8.25 13.04
CA SER A 152 -4.51 8.93 12.68
C SER A 152 -4.56 9.33 11.20
N VAL A 153 -5.77 9.62 10.68
CA VAL A 153 -5.96 9.94 9.25
C VAL A 153 -5.17 11.18 8.83
N VAL A 154 -5.11 12.21 9.69
CA VAL A 154 -4.37 13.46 9.40
C VAL A 154 -2.87 13.34 9.69
N GLN A 155 -2.40 12.38 10.49
CA GLN A 155 -0.96 12.10 10.59
C GLN A 155 -0.46 11.64 9.21
N LEU A 156 -1.25 10.84 8.47
CA LEU A 156 -0.92 10.52 7.08
C LEU A 156 -1.21 11.62 6.09
N ALA A 157 -2.23 12.48 6.27
CA ALA A 157 -2.39 13.67 5.45
C ALA A 157 -1.11 14.54 5.47
N SER A 158 -0.51 14.70 6.66
CA SER A 158 0.81 15.31 6.83
C SER A 158 1.91 14.48 6.12
N LYS A 159 2.02 13.17 6.41
CA LYS A 159 3.14 12.37 5.94
C LYS A 159 3.15 12.09 4.42
N LEU A 160 1.99 11.85 3.76
CA LEU A 160 1.95 11.68 2.30
C LEU A 160 2.25 13.00 1.57
N ALA A 161 1.86 14.15 2.12
CA ALA A 161 2.21 15.46 1.55
C ALA A 161 3.69 15.85 1.78
N GLU A 162 4.30 15.44 2.90
CA GLU A 162 5.70 15.71 3.26
C GLU A 162 6.63 14.94 2.32
N ASN A 163 6.34 13.64 2.10
CA ASN A 163 7.10 12.77 1.21
C ASN A 163 6.63 12.86 -0.26
N ASN A 164 5.51 13.54 -0.53
CA ASN A 164 4.90 13.70 -1.87
C ASN A 164 4.73 12.36 -2.61
N ILE A 165 4.14 11.40 -1.89
CA ILE A 165 3.71 10.08 -2.42
C ILE A 165 2.20 10.16 -2.58
N GLN A 166 1.59 9.72 -3.70
CA GLN A 166 0.13 9.76 -3.80
C GLN A 166 -0.44 8.33 -3.62
N PRO A 167 -1.20 8.07 -2.53
CA PRO A 167 -1.91 6.82 -2.29
C PRO A 167 -3.07 6.54 -3.27
N ILE A 168 -3.35 5.24 -3.47
CA ILE A 168 -4.47 4.73 -4.27
C ILE A 168 -5.17 3.59 -3.50
N PHE A 169 -6.34 3.81 -2.90
CA PHE A 169 -7.09 2.73 -2.23
C PHE A 169 -7.74 1.75 -3.23
N VAL A 170 -6.94 0.88 -3.83
CA VAL A 170 -7.43 -0.28 -4.63
C VAL A 170 -8.04 -1.37 -3.73
N VAL A 171 -9.37 -1.43 -3.71
CA VAL A 171 -10.15 -2.26 -2.74
C VAL A 171 -11.39 -2.87 -3.42
N PRO A 172 -12.11 -3.87 -2.87
CA PRO A 172 -13.18 -4.55 -3.60
C PRO A 172 -14.45 -3.71 -3.57
N SER A 173 -15.38 -4.00 -4.47
CA SER A 173 -16.64 -3.25 -4.58
C SER A 173 -17.39 -3.17 -3.24
N ARG A 174 -17.43 -4.28 -2.48
CA ARG A 174 -18.11 -4.37 -1.17
C ARG A 174 -17.63 -3.31 -0.15
N MET A 175 -16.33 -3.00 -0.14
CA MET A 175 -15.71 -1.99 0.75
C MET A 175 -15.46 -0.63 0.09
N VAL A 176 -15.62 -0.49 -1.23
CA VAL A 176 -15.16 0.72 -1.94
C VAL A 176 -15.85 1.99 -1.48
N LYS A 177 -17.11 1.91 -1.01
CA LYS A 177 -17.84 3.07 -0.46
C LYS A 177 -17.23 3.63 0.85
N THR A 178 -16.50 2.82 1.61
CA THR A 178 -15.88 3.23 2.89
C THR A 178 -14.57 3.97 2.61
N TYR A 179 -13.78 3.45 1.68
CA TYR A 179 -12.52 4.05 1.24
C TYR A 179 -12.78 5.32 0.43
N GLU A 180 -13.92 5.38 -0.30
CA GLU A 180 -14.41 6.61 -0.93
C GLU A 180 -14.81 7.68 0.12
N LYS A 181 -14.96 7.29 1.39
CA LYS A 181 -15.21 8.24 2.49
C LYS A 181 -13.90 8.60 3.23
N LEU A 182 -12.91 7.70 3.31
CA LEU A 182 -11.59 8.00 3.90
C LEU A 182 -10.79 8.92 2.98
N THR A 183 -11.06 8.89 1.67
CA THR A 183 -10.45 9.82 0.69
C THR A 183 -11.01 11.23 0.83
N THR A 184 -12.21 11.37 1.41
CA THR A 184 -12.75 12.68 1.80
C THR A 184 -11.94 13.24 2.98
N PHE A 185 -11.39 12.37 3.83
CA PHE A 185 -10.50 12.81 4.92
C PHE A 185 -9.02 12.88 4.49
N ILE A 186 -8.63 12.30 3.35
CA ILE A 186 -7.23 12.31 2.84
C ILE A 186 -7.17 12.99 1.45
N PRO A 187 -7.01 14.32 1.37
CA PRO A 187 -6.87 15.05 0.11
C PRO A 187 -5.76 14.49 -0.79
N LYS A 188 -6.08 14.34 -2.08
CA LYS A 188 -5.23 13.92 -3.23
C LYS A 188 -5.10 12.38 -3.39
N LEU A 189 -5.56 11.60 -2.41
CA LEU A 189 -5.70 10.15 -2.54
C LEU A 189 -6.77 9.83 -3.61
N THR A 190 -6.66 8.70 -4.33
CA THR A 190 -7.70 8.20 -5.20
C THR A 190 -7.98 6.78 -4.71
N ILE A 191 -8.75 6.07 -5.47
CA ILE A 191 -9.39 4.80 -5.14
C ILE A 191 -9.84 4.13 -6.44
N GLY A 192 -9.68 2.81 -6.49
CA GLY A 192 -10.22 1.96 -7.55
C GLY A 192 -10.91 0.75 -6.94
N GLU A 193 -11.93 0.22 -7.63
CA GLU A 193 -12.54 -1.04 -7.28
C GLU A 193 -11.83 -2.17 -8.04
N LEU A 194 -10.79 -2.66 -7.38
CA LEU A 194 -10.07 -3.88 -7.76
C LEU A 194 -11.03 -5.08 -7.82
N SER A 195 -10.85 -5.91 -8.84
CA SER A 195 -11.54 -7.18 -9.05
C SER A 195 -10.71 -8.04 -10.04
N ASP A 196 -11.35 -8.94 -10.79
CA ASP A 196 -10.72 -9.77 -11.83
C ASP A 196 -10.02 -8.94 -12.94
N ASP A 197 -10.48 -7.70 -13.19
CA ASP A 197 -9.86 -6.76 -14.13
C ASP A 197 -8.99 -5.68 -13.44
N SER A 198 -7.90 -5.30 -14.11
CA SER A 198 -6.94 -4.27 -13.68
C SER A 198 -7.22 -2.88 -14.29
N SER A 199 -8.13 -2.80 -15.26
CA SER A 199 -8.36 -1.63 -16.11
C SER A 199 -8.76 -0.38 -15.34
N ASN A 200 -9.61 -0.51 -14.31
CA ASN A 200 -10.00 0.66 -13.53
C ASN A 200 -8.80 1.24 -12.75
N VAL A 201 -7.97 0.38 -12.14
CA VAL A 201 -6.82 0.82 -11.31
C VAL A 201 -5.73 1.46 -12.17
N ALA A 202 -5.33 0.80 -13.27
CA ALA A 202 -4.26 1.30 -14.13
C ALA A 202 -4.64 2.59 -14.86
N GLN A 203 -5.93 2.87 -15.05
CA GLN A 203 -6.41 4.13 -15.64
C GLN A 203 -6.30 5.32 -14.67
N LEU A 204 -5.86 5.10 -13.44
CA LEU A 204 -5.69 6.13 -12.39
C LEU A 204 -4.22 6.47 -12.31
N ILE A 205 -3.38 5.43 -12.39
CA ILE A 205 -1.91 5.61 -12.45
C ILE A 205 -1.55 6.18 -13.82
N ARG A 206 -2.20 5.68 -14.88
CA ARG A 206 -2.05 6.27 -16.22
C ARG A 206 -2.69 7.67 -16.30
N ASN A 207 -3.80 7.95 -15.58
CA ASN A 207 -4.31 9.34 -15.54
C ASN A 207 -3.36 10.30 -14.79
N ALA A 208 -2.70 9.83 -13.72
CA ALA A 208 -1.73 10.62 -12.96
C ALA A 208 -0.38 10.79 -13.69
N TYR A 209 -0.02 9.83 -14.56
CA TYR A 209 1.16 9.94 -15.43
C TYR A 209 1.02 11.11 -16.42
N SER A 210 -0.14 11.21 -17.07
CA SER A 210 -0.37 12.26 -18.09
C SER A 210 -0.55 13.68 -17.52
N LYS A 211 -0.76 13.83 -16.20
CA LYS A 211 -0.73 15.15 -15.53
C LYS A 211 0.68 15.72 -15.33
N LEU A 212 1.75 14.94 -15.54
CA LEU A 212 3.16 15.35 -15.32
C LEU A 212 3.78 16.23 -16.45
N ASP A 1 5.60 10.63 -19.41
CA ASP A 1 7.07 10.38 -19.56
C ASP A 1 7.92 10.69 -18.30
N ASN A 2 7.42 11.41 -17.28
CA ASN A 2 8.17 11.67 -16.05
C ASN A 2 8.51 10.38 -15.26
N SER A 3 9.62 10.38 -14.53
CA SER A 3 10.12 9.22 -13.77
C SER A 3 9.13 8.75 -12.70
N VAL A 4 8.55 7.56 -12.87
CA VAL A 4 7.51 6.99 -11.97
C VAL A 4 8.15 6.05 -10.96
N ASP A 5 7.62 6.04 -9.74
CA ASP A 5 7.95 5.11 -8.67
C ASP A 5 6.64 4.47 -8.18
N LEU A 6 6.32 3.25 -8.64
CA LEU A 6 5.11 2.54 -8.17
C LEU A 6 5.41 1.63 -6.97
N TYR A 7 4.72 1.85 -5.85
CA TYR A 7 4.79 0.97 -4.68
C TYR A 7 3.40 0.39 -4.35
N PHE A 8 3.28 -0.87 -4.71
CA PHE A 8 2.07 -1.69 -4.59
C PHE A 8 1.91 -2.36 -3.20
N LEU A 9 0.88 -1.98 -2.43
CA LEU A 9 0.48 -2.63 -1.15
C LEU A 9 -0.67 -3.61 -1.36
N MET A 10 -0.44 -4.88 -1.04
CA MET A 10 -1.51 -5.88 -0.95
C MET A 10 -1.97 -6.15 0.48
N GLY A 11 -3.28 -6.39 0.66
CA GLY A 11 -3.89 -6.89 1.89
C GLY A 11 -4.00 -8.41 1.82
N LEU A 12 -3.06 -9.17 2.41
CA LEU A 12 -2.91 -10.63 2.24
C LEU A 12 -3.81 -11.49 3.16
N SER A 13 -5.03 -11.04 3.50
CA SER A 13 -5.99 -11.87 4.25
C SER A 13 -6.75 -12.88 3.36
N GLY A 14 -7.50 -13.83 3.97
CA GLY A 14 -8.11 -14.99 3.30
C GLY A 14 -8.94 -14.69 2.05
N SER A 15 -9.62 -13.55 2.02
CA SER A 15 -10.40 -13.07 0.85
C SER A 15 -9.50 -12.82 -0.38
N ALA A 16 -8.24 -12.46 -0.18
CA ALA A 16 -7.27 -12.11 -1.23
C ALA A 16 -6.62 -13.31 -1.92
N GLN A 17 -7.01 -14.56 -1.61
CA GLN A 17 -6.55 -15.72 -2.40
C GLN A 17 -7.14 -15.68 -3.82
N GLY A 18 -8.40 -15.21 -3.97
CA GLY A 18 -9.01 -14.94 -5.27
C GLY A 18 -8.38 -13.74 -5.99
N HIS A 19 -7.86 -12.77 -5.23
CA HIS A 19 -7.12 -11.63 -5.77
C HIS A 19 -5.75 -12.03 -6.34
N LEU A 20 -4.93 -12.69 -5.51
CA LEU A 20 -3.52 -12.95 -5.79
C LEU A 20 -3.28 -13.69 -7.11
N SER A 21 -4.07 -14.70 -7.46
CA SER A 21 -3.92 -15.39 -8.75
C SER A 21 -4.01 -14.42 -9.95
N ASN A 22 -5.02 -13.52 -9.95
CA ASN A 22 -5.13 -12.46 -10.95
C ASN A 22 -4.00 -11.42 -10.86
N VAL A 23 -3.42 -11.21 -9.67
CA VAL A 23 -2.27 -10.32 -9.44
C VAL A 23 -0.91 -10.96 -9.87
N GLN A 24 -0.84 -12.26 -10.14
CA GLN A 24 0.38 -13.06 -10.44
C GLN A 24 0.70 -13.13 -11.94
N THR A 25 -0.30 -13.14 -12.81
CA THR A 25 -0.10 -12.94 -14.27
C THR A 25 -0.03 -11.43 -14.53
N LEU A 26 -0.53 -10.62 -13.58
CA LEU A 26 -0.29 -9.23 -13.49
C LEU A 26 1.02 -9.31 -12.66
N GLY A 27 1.43 -8.15 -12.31
CA GLY A 27 2.72 -7.76 -11.71
C GLY A 27 3.78 -7.73 -12.82
N SER A 28 3.68 -8.75 -13.65
CA SER A 28 4.37 -8.91 -14.92
C SER A 28 3.75 -7.95 -15.95
N ASP A 29 2.41 -7.79 -15.94
CA ASP A 29 1.75 -6.80 -16.79
C ASP A 29 1.84 -5.40 -16.15
N LEU A 30 1.93 -5.31 -14.82
CA LEU A 30 2.10 -4.04 -14.10
C LEU A 30 3.43 -3.40 -14.50
N LEU A 31 4.54 -4.14 -14.36
CA LEU A 31 5.87 -3.70 -14.79
C LEU A 31 5.88 -3.41 -16.29
N LYS A 32 5.55 -4.39 -17.15
CA LYS A 32 5.75 -4.24 -18.60
C LYS A 32 4.87 -3.14 -19.21
N ALA A 33 3.64 -2.97 -18.73
CA ALA A 33 2.74 -1.92 -19.22
C ALA A 33 3.08 -0.53 -18.66
N LEU A 34 3.44 -0.38 -17.39
CA LEU A 34 3.87 0.94 -16.87
C LEU A 34 5.28 1.34 -17.33
N ASN A 35 6.12 0.38 -17.75
CA ASN A 35 7.39 0.68 -18.44
C ASN A 35 7.13 1.17 -19.90
N GLU A 36 5.87 1.16 -20.37
CA GLU A 36 5.43 1.74 -21.65
C GLU A 36 4.87 3.17 -21.47
N ILE A 37 4.09 3.47 -20.40
CA ILE A 37 3.69 4.86 -20.10
C ILE A 37 4.90 5.74 -19.71
N SER A 38 5.96 5.14 -19.17
CA SER A 38 7.20 5.86 -18.87
C SER A 38 8.47 5.03 -19.04
N ARG A 39 9.50 5.67 -19.63
CA ARG A 39 10.86 5.15 -19.80
C ARG A 39 11.48 4.71 -18.46
N SER A 40 11.25 5.48 -17.40
CA SER A 40 11.75 5.23 -16.05
C SER A 40 10.56 5.00 -15.09
N GLY A 41 10.41 3.76 -14.62
CA GLY A 41 9.27 3.24 -13.87
C GLY A 41 9.75 2.18 -12.90
N ARG A 42 10.11 2.64 -11.70
CA ARG A 42 10.64 1.81 -10.61
C ARG A 42 9.47 1.08 -9.99
N ILE A 43 9.63 -0.21 -9.67
CA ILE A 43 8.53 -1.07 -9.18
C ILE A 43 8.91 -1.69 -7.83
N GLY A 44 8.01 -1.66 -6.83
CA GLY A 44 8.19 -2.25 -5.50
C GLY A 44 6.89 -2.83 -4.93
N PHE A 45 7.02 -3.72 -3.94
CA PHE A 45 5.92 -4.54 -3.43
C PHE A 45 5.93 -4.66 -1.89
N GLY A 46 4.76 -4.51 -1.25
CA GLY A 46 4.58 -4.57 0.20
C GLY A 46 3.35 -5.39 0.60
N SER A 47 3.46 -6.07 1.73
CA SER A 47 2.43 -6.97 2.25
C SER A 47 1.91 -6.51 3.61
N ILE A 48 0.60 -6.43 3.80
CA ILE A 48 -0.01 -6.10 5.10
C ILE A 48 -1.27 -6.94 5.38
N VAL A 49 -1.52 -7.24 6.66
CA VAL A 49 -2.76 -7.84 7.21
C VAL A 49 -2.84 -7.26 8.63
N ASN A 50 -2.60 -8.08 9.65
CA ASN A 50 -2.40 -7.65 11.03
C ASN A 50 -1.20 -8.40 11.68
N MET A 51 -0.57 -9.33 10.95
CA MET A 51 0.72 -9.98 11.27
C MET A 51 1.87 -9.00 10.90
N THR A 52 1.64 -7.72 11.23
CA THR A 52 2.36 -6.51 10.85
C THR A 52 2.54 -6.35 9.33
N PHE A 53 3.27 -5.31 8.94
CA PHE A 53 3.67 -5.03 7.57
C PHE A 53 4.98 -5.77 7.25
N GLN A 54 5.11 -6.38 6.07
CA GLN A 54 6.39 -6.90 5.59
C GLN A 54 6.74 -6.30 4.23
N HIS A 55 7.89 -5.65 4.20
CA HIS A 55 8.52 -5.06 3.04
C HIS A 55 9.37 -6.11 2.30
N ILE A 56 8.84 -6.68 1.21
CA ILE A 56 9.52 -7.72 0.45
C ILE A 56 10.40 -7.15 -0.68
N LEU A 57 10.16 -5.92 -1.17
CA LEU A 57 10.92 -5.39 -2.31
C LEU A 57 10.96 -3.86 -2.42
N LYS A 58 12.15 -3.29 -2.20
CA LYS A 58 12.47 -1.88 -2.48
C LYS A 58 12.25 -1.55 -3.96
N LEU A 59 11.79 -0.34 -4.30
CA LEU A 59 11.49 -0.02 -5.70
C LEU A 59 12.74 -0.13 -6.55
N THR A 60 12.69 -0.93 -7.62
CA THR A 60 13.84 -1.24 -8.49
C THR A 60 13.49 -1.15 -9.97
N ALA A 61 14.53 -1.07 -10.79
CA ALA A 61 14.50 -1.21 -12.24
C ALA A 61 14.80 -2.68 -12.68
N ASP A 62 15.05 -3.57 -11.71
CA ASP A 62 15.25 -5.00 -11.86
C ASP A 62 13.88 -5.71 -11.82
N SER A 63 13.30 -5.68 -12.99
CA SER A 63 12.00 -6.17 -13.44
C SER A 63 11.92 -7.69 -13.28
N SER A 64 13.01 -8.37 -13.62
CA SER A 64 13.24 -9.79 -13.37
C SER A 64 13.29 -10.10 -11.86
N GLN A 65 13.46 -9.09 -10.99
CA GLN A 65 13.40 -9.33 -9.53
C GLN A 65 11.95 -9.26 -9.05
N PHE A 66 11.23 -8.19 -9.40
CA PHE A 66 9.84 -7.96 -9.01
C PHE A 66 8.92 -9.12 -9.38
N GLN A 67 9.25 -9.85 -10.45
CA GLN A 67 8.42 -10.92 -11.00
C GLN A 67 8.67 -12.28 -10.32
N ARG A 68 9.76 -12.40 -9.54
CA ARG A 68 10.01 -13.53 -8.66
C ARG A 68 9.36 -13.22 -7.31
N GLU A 69 9.47 -11.96 -6.89
CA GLU A 69 9.10 -11.56 -5.53
C GLU A 69 7.58 -11.53 -5.43
N LEU A 70 6.91 -10.99 -6.46
CA LEU A 70 5.45 -10.98 -6.51
C LEU A 70 4.89 -12.40 -6.67
N ARG A 71 5.59 -13.29 -7.41
CA ARG A 71 5.06 -14.66 -7.58
C ARG A 71 5.24 -15.54 -6.33
N LYS A 72 6.13 -15.16 -5.39
CA LYS A 72 6.43 -15.93 -4.17
C LYS A 72 5.37 -15.84 -3.06
N GLN A 73 4.86 -14.64 -2.72
CA GLN A 73 4.02 -14.48 -1.52
C GLN A 73 2.72 -15.32 -1.56
N LEU A 74 2.10 -15.50 -0.39
CA LEU A 74 0.85 -16.26 -0.21
C LEU A 74 0.08 -15.73 1.01
N VAL A 75 -1.25 -15.87 0.97
CA VAL A 75 -2.25 -15.29 1.87
C VAL A 75 -2.30 -15.95 3.26
N SER A 76 -2.55 -15.16 4.30
CA SER A 76 -2.78 -15.60 5.70
C SER A 76 -4.27 -15.42 6.13
N GLY A 77 -4.56 -15.22 7.42
CA GLY A 77 -5.92 -15.04 7.95
C GLY A 77 -5.97 -14.43 9.37
N LYS A 78 -7.13 -13.87 9.75
CA LYS A 78 -7.37 -13.30 11.08
C LYS A 78 -8.88 -13.25 11.49
N LEU A 79 -9.10 -13.20 12.81
CA LEU A 79 -10.38 -13.09 13.51
C LEU A 79 -11.20 -11.86 13.10
N ALA A 80 -10.69 -10.64 13.35
CA ALA A 80 -11.42 -9.38 13.15
C ALA A 80 -11.62 -8.99 11.67
N THR A 81 -12.73 -8.30 11.37
CA THR A 81 -13.10 -7.82 10.03
C THR A 81 -12.23 -6.65 9.54
N PRO A 82 -11.96 -5.57 10.32
CA PRO A 82 -10.97 -4.58 9.94
C PRO A 82 -9.53 -5.07 10.13
N LYS A 83 -8.60 -4.50 9.36
CA LYS A 83 -7.16 -4.84 9.35
C LYS A 83 -6.23 -3.59 9.43
N GLY A 84 -4.90 -3.79 9.44
CA GLY A 84 -3.87 -2.76 9.75
C GLY A 84 -3.20 -1.99 8.61
N GLN A 85 -3.90 -1.70 7.51
CA GLN A 85 -3.37 -0.99 6.32
C GLN A 85 -2.65 0.32 6.66
N LEU A 86 -3.09 1.03 7.71
CA LEU A 86 -2.54 2.33 8.07
C LEU A 86 -1.07 2.27 8.47
N ASP A 87 -0.71 1.26 9.27
CA ASP A 87 0.67 1.01 9.67
C ASP A 87 1.55 0.82 8.43
N ALA A 88 1.09 0.01 7.47
CA ALA A 88 1.78 -0.13 6.19
C ALA A 88 1.88 1.21 5.47
N VAL A 89 0.76 1.89 5.17
CA VAL A 89 0.84 3.10 4.32
C VAL A 89 1.62 4.25 4.97
N VAL A 90 1.71 4.30 6.31
CA VAL A 90 2.61 5.23 7.02
C VAL A 90 4.07 4.76 6.97
N GLN A 91 4.38 3.51 7.34
CA GLN A 91 5.76 3.01 7.25
C GLN A 91 6.29 3.14 5.82
N VAL A 92 5.46 2.82 4.83
CA VAL A 92 5.82 2.96 3.42
C VAL A 92 6.21 4.39 3.06
N ALA A 93 5.51 5.39 3.61
CA ALA A 93 5.80 6.81 3.36
C ALA A 93 7.11 7.29 3.99
N ILE A 94 7.49 6.74 5.15
CA ILE A 94 8.60 7.24 5.97
C ILE A 94 9.90 6.42 5.84
N CYS A 95 9.87 5.20 5.28
CA CYS A 95 11.04 4.33 5.07
C CYS A 95 11.80 4.65 3.79
N LEU A 96 12.24 5.91 3.65
CA LEU A 96 12.80 6.49 2.43
C LEU A 96 13.99 5.68 1.90
N GLY A 97 14.82 5.19 2.83
CA GLY A 97 16.05 4.44 2.54
C GLY A 97 15.85 2.94 2.34
N GLU A 98 14.76 2.36 2.87
CA GLU A 98 14.45 0.93 2.72
C GLU A 98 13.55 0.68 1.51
N ILE A 99 12.56 1.54 1.25
CA ILE A 99 11.71 1.44 0.06
C ILE A 99 12.40 2.07 -1.16
N GLY A 100 13.27 3.07 -0.98
CA GLY A 100 14.14 3.59 -2.04
C GLY A 100 13.52 4.68 -2.92
N TRP A 101 12.51 5.40 -2.41
CA TRP A 101 11.87 6.53 -3.08
C TRP A 101 12.89 7.55 -3.65
N ARG A 102 12.75 7.92 -4.93
CA ARG A 102 13.50 9.03 -5.58
C ARG A 102 12.59 10.21 -5.96
N ASN A 103 13.19 11.31 -6.41
CA ASN A 103 12.53 12.62 -6.63
C ASN A 103 11.75 12.75 -7.96
N GLY A 104 10.99 11.71 -8.39
CA GLY A 104 10.05 11.78 -9.51
C GLY A 104 8.62 11.99 -8.99
N THR A 105 7.73 11.11 -9.41
CA THR A 105 6.32 10.98 -8.95
C THR A 105 6.18 9.62 -8.28
N ARG A 106 5.55 9.53 -7.09
CA ARG A 106 5.58 8.32 -6.26
C ARG A 106 4.17 7.86 -5.95
N PHE A 107 3.90 6.56 -6.15
CA PHE A 107 2.55 6.00 -6.12
C PHE A 107 2.37 4.81 -5.19
N LEU A 108 1.84 5.12 -4.01
CA LEU A 108 1.42 4.12 -3.03
C LEU A 108 0.03 3.62 -3.43
N VAL A 109 -0.05 2.46 -4.08
CA VAL A 109 -1.34 1.83 -4.41
C VAL A 109 -1.73 0.97 -3.22
N LEU A 110 -2.91 1.16 -2.61
CA LEU A 110 -3.35 0.30 -1.51
C LEU A 110 -4.49 -0.59 -2.01
N VAL A 111 -4.28 -1.91 -2.01
CA VAL A 111 -5.34 -2.90 -2.25
C VAL A 111 -5.79 -3.54 -0.94
N THR A 112 -7.11 -3.53 -0.70
CA THR A 112 -7.75 -4.28 0.41
C THR A 112 -9.27 -4.42 0.16
N ASP A 113 -9.95 -5.33 0.87
CA ASP A 113 -11.38 -5.66 0.67
C ASP A 113 -12.31 -5.47 1.90
N ASN A 114 -11.76 -5.02 3.03
CA ASN A 114 -12.55 -4.65 4.22
C ASN A 114 -12.03 -3.34 4.85
N ASP A 115 -12.77 -2.86 5.85
CA ASP A 115 -12.45 -1.70 6.68
C ASP A 115 -11.06 -1.83 7.35
N PHE A 116 -10.65 -0.78 8.07
CA PHE A 116 -9.35 -0.74 8.72
C PHE A 116 -9.39 0.02 10.06
N HIS A 117 -8.42 -0.28 10.91
CA HIS A 117 -8.29 0.33 12.22
C HIS A 117 -7.64 1.72 12.17
N LEU A 118 -8.24 2.69 12.86
CA LEU A 118 -7.74 4.06 13.06
C LEU A 118 -7.08 4.21 14.45
N ALA A 119 -6.49 5.38 14.72
CA ALA A 119 -5.96 5.72 16.04
C ALA A 119 -6.95 5.42 17.18
N LYS A 120 -6.39 4.86 18.25
CA LYS A 120 -6.98 4.39 19.51
C LYS A 120 -7.59 2.97 19.43
N ASP A 121 -7.79 2.39 18.23
CA ASP A 121 -8.34 1.03 18.10
C ASP A 121 -7.42 -0.06 18.70
N LYS A 122 -6.12 0.19 18.86
CA LYS A 122 -5.20 -0.72 19.57
C LYS A 122 -5.29 -0.65 21.11
N THR A 123 -6.06 0.28 21.71
CA THR A 123 -6.32 0.27 23.17
C THR A 123 -7.21 -0.91 23.59
N LEU A 124 -7.91 -1.55 22.64
CA LEU A 124 -8.61 -2.82 22.84
C LEU A 124 -7.63 -3.97 23.20
N GLY A 125 -6.36 -3.82 22.80
CA GLY A 125 -5.22 -4.66 23.20
C GLY A 125 -4.57 -4.04 24.45
N THR A 126 -3.27 -3.74 24.36
CA THR A 126 -2.44 -3.14 25.44
C THR A 126 -1.69 -1.87 25.02
N ARG A 127 -1.82 -1.43 23.76
CA ARG A 127 -0.99 -0.36 23.18
C ARG A 127 -1.55 1.03 23.51
N GLN A 128 -0.85 1.76 24.37
CA GLN A 128 -1.26 3.08 24.89
C GLN A 128 -0.69 4.28 24.11
N ASN A 129 0.49 4.15 23.49
CA ASN A 129 1.22 5.27 22.92
C ASN A 129 0.80 5.57 21.47
N THR A 130 0.34 6.80 21.20
CA THR A 130 0.10 7.28 19.82
C THR A 130 1.39 7.20 19.00
N SER A 131 1.25 6.87 17.71
CA SER A 131 2.40 6.69 16.81
C SER A 131 3.27 7.94 16.67
N ASP A 132 4.59 7.77 16.60
CA ASP A 132 5.58 8.85 16.52
C ASP A 132 5.76 9.43 15.08
N GLY A 133 5.24 8.74 14.06
CA GLY A 133 5.38 9.11 12.65
C GLY A 133 6.80 8.87 12.10
N ARG A 134 7.64 8.11 12.81
CA ARG A 134 8.96 7.63 12.38
C ARG A 134 8.88 6.19 11.87
N CYS A 135 9.96 5.70 11.25
CA CYS A 135 10.02 4.33 10.72
C CYS A 135 10.76 3.36 11.63
N HIS A 136 10.29 2.11 11.64
CA HIS A 136 10.68 1.04 12.57
C HIS A 136 10.81 -0.32 11.83
N LEU A 137 11.48 -0.29 10.67
CA LEU A 137 11.80 -1.44 9.81
C LEU A 137 13.32 -1.69 9.88
N ASP A 138 13.73 -2.91 10.23
CA ASP A 138 15.12 -3.38 10.18
C ASP A 138 15.27 -4.74 9.48
N ASP A 139 14.45 -5.73 9.85
CA ASP A 139 14.42 -7.08 9.28
C ASP A 139 13.58 -7.20 7.98
N GLY A 140 12.80 -6.16 7.67
CA GLY A 140 11.76 -6.12 6.63
C GLY A 140 10.36 -6.08 7.24
N MET A 141 10.21 -6.55 8.49
CA MET A 141 8.98 -6.45 9.28
C MET A 141 8.88 -5.07 9.95
N TYR A 142 7.66 -4.55 10.10
CA TYR A 142 7.39 -3.37 10.93
C TYR A 142 7.36 -3.76 12.41
N ARG A 143 8.48 -3.52 13.12
CA ARG A 143 8.70 -4.00 14.48
C ARG A 143 7.72 -3.43 15.51
N SER A 144 7.35 -2.15 15.38
CA SER A 144 6.61 -1.44 16.43
C SER A 144 5.07 -1.53 16.37
N ARG A 145 4.44 -2.34 15.51
CA ARG A 145 2.99 -2.61 15.59
C ARG A 145 2.51 -2.94 17.02
N GLY A 146 3.33 -3.72 17.75
CA GLY A 146 3.02 -4.26 19.08
C GLY A 146 3.22 -3.29 20.26
N GLU A 147 3.67 -2.04 20.02
CA GLU A 147 3.84 -1.01 21.07
C GLU A 147 3.09 0.29 20.68
N PRO A 148 3.47 1.03 19.62
CA PRO A 148 2.66 2.12 19.06
C PRO A 148 1.26 1.71 18.58
N ASP A 149 0.34 2.67 18.73
CA ASP A 149 -1.03 2.71 18.21
C ASP A 149 -1.07 2.89 16.67
N TYR A 150 -2.25 2.73 16.04
CA TYR A 150 -2.43 3.13 14.64
C TYR A 150 -2.38 4.67 14.56
N GLN A 151 -2.06 5.19 13.38
CA GLN A 151 -1.87 6.62 13.18
C GLN A 151 -3.22 7.36 13.08
N SER A 152 -3.21 8.67 13.36
CA SER A 152 -4.41 9.51 13.19
C SER A 152 -4.41 10.16 11.80
N VAL A 153 -5.59 10.55 11.28
CA VAL A 153 -5.76 11.03 9.89
C VAL A 153 -4.84 12.21 9.55
N VAL A 154 -4.57 13.08 10.53
CA VAL A 154 -3.68 14.26 10.39
C VAL A 154 -2.20 13.83 10.23
N GLN A 155 -1.77 12.75 10.88
CA GLN A 155 -0.40 12.23 10.78
C GLN A 155 -0.13 11.66 9.37
N LEU A 156 -1.14 11.05 8.74
CA LEU A 156 -1.07 10.56 7.35
C LEU A 156 -0.89 11.72 6.38
N ALA A 157 -1.81 12.69 6.44
CA ALA A 157 -1.85 13.85 5.55
C ALA A 157 -0.55 14.67 5.66
N SER A 158 0.00 14.80 6.86
CA SER A 158 1.32 15.40 7.11
C SER A 158 2.44 14.66 6.36
N LYS A 159 2.82 13.44 6.76
CA LYS A 159 4.02 12.81 6.21
C LYS A 159 3.93 12.45 4.72
N LEU A 160 2.77 12.05 4.19
CA LEU A 160 2.65 11.77 2.75
C LEU A 160 2.71 13.04 1.88
N ALA A 161 2.33 14.22 2.40
CA ALA A 161 2.48 15.50 1.69
C ALA A 161 3.95 15.96 1.58
N GLU A 162 4.73 15.88 2.66
CA GLU A 162 6.13 16.37 2.67
C GLU A 162 7.10 15.35 2.05
N ASN A 163 6.83 14.04 2.13
CA ASN A 163 7.58 13.04 1.35
C ASN A 163 7.04 12.90 -0.09
N ASN A 164 5.93 13.59 -0.43
CA ASN A 164 5.43 13.74 -1.80
C ASN A 164 5.08 12.37 -2.43
N ILE A 165 4.37 11.55 -1.65
CA ILE A 165 3.82 10.25 -2.09
C ILE A 165 2.33 10.45 -2.41
N GLN A 166 1.80 9.90 -3.52
CA GLN A 166 0.34 9.92 -3.73
C GLN A 166 -0.24 8.54 -3.37
N PRO A 167 -1.08 8.42 -2.32
CA PRO A 167 -1.84 7.21 -2.08
C PRO A 167 -3.00 7.08 -3.05
N ILE A 168 -3.30 5.84 -3.45
CA ILE A 168 -4.42 5.48 -4.34
C ILE A 168 -5.21 4.37 -3.65
N PHE A 169 -6.36 4.70 -3.05
CA PHE A 169 -7.19 3.70 -2.34
C PHE A 169 -7.95 2.78 -3.31
N VAL A 170 -7.23 1.85 -3.93
CA VAL A 170 -7.80 0.80 -4.79
C VAL A 170 -8.56 -0.27 -3.95
N VAL A 171 -9.90 -0.16 -3.84
CA VAL A 171 -10.69 -0.98 -2.89
C VAL A 171 -12.10 -1.31 -3.42
N PRO A 172 -12.68 -2.50 -3.13
CA PRO A 172 -13.99 -2.94 -3.61
C PRO A 172 -15.19 -2.09 -3.20
N SER A 173 -16.26 -2.18 -4.00
CA SER A 173 -17.45 -1.32 -3.96
C SER A 173 -18.03 -1.10 -2.54
N ARG A 174 -18.41 -2.17 -1.82
CA ARG A 174 -19.14 -2.07 -0.55
C ARG A 174 -18.41 -1.32 0.58
N MET A 175 -17.10 -1.07 0.45
CA MET A 175 -16.29 -0.25 1.36
C MET A 175 -15.82 1.11 0.77
N VAL A 176 -16.14 1.43 -0.50
CA VAL A 176 -15.55 2.61 -1.17
C VAL A 176 -15.98 3.92 -0.52
N LYS A 177 -17.20 4.02 0.02
CA LYS A 177 -17.66 5.27 0.67
C LYS A 177 -16.95 5.56 2.02
N THR A 178 -16.42 4.53 2.70
CA THR A 178 -15.71 4.68 4.00
C THR A 178 -14.23 4.99 3.82
N TYR A 179 -13.73 4.80 2.60
CA TYR A 179 -12.40 5.24 2.15
C TYR A 179 -12.51 6.59 1.42
N GLU A 180 -13.62 6.85 0.69
CA GLU A 180 -13.86 8.15 0.02
C GLU A 180 -14.11 9.29 1.03
N LYS A 181 -14.61 8.97 2.22
CA LYS A 181 -14.78 9.98 3.29
C LYS A 181 -13.42 10.35 3.90
N LEU A 182 -12.44 9.44 3.78
CA LEU A 182 -11.05 9.62 4.18
C LEU A 182 -10.24 10.31 3.07
N THR A 183 -10.73 10.29 1.82
CA THR A 183 -10.15 11.11 0.72
C THR A 183 -10.70 12.54 0.73
N THR A 184 -11.69 12.80 1.59
CA THR A 184 -12.21 14.13 1.92
C THR A 184 -11.40 14.70 3.08
N PHE A 185 -10.95 13.85 4.02
CA PHE A 185 -10.07 14.31 5.10
C PHE A 185 -8.61 14.44 4.65
N ILE A 186 -8.10 13.55 3.79
CA ILE A 186 -6.71 13.58 3.30
C ILE A 186 -6.70 14.18 1.88
N PRO A 187 -6.11 15.37 1.65
CA PRO A 187 -6.14 16.04 0.35
C PRO A 187 -5.22 15.33 -0.66
N LYS A 188 -5.65 15.32 -1.93
CA LYS A 188 -4.91 14.84 -3.11
C LYS A 188 -4.79 13.30 -3.20
N LEU A 189 -5.42 12.58 -2.27
CA LEU A 189 -5.61 11.12 -2.29
C LEU A 189 -6.69 10.77 -3.34
N THR A 190 -6.55 9.66 -4.09
CA THR A 190 -7.56 9.16 -5.00
C THR A 190 -8.16 7.90 -4.39
N ILE A 191 -8.74 7.09 -5.22
CA ILE A 191 -9.60 5.94 -4.88
C ILE A 191 -10.14 5.28 -6.16
N GLY A 192 -10.12 3.95 -6.20
CA GLY A 192 -10.66 3.16 -7.32
C GLY A 192 -11.59 2.08 -6.79
N GLU A 193 -12.78 1.94 -7.38
CA GLU A 193 -13.74 0.89 -7.03
C GLU A 193 -13.37 -0.41 -7.74
N LEU A 194 -12.38 -1.05 -7.13
CA LEU A 194 -11.87 -2.37 -7.49
C LEU A 194 -12.98 -3.45 -7.54
N SER A 195 -12.75 -4.52 -8.29
CA SER A 195 -13.62 -5.72 -8.25
C SER A 195 -13.19 -6.67 -7.11
N ASP A 196 -14.09 -7.52 -6.63
CA ASP A 196 -13.77 -8.55 -5.62
C ASP A 196 -12.91 -9.71 -6.18
N ASP A 197 -12.66 -9.73 -7.50
CA ASP A 197 -11.71 -10.61 -8.20
C ASP A 197 -10.34 -9.91 -8.45
N SER A 198 -10.35 -8.58 -8.60
CA SER A 198 -9.26 -7.59 -8.62
C SER A 198 -8.38 -7.50 -9.89
N SER A 199 -8.79 -8.14 -10.98
CA SER A 199 -8.16 -7.96 -12.31
C SER A 199 -8.31 -6.55 -12.90
N ASN A 200 -9.17 -5.73 -12.30
CA ASN A 200 -9.31 -4.32 -12.63
C ASN A 200 -8.14 -3.42 -12.13
N VAL A 201 -7.20 -3.89 -11.29
CA VAL A 201 -6.12 -3.05 -10.67
C VAL A 201 -5.35 -2.19 -11.69
N ALA A 202 -4.91 -2.75 -12.83
CA ALA A 202 -4.15 -1.98 -13.83
C ALA A 202 -4.97 -0.84 -14.45
N GLN A 203 -6.28 -1.03 -14.58
CA GLN A 203 -7.18 0.03 -15.12
C GLN A 203 -7.66 1.02 -14.05
N LEU A 204 -6.93 1.10 -12.94
CA LEU A 204 -7.10 2.00 -11.80
C LEU A 204 -5.77 2.66 -11.47
N ILE A 205 -4.67 1.91 -11.60
CA ILE A 205 -3.29 2.42 -11.50
C ILE A 205 -3.01 3.33 -12.69
N ARG A 206 -3.33 2.88 -13.92
CA ARG A 206 -3.19 3.78 -15.09
C ARG A 206 -4.13 4.98 -14.93
N ASN A 207 -5.35 4.77 -14.43
CA ASN A 207 -6.29 5.90 -14.30
C ASN A 207 -5.82 6.93 -13.25
N ALA A 208 -5.25 6.49 -12.13
CA ALA A 208 -4.72 7.34 -11.06
C ALA A 208 -3.44 8.08 -11.49
N TYR A 209 -2.63 7.45 -12.34
CA TYR A 209 -1.44 8.08 -12.95
C TYR A 209 -1.84 9.32 -13.79
N SER A 210 -2.99 9.25 -14.46
CA SER A 210 -3.54 10.38 -15.23
C SER A 210 -4.17 11.49 -14.35
N LYS A 211 -4.69 11.15 -13.15
CA LYS A 211 -5.26 12.16 -12.24
C LYS A 211 -4.19 13.15 -11.72
N LEU A 212 -3.14 12.59 -11.07
CA LEU A 212 -2.03 13.30 -10.38
C LEU A 212 -2.52 14.25 -9.22
N ASP A 1 7.60 12.69 -19.83
CA ASP A 1 8.44 11.49 -19.56
C ASP A 1 9.08 11.55 -18.16
N ASN A 2 8.27 11.64 -17.09
CA ASN A 2 8.76 11.72 -15.72
C ASN A 2 9.05 10.31 -15.18
N SER A 3 10.24 10.08 -14.59
CA SER A 3 10.57 8.80 -13.94
C SER A 3 9.53 8.47 -12.87
N VAL A 4 8.87 7.32 -13.00
CA VAL A 4 7.85 6.82 -12.05
C VAL A 4 8.54 5.89 -11.06
N ASP A 5 7.96 5.75 -9.87
CA ASP A 5 8.37 4.74 -8.91
C ASP A 5 7.17 4.36 -8.02
N LEU A 6 6.57 3.22 -8.35
CA LEU A 6 5.32 2.74 -7.76
C LEU A 6 5.56 1.80 -6.59
N TYR A 7 4.71 1.89 -5.56
CA TYR A 7 4.67 0.94 -4.47
C TYR A 7 3.27 0.35 -4.30
N PHE A 8 3.22 -0.93 -4.63
CA PHE A 8 2.05 -1.79 -4.48
C PHE A 8 1.93 -2.36 -3.06
N LEU A 9 1.04 -1.79 -2.23
CA LEU A 9 0.78 -2.26 -0.86
C LEU A 9 -0.53 -3.07 -0.80
N MET A 10 -0.45 -4.38 -0.52
CA MET A 10 -1.64 -5.27 -0.46
C MET A 10 -1.90 -6.00 0.86
N GLY A 11 -3.20 -6.27 1.11
CA GLY A 11 -3.70 -7.07 2.24
C GLY A 11 -3.56 -8.60 2.01
N LEU A 12 -3.21 -9.34 3.07
CA LEU A 12 -3.04 -10.81 3.08
C LEU A 12 -4.13 -11.52 3.91
N SER A 13 -5.35 -11.02 3.99
CA SER A 13 -6.45 -11.75 4.61
C SER A 13 -7.03 -12.84 3.68
N GLY A 14 -7.80 -13.80 4.22
CA GLY A 14 -8.24 -15.02 3.51
C GLY A 14 -9.07 -14.80 2.25
N SER A 15 -9.70 -13.64 2.07
CA SER A 15 -10.35 -13.26 0.81
C SER A 15 -9.36 -13.02 -0.34
N ALA A 16 -8.11 -12.62 -0.04
CA ALA A 16 -7.12 -12.17 -1.02
C ALA A 16 -6.31 -13.29 -1.70
N GLN A 17 -6.56 -14.58 -1.42
CA GLN A 17 -5.92 -15.65 -2.21
C GLN A 17 -6.45 -15.73 -3.65
N GLY A 18 -7.66 -15.22 -3.93
CA GLY A 18 -8.15 -15.04 -5.30
C GLY A 18 -7.49 -13.84 -5.97
N HIS A 19 -7.26 -12.76 -5.21
CA HIS A 19 -6.56 -11.55 -5.63
C HIS A 19 -5.10 -11.87 -6.02
N LEU A 20 -4.43 -12.70 -5.22
CA LEU A 20 -3.02 -13.08 -5.40
C LEU A 20 -2.76 -13.73 -6.76
N SER A 21 -3.62 -14.63 -7.22
CA SER A 21 -3.47 -15.32 -8.51
C SER A 21 -3.22 -14.35 -9.69
N ASN A 22 -3.97 -13.24 -9.75
CA ASN A 22 -3.91 -12.29 -10.87
C ASN A 22 -2.97 -11.08 -10.65
N VAL A 23 -2.29 -10.97 -9.49
CA VAL A 23 -1.20 -9.98 -9.26
C VAL A 23 0.20 -10.61 -9.40
N GLN A 24 0.28 -11.80 -10.01
CA GLN A 24 1.53 -12.56 -10.19
C GLN A 24 2.08 -12.22 -11.59
N THR A 25 1.17 -12.14 -12.57
CA THR A 25 1.38 -11.59 -13.92
C THR A 25 1.45 -10.04 -13.89
N LEU A 26 1.03 -9.46 -12.76
CA LEU A 26 1.15 -8.04 -12.46
C LEU A 26 2.55 -7.80 -11.96
N GLY A 27 3.29 -7.38 -12.96
CA GLY A 27 4.63 -6.79 -12.91
C GLY A 27 5.12 -6.45 -14.29
N SER A 28 5.03 -7.43 -15.18
CA SER A 28 5.42 -7.33 -16.59
C SER A 28 4.28 -6.72 -17.43
N ASP A 29 3.02 -7.07 -17.12
CA ASP A 29 1.83 -6.41 -17.68
C ASP A 29 1.80 -4.93 -17.30
N LEU A 30 2.21 -4.62 -16.06
CA LEU A 30 2.24 -3.24 -15.57
C LEU A 30 3.25 -2.43 -16.38
N LEU A 31 4.49 -2.91 -16.54
CA LEU A 31 5.50 -2.22 -17.34
C LEU A 31 5.06 -1.98 -18.78
N LYS A 32 4.35 -2.89 -19.44
CA LYS A 32 3.94 -2.68 -20.84
C LYS A 32 3.03 -1.46 -21.00
N ALA A 33 2.12 -1.25 -20.04
CA ALA A 33 1.33 0.00 -20.01
C ALA A 33 2.17 1.20 -19.55
N LEU A 34 3.00 1.05 -18.49
CA LEU A 34 3.76 2.18 -17.94
C LEU A 34 4.95 2.60 -18.82
N ASN A 35 5.40 1.78 -19.77
CA ASN A 35 6.44 2.13 -20.76
C ASN A 35 5.98 3.17 -21.79
N GLU A 36 4.66 3.27 -22.00
CA GLU A 36 4.03 4.35 -22.80
C GLU A 36 4.06 5.66 -22.00
N ILE A 37 3.75 5.55 -20.70
CA ILE A 37 3.84 6.64 -19.73
C ILE A 37 5.27 7.15 -19.55
N SER A 38 6.27 6.25 -19.49
CA SER A 38 7.64 6.62 -19.09
C SER A 38 8.73 5.56 -19.38
N ARG A 39 9.96 6.02 -19.63
CA ARG A 39 11.13 5.15 -19.83
C ARG A 39 11.73 4.56 -18.55
N SER A 40 11.38 5.07 -17.36
CA SER A 40 11.73 4.44 -16.09
C SER A 40 10.55 4.50 -15.10
N GLY A 41 10.26 3.34 -14.49
CA GLY A 41 9.08 3.07 -13.68
C GLY A 41 9.43 1.98 -12.71
N ARG A 42 9.95 2.36 -11.54
CA ARG A 42 10.44 1.41 -10.55
C ARG A 42 9.22 0.75 -9.90
N ILE A 43 9.35 -0.50 -9.49
CA ILE A 43 8.27 -1.23 -8.83
C ILE A 43 8.77 -1.74 -7.47
N GLY A 44 7.96 -1.59 -6.43
CA GLY A 44 8.19 -2.14 -5.09
C GLY A 44 6.90 -2.66 -4.50
N PHE A 45 7.01 -3.52 -3.48
CA PHE A 45 5.88 -4.27 -2.97
C PHE A 45 5.86 -4.37 -1.43
N GLY A 46 4.66 -4.22 -0.85
CA GLY A 46 4.42 -4.34 0.58
C GLY A 46 3.29 -5.29 0.89
N SER A 47 3.44 -5.99 2.01
CA SER A 47 2.49 -6.95 2.54
C SER A 47 1.96 -6.48 3.90
N ILE A 48 0.65 -6.58 4.15
CA ILE A 48 0.01 -6.24 5.44
C ILE A 48 -1.20 -7.13 5.71
N VAL A 49 -1.59 -7.32 6.97
CA VAL A 49 -2.88 -7.95 7.34
C VAL A 49 -3.34 -7.41 8.70
N ASN A 50 -2.55 -7.73 9.74
CA ASN A 50 -2.55 -7.22 11.13
C ASN A 50 -1.48 -7.96 11.96
N MET A 51 -1.04 -9.16 11.50
CA MET A 51 0.15 -9.88 12.01
C MET A 51 1.36 -8.93 12.08
N THR A 52 1.47 -8.02 11.09
CA THR A 52 2.35 -6.84 10.93
C THR A 52 2.30 -6.34 9.48
N PHE A 53 3.16 -5.38 9.16
CA PHE A 53 3.49 -4.90 7.83
C PHE A 53 4.87 -5.52 7.51
N GLN A 54 5.04 -6.13 6.35
CA GLN A 54 6.33 -6.63 5.91
C GLN A 54 6.65 -6.16 4.50
N HIS A 55 7.81 -5.52 4.40
CA HIS A 55 8.40 -4.98 3.19
C HIS A 55 9.38 -6.01 2.59
N ILE A 56 8.99 -6.68 1.51
CA ILE A 56 9.83 -7.69 0.83
C ILE A 56 10.67 -7.03 -0.29
N LEU A 57 10.11 -6.57 -1.42
CA LEU A 57 10.88 -5.89 -2.49
C LEU A 57 10.89 -4.36 -2.39
N LYS A 58 12.10 -3.79 -2.35
CA LYS A 58 12.35 -2.36 -2.51
C LYS A 58 12.03 -1.92 -3.96
N LEU A 59 11.99 -0.62 -4.23
CA LEU A 59 11.78 -0.09 -5.59
C LEU A 59 12.94 -0.54 -6.49
N THR A 60 12.62 -1.23 -7.59
CA THR A 60 13.59 -1.81 -8.54
C THR A 60 13.08 -1.74 -9.98
N ALA A 61 13.96 -1.95 -10.95
CA ALA A 61 13.64 -1.91 -12.39
C ALA A 61 13.42 -3.30 -13.04
N ASP A 62 13.70 -4.38 -12.31
CA ASP A 62 13.43 -5.76 -12.68
C ASP A 62 12.08 -6.19 -12.10
N SER A 63 11.04 -5.80 -12.82
CA SER A 63 9.62 -6.05 -12.54
C SER A 63 9.26 -7.51 -12.82
N SER A 64 10.09 -8.21 -13.60
CA SER A 64 10.00 -9.66 -13.72
C SER A 64 10.41 -10.29 -12.36
N GLN A 65 11.15 -9.55 -11.52
CA GLN A 65 11.52 -10.03 -10.16
C GLN A 65 10.38 -9.78 -9.16
N PHE A 66 9.65 -8.67 -9.31
CA PHE A 66 8.40 -8.40 -8.58
C PHE A 66 7.39 -9.53 -8.78
N GLN A 67 7.47 -10.28 -9.87
CA GLN A 67 6.55 -11.40 -10.13
C GLN A 67 6.96 -12.59 -9.28
N ARG A 68 8.27 -12.83 -9.15
CA ARG A 68 8.83 -14.01 -8.52
C ARG A 68 8.49 -14.02 -7.03
N GLU A 69 8.48 -12.84 -6.43
CA GLU A 69 8.14 -12.76 -4.99
C GLU A 69 6.64 -12.56 -4.78
N LEU A 70 5.92 -12.03 -5.78
CA LEU A 70 4.45 -12.03 -5.74
C LEU A 70 3.93 -13.47 -5.95
N ARG A 71 4.72 -14.36 -6.54
CA ARG A 71 4.42 -15.80 -6.61
C ARG A 71 4.64 -16.54 -5.28
N LYS A 72 5.69 -16.19 -4.51
CA LYS A 72 6.04 -16.91 -3.26
C LYS A 72 5.46 -16.33 -1.95
N GLN A 73 4.92 -15.10 -1.93
CA GLN A 73 4.16 -14.63 -0.75
C GLN A 73 2.95 -15.55 -0.50
N LEU A 74 2.51 -15.69 0.76
CA LEU A 74 1.33 -16.49 1.14
C LEU A 74 0.26 -15.62 1.84
N VAL A 75 -0.97 -16.14 1.88
CA VAL A 75 -2.15 -15.48 2.49
C VAL A 75 -2.37 -15.99 3.92
N SER A 76 -2.80 -15.10 4.80
CA SER A 76 -3.01 -15.29 6.24
C SER A 76 -4.50 -15.20 6.64
N GLY A 77 -4.80 -15.15 7.94
CA GLY A 77 -6.16 -15.00 8.50
C GLY A 77 -6.17 -14.35 9.88
N LYS A 78 -7.30 -13.70 10.19
CA LYS A 78 -7.60 -13.03 11.49
C LYS A 78 -9.12 -13.01 11.76
N LEU A 79 -9.54 -12.82 13.02
CA LEU A 79 -10.98 -12.89 13.40
C LEU A 79 -11.74 -11.57 13.28
N ALA A 80 -11.09 -10.42 13.51
CA ALA A 80 -11.68 -9.09 13.32
C ALA A 80 -11.69 -8.74 11.82
N THR A 81 -12.74 -8.05 11.31
CA THR A 81 -12.78 -7.66 9.89
C THR A 81 -11.83 -6.49 9.54
N PRO A 82 -11.68 -5.41 10.35
CA PRO A 82 -10.78 -4.29 10.03
C PRO A 82 -9.29 -4.69 9.98
N LYS A 83 -8.56 -4.18 8.98
CA LYS A 83 -7.12 -4.36 8.79
C LYS A 83 -6.27 -3.37 9.61
N GLY A 84 -5.01 -3.72 9.91
CA GLY A 84 -4.00 -2.79 10.47
C GLY A 84 -3.26 -2.09 9.33
N GLN A 85 -4.01 -1.61 8.33
CA GLN A 85 -3.47 -1.13 7.05
C GLN A 85 -2.81 0.23 7.11
N LEU A 86 -3.34 1.18 7.87
CA LEU A 86 -2.77 2.52 7.81
C LEU A 86 -1.36 2.54 8.43
N ASP A 87 -1.04 1.70 9.42
CA ASP A 87 0.35 1.53 9.87
C ASP A 87 1.28 1.10 8.72
N ALA A 88 0.85 0.22 7.82
CA ALA A 88 1.62 -0.06 6.62
C ALA A 88 1.78 1.22 5.77
N VAL A 89 0.69 1.96 5.53
CA VAL A 89 0.71 3.29 4.86
C VAL A 89 1.65 4.29 5.57
N VAL A 90 1.84 4.19 6.89
CA VAL A 90 2.83 4.96 7.63
C VAL A 90 4.24 4.60 7.22
N GLN A 91 4.67 3.38 7.47
CA GLN A 91 6.08 3.05 7.29
C GLN A 91 6.48 3.05 5.81
N VAL A 92 5.60 2.67 4.88
CA VAL A 92 5.88 2.84 3.44
C VAL A 92 6.07 4.29 3.01
N ALA A 93 5.56 5.28 3.77
CA ALA A 93 5.82 6.69 3.48
C ALA A 93 7.20 7.15 4.01
N ILE A 94 7.54 6.79 5.25
CA ILE A 94 8.72 7.33 5.96
C ILE A 94 10.01 6.54 5.70
N CYS A 95 9.95 5.30 5.24
CA CYS A 95 11.15 4.48 4.97
C CYS A 95 11.73 4.76 3.58
N LEU A 96 12.12 6.02 3.33
CA LEU A 96 12.76 6.47 2.08
C LEU A 96 13.91 5.55 1.68
N GLY A 97 14.67 5.07 2.67
CA GLY A 97 15.86 4.21 2.49
C GLY A 97 15.57 2.72 2.32
N GLU A 98 14.49 2.19 2.92
CA GLU A 98 14.13 0.77 2.80
C GLU A 98 13.22 0.54 1.59
N ILE A 99 12.20 1.39 1.43
CA ILE A 99 11.34 1.40 0.23
C ILE A 99 12.22 1.69 -0.98
N GLY A 100 13.04 2.74 -0.92
CA GLY A 100 13.90 3.18 -2.02
C GLY A 100 13.30 4.31 -2.87
N TRP A 101 12.46 5.17 -2.27
CA TRP A 101 11.90 6.36 -2.93
C TRP A 101 13.02 7.28 -3.50
N ARG A 102 12.99 7.51 -4.82
CA ARG A 102 13.96 8.35 -5.55
C ARG A 102 13.44 9.79 -5.75
N ASN A 103 13.72 10.47 -6.88
CA ASN A 103 13.44 11.90 -7.08
C ASN A 103 12.20 12.27 -7.91
N GLY A 104 11.52 11.33 -8.61
CA GLY A 104 10.38 11.63 -9.49
C GLY A 104 9.06 11.69 -8.74
N THR A 105 8.09 10.91 -9.22
CA THR A 105 6.71 10.81 -8.71
C THR A 105 6.47 9.43 -8.09
N ARG A 106 5.63 9.30 -7.04
CA ARG A 106 5.56 8.06 -6.27
C ARG A 106 4.16 7.67 -5.89
N PHE A 107 3.82 6.40 -6.12
CA PHE A 107 2.45 5.91 -6.02
C PHE A 107 2.24 4.76 -5.07
N LEU A 108 1.66 5.06 -3.92
CA LEU A 108 1.23 4.03 -2.97
C LEU A 108 -0.15 3.52 -3.34
N VAL A 109 -0.22 2.50 -4.20
CA VAL A 109 -1.53 1.89 -4.50
C VAL A 109 -1.84 0.95 -3.36
N LEU A 110 -3.00 1.16 -2.72
CA LEU A 110 -3.33 0.50 -1.47
C LEU A 110 -4.55 -0.38 -1.66
N VAL A 111 -4.35 -1.71 -1.58
CA VAL A 111 -5.44 -2.68 -1.79
C VAL A 111 -5.86 -3.40 -0.53
N THR A 112 -7.18 -3.45 -0.35
CA THR A 112 -7.88 -4.28 0.68
C THR A 112 -9.38 -4.36 0.38
N ASP A 113 -10.03 -5.38 0.91
CA ASP A 113 -11.44 -5.72 0.66
C ASP A 113 -12.42 -5.41 1.82
N ASN A 114 -11.90 -4.98 2.97
CA ASN A 114 -12.67 -4.62 4.16
C ASN A 114 -12.11 -3.35 4.84
N ASP A 115 -12.73 -2.92 5.95
CA ASP A 115 -12.39 -1.71 6.70
C ASP A 115 -11.00 -1.78 7.38
N PHE A 116 -10.70 -0.80 8.23
CA PHE A 116 -9.39 -0.57 8.81
C PHE A 116 -9.47 -0.05 10.25
N HIS A 117 -8.44 -0.38 11.05
CA HIS A 117 -8.22 0.20 12.36
C HIS A 117 -7.70 1.65 12.24
N LEU A 118 -8.26 2.57 13.02
CA LEU A 118 -7.79 3.94 13.19
C LEU A 118 -7.09 4.08 14.56
N ALA A 119 -6.51 5.25 14.82
CA ALA A 119 -6.01 5.57 16.16
C ALA A 119 -7.09 5.37 17.22
N LYS A 120 -6.66 4.87 18.38
CA LYS A 120 -7.42 4.44 19.56
C LYS A 120 -7.88 2.97 19.46
N ASP A 121 -7.91 2.32 18.28
CA ASP A 121 -8.29 0.91 18.17
C ASP A 121 -7.23 -0.06 18.75
N LYS A 122 -5.97 0.39 18.89
CA LYS A 122 -4.90 -0.45 19.48
C LYS A 122 -5.01 -0.61 21.02
N THR A 123 -5.80 0.22 21.72
CA THR A 123 -6.07 0.05 23.18
C THR A 123 -7.03 -1.11 23.49
N LEU A 124 -7.64 -1.75 22.46
CA LEU A 124 -8.36 -3.02 22.65
C LEU A 124 -7.37 -4.12 23.08
N GLY A 125 -6.08 -3.96 22.75
CA GLY A 125 -4.96 -4.76 23.25
C GLY A 125 -4.43 -4.12 24.54
N THR A 126 -3.13 -3.78 24.57
CA THR A 126 -2.44 -3.14 25.73
C THR A 126 -1.68 -1.86 25.37
N ARG A 127 -1.96 -1.27 24.19
CA ARG A 127 -1.18 -0.18 23.59
C ARG A 127 -1.87 1.18 23.73
N GLN A 128 -1.19 2.18 24.30
CA GLN A 128 -1.75 3.54 24.48
C GLN A 128 -0.86 4.69 24.00
N ASN A 129 0.47 4.52 23.83
CA ASN A 129 1.27 5.56 23.17
C ASN A 129 0.96 5.59 21.67
N THR A 130 0.57 6.76 21.15
CA THR A 130 0.25 6.95 19.72
C THR A 130 1.52 6.99 18.88
N SER A 131 1.46 6.50 17.65
CA SER A 131 2.66 6.41 16.80
C SER A 131 3.26 7.78 16.47
N ASP A 132 4.58 7.83 16.57
CA ASP A 132 5.45 9.01 16.54
C ASP A 132 5.65 9.61 15.14
N GLY A 133 5.21 8.93 14.08
CA GLY A 133 5.36 9.40 12.70
C GLY A 133 6.78 9.26 12.14
N ARG A 134 7.66 8.47 12.77
CA ARG A 134 8.97 8.08 12.25
C ARG A 134 9.01 6.56 11.96
N CYS A 135 10.06 6.08 11.29
CA CYS A 135 10.11 4.70 10.75
C CYS A 135 10.78 3.66 11.67
N HIS A 136 10.37 2.39 11.51
CA HIS A 136 10.72 1.28 12.41
C HIS A 136 10.83 -0.10 11.69
N LEU A 137 11.52 -0.14 10.55
CA LEU A 137 11.91 -1.39 9.86
C LEU A 137 13.37 -1.75 10.25
N ASP A 138 13.68 -3.05 10.25
CA ASP A 138 15.05 -3.56 10.46
C ASP A 138 15.34 -4.79 9.56
N ASP A 139 14.68 -5.92 9.82
CA ASP A 139 14.70 -7.14 9.00
C ASP A 139 13.70 -7.13 7.82
N GLY A 140 12.91 -6.06 7.72
CA GLY A 140 11.82 -5.88 6.75
C GLY A 140 10.41 -5.99 7.35
N MET A 141 10.24 -6.40 8.61
CA MET A 141 8.96 -6.35 9.33
C MET A 141 8.83 -5.04 10.15
N TYR A 142 7.62 -4.51 10.32
CA TYR A 142 7.36 -3.36 11.19
C TYR A 142 7.51 -3.74 12.67
N ARG A 143 8.66 -3.40 13.26
CA ARG A 143 9.01 -3.70 14.66
C ARG A 143 7.97 -3.11 15.62
N SER A 144 7.64 -1.84 15.42
CA SER A 144 6.72 -1.08 16.29
C SER A 144 5.23 -1.44 16.14
N ARG A 145 4.88 -2.49 15.38
CA ARG A 145 3.51 -3.04 15.36
C ARG A 145 3.06 -3.49 16.76
N GLY A 146 3.99 -3.82 17.66
CA GLY A 146 3.69 -4.29 19.02
C GLY A 146 3.37 -3.17 20.01
N GLU A 147 4.14 -2.08 20.01
CA GLU A 147 4.08 -1.03 21.04
C GLU A 147 3.25 0.23 20.65
N PRO A 148 3.57 1.03 19.62
CA PRO A 148 2.69 2.09 19.11
C PRO A 148 1.29 1.67 18.61
N ASP A 149 0.35 2.60 18.76
CA ASP A 149 -1.02 2.61 18.21
C ASP A 149 -1.02 2.94 16.71
N TYR A 150 -2.10 2.61 16.00
CA TYR A 150 -2.32 3.09 14.64
C TYR A 150 -2.36 4.64 14.71
N GLN A 151 -1.64 5.38 13.85
CA GLN A 151 -1.69 6.86 13.94
C GLN A 151 -2.92 7.44 13.22
N SER A 152 -3.30 8.65 13.62
CA SER A 152 -4.49 9.36 13.12
C SER A 152 -4.36 9.78 11.64
N VAL A 153 -5.51 9.89 10.95
CA VAL A 153 -5.53 10.06 9.48
C VAL A 153 -4.87 11.37 8.99
N VAL A 154 -4.83 12.43 9.83
CA VAL A 154 -4.08 13.68 9.54
C VAL A 154 -2.59 13.64 9.95
N GLN A 155 -2.16 12.69 10.79
CA GLN A 155 -0.73 12.45 11.04
C GLN A 155 -0.12 11.82 9.77
N LEU A 156 -0.94 11.11 8.97
CA LEU A 156 -0.55 10.66 7.64
C LEU A 156 -0.75 11.72 6.55
N ALA A 157 -1.76 12.58 6.62
CA ALA A 157 -1.86 13.72 5.68
C ALA A 157 -0.58 14.57 5.65
N SER A 158 0.08 14.78 6.79
CA SER A 158 1.38 15.45 6.85
C SER A 158 2.49 14.61 6.22
N LYS A 159 2.72 13.35 6.64
CA LYS A 159 3.82 12.55 6.07
C LYS A 159 3.67 12.18 4.57
N LEU A 160 2.43 12.04 4.06
CA LEU A 160 2.14 11.88 2.63
C LEU A 160 2.68 13.08 1.82
N ALA A 161 2.29 14.30 2.20
CA ALA A 161 2.66 15.52 1.48
C ALA A 161 4.12 15.96 1.70
N GLU A 162 4.73 15.56 2.81
CA GLU A 162 6.13 15.87 3.16
C GLU A 162 7.10 15.04 2.32
N ASN A 163 6.79 13.76 2.08
CA ASN A 163 7.56 12.88 1.19
C ASN A 163 7.00 12.79 -0.25
N ASN A 164 5.92 13.53 -0.55
CA ASN A 164 5.37 13.75 -1.92
C ASN A 164 4.78 12.47 -2.57
N ILE A 165 4.25 11.55 -1.77
CA ILE A 165 3.67 10.27 -2.25
C ILE A 165 2.18 10.46 -2.56
N GLN A 166 1.68 9.91 -3.67
CA GLN A 166 0.25 9.97 -3.97
C GLN A 166 -0.37 8.58 -3.70
N PRO A 167 -1.01 8.36 -2.52
CA PRO A 167 -1.73 7.12 -2.26
C PRO A 167 -3.08 7.03 -3.00
N ILE A 168 -3.46 5.79 -3.31
CA ILE A 168 -4.64 5.46 -4.11
C ILE A 168 -5.37 4.25 -3.51
N PHE A 169 -6.52 4.48 -2.87
CA PHE A 169 -7.32 3.44 -2.22
C PHE A 169 -8.07 2.54 -3.22
N VAL A 170 -7.34 1.74 -4.01
CA VAL A 170 -7.98 0.67 -4.82
C VAL A 170 -8.64 -0.41 -3.91
N VAL A 171 -9.97 -0.46 -3.87
CA VAL A 171 -10.72 -1.36 -2.96
C VAL A 171 -12.03 -1.83 -3.61
N PRO A 172 -12.47 -3.09 -3.42
CA PRO A 172 -13.74 -3.58 -3.92
C PRO A 172 -14.95 -2.74 -3.49
N SER A 173 -15.97 -2.75 -4.34
CA SER A 173 -17.17 -1.89 -4.29
C SER A 173 -17.79 -1.78 -2.88
N ARG A 174 -17.92 -2.91 -2.17
CA ARG A 174 -18.63 -3.04 -0.88
C ARG A 174 -18.27 -1.94 0.13
N MET A 175 -17.00 -1.51 0.16
CA MET A 175 -16.48 -0.47 1.07
C MET A 175 -15.82 0.71 0.35
N VAL A 176 -16.07 0.95 -0.95
CA VAL A 176 -15.53 2.15 -1.62
C VAL A 176 -16.04 3.42 -0.94
N LYS A 177 -17.30 3.48 -0.46
CA LYS A 177 -17.92 4.73 0.02
C LYS A 177 -17.28 5.31 1.30
N THR A 178 -16.61 4.45 2.09
CA THR A 178 -15.94 4.82 3.35
C THR A 178 -14.48 5.21 3.11
N TYR A 179 -13.82 4.58 2.14
CA TYR A 179 -12.51 5.01 1.67
C TYR A 179 -12.62 6.33 0.89
N GLU A 180 -13.70 6.54 0.11
CA GLU A 180 -13.97 7.85 -0.48
C GLU A 180 -14.49 8.89 0.56
N LYS A 181 -14.69 8.49 1.82
CA LYS A 181 -14.95 9.44 2.91
C LYS A 181 -13.63 9.91 3.53
N LEU A 182 -12.66 9.03 3.78
CA LEU A 182 -11.41 9.39 4.49
C LEU A 182 -10.37 9.98 3.53
N THR A 183 -10.63 9.90 2.22
CA THR A 183 -9.86 10.65 1.22
C THR A 183 -10.36 12.11 1.21
N THR A 184 -11.57 12.40 1.72
CA THR A 184 -11.98 13.80 1.96
C THR A 184 -11.30 14.34 3.24
N PHE A 185 -10.84 13.42 4.11
CA PHE A 185 -9.98 13.76 5.25
C PHE A 185 -8.49 13.84 4.82
N ILE A 186 -8.08 13.16 3.73
CA ILE A 186 -6.74 13.30 3.11
C ILE A 186 -6.85 13.78 1.63
N PRO A 187 -7.07 15.09 1.36
CA PRO A 187 -7.11 15.61 0.00
C PRO A 187 -5.77 15.42 -0.74
N LYS A 188 -5.87 15.10 -2.04
CA LYS A 188 -4.85 14.69 -3.04
C LYS A 188 -4.74 13.14 -3.19
N LEU A 189 -5.20 12.38 -2.20
CA LEU A 189 -5.37 10.92 -2.27
C LEU A 189 -6.58 10.65 -3.22
N THR A 190 -6.72 9.47 -3.83
CA THR A 190 -7.94 9.10 -4.55
C THR A 190 -8.29 7.65 -4.16
N ILE A 191 -9.10 7.02 -4.96
CA ILE A 191 -9.78 5.74 -4.75
C ILE A 191 -9.90 5.02 -6.08
N GLY A 192 -10.03 3.70 -6.00
CA GLY A 192 -10.34 2.86 -7.14
C GLY A 192 -11.37 1.82 -6.78
N GLU A 193 -12.37 1.62 -7.63
CA GLU A 193 -13.30 0.50 -7.51
C GLU A 193 -12.63 -0.70 -8.17
N LEU A 194 -11.76 -1.32 -7.38
CA LEU A 194 -11.16 -2.61 -7.68
C LEU A 194 -12.24 -3.71 -7.81
N SER A 195 -11.93 -4.79 -8.51
CA SER A 195 -12.78 -5.98 -8.60
C SER A 195 -12.46 -7.04 -7.52
N ASP A 196 -13.32 -8.04 -7.36
CA ASP A 196 -13.15 -9.14 -6.37
C ASP A 196 -12.05 -10.16 -6.76
N ASP A 197 -11.54 -10.11 -8.01
CA ASP A 197 -10.39 -10.89 -8.50
C ASP A 197 -9.08 -10.07 -8.64
N SER A 198 -9.16 -8.74 -8.56
CA SER A 198 -8.10 -7.72 -8.52
C SER A 198 -7.46 -7.41 -9.88
N SER A 199 -7.85 -8.11 -10.93
CA SER A 199 -7.35 -7.93 -12.32
C SER A 199 -7.68 -6.56 -12.91
N ASN A 200 -8.60 -5.83 -12.28
CA ASN A 200 -8.83 -4.44 -12.61
C ASN A 200 -7.70 -3.48 -12.15
N VAL A 201 -6.75 -3.90 -11.30
CA VAL A 201 -5.79 -2.98 -10.64
C VAL A 201 -4.91 -2.13 -11.56
N ALA A 202 -4.36 -2.68 -12.67
CA ALA A 202 -3.51 -1.91 -13.57
C ALA A 202 -4.26 -0.76 -14.21
N GLN A 203 -5.52 -0.96 -14.61
CA GLN A 203 -6.30 0.14 -15.26
C GLN A 203 -6.60 1.32 -14.33
N LEU A 204 -6.38 1.17 -13.03
CA LEU A 204 -6.71 2.10 -11.96
C LEU A 204 -5.42 2.70 -11.39
N ILE A 205 -4.30 1.97 -11.51
CA ILE A 205 -2.96 2.50 -11.28
C ILE A 205 -2.79 3.53 -12.41
N ARG A 206 -3.04 3.10 -13.65
CA ARG A 206 -2.86 4.02 -14.79
C ARG A 206 -4.00 5.05 -14.94
N ASN A 207 -5.21 4.80 -14.40
CA ASN A 207 -6.25 5.89 -14.40
C ASN A 207 -5.94 7.07 -13.45
N ALA A 208 -4.99 6.92 -12.53
CA ALA A 208 -4.68 7.88 -11.45
C ALA A 208 -3.36 8.65 -11.73
N TYR A 209 -2.52 8.08 -12.57
CA TYR A 209 -1.30 8.66 -13.15
C TYR A 209 -1.63 9.54 -14.39
N SER A 210 -2.76 9.24 -15.04
CA SER A 210 -3.32 9.66 -16.34
C SER A 210 -2.83 10.98 -16.90
N LYS A 211 -2.76 11.99 -16.04
CA LYS A 211 -2.52 13.38 -16.50
C LYS A 211 -1.07 13.84 -16.62
N LEU A 212 -0.21 13.56 -15.64
CA LEU A 212 1.16 14.19 -15.60
C LEU A 212 2.24 13.33 -16.31
N ASP A 1 8.28 10.39 -21.35
CA ASP A 1 9.14 9.46 -20.56
C ASP A 1 9.61 10.13 -19.25
N ASN A 2 8.75 10.13 -18.22
CA ASN A 2 9.03 10.70 -16.89
C ASN A 2 9.30 9.58 -15.87
N SER A 3 10.26 9.74 -14.98
CA SER A 3 10.56 8.72 -13.96
C SER A 3 9.41 8.58 -12.95
N VAL A 4 8.88 7.36 -12.79
CA VAL A 4 7.79 7.01 -11.85
C VAL A 4 8.24 5.88 -10.94
N ASP A 5 7.87 5.95 -9.67
CA ASP A 5 8.18 4.96 -8.64
C ASP A 5 6.87 4.48 -7.99
N LEU A 6 6.36 3.31 -8.40
CA LEU A 6 5.11 2.74 -7.82
C LEU A 6 5.44 1.69 -6.74
N TYR A 7 4.93 1.88 -5.53
CA TYR A 7 4.97 0.89 -4.45
C TYR A 7 3.58 0.27 -4.29
N PHE A 8 3.50 -0.95 -4.78
CA PHE A 8 2.36 -1.85 -4.65
C PHE A 8 2.36 -2.57 -3.28
N LEU A 9 1.38 -2.27 -2.41
CA LEU A 9 1.19 -2.98 -1.13
C LEU A 9 -0.08 -3.83 -1.10
N MET A 10 0.06 -5.08 -0.67
CA MET A 10 -1.02 -6.06 -0.51
C MET A 10 -1.38 -6.44 0.92
N GLY A 11 -2.67 -6.75 1.13
CA GLY A 11 -3.21 -7.36 2.35
C GLY A 11 -3.23 -8.89 2.19
N LEU A 12 -2.55 -9.64 3.06
CA LEU A 12 -2.37 -11.11 3.01
C LEU A 12 -3.15 -11.81 4.14
N SER A 13 -4.32 -11.30 4.48
CA SER A 13 -5.23 -11.85 5.49
C SER A 13 -6.06 -13.03 4.98
N GLY A 14 -6.66 -13.83 5.88
CA GLY A 14 -7.42 -15.04 5.50
C GLY A 14 -8.55 -14.80 4.50
N SER A 15 -9.17 -13.62 4.56
CA SER A 15 -10.20 -13.18 3.61
C SER A 15 -9.65 -12.86 2.21
N ALA A 16 -8.34 -12.61 2.07
CA ALA A 16 -7.65 -12.36 0.80
C ALA A 16 -7.34 -13.66 0.03
N GLN A 17 -7.64 -14.84 0.57
CA GLN A 17 -7.57 -16.09 -0.19
C GLN A 17 -8.64 -16.08 -1.30
N GLY A 18 -8.27 -16.47 -2.52
CA GLY A 18 -9.09 -16.31 -3.74
C GLY A 18 -8.81 -14.96 -4.39
N HIS A 19 -8.86 -13.88 -3.60
CA HIS A 19 -8.45 -12.54 -4.00
C HIS A 19 -6.93 -12.45 -4.30
N LEU A 20 -6.11 -13.38 -3.78
CA LEU A 20 -4.68 -13.53 -4.07
C LEU A 20 -4.41 -13.59 -5.59
N SER A 21 -5.32 -14.16 -6.37
CA SER A 21 -5.25 -14.07 -7.84
C SER A 21 -5.41 -12.62 -8.31
N ASN A 22 -6.49 -11.92 -7.94
CA ASN A 22 -6.75 -10.57 -8.43
C ASN A 22 -5.75 -9.51 -7.92
N VAL A 23 -5.12 -9.74 -6.76
CA VAL A 23 -4.03 -8.87 -6.24
C VAL A 23 -2.66 -9.22 -6.84
N GLN A 24 -2.59 -10.25 -7.69
CA GLN A 24 -1.36 -10.67 -8.38
C GLN A 24 -1.43 -10.26 -9.86
N THR A 25 -2.54 -10.59 -10.55
CA THR A 25 -2.86 -10.10 -11.91
C THR A 25 -2.95 -8.58 -11.97
N LEU A 26 -3.14 -7.95 -10.82
CA LEU A 26 -3.06 -6.53 -10.56
C LEU A 26 -1.82 -6.36 -9.71
N GLY A 27 -0.74 -6.23 -10.43
CA GLY A 27 0.59 -5.84 -9.95
C GLY A 27 1.62 -6.17 -11.01
N SER A 28 1.45 -7.36 -11.59
CA SER A 28 2.19 -7.81 -12.77
C SER A 28 1.79 -6.97 -13.99
N ASP A 29 0.49 -6.73 -14.20
CA ASP A 29 0.00 -5.85 -15.27
C ASP A 29 0.22 -4.36 -14.96
N LEU A 30 0.31 -3.94 -13.69
CA LEU A 30 0.72 -2.55 -13.41
C LEU A 30 2.15 -2.36 -13.93
N LEU A 31 3.05 -3.25 -13.54
CA LEU A 31 4.45 -3.20 -13.94
C LEU A 31 4.61 -3.30 -15.47
N LYS A 32 4.00 -4.30 -16.09
CA LYS A 32 4.15 -4.55 -17.53
C LYS A 32 3.59 -3.39 -18.35
N ALA A 33 2.40 -2.91 -18.02
CA ALA A 33 1.77 -1.80 -18.74
C ALA A 33 2.55 -0.49 -18.55
N LEU A 34 2.96 -0.17 -17.31
CA LEU A 34 3.67 1.09 -17.05
C LEU A 34 5.16 1.07 -17.42
N ASN A 35 5.75 -0.10 -17.72
CA ASN A 35 7.09 -0.17 -18.33
C ASN A 35 7.05 0.23 -19.82
N GLU A 36 5.86 0.20 -20.45
CA GLU A 36 5.66 0.60 -21.84
C GLU A 36 5.44 2.12 -21.94
N ILE A 37 4.66 2.71 -21.01
CA ILE A 37 4.46 4.16 -20.96
C ILE A 37 5.71 4.92 -20.47
N SER A 38 6.59 4.26 -19.69
CA SER A 38 7.82 4.90 -19.19
C SER A 38 8.98 3.91 -18.98
N ARG A 39 10.19 4.33 -19.39
CA ARG A 39 11.44 3.56 -19.33
C ARG A 39 11.95 3.40 -17.89
N SER A 40 11.85 4.47 -17.08
CA SER A 40 12.14 4.42 -15.64
C SER A 40 10.82 4.40 -14.83
N GLY A 41 10.34 3.17 -14.58
CA GLY A 41 9.09 2.80 -13.94
C GLY A 41 9.47 1.78 -12.87
N ARG A 42 9.88 2.30 -11.72
CA ARG A 42 10.50 1.57 -10.63
C ARG A 42 9.39 0.96 -9.78
N ILE A 43 9.47 -0.32 -9.39
CA ILE A 43 8.39 -0.97 -8.64
C ILE A 43 8.89 -1.61 -7.34
N GLY A 44 8.05 -1.55 -6.31
CA GLY A 44 8.33 -2.03 -4.95
C GLY A 44 7.13 -2.78 -4.40
N PHE A 45 7.39 -3.69 -3.47
CA PHE A 45 6.38 -4.63 -3.01
C PHE A 45 6.38 -4.86 -1.48
N GLY A 46 5.19 -4.77 -0.87
CA GLY A 46 4.96 -4.93 0.56
C GLY A 46 3.76 -5.79 0.88
N SER A 47 3.80 -6.49 2.01
CA SER A 47 2.69 -7.28 2.55
C SER A 47 2.27 -6.78 3.94
N ILE A 48 0.97 -6.83 4.25
CA ILE A 48 0.42 -6.49 5.57
C ILE A 48 -0.72 -7.47 5.90
N VAL A 49 -0.94 -7.76 7.18
CA VAL A 49 -2.13 -8.51 7.67
C VAL A 49 -2.63 -7.83 8.94
N ASN A 50 -1.78 -7.99 9.97
CA ASN A 50 -1.67 -7.38 11.31
C ASN A 50 -0.61 -8.15 12.14
N MET A 51 -0.03 -9.23 11.57
CA MET A 51 1.17 -9.90 12.11
C MET A 51 2.30 -8.86 12.28
N THR A 52 2.39 -7.96 11.28
CA THR A 52 3.29 -6.83 10.99
C THR A 52 3.14 -6.45 9.52
N PHE A 53 3.74 -5.32 9.17
CA PHE A 53 3.97 -4.89 7.80
C PHE A 53 5.32 -5.51 7.44
N GLN A 54 5.44 -6.17 6.30
CA GLN A 54 6.69 -6.74 5.84
C GLN A 54 7.03 -6.20 4.45
N HIS A 55 8.27 -5.73 4.33
CA HIS A 55 8.89 -5.18 3.15
C HIS A 55 9.87 -6.21 2.52
N ILE A 56 9.47 -6.84 1.40
CA ILE A 56 10.23 -7.94 0.77
C ILE A 56 10.91 -7.59 -0.56
N LEU A 57 10.63 -6.41 -1.15
CA LEU A 57 11.30 -5.92 -2.37
C LEU A 57 11.19 -4.40 -2.45
N LYS A 58 12.33 -3.71 -2.42
CA LYS A 58 12.42 -2.26 -2.64
C LYS A 58 12.51 -1.88 -4.12
N LEU A 59 12.26 -0.61 -4.42
CA LEU A 59 12.07 -0.06 -5.76
C LEU A 59 13.18 -0.48 -6.76
N THR A 60 12.87 -1.44 -7.66
CA THR A 60 13.76 -1.99 -8.70
C THR A 60 13.16 -1.81 -10.09
N ALA A 61 14.02 -1.92 -11.11
CA ALA A 61 13.66 -1.99 -12.53
C ALA A 61 13.74 -3.44 -13.08
N ASP A 62 13.98 -4.42 -12.19
CA ASP A 62 13.99 -5.87 -12.44
C ASP A 62 12.54 -6.36 -12.30
N SER A 63 11.83 -6.06 -13.37
CA SER A 63 10.39 -6.16 -13.54
C SER A 63 9.92 -7.60 -13.54
N SER A 64 10.65 -8.44 -14.28
CA SER A 64 10.52 -9.88 -14.26
C SER A 64 10.58 -10.40 -12.83
N GLN A 65 11.39 -9.77 -11.96
CA GLN A 65 11.63 -10.32 -10.61
C GLN A 65 10.54 -9.91 -9.60
N PHE A 66 10.01 -8.68 -9.66
CA PHE A 66 8.81 -8.30 -8.88
C PHE A 66 7.65 -9.28 -9.16
N GLN A 67 7.55 -9.79 -10.39
CA GLN A 67 6.43 -10.66 -10.79
C GLN A 67 6.59 -12.03 -10.13
N ARG A 68 7.83 -12.50 -9.97
CA ARG A 68 8.13 -13.78 -9.32
C ARG A 68 7.89 -13.65 -7.82
N GLU A 69 8.17 -12.47 -7.27
CA GLU A 69 8.13 -12.25 -5.82
C GLU A 69 6.70 -11.99 -5.37
N LEU A 70 5.90 -11.35 -6.23
CA LEU A 70 4.47 -11.21 -5.97
C LEU A 70 3.78 -12.57 -6.19
N ARG A 71 4.16 -13.34 -7.23
CA ARG A 71 3.52 -14.65 -7.49
C ARG A 71 3.71 -15.64 -6.33
N LYS A 72 4.83 -15.58 -5.62
CA LYS A 72 5.18 -16.47 -4.50
C LYS A 72 4.52 -16.13 -3.14
N GLN A 73 3.79 -15.02 -3.03
CA GLN A 73 3.16 -14.63 -1.75
C GLN A 73 2.09 -15.64 -1.29
N LEU A 74 1.89 -15.72 0.03
CA LEU A 74 1.00 -16.68 0.68
C LEU A 74 0.21 -15.98 1.82
N VAL A 75 -1.08 -16.29 1.91
CA VAL A 75 -2.05 -15.73 2.86
C VAL A 75 -1.84 -16.28 4.29
N SER A 76 -1.94 -15.43 5.30
CA SER A 76 -1.95 -15.78 6.74
C SER A 76 -3.38 -15.74 7.35
N GLY A 77 -3.55 -15.55 8.67
CA GLY A 77 -4.86 -15.64 9.35
C GLY A 77 -5.06 -14.71 10.55
N LYS A 78 -6.32 -14.32 10.78
CA LYS A 78 -6.79 -13.45 11.88
C LYS A 78 -8.24 -13.76 12.32
N LEU A 79 -8.63 -13.30 13.53
CA LEU A 79 -10.01 -13.38 14.06
C LEU A 79 -10.86 -12.11 13.83
N ALA A 80 -10.26 -10.90 13.83
CA ALA A 80 -10.96 -9.64 13.57
C ALA A 80 -10.85 -9.25 12.09
N THR A 81 -11.98 -8.89 11.45
CA THR A 81 -12.04 -8.64 9.99
C THR A 81 -11.39 -7.34 9.53
N PRO A 82 -11.36 -6.21 10.26
CA PRO A 82 -10.55 -5.04 9.88
C PRO A 82 -9.04 -5.31 9.98
N LYS A 83 -8.25 -4.74 9.08
CA LYS A 83 -6.79 -4.94 8.98
C LYS A 83 -6.00 -3.80 9.65
N GLY A 84 -4.65 -3.87 9.57
CA GLY A 84 -3.71 -2.83 10.05
C GLY A 84 -3.04 -2.03 8.92
N GLN A 85 -3.59 -2.03 7.70
CA GLN A 85 -2.98 -1.49 6.48
C GLN A 85 -2.34 -0.10 6.59
N LEU A 86 -2.94 0.85 7.32
CA LEU A 86 -2.39 2.20 7.41
C LEU A 86 -1.23 2.33 8.42
N ASP A 87 -0.74 1.20 8.97
CA ASP A 87 0.55 1.13 9.69
C ASP A 87 1.60 1.04 8.60
N ALA A 88 1.38 0.11 7.65
CA ALA A 88 2.21 -0.02 6.47
C ALA A 88 2.18 1.23 5.59
N VAL A 89 1.02 1.86 5.33
CA VAL A 89 0.98 3.12 4.52
C VAL A 89 1.99 4.16 5.05
N VAL A 90 2.16 4.23 6.38
CA VAL A 90 3.07 5.19 7.04
C VAL A 90 4.51 4.68 7.04
N GLN A 91 4.77 3.42 7.36
CA GLN A 91 6.13 2.89 7.25
C GLN A 91 6.61 3.01 5.80
N VAL A 92 5.82 2.56 4.82
CA VAL A 92 6.13 2.69 3.38
C VAL A 92 6.36 4.15 2.98
N ALA A 93 5.56 5.11 3.46
CA ALA A 93 5.77 6.53 3.17
C ALA A 93 7.08 7.08 3.76
N ILE A 94 7.39 6.76 5.02
CA ILE A 94 8.49 7.37 5.81
C ILE A 94 9.86 6.67 5.60
N CYS A 95 9.90 5.38 5.22
CA CYS A 95 11.12 4.58 5.07
C CYS A 95 11.82 4.88 3.73
N LEU A 96 12.24 6.14 3.56
CA LEU A 96 12.74 6.70 2.30
C LEU A 96 13.91 5.90 1.73
N GLY A 97 14.78 5.44 2.63
CA GLY A 97 15.99 4.67 2.28
C GLY A 97 15.71 3.18 2.05
N GLU A 98 14.76 2.61 2.81
CA GLU A 98 14.42 1.19 2.80
C GLU A 98 13.49 0.87 1.64
N ILE A 99 12.45 1.67 1.38
CA ILE A 99 11.63 1.57 0.17
C ILE A 99 12.43 2.04 -1.07
N GLY A 100 13.32 3.02 -0.89
CA GLY A 100 14.24 3.49 -1.92
C GLY A 100 13.68 4.59 -2.83
N TRP A 101 12.79 5.44 -2.32
CA TRP A 101 12.12 6.52 -3.08
C TRP A 101 13.11 7.49 -3.76
N ARG A 102 12.93 7.75 -5.06
CA ARG A 102 13.64 8.81 -5.81
C ARG A 102 12.77 10.05 -6.07
N ASN A 103 13.39 11.13 -6.57
CA ASN A 103 12.77 12.41 -6.94
C ASN A 103 11.97 12.37 -8.27
N GLY A 104 11.06 11.39 -8.44
CA GLY A 104 10.09 11.35 -9.53
C GLY A 104 8.69 11.65 -9.01
N THR A 105 7.76 10.78 -9.39
CA THR A 105 6.34 10.76 -9.02
C THR A 105 6.12 9.43 -8.32
N ARG A 106 5.45 9.40 -7.16
CA ARG A 106 5.44 8.21 -6.33
C ARG A 106 4.04 7.75 -6.03
N PHE A 107 3.74 6.50 -6.36
CA PHE A 107 2.41 5.93 -6.24
C PHE A 107 2.38 4.85 -5.20
N LEU A 108 1.71 5.09 -4.09
CA LEU A 108 1.45 4.04 -3.12
C LEU A 108 0.09 3.40 -3.43
N VAL A 109 0.07 2.19 -3.99
CA VAL A 109 -1.19 1.45 -4.18
C VAL A 109 -1.43 0.62 -2.92
N LEU A 110 -2.60 0.77 -2.31
CA LEU A 110 -2.97 0.05 -1.09
C LEU A 110 -4.06 -0.95 -1.44
N VAL A 111 -3.78 -2.24 -1.32
CA VAL A 111 -4.76 -3.30 -1.59
C VAL A 111 -5.25 -3.99 -0.33
N THR A 112 -6.57 -4.12 -0.18
CA THR A 112 -7.22 -4.92 0.88
C THR A 112 -8.65 -5.31 0.49
N ASP A 113 -9.23 -6.29 1.20
CA ASP A 113 -10.61 -6.81 1.02
C ASP A 113 -11.56 -6.50 2.20
N ASN A 114 -11.08 -5.89 3.29
CA ASN A 114 -11.94 -5.40 4.37
C ASN A 114 -11.53 -4.00 4.91
N ASP A 115 -12.25 -3.52 5.93
CA ASP A 115 -12.04 -2.27 6.66
C ASP A 115 -10.66 -2.24 7.37
N PHE A 116 -10.41 -1.19 8.16
CA PHE A 116 -9.13 -0.93 8.82
C PHE A 116 -9.32 -0.39 10.25
N HIS A 117 -8.49 -0.86 11.19
CA HIS A 117 -8.42 -0.35 12.57
C HIS A 117 -7.86 1.08 12.63
N LEU A 118 -8.70 2.07 12.92
CA LEU A 118 -8.27 3.47 13.01
C LEU A 118 -7.41 3.72 14.26
N ALA A 119 -6.91 4.96 14.43
CA ALA A 119 -6.22 5.35 15.65
C ALA A 119 -7.09 5.14 16.91
N LYS A 120 -6.42 4.82 18.02
CA LYS A 120 -6.97 4.56 19.36
C LYS A 120 -7.56 3.14 19.50
N ASP A 121 -7.75 2.40 18.39
CA ASP A 121 -8.31 1.04 18.39
C ASP A 121 -7.41 0.02 19.12
N LYS A 122 -6.07 0.21 19.07
CA LYS A 122 -5.11 -0.67 19.77
C LYS A 122 -5.13 -0.54 21.31
N THR A 123 -5.99 0.30 21.89
CA THR A 123 -6.25 0.34 23.34
C THR A 123 -6.76 -1.00 23.88
N LEU A 124 -7.53 -1.77 23.09
CA LEU A 124 -7.93 -3.15 23.42
C LEU A 124 -6.71 -4.09 23.45
N GLY A 125 -5.78 -3.93 22.50
CA GLY A 125 -4.46 -4.58 22.48
C GLY A 125 -3.46 -3.96 23.47
N THR A 126 -3.99 -3.39 24.55
CA THR A 126 -3.38 -2.87 25.79
C THR A 126 -2.37 -1.73 25.66
N ARG A 127 -2.17 -1.16 24.45
CA ARG A 127 -1.23 -0.04 24.26
C ARG A 127 -1.90 1.30 23.97
N GLN A 128 -1.29 2.31 24.59
CA GLN A 128 -1.76 3.69 24.75
C GLN A 128 -0.99 4.73 23.93
N ASN A 129 0.31 4.54 23.70
CA ASN A 129 1.14 5.55 23.04
C ASN A 129 0.80 5.67 21.54
N THR A 130 0.44 6.89 21.13
CA THR A 130 0.23 7.26 19.73
C THR A 130 1.49 7.01 18.90
N SER A 131 1.32 6.87 17.60
CA SER A 131 2.47 6.83 16.70
C SER A 131 3.15 8.20 16.60
N ASP A 132 4.48 8.19 16.69
CA ASP A 132 5.35 9.34 16.43
C ASP A 132 5.56 9.60 14.92
N GLY A 133 5.16 8.65 14.06
CA GLY A 133 5.20 8.78 12.60
C GLY A 133 6.59 8.69 11.99
N ARG A 134 7.62 8.34 12.77
CA ARG A 134 8.95 8.00 12.24
C ARG A 134 8.91 6.56 11.69
N CYS A 135 10.00 6.11 11.06
CA CYS A 135 10.14 4.72 10.66
C CYS A 135 10.87 3.85 11.69
N HIS A 136 10.46 2.59 11.73
CA HIS A 136 10.84 1.58 12.73
C HIS A 136 11.17 0.22 12.08
N LEU A 137 11.63 0.21 10.82
CA LEU A 137 12.11 -0.99 10.12
C LEU A 137 13.61 -1.22 10.39
N ASP A 138 14.04 -2.49 10.31
CA ASP A 138 15.45 -2.88 10.37
C ASP A 138 15.72 -4.15 9.52
N ASP A 139 15.18 -5.30 9.93
CA ASP A 139 15.25 -6.58 9.22
C ASP A 139 14.11 -6.81 8.19
N GLY A 140 13.31 -5.76 7.93
CA GLY A 140 12.25 -5.73 6.92
C GLY A 140 10.82 -5.80 7.47
N MET A 141 10.63 -5.98 8.78
CA MET A 141 9.30 -5.94 9.42
C MET A 141 9.17 -4.75 10.38
N TYR A 142 7.94 -4.25 10.52
CA TYR A 142 7.59 -3.13 11.40
C TYR A 142 7.64 -3.54 12.89
N ARG A 143 8.83 -3.44 13.50
CA ARG A 143 9.10 -3.77 14.91
C ARG A 143 8.06 -3.11 15.85
N SER A 144 7.79 -1.83 15.60
CA SER A 144 6.94 -1.01 16.48
C SER A 144 5.43 -1.26 16.32
N ARG A 145 4.96 -2.17 15.44
CA ARG A 145 3.54 -2.57 15.42
C ARG A 145 3.07 -3.02 16.81
N GLY A 146 3.93 -3.76 17.52
CA GLY A 146 3.65 -4.26 18.87
C GLY A 146 3.61 -3.17 19.93
N GLU A 147 4.28 -2.02 19.71
CA GLU A 147 4.31 -0.89 20.65
C GLU A 147 3.27 0.21 20.25
N PRO A 148 3.56 1.28 19.46
CA PRO A 148 2.58 2.33 19.15
C PRO A 148 1.28 1.87 18.47
N ASP A 149 0.22 2.67 18.71
CA ASP A 149 -1.10 2.62 18.06
C ASP A 149 -1.09 2.90 16.54
N TYR A 150 -2.19 2.52 15.88
CA TYR A 150 -2.46 2.94 14.49
C TYR A 150 -2.53 4.48 14.47
N GLN A 151 -1.98 5.13 13.45
CA GLN A 151 -1.89 6.60 13.40
C GLN A 151 -3.17 7.24 12.86
N SER A 152 -3.46 8.47 13.31
CA SER A 152 -4.68 9.21 12.95
C SER A 152 -4.66 9.64 11.48
N VAL A 153 -5.84 9.72 10.85
CA VAL A 153 -6.01 10.04 9.42
C VAL A 153 -5.34 11.40 9.06
N VAL A 154 -5.27 12.33 10.02
CA VAL A 154 -4.54 13.62 9.88
C VAL A 154 -3.02 13.42 9.83
N GLN A 155 -2.47 12.52 10.65
CA GLN A 155 -1.03 12.21 10.67
C GLN A 155 -0.62 11.57 9.35
N LEU A 156 -1.50 10.74 8.76
CA LEU A 156 -1.27 10.17 7.43
C LEU A 156 -1.19 11.30 6.39
N ALA A 157 -2.24 12.12 6.30
CA ALA A 157 -2.37 13.19 5.30
C ALA A 157 -1.17 14.16 5.32
N SER A 158 -0.69 14.52 6.51
CA SER A 158 0.53 15.33 6.70
C SER A 158 1.75 14.63 6.08
N LYS A 159 2.01 13.37 6.47
CA LYS A 159 3.25 12.67 6.10
C LYS A 159 3.26 12.23 4.63
N LEU A 160 2.11 11.86 4.05
CA LEU A 160 1.99 11.61 2.59
C LEU A 160 2.32 12.87 1.77
N ALA A 161 1.91 14.06 2.23
CA ALA A 161 2.22 15.35 1.59
C ALA A 161 3.68 15.80 1.76
N GLU A 162 4.31 15.48 2.91
CA GLU A 162 5.72 15.76 3.19
C GLU A 162 6.63 14.91 2.30
N ASN A 163 6.33 13.60 2.22
CA ASN A 163 7.06 12.66 1.37
C ASN A 163 6.70 12.84 -0.12
N ASN A 164 5.58 13.50 -0.44
CA ASN A 164 5.09 13.77 -1.80
C ASN A 164 4.74 12.46 -2.54
N ILE A 165 3.98 11.59 -1.88
CA ILE A 165 3.60 10.25 -2.36
C ILE A 165 2.08 10.21 -2.52
N GLN A 166 1.57 9.84 -3.71
CA GLN A 166 0.12 9.82 -3.93
C GLN A 166 -0.42 8.43 -3.58
N PRO A 167 -1.34 8.29 -2.61
CA PRO A 167 -1.94 7.00 -2.27
C PRO A 167 -3.10 6.68 -3.22
N ILE A 168 -3.39 5.39 -3.43
CA ILE A 168 -4.50 4.89 -4.26
C ILE A 168 -5.16 3.69 -3.56
N PHE A 169 -6.35 3.85 -2.97
CA PHE A 169 -7.04 2.73 -2.31
C PHE A 169 -7.71 1.79 -3.30
N VAL A 170 -6.91 0.89 -3.82
CA VAL A 170 -7.36 -0.24 -4.63
C VAL A 170 -8.10 -1.30 -3.78
N VAL A 171 -9.43 -1.37 -3.88
CA VAL A 171 -10.27 -2.22 -2.99
C VAL A 171 -11.51 -2.83 -3.65
N PRO A 172 -11.95 -4.06 -3.32
CA PRO A 172 -13.15 -4.70 -3.86
C PRO A 172 -14.46 -4.00 -3.52
N SER A 173 -15.45 -4.21 -4.40
CA SER A 173 -16.75 -3.52 -4.47
C SER A 173 -17.41 -3.26 -3.11
N ARG A 174 -17.55 -4.29 -2.25
CA ARG A 174 -18.26 -4.19 -0.96
C ARG A 174 -17.75 -3.06 -0.04
N MET A 175 -16.47 -2.68 -0.19
CA MET A 175 -15.74 -1.72 0.63
C MET A 175 -15.50 -0.35 -0.04
N VAL A 176 -15.82 -0.22 -1.33
CA VAL A 176 -15.43 0.94 -2.16
C VAL A 176 -15.90 2.27 -1.55
N LYS A 177 -17.17 2.34 -1.12
CA LYS A 177 -17.74 3.59 -0.63
C LYS A 177 -17.40 3.96 0.83
N THR A 178 -16.73 3.07 1.59
CA THR A 178 -16.17 3.42 2.92
C THR A 178 -14.76 4.00 2.79
N TYR A 179 -14.03 3.64 1.73
CA TYR A 179 -12.73 4.25 1.38
C TYR A 179 -12.91 5.55 0.60
N GLU A 180 -14.05 5.77 -0.08
CA GLU A 180 -14.36 7.10 -0.62
C GLU A 180 -14.52 8.09 0.55
N LYS A 181 -15.05 7.66 1.70
CA LYS A 181 -15.25 8.60 2.83
C LYS A 181 -13.98 8.79 3.69
N LEU A 182 -12.91 8.12 3.27
CA LEU A 182 -11.52 8.27 3.70
C LEU A 182 -10.80 9.17 2.66
N THR A 183 -11.26 9.20 1.40
CA THR A 183 -10.71 10.08 0.33
C THR A 183 -11.20 11.52 0.40
N THR A 184 -12.29 11.74 1.12
CA THR A 184 -12.76 13.10 1.48
C THR A 184 -12.05 13.58 2.74
N PHE A 185 -11.56 12.65 3.58
CA PHE A 185 -10.72 13.00 4.74
C PHE A 185 -9.27 13.27 4.30
N ILE A 186 -8.72 12.50 3.35
CA ILE A 186 -7.35 12.71 2.83
C ILE A 186 -7.41 13.27 1.39
N PRO A 187 -7.25 14.60 1.18
CA PRO A 187 -7.08 15.18 -0.14
C PRO A 187 -5.91 14.56 -0.91
N LYS A 188 -6.06 14.44 -2.24
CA LYS A 188 -5.09 13.93 -3.23
C LYS A 188 -4.98 12.39 -3.29
N LEU A 189 -5.70 11.68 -2.43
CA LEU A 189 -5.90 10.23 -2.49
C LEU A 189 -6.88 9.91 -3.63
N THR A 190 -6.80 8.72 -4.25
CA THR A 190 -7.79 8.22 -5.19
C THR A 190 -8.31 6.90 -4.59
N ILE A 191 -8.77 6.00 -5.42
CA ILE A 191 -9.55 4.78 -5.10
C ILE A 191 -9.92 4.06 -6.41
N GLY A 192 -9.37 2.85 -6.63
CA GLY A 192 -9.76 1.97 -7.74
C GLY A 192 -10.52 0.76 -7.21
N GLU A 193 -11.48 0.23 -7.96
CA GLU A 193 -12.23 -0.95 -7.55
C GLU A 193 -11.61 -2.21 -8.16
N LEU A 194 -10.79 -2.80 -7.31
CA LEU A 194 -10.13 -4.10 -7.45
C LEU A 194 -11.14 -5.21 -7.79
N SER A 195 -10.78 -6.05 -8.76
CA SER A 195 -11.49 -7.27 -9.14
C SER A 195 -10.63 -8.07 -10.14
N ASP A 196 -11.18 -9.07 -10.81
CA ASP A 196 -10.48 -9.85 -11.85
C ASP A 196 -9.98 -8.99 -13.03
N ASP A 197 -10.51 -7.78 -13.21
CA ASP A 197 -10.06 -6.78 -14.19
C ASP A 197 -9.11 -5.72 -13.56
N SER A 198 -7.96 -5.52 -14.21
CA SER A 198 -6.96 -4.50 -13.83
C SER A 198 -7.21 -3.13 -14.49
N SER A 199 -8.21 -3.02 -15.37
CA SER A 199 -8.46 -1.87 -16.26
C SER A 199 -8.72 -0.58 -15.49
N ASN A 200 -9.60 -0.61 -14.49
CA ASN A 200 -9.96 0.58 -13.72
C ASN A 200 -8.74 1.14 -12.99
N VAL A 201 -8.01 0.31 -12.22
CA VAL A 201 -6.84 0.76 -11.41
C VAL A 201 -5.71 1.33 -12.28
N ALA A 202 -5.38 0.67 -13.39
CA ALA A 202 -4.34 1.16 -14.31
C ALA A 202 -4.76 2.48 -14.98
N GLN A 203 -6.05 2.76 -15.15
CA GLN A 203 -6.54 4.00 -15.74
C GLN A 203 -6.38 5.20 -14.81
N LEU A 204 -6.02 4.98 -13.54
CA LEU A 204 -5.88 6.01 -12.50
C LEU A 204 -4.42 6.40 -12.41
N ILE A 205 -3.56 5.39 -12.44
CA ILE A 205 -2.11 5.63 -12.44
C ILE A 205 -1.68 6.09 -13.84
N ARG A 206 -2.31 5.57 -14.90
CA ARG A 206 -2.10 6.16 -16.24
C ARG A 206 -2.78 7.54 -16.35
N ASN A 207 -3.89 7.81 -15.63
CA ASN A 207 -4.41 9.21 -15.57
C ASN A 207 -3.50 10.16 -14.76
N ALA A 208 -2.78 9.66 -13.75
CA ALA A 208 -1.79 10.43 -13.01
C ALA A 208 -0.52 10.66 -13.86
N TYR A 209 -0.18 9.70 -14.74
CA TYR A 209 0.94 9.82 -15.66
C TYR A 209 0.69 10.90 -16.74
N SER A 210 -0.53 10.96 -17.29
CA SER A 210 -0.87 11.95 -18.31
C SER A 210 -0.93 13.41 -17.78
N LYS A 211 -0.89 13.61 -16.46
CA LYS A 211 -0.86 14.93 -15.81
C LYS A 211 0.57 15.51 -15.55
N LEU A 212 1.63 14.79 -15.92
CA LEU A 212 3.00 15.25 -15.66
C LEU A 212 3.41 16.53 -16.34
#